data_5ZL5
#
_entry.id   5ZL5
#
_cell.length_a   116.296
_cell.length_b   79.530
_cell.length_c   140.974
_cell.angle_alpha   90.00
_cell.angle_beta   100.54
_cell.angle_gamma   90.00
#
_symmetry.space_group_name_H-M   'P 1 21 1'
#
loop_
_entity.id
_entity.type
_entity.pdbx_description
1 polymer 'DFA-IIIase C387A mutant'
2 non-polymer GLYCEROL
3 water water
#
_entity_poly.entity_id   1
_entity_poly.type   'polypeptide(L)'
_entity_poly.pdbx_seq_one_letter_code
;MPSNNRYDVTEWPAGNPAKDIGEVINSIIADIKARQGAADVDDGGKPGAVIYLPPGDYHLRTQVLIDISFLRIEGSGHGF
TSSSIRFNVPEEEWPDLHELWPGGSRVIVDLPAGGAGDSAAGAAFLVAREGSPRISSVEFSNFCIDGLHFTADGSGRHPE
NTYANGKTGIHVASANDSFRVTDMGFVYLENALTIHKADALSIHHNFIAECGSCIELRGWGQASKITDNLVGAGPRGHSI
YAENHGGLLVTANNVFPRGASSVHFKGVTRSSVTNNRLHAFYPGMVRLEENSSENLVATNHFLRDHEPWTPFFGVDNGLD
DLTGLLSISGNNNSVIGNHFSEVVDANEIRPEGATPVIIRLTAGTGNFVSTNHVVAMDVDAASSDSAFEAQVDALLATEA
ADLAVTAVLVDPGSARNTILDSGSDTQVVADRAVNAIRATPTVGF
;
_entity_poly.pdbx_strand_id   A,B,C,D,E,F
#
loop_
_chem_comp.id
_chem_comp.type
_chem_comp.name
_chem_comp.formula
GOL non-polymer GLYCEROL 'C3 H8 O3'
#
# COMPACT_ATOMS: atom_id res chain seq x y z
N PRO A 2 -0.15 23.52 -24.63
CA PRO A 2 -0.06 24.96 -24.41
C PRO A 2 0.05 25.26 -22.90
N SER A 3 0.40 26.49 -22.59
CA SER A 3 0.62 26.92 -21.22
C SER A 3 -0.62 26.80 -20.35
N ASN A 4 -1.81 26.90 -20.94
CA ASN A 4 -3.06 26.78 -20.15
C ASN A 4 -3.66 25.37 -20.01
N ASN A 5 -2.93 24.35 -20.44
CA ASN A 5 -3.29 22.96 -20.12
C ASN A 5 -4.61 22.50 -20.74
N ARG A 6 -4.99 23.10 -21.87
CA ARG A 6 -6.20 22.72 -22.62
C ARG A 6 -5.76 22.21 -23.97
N TYR A 7 -6.21 21.01 -24.34
CA TYR A 7 -5.86 20.40 -25.61
C TYR A 7 -7.13 19.93 -26.31
N ASP A 8 -7.16 20.02 -27.62
CA ASP A 8 -8.25 19.50 -28.44
C ASP A 8 -7.59 18.48 -29.36
N VAL A 9 -8.09 17.24 -29.37
CA VAL A 9 -7.49 16.19 -30.21
C VAL A 9 -7.45 16.51 -31.70
N THR A 10 -8.36 17.35 -32.19
CA THR A 10 -8.39 17.73 -33.60
C THR A 10 -7.43 18.86 -33.93
N GLU A 11 -6.78 19.43 -32.92
CA GLU A 11 -5.82 20.54 -33.09
C GLU A 11 -4.38 20.14 -32.74
N TRP A 12 -4.12 18.86 -32.54
CA TRP A 12 -2.83 18.39 -32.11
C TRP A 12 -1.90 18.31 -33.32
N PRO A 13 -0.78 19.04 -33.26
CA PRO A 13 0.11 19.11 -34.45
C PRO A 13 0.59 17.74 -34.89
N ALA A 14 0.43 17.49 -36.18
CA ALA A 14 0.84 16.25 -36.85
C ALA A 14 0.03 15.03 -36.45
N GLY A 15 -1.00 15.21 -35.61
CA GLY A 15 -1.80 14.10 -35.14
C GLY A 15 -2.95 13.84 -36.08
N ASN A 16 -3.45 12.61 -36.06
CA ASN A 16 -4.64 12.31 -36.84
C ASN A 16 -5.56 11.45 -36.00
N PRO A 17 -6.48 12.08 -35.27
CA PRO A 17 -7.33 11.30 -34.38
C PRO A 17 -8.35 10.39 -35.10
N ALA A 18 -8.65 10.68 -36.37
CA ALA A 18 -9.49 9.75 -37.15
C ALA A 18 -8.81 8.40 -37.30
N LYS A 19 -7.49 8.42 -37.49
CA LYS A 19 -6.68 7.23 -37.74
C LYS A 19 -6.23 6.56 -36.43
N ASP A 20 -5.71 7.36 -35.49
CA ASP A 20 -5.27 6.84 -34.19
C ASP A 20 -5.27 7.91 -33.11
N ILE A 21 -6.42 8.08 -32.49
CA ILE A 21 -6.60 9.01 -31.39
C ILE A 21 -5.81 8.55 -30.15
N GLY A 22 -5.53 7.26 -30.03
CA GLY A 22 -4.68 6.80 -28.95
C GLY A 22 -3.27 7.39 -28.98
N GLU A 23 -2.68 7.40 -30.18
CA GLU A 23 -1.38 8.03 -30.39
C GLU A 23 -1.45 9.54 -30.07
N VAL A 24 -2.52 10.20 -30.50
CA VAL A 24 -2.69 11.65 -30.25
C VAL A 24 -2.74 11.91 -28.75
N ILE A 25 -3.59 11.16 -28.03
CA ILE A 25 -3.76 11.39 -26.62
C ILE A 25 -2.47 11.05 -25.86
N ASN A 26 -1.76 9.98 -26.24
CA ASN A 26 -0.47 9.70 -25.60
C ASN A 26 0.56 10.82 -25.83
N SER A 27 0.55 11.38 -27.02
CA SER A 27 1.47 12.50 -27.33
C SER A 27 1.12 13.70 -26.45
N ILE A 28 -0.17 13.94 -26.27
CA ILE A 28 -0.63 15.04 -25.42
C ILE A 28 -0.17 14.82 -23.99
N ILE A 29 -0.32 13.58 -23.51
CA ILE A 29 0.09 13.26 -22.14
C ILE A 29 1.60 13.48 -21.97
N ALA A 30 2.37 13.07 -22.95
CA ALA A 30 3.82 13.33 -22.90
C ALA A 30 4.13 14.83 -22.86
N ASP A 31 3.36 15.62 -23.59
CA ASP A 31 3.53 17.07 -23.60
C ASP A 31 3.24 17.69 -22.21
N ILE A 32 2.17 17.22 -21.57
CA ILE A 32 1.80 17.66 -20.23
C ILE A 32 2.92 17.33 -19.24
N LYS A 33 3.40 16.08 -19.26
CA LYS A 33 4.46 15.65 -18.35
C LYS A 33 5.74 16.46 -18.55
N ALA A 34 6.07 16.75 -19.80
CA ALA A 34 7.28 17.56 -20.10
C ALA A 34 7.20 18.95 -19.51
N ARG A 35 6.01 19.55 -19.48
CA ARG A 35 5.82 20.90 -18.93
C ARG A 35 5.62 20.90 -17.41
N GLN A 36 5.07 19.82 -16.86
CA GLN A 36 4.74 19.78 -15.45
C GLN A 36 5.67 18.81 -14.71
N GLY A 37 6.97 19.12 -14.73
CA GLY A 37 7.97 18.26 -14.12
C GLY A 37 8.21 18.49 -12.65
N ALA A 38 7.85 19.67 -12.14
CA ALA A 38 8.17 20.08 -10.77
C ALA A 38 6.92 20.00 -9.88
N ALA A 39 6.99 19.26 -8.78
CA ALA A 39 5.83 19.09 -7.89
C ALA A 39 5.59 20.23 -6.90
N ASP A 40 6.56 21.10 -6.67
CA ASP A 40 6.44 22.02 -5.52
C ASP A 40 7.07 23.37 -5.81
N VAL A 41 6.47 24.09 -6.73
CA VAL A 41 6.92 25.44 -7.08
C VAL A 41 5.72 26.34 -6.87
N ASP A 42 5.90 27.36 -6.03
CA ASP A 42 4.84 28.32 -5.69
C ASP A 42 3.55 27.60 -5.27
N ASP A 43 3.70 26.58 -4.41
CA ASP A 43 2.57 25.79 -3.86
C ASP A 43 1.79 25.03 -4.93
N GLY A 44 2.44 24.66 -6.02
CA GLY A 44 1.79 23.90 -7.10
C GLY A 44 2.80 23.26 -8.03
N GLY A 45 2.36 23.00 -9.26
CA GLY A 45 3.27 22.60 -10.36
C GLY A 45 2.81 21.45 -11.24
N LYS A 46 1.93 20.59 -10.72
CA LYS A 46 1.37 19.47 -11.48
C LYS A 46 -0.16 19.51 -11.44
N PRO A 47 -0.77 20.58 -11.96
CA PRO A 47 -2.24 20.69 -11.90
C PRO A 47 -2.99 19.79 -12.86
N GLY A 48 -2.29 19.15 -13.82
CA GLY A 48 -2.93 18.31 -14.80
C GLY A 48 -3.44 19.10 -15.96
N ALA A 49 -4.49 18.62 -16.60
CA ALA A 49 -4.90 19.15 -17.91
C ALA A 49 -6.27 18.60 -18.34
N VAL A 50 -6.79 19.20 -19.40
CA VAL A 50 -8.03 18.76 -20.02
C VAL A 50 -7.81 18.50 -21.51
N ILE A 51 -8.30 17.35 -21.96
CA ILE A 51 -8.23 16.93 -23.36
C ILE A 51 -9.68 16.80 -23.85
N TYR A 52 -9.99 17.59 -24.88
CA TYR A 52 -11.29 17.66 -25.46
C TYR A 52 -11.40 16.89 -26.77
N LEU A 53 -12.47 16.12 -26.88
CA LEU A 53 -12.82 15.39 -28.09
C LEU A 53 -14.12 16.02 -28.63
N PRO A 54 -14.02 16.79 -29.72
CA PRO A 54 -15.25 17.25 -30.38
C PRO A 54 -16.04 16.06 -30.94
N PRO A 55 -17.33 16.26 -31.25
CA PRO A 55 -18.06 15.15 -31.87
C PRO A 55 -17.36 14.72 -33.13
N GLY A 56 -17.31 13.41 -33.36
CA GLY A 56 -16.53 12.87 -34.46
C GLY A 56 -16.28 11.40 -34.27
N ASP A 57 -15.85 10.75 -35.35
CA ASP A 57 -15.52 9.35 -35.37
C ASP A 57 -14.02 9.14 -35.32
N TYR A 58 -13.51 8.70 -34.17
CA TYR A 58 -12.06 8.55 -33.94
C TYR A 58 -11.68 7.09 -33.76
N HIS A 59 -10.80 6.57 -34.59
CA HIS A 59 -10.28 5.23 -34.35
C HIS A 59 -9.13 5.26 -33.35
N LEU A 60 -9.19 4.36 -32.37
CA LEU A 60 -8.09 4.17 -31.42
C LEU A 60 -7.38 2.85 -31.75
N ARG A 61 -6.11 2.96 -32.17
CA ARG A 61 -5.27 1.80 -32.51
C ARG A 61 -4.12 1.58 -31.54
N THR A 62 -3.94 2.52 -30.61
CA THR A 62 -2.91 2.39 -29.57
C THR A 62 -3.56 2.70 -28.25
N GLN A 63 -3.35 1.85 -27.26
CA GLN A 63 -3.89 2.06 -25.92
C GLN A 63 -3.40 3.38 -25.33
N VAL A 64 -4.30 4.14 -24.72
CA VAL A 64 -3.92 5.35 -23.98
C VAL A 64 -3.49 4.96 -22.56
N LEU A 65 -2.30 5.41 -22.14
CA LEU A 65 -1.83 5.19 -20.77
C LEU A 65 -1.93 6.50 -20.00
N ILE A 66 -2.78 6.51 -18.97
CA ILE A 66 -2.93 7.68 -18.09
C ILE A 66 -2.18 7.38 -16.79
N ASP A 67 -1.13 8.15 -16.54
CA ASP A 67 -0.29 7.97 -15.36
C ASP A 67 -0.04 9.29 -14.64
N ILE A 68 -0.96 10.24 -14.81
CA ILE A 68 -0.88 11.52 -14.12
C ILE A 68 -2.23 11.81 -13.44
N SER A 69 -2.14 12.45 -12.27
CA SER A 69 -3.33 12.91 -11.57
C SER A 69 -3.95 14.13 -12.24
N PHE A 70 -5.26 14.29 -12.00
CA PHE A 70 -5.99 15.50 -12.44
C PHE A 70 -6.04 15.66 -13.98
N LEU A 71 -6.04 14.55 -14.73
CA LEU A 71 -6.30 14.58 -16.14
C LEU A 71 -7.80 14.39 -16.37
N ARG A 72 -8.38 15.32 -17.13
CA ARG A 72 -9.78 15.22 -17.55
C ARG A 72 -9.82 14.96 -19.06
N ILE A 73 -10.56 13.93 -19.44
CA ILE A 73 -10.85 13.66 -20.85
C ILE A 73 -12.35 13.81 -21.06
N GLU A 74 -12.74 14.74 -21.95
CA GLU A 74 -14.11 15.18 -22.07
C GLU A 74 -14.52 15.25 -23.52
N GLY A 75 -15.79 14.97 -23.77
CA GLY A 75 -16.38 15.18 -25.08
C GLY A 75 -17.69 15.93 -25.03
N SER A 76 -18.41 15.85 -26.14
CA SER A 76 -19.67 16.54 -26.33
C SER A 76 -20.76 15.60 -26.84
N GLY A 77 -20.76 14.37 -26.36
CA GLY A 77 -21.89 13.49 -26.65
C GLY A 77 -21.61 12.06 -26.28
N HIS A 78 -22.61 11.44 -25.62
CA HIS A 78 -22.52 10.04 -25.21
C HIS A 78 -22.75 9.09 -26.39
N GLY A 79 -23.45 9.57 -27.42
CA GLY A 79 -23.41 8.94 -28.72
C GLY A 79 -24.03 7.57 -28.88
N PHE A 80 -24.85 7.13 -27.94
CA PHE A 80 -25.36 5.76 -27.97
C PHE A 80 -26.39 5.56 -29.06
N THR A 81 -26.29 4.45 -29.76
CA THR A 81 -27.43 3.92 -30.54
C THR A 81 -27.31 2.39 -30.40
N SER A 82 -28.42 1.69 -30.60
CA SER A 82 -28.41 0.24 -30.38
C SER A 82 -27.80 -0.50 -31.53
N SER A 83 -26.49 -0.79 -31.45
CA SER A 83 -25.85 -1.62 -32.45
C SER A 83 -26.43 -3.03 -32.42
N SER A 84 -26.93 -3.47 -31.25
CA SER A 84 -27.59 -4.77 -31.17
C SER A 84 -28.82 -4.85 -32.08
N ILE A 85 -29.69 -3.85 -31.99
CA ILE A 85 -30.83 -3.80 -32.92
C ILE A 85 -30.32 -3.79 -34.38
N ARG A 86 -29.36 -2.92 -34.71
CA ARG A 86 -28.95 -2.79 -36.09
C ARG A 86 -28.34 -4.08 -36.64
N PHE A 87 -27.48 -4.75 -35.88
CA PHE A 87 -26.87 -5.97 -36.37
C PHE A 87 -27.84 -7.13 -36.51
N ASN A 88 -29.02 -7.03 -35.91
CA ASN A 88 -30.08 -8.02 -36.08
C ASN A 88 -31.15 -7.62 -37.09
N VAL A 89 -31.01 -6.44 -37.70
CA VAL A 89 -31.82 -6.06 -38.87
C VAL A 89 -31.19 -6.74 -40.07
N PRO A 90 -32.00 -7.41 -40.92
CA PRO A 90 -31.40 -8.00 -42.13
C PRO A 90 -30.56 -6.98 -42.92
N GLU A 91 -29.36 -7.40 -43.31
CA GLU A 91 -28.39 -6.53 -43.95
C GLU A 91 -28.92 -5.79 -45.20
N GLU A 92 -29.81 -6.44 -45.97
CA GLU A 92 -30.43 -5.77 -47.13
C GLU A 92 -31.31 -4.56 -46.78
N GLU A 93 -31.71 -4.43 -45.53
CA GLU A 93 -32.49 -3.27 -45.06
C GLU A 93 -31.62 -2.12 -44.55
N TRP A 94 -30.31 -2.31 -44.43
CA TRP A 94 -29.46 -1.26 -43.88
C TRP A 94 -29.45 0.06 -44.68
N PRO A 95 -29.52 0.02 -46.02
CA PRO A 95 -29.47 1.31 -46.75
C PRO A 95 -30.55 2.33 -46.44
N ASP A 96 -31.71 1.89 -45.98
CA ASP A 96 -32.82 2.79 -45.63
C ASP A 96 -32.71 3.34 -44.23
N LEU A 97 -31.79 2.83 -43.42
CA LEU A 97 -31.62 3.30 -42.04
C LEU A 97 -30.95 4.66 -42.03
N HIS A 98 -31.45 5.56 -41.17
CA HIS A 98 -30.93 6.94 -41.16
C HIS A 98 -29.47 6.99 -40.73
N GLU A 99 -29.09 6.12 -39.79
CA GLU A 99 -27.70 5.91 -39.42
C GLU A 99 -27.48 4.44 -39.03
N LEU A 100 -26.24 4.02 -38.99
CA LEU A 100 -25.86 2.65 -38.67
C LEU A 100 -24.96 2.48 -37.48
N TRP A 101 -24.29 3.54 -37.08
CA TRP A 101 -23.28 3.50 -36.05
C TRP A 101 -23.59 4.48 -34.92
N PRO A 102 -23.04 4.21 -33.70
CA PRO A 102 -22.96 5.23 -32.65
C PRO A 102 -22.25 6.48 -33.12
N GLY A 103 -22.40 7.54 -32.35
CA GLY A 103 -21.83 8.82 -32.70
C GLY A 103 -21.35 9.55 -31.45
N GLY A 104 -21.61 10.85 -31.41
CA GLY A 104 -21.13 11.68 -30.31
C GLY A 104 -19.63 11.90 -30.46
N SER A 105 -18.94 12.08 -29.34
CA SER A 105 -17.48 12.15 -29.35
C SER A 105 -16.97 10.72 -29.23
N ARG A 106 -16.79 10.08 -30.38
CA ARG A 106 -16.73 8.62 -30.46
C ARG A 106 -15.34 8.05 -30.66
N VAL A 107 -14.95 7.23 -29.69
CA VAL A 107 -13.69 6.51 -29.72
C VAL A 107 -14.01 5.06 -30.09
N ILE A 108 -13.56 4.68 -31.27
CA ILE A 108 -13.73 3.33 -31.80
C ILE A 108 -12.51 2.50 -31.37
N VAL A 109 -12.73 1.45 -30.60
CA VAL A 109 -11.65 0.68 -29.99
C VAL A 109 -11.19 -0.37 -31.00
N ASP A 110 -10.09 -0.09 -31.69
CA ASP A 110 -9.55 -1.01 -32.70
C ASP A 110 -8.25 -1.59 -32.13
N LEU A 111 -8.36 -2.27 -31.01
CA LEU A 111 -7.28 -3.06 -30.39
C LEU A 111 -7.62 -4.55 -30.48
N PRO A 112 -6.59 -5.40 -30.62
CA PRO A 112 -6.82 -6.84 -30.46
C PRO A 112 -7.10 -7.27 -28.99
N ALA A 113 -7.70 -8.43 -28.79
CA ALA A 113 -7.91 -9.01 -27.44
C ALA A 113 -6.55 -9.20 -26.74
N GLY A 114 -6.53 -9.03 -25.42
CA GLY A 114 -5.28 -9.05 -24.63
C GLY A 114 -4.56 -10.39 -24.52
N SER A 119 -6.42 -8.96 -19.73
CA SER A 119 -7.48 -8.15 -20.32
C SER A 119 -7.21 -6.65 -20.33
N ALA A 120 -6.34 -6.15 -19.45
CA ALA A 120 -5.99 -4.73 -19.47
C ALA A 120 -5.35 -4.33 -20.83
N ALA A 121 -4.70 -5.27 -21.52
CA ALA A 121 -4.11 -4.96 -22.84
C ALA A 121 -5.15 -4.57 -23.90
N GLY A 122 -6.39 -5.00 -23.71
CA GLY A 122 -7.47 -4.68 -24.65
C GLY A 122 -8.25 -3.42 -24.30
N ALA A 123 -7.80 -2.68 -23.29
CA ALA A 123 -8.49 -1.45 -22.87
C ALA A 123 -8.06 -0.23 -23.69
N ALA A 124 -9.05 0.57 -24.10
CA ALA A 124 -8.78 1.79 -24.84
C ALA A 124 -8.01 2.77 -23.97
N PHE A 125 -8.47 2.94 -22.73
CA PHE A 125 -7.82 3.77 -21.73
C PHE A 125 -7.40 2.90 -20.55
N LEU A 126 -6.09 2.90 -20.27
CA LEU A 126 -5.53 2.25 -19.09
C LEU A 126 -5.01 3.31 -18.15
N VAL A 127 -5.46 3.27 -16.90
CA VAL A 127 -4.98 4.19 -15.89
C VAL A 127 -4.13 3.36 -14.93
N ALA A 128 -2.84 3.66 -14.88
CA ALA A 128 -1.91 2.91 -14.05
C ALA A 128 -0.78 3.82 -13.58
N ARG A 129 -0.55 3.81 -12.27
CA ARG A 129 0.64 4.42 -11.65
C ARG A 129 0.73 3.84 -10.26
N GLU A 130 1.89 3.30 -9.90
CA GLU A 130 2.10 2.77 -8.56
C GLU A 130 2.88 3.78 -7.71
N GLY A 131 3.13 3.43 -6.46
CA GLY A 131 3.82 4.33 -5.53
C GLY A 131 2.89 5.36 -4.93
N SER A 132 3.46 6.44 -4.41
CA SER A 132 2.72 7.36 -3.53
C SER A 132 2.83 8.76 -4.07
N PRO A 133 1.80 9.61 -3.89
CA PRO A 133 0.45 9.20 -3.47
C PRO A 133 -0.25 8.40 -4.57
N ARG A 134 -1.40 7.86 -4.25
CA ARG A 134 -2.29 7.26 -5.26
C ARG A 134 -2.68 8.29 -6.31
N ILE A 135 -2.70 7.84 -7.56
CA ILE A 135 -3.25 8.66 -8.64
C ILE A 135 -4.67 9.10 -8.28
N SER A 136 -4.97 10.38 -8.49
CA SER A 136 -6.18 11.02 -7.98
C SER A 136 -6.88 11.92 -8.99
N SER A 137 -8.21 11.94 -8.88
CA SER A 137 -9.08 12.91 -9.54
C SER A 137 -8.92 12.98 -11.04
N VAL A 138 -8.71 11.83 -11.67
CA VAL A 138 -8.90 11.65 -13.10
C VAL A 138 -10.42 11.67 -13.34
N GLU A 139 -10.80 12.32 -14.44
CA GLU A 139 -12.19 12.52 -14.83
C GLU A 139 -12.40 12.12 -16.28
N PHE A 140 -13.42 11.31 -16.54
CA PHE A 140 -13.85 10.98 -17.89
C PHE A 140 -15.29 11.47 -18.03
N SER A 141 -15.56 12.30 -19.03
CA SER A 141 -16.88 12.95 -19.13
C SER A 141 -17.41 13.03 -20.55
N ASN A 142 -18.63 12.53 -20.72
CA ASN A 142 -19.48 12.88 -21.85
C ASN A 142 -18.88 12.54 -23.22
N PHE A 143 -18.26 11.37 -23.33
CA PHE A 143 -17.89 10.87 -24.65
C PHE A 143 -18.29 9.42 -24.80
N CYS A 144 -18.05 8.88 -25.99
CA CYS A 144 -18.55 7.59 -26.38
C CYS A 144 -17.40 6.64 -26.63
N ILE A 145 -17.47 5.43 -26.09
CA ILE A 145 -16.47 4.40 -26.38
C ILE A 145 -17.19 3.19 -26.93
N ASP A 146 -16.78 2.78 -28.12
CA ASP A 146 -17.49 1.82 -28.97
C ASP A 146 -16.56 0.71 -29.38
N GLY A 147 -16.88 -0.54 -29.04
CA GLY A 147 -16.07 -1.69 -29.45
C GLY A 147 -16.44 -2.24 -30.79
N LEU A 148 -17.38 -1.58 -31.46
CA LEU A 148 -17.72 -1.79 -32.86
C LEU A 148 -18.44 -3.08 -33.20
N HIS A 149 -17.82 -4.22 -32.92
CA HIS A 149 -18.39 -5.53 -33.24
C HIS A 149 -18.17 -6.52 -32.10
N PHE A 150 -19.08 -7.48 -31.98
CA PHE A 150 -18.81 -8.69 -31.27
C PHE A 150 -18.47 -9.80 -32.30
N THR A 151 -17.73 -10.80 -31.84
CA THR A 151 -17.16 -11.81 -32.76
C THR A 151 -17.48 -13.22 -32.34
N ALA A 152 -17.34 -14.14 -33.28
CA ALA A 152 -17.60 -15.57 -33.02
C ALA A 152 -16.81 -16.08 -31.83
N ASP A 153 -17.45 -16.86 -30.97
CA ASP A 153 -16.78 -17.38 -29.77
C ASP A 153 -17.03 -18.86 -29.50
N GLY A 154 -17.55 -19.59 -30.49
CA GLY A 154 -17.91 -20.99 -30.30
C GLY A 154 -19.22 -21.25 -29.57
N SER A 155 -19.94 -20.19 -29.19
CA SER A 155 -21.23 -20.33 -28.53
C SER A 155 -22.34 -20.72 -29.50
N GLY A 156 -22.13 -20.58 -30.82
CA GLY A 156 -23.21 -20.79 -31.81
C GLY A 156 -24.24 -19.67 -31.94
N ARG A 157 -24.15 -18.61 -31.14
CA ARG A 157 -24.94 -17.39 -31.41
C ARG A 157 -24.39 -16.73 -32.69
N HIS A 158 -25.17 -15.87 -33.32
CA HIS A 158 -24.65 -15.00 -34.38
C HIS A 158 -23.48 -14.18 -33.78
N PRO A 159 -22.41 -13.95 -34.56
CA PRO A 159 -21.23 -13.22 -34.02
C PRO A 159 -21.55 -11.92 -33.28
N GLU A 160 -22.47 -11.13 -33.82
CA GLU A 160 -22.74 -9.83 -33.21
C GLU A 160 -23.56 -9.92 -31.93
N ASN A 161 -24.02 -11.13 -31.58
CA ASN A 161 -24.78 -11.37 -30.36
C ASN A 161 -23.98 -12.09 -29.26
N THR A 162 -22.67 -12.26 -29.43
CA THR A 162 -21.90 -13.04 -28.47
C THR A 162 -21.48 -12.23 -27.22
N TYR A 163 -21.45 -10.90 -27.34
CA TYR A 163 -20.88 -10.03 -26.29
C TYR A 163 -19.39 -10.33 -26.01
N ALA A 164 -18.72 -10.91 -27.00
CA ALA A 164 -17.30 -11.22 -26.92
C ALA A 164 -16.42 -10.49 -27.93
N ASN A 165 -15.51 -9.68 -27.43
CA ASN A 165 -14.43 -9.09 -28.27
C ASN A 165 -13.09 -8.77 -27.60
N GLY A 166 -12.95 -9.01 -26.30
CA GLY A 166 -11.71 -8.76 -25.59
C GLY A 166 -11.38 -7.30 -25.36
N LYS A 167 -12.33 -6.40 -25.65
CA LYS A 167 -12.09 -4.95 -25.55
C LYS A 167 -12.68 -4.41 -24.26
N THR A 168 -11.96 -3.45 -23.66
CA THR A 168 -12.42 -2.71 -22.48
C THR A 168 -12.45 -1.23 -22.85
N GLY A 169 -13.41 -0.50 -22.30
CA GLY A 169 -13.47 0.94 -22.49
C GLY A 169 -12.41 1.63 -21.65
N ILE A 170 -12.59 1.56 -20.34
CA ILE A 170 -11.67 2.16 -19.37
C ILE A 170 -11.31 1.11 -18.34
N HIS A 171 -10.02 0.92 -18.11
CA HIS A 171 -9.49 -0.02 -17.13
C HIS A 171 -8.56 0.75 -16.23
N VAL A 172 -8.91 0.81 -14.95
CA VAL A 172 -8.03 1.42 -13.94
C VAL A 172 -7.39 0.30 -13.14
N ALA A 173 -6.05 0.16 -13.30
CA ALA A 173 -5.31 -0.94 -12.68
C ALA A 173 -4.80 -0.64 -11.28
N SER A 174 -4.60 0.62 -10.97
CA SER A 174 -3.91 1.02 -9.74
C SER A 174 -4.85 1.62 -8.75
N ALA A 175 -4.43 1.59 -7.48
CA ALA A 175 -5.17 2.27 -6.43
C ALA A 175 -5.41 3.74 -6.82
N ASN A 176 -6.62 4.20 -6.59
CA ASN A 176 -7.03 5.51 -7.07
C ASN A 176 -7.93 6.17 -6.05
N ASP A 177 -7.95 7.51 -6.07
CA ASP A 177 -8.76 8.30 -5.15
C ASP A 177 -9.50 9.40 -5.90
N SER A 178 -10.79 9.58 -5.56
CA SER A 178 -11.59 10.71 -6.09
C SER A 178 -11.74 10.73 -7.62
N PHE A 179 -11.73 9.55 -8.24
CA PHE A 179 -11.98 9.43 -9.68
C PHE A 179 -13.45 9.71 -10.00
N ARG A 180 -13.71 10.18 -11.23
CA ARG A 180 -15.07 10.37 -11.73
C ARG A 180 -15.23 9.85 -13.14
N VAL A 181 -16.34 9.16 -13.35
CA VAL A 181 -16.79 8.77 -14.68
C VAL A 181 -18.23 9.22 -14.78
N THR A 182 -18.47 10.17 -15.66
CA THR A 182 -19.77 10.83 -15.77
C THR A 182 -20.23 11.07 -17.17
N ASP A 183 -21.54 10.97 -17.37
CA ASP A 183 -22.15 11.31 -18.67
C ASP A 183 -21.63 10.52 -19.88
N MET A 184 -20.95 9.40 -19.64
CA MET A 184 -20.37 8.63 -20.75
C MET A 184 -21.43 7.80 -21.48
N GLY A 185 -21.03 7.34 -22.67
CA GLY A 185 -21.69 6.28 -23.40
C GLY A 185 -20.69 5.18 -23.66
N PHE A 186 -21.08 3.95 -23.38
CA PHE A 186 -20.27 2.76 -23.69
C PHE A 186 -21.17 1.81 -24.45
N VAL A 187 -20.65 1.18 -25.50
CA VAL A 187 -21.43 0.31 -26.36
C VAL A 187 -20.51 -0.72 -27.01
N TYR A 188 -20.99 -1.94 -27.07
CA TYR A 188 -20.31 -3.01 -27.83
C TYR A 188 -18.87 -3.31 -27.36
N LEU A 189 -18.68 -3.22 -26.06
CA LEU A 189 -17.43 -3.62 -25.41
C LEU A 189 -17.64 -4.87 -24.58
N GLU A 190 -16.69 -5.79 -24.60
CA GLU A 190 -16.78 -6.93 -23.70
C GLU A 190 -16.81 -6.47 -22.24
N ASN A 191 -16.02 -5.44 -21.89
CA ASN A 191 -16.05 -4.81 -20.56
C ASN A 191 -16.10 -3.33 -20.74
N ALA A 192 -17.13 -2.67 -20.23
CA ALA A 192 -17.17 -1.20 -20.33
C ALA A 192 -16.12 -0.53 -19.46
N LEU A 193 -16.25 -0.77 -18.16
CA LEU A 193 -15.56 -0.01 -17.14
C LEU A 193 -15.14 -0.95 -16.02
N THR A 194 -13.83 -1.10 -15.86
CA THR A 194 -13.26 -1.94 -14.82
C THR A 194 -12.31 -1.08 -13.99
N ILE A 195 -12.62 -0.93 -12.70
CA ILE A 195 -11.80 -0.08 -11.82
C ILE A 195 -11.34 -0.88 -10.61
N HIS A 196 -10.03 -1.06 -10.50
CA HIS A 196 -9.43 -1.76 -9.34
C HIS A 196 -9.09 -0.75 -8.22
N LYS A 197 -9.24 -1.19 -6.97
CA LYS A 197 -8.64 -0.50 -5.82
C LYS A 197 -9.11 0.96 -5.71
N ALA A 198 -10.42 1.13 -5.83
CA ALA A 198 -11.01 2.49 -5.82
C ALA A 198 -11.37 3.00 -4.45
N ASP A 199 -11.03 4.27 -4.21
CA ASP A 199 -11.42 5.02 -3.00
C ASP A 199 -12.20 6.27 -3.44
N ALA A 200 -13.38 6.45 -2.88
CA ALA A 200 -14.16 7.70 -3.09
C ALA A 200 -14.37 8.03 -4.57
N LEU A 201 -14.63 6.96 -5.33
CA LEU A 201 -14.97 7.01 -6.72
C LEU A 201 -16.46 7.36 -6.89
N SER A 202 -16.73 8.11 -7.94
CA SER A 202 -18.12 8.34 -8.39
C SER A 202 -18.30 7.95 -9.85
N ILE A 203 -19.18 6.96 -10.08
CA ILE A 203 -19.66 6.60 -11.40
C ILE A 203 -21.12 7.07 -11.50
N HIS A 204 -21.33 8.18 -12.21
CA HIS A 204 -22.59 8.93 -12.13
C HIS A 204 -23.10 9.32 -13.49
N HIS A 205 -24.37 9.02 -13.70
CA HIS A 205 -25.12 9.48 -14.89
C HIS A 205 -24.51 9.05 -16.23
N ASN A 206 -24.13 7.79 -16.33
CA ASN A 206 -23.62 7.24 -17.57
C ASN A 206 -24.69 6.40 -18.25
N PHE A 207 -24.43 6.07 -19.50
CA PHE A 207 -25.24 5.15 -20.27
C PHE A 207 -24.32 4.05 -20.71
N ILE A 208 -24.52 2.85 -20.16
CA ILE A 208 -23.54 1.76 -20.28
C ILE A 208 -24.33 0.54 -20.71
N ALA A 209 -24.38 0.28 -22.00
CA ALA A 209 -25.31 -0.73 -22.51
C ALA A 209 -24.75 -1.53 -23.66
N GLU A 210 -25.30 -2.72 -23.85
CA GLU A 210 -24.85 -3.62 -24.93
C GLU A 210 -23.34 -3.88 -24.83
N CYS A 211 -22.92 -4.05 -23.56
CA CYS A 211 -21.55 -4.46 -23.21
C CYS A 211 -21.65 -5.78 -22.46
N GLY A 212 -20.65 -6.63 -22.61
CA GLY A 212 -20.69 -7.95 -21.96
C GLY A 212 -20.85 -7.84 -20.44
N SER A 213 -19.97 -7.00 -19.87
CA SER A 213 -20.08 -6.51 -18.51
C SER A 213 -19.98 -5.01 -18.57
N CYS A 214 -20.70 -4.35 -17.68
CA CYS A 214 -20.72 -2.90 -17.64
C CYS A 214 -19.74 -2.39 -16.58
N ILE A 215 -20.16 -2.33 -15.32
CA ILE A 215 -19.31 -1.81 -14.25
C ILE A 215 -18.76 -2.92 -13.37
N GLU A 216 -17.43 -2.99 -13.26
CA GLU A 216 -16.76 -3.90 -12.34
C GLU A 216 -15.76 -3.17 -11.47
N LEU A 217 -15.98 -3.23 -10.16
CA LEU A 217 -15.07 -2.68 -9.16
C LEU A 217 -14.33 -3.85 -8.51
N ARG A 218 -13.05 -3.95 -8.80
CA ARG A 218 -12.25 -5.13 -8.46
C ARG A 218 -11.17 -4.82 -7.43
N GLY A 219 -10.65 -5.90 -6.87
CA GLY A 219 -9.57 -5.86 -5.88
C GLY A 219 -10.15 -5.61 -4.52
N TRP A 220 -10.30 -4.31 -4.24
CA TRP A 220 -10.93 -3.83 -3.03
C TRP A 220 -11.33 -2.40 -3.27
N GLY A 221 -12.00 -1.78 -2.30
CA GLY A 221 -12.31 -0.35 -2.42
C GLY A 221 -13.09 0.16 -1.23
N GLN A 222 -13.31 1.46 -1.20
CA GLN A 222 -14.07 2.05 -0.11
C GLN A 222 -14.73 3.36 -0.53
N ALA A 223 -15.80 3.69 0.16
CA ALA A 223 -16.43 5.02 0.15
C ALA A 223 -16.80 5.52 -1.23
N SER A 224 -17.22 4.61 -2.09
CA SER A 224 -17.54 4.92 -3.48
C SER A 224 -19.06 4.95 -3.75
N LYS A 225 -19.43 5.42 -4.94
CA LYS A 225 -20.80 5.44 -5.31
C LYS A 225 -21.03 5.24 -6.79
N ILE A 226 -22.10 4.54 -7.08
CA ILE A 226 -22.57 4.28 -8.44
C ILE A 226 -24.02 4.75 -8.49
N THR A 227 -24.24 5.88 -9.17
CA THR A 227 -25.53 6.58 -9.10
C THR A 227 -26.04 7.04 -10.44
N ASP A 228 -27.35 6.93 -10.62
CA ASP A 228 -28.04 7.57 -11.75
C ASP A 228 -27.57 7.08 -13.12
N ASN A 229 -27.16 5.80 -13.20
CA ASN A 229 -26.75 5.20 -14.44
C ASN A 229 -27.88 4.40 -15.10
N LEU A 230 -27.81 4.34 -16.41
CA LEU A 230 -28.61 3.44 -17.23
C LEU A 230 -27.65 2.34 -17.68
N VAL A 231 -27.99 1.09 -17.36
CA VAL A 231 -27.04 -0.03 -17.48
C VAL A 231 -27.72 -1.27 -18.04
N GLY A 232 -27.12 -1.85 -19.06
CA GLY A 232 -27.55 -3.15 -19.60
C GLY A 232 -26.38 -3.96 -20.09
N ALA A 233 -26.23 -5.16 -19.55
CA ALA A 233 -25.09 -6.02 -19.88
C ALA A 233 -25.51 -7.23 -20.70
N GLY A 234 -24.64 -8.24 -20.75
CA GLY A 234 -24.90 -9.46 -21.51
C GLY A 234 -24.96 -10.66 -20.58
N PRO A 235 -25.45 -11.79 -21.10
CA PRO A 235 -25.87 -12.89 -20.22
C PRO A 235 -24.78 -13.64 -19.45
N ARG A 236 -23.52 -13.49 -19.83
CA ARG A 236 -22.41 -14.07 -19.10
C ARG A 236 -21.66 -13.04 -18.25
N GLY A 237 -22.17 -11.81 -18.17
CA GLY A 237 -21.43 -10.74 -17.53
C GLY A 237 -22.22 -10.00 -16.48
N HIS A 238 -21.56 -9.01 -15.89
CA HIS A 238 -22.09 -8.24 -14.79
C HIS A 238 -22.65 -6.90 -15.27
N SER A 239 -23.72 -6.46 -14.64
CA SER A 239 -24.23 -5.10 -14.81
C SER A 239 -23.45 -4.17 -13.88
N ILE A 240 -23.59 -4.41 -12.58
CA ILE A 240 -22.84 -3.76 -11.51
C ILE A 240 -22.23 -4.86 -10.64
N TYR A 241 -20.91 -4.86 -10.56
CA TYR A 241 -20.16 -5.84 -9.79
C TYR A 241 -19.18 -5.13 -8.91
N ALA A 242 -19.06 -5.59 -7.67
CA ALA A 242 -18.03 -5.09 -6.73
C ALA A 242 -17.51 -6.22 -5.84
N GLU A 243 -16.22 -6.18 -5.56
CA GLU A 243 -15.62 -7.12 -4.65
C GLU A 243 -14.78 -6.39 -3.60
N ASN A 244 -14.90 -6.86 -2.35
CA ASN A 244 -14.11 -6.35 -1.22
C ASN A 244 -14.17 -4.83 -1.11
N HIS A 245 -15.38 -4.30 -1.33
CA HIS A 245 -15.69 -2.89 -1.09
C HIS A 245 -16.40 -2.74 0.23
N GLY A 246 -16.06 -1.67 0.92
CA GLY A 246 -16.80 -1.21 2.09
C GLY A 246 -17.38 0.15 1.84
N GLY A 247 -18.58 0.41 2.36
CA GLY A 247 -19.20 1.72 2.24
C GLY A 247 -19.54 2.18 0.83
N LEU A 248 -19.87 1.23 -0.05
CA LEU A 248 -20.30 1.51 -1.42
C LEU A 248 -21.81 1.88 -1.40
N LEU A 249 -22.16 2.93 -2.14
CA LEU A 249 -23.55 3.33 -2.35
C LEU A 249 -23.96 3.11 -3.82
N VAL A 250 -24.90 2.20 -4.03
CA VAL A 250 -25.45 1.94 -5.33
C VAL A 250 -26.92 2.36 -5.35
N THR A 251 -27.21 3.48 -6.03
CA THR A 251 -28.55 4.04 -5.94
C THR A 251 -28.96 4.80 -7.19
N ALA A 252 -30.27 4.84 -7.40
CA ALA A 252 -30.88 5.58 -8.50
C ALA A 252 -30.45 5.12 -9.89
N ASN A 253 -30.08 3.84 -10.03
CA ASN A 253 -29.75 3.27 -11.32
C ASN A 253 -30.99 2.57 -11.90
N ASN A 254 -31.08 2.61 -13.22
CA ASN A 254 -32.07 1.87 -13.98
C ASN A 254 -31.28 0.82 -14.77
N VAL A 255 -31.31 -0.41 -14.23
CA VAL A 255 -30.60 -1.53 -14.79
C VAL A 255 -31.62 -2.37 -15.54
N PHE A 256 -31.37 -2.53 -16.83
CA PHE A 256 -32.24 -3.28 -17.71
C PHE A 256 -31.47 -4.47 -18.26
N PRO A 257 -32.17 -5.38 -18.97
CA PRO A 257 -31.46 -6.60 -19.34
C PRO A 257 -30.29 -6.34 -20.32
N ARG A 258 -29.36 -7.29 -20.52
CA ARG A 258 -29.50 -8.71 -20.15
C ARG A 258 -28.25 -9.29 -19.50
N GLY A 259 -27.72 -8.58 -18.50
CA GLY A 259 -26.68 -9.12 -17.68
C GLY A 259 -27.07 -10.42 -16.99
N ALA A 260 -26.06 -11.18 -16.61
CA ALA A 260 -26.27 -12.39 -15.78
C ALA A 260 -26.91 -12.01 -14.45
N SER A 261 -26.55 -10.82 -13.97
CA SER A 261 -27.14 -10.23 -12.78
C SER A 261 -27.24 -8.72 -12.97
N SER A 262 -28.01 -8.09 -12.08
CA SER A 262 -28.11 -6.64 -11.99
C SER A 262 -27.04 -6.06 -11.05
N VAL A 263 -26.91 -6.63 -9.86
CA VAL A 263 -25.91 -6.23 -8.87
C VAL A 263 -25.30 -7.47 -8.25
N HIS A 264 -23.99 -7.58 -8.29
CA HIS A 264 -23.29 -8.77 -7.78
C HIS A 264 -22.18 -8.31 -6.88
N PHE A 265 -22.25 -8.73 -5.62
CA PHE A 265 -21.26 -8.39 -4.58
C PHE A 265 -20.52 -9.66 -4.17
N LYS A 266 -19.20 -9.57 -4.07
CA LYS A 266 -18.38 -10.63 -3.42
C LYS A 266 -17.59 -9.97 -2.31
N GLY A 267 -17.84 -10.39 -1.06
CA GLY A 267 -17.11 -9.85 0.08
C GLY A 267 -17.32 -8.37 0.28
N VAL A 268 -18.49 -7.87 -0.07
CA VAL A 268 -18.80 -6.44 0.07
C VAL A 268 -19.49 -6.24 1.44
N THR A 269 -19.05 -5.24 2.18
CA THR A 269 -19.53 -5.02 3.53
C THR A 269 -20.03 -3.58 3.69
N ARG A 270 -20.98 -3.40 4.61
CA ARG A 270 -21.35 -2.06 5.10
C ARG A 270 -21.67 -1.11 3.94
N SER A 271 -22.46 -1.62 2.99
CA SER A 271 -22.79 -0.91 1.76
C SER A 271 -24.31 -0.87 1.60
N SER A 272 -24.77 -0.12 0.59
CA SER A 272 -26.17 0.08 0.38
C SER A 272 -26.53 -0.05 -1.09
N VAL A 273 -27.51 -0.90 -1.39
CA VAL A 273 -28.05 -1.08 -2.74
C VAL A 273 -29.51 -0.71 -2.61
N THR A 274 -29.82 0.54 -2.91
CA THR A 274 -31.09 1.12 -2.46
C THR A 274 -31.66 2.00 -3.55
N ASN A 275 -32.98 1.93 -3.73
CA ASN A 275 -33.67 2.79 -4.66
C ASN A 275 -33.16 2.67 -6.12
N ASN A 276 -33.03 1.44 -6.60
CA ASN A 276 -32.74 1.18 -7.99
C ASN A 276 -33.96 0.53 -8.62
N ARG A 277 -34.08 0.69 -9.92
CA ARG A 277 -35.02 -0.07 -10.73
C ARG A 277 -34.19 -1.12 -11.45
N LEU A 278 -34.58 -2.38 -11.26
CA LEU A 278 -33.82 -3.54 -11.71
C LEU A 278 -34.74 -4.45 -12.53
N HIS A 279 -34.34 -4.71 -13.77
CA HIS A 279 -35.11 -5.57 -14.67
C HIS A 279 -34.18 -6.62 -15.28
N ALA A 280 -34.53 -7.88 -15.08
CA ALA A 280 -33.77 -9.00 -15.62
C ALA A 280 -34.68 -9.99 -16.34
N PHE A 281 -34.06 -10.73 -17.24
CA PHE A 281 -34.72 -11.84 -17.94
C PHE A 281 -34.33 -13.21 -17.34
N TYR A 282 -33.58 -13.19 -16.24
CA TYR A 282 -33.05 -14.43 -15.60
C TYR A 282 -33.11 -14.28 -14.08
N PRO A 283 -33.08 -15.40 -13.35
CA PRO A 283 -32.91 -15.35 -11.89
C PRO A 283 -31.52 -14.86 -11.50
N GLY A 284 -31.35 -14.59 -10.22
CA GLY A 284 -30.06 -14.15 -9.68
C GLY A 284 -29.74 -12.70 -9.97
N MET A 285 -30.73 -11.84 -9.75
CA MET A 285 -30.63 -10.43 -10.08
C MET A 285 -29.70 -9.69 -9.15
N VAL A 286 -29.83 -9.94 -7.86
CA VAL A 286 -28.95 -9.31 -6.86
C VAL A 286 -28.36 -10.43 -6.04
N ARG A 287 -27.04 -10.52 -6.09
CA ARG A 287 -26.27 -11.60 -5.46
C ARG A 287 -25.31 -11.00 -4.45
N LEU A 288 -25.51 -11.34 -3.19
CA LEU A 288 -24.58 -11.02 -2.12
C LEU A 288 -23.84 -12.31 -1.75
N GLU A 289 -22.58 -12.38 -2.11
CA GLU A 289 -21.82 -13.65 -2.00
C GLU A 289 -20.56 -13.50 -1.20
N GLU A 290 -20.02 -14.64 -0.77
CA GLU A 290 -18.71 -14.69 -0.10
C GLU A 290 -18.56 -13.66 1.02
N ASN A 291 -19.41 -13.85 2.04
CA ASN A 291 -19.35 -13.08 3.27
C ASN A 291 -19.65 -11.62 2.96
N SER A 292 -20.71 -11.36 2.21
CA SER A 292 -21.18 -9.99 1.98
C SER A 292 -22.13 -9.67 3.12
N SER A 293 -21.72 -8.76 3.99
CA SER A 293 -22.34 -8.61 5.29
C SER A 293 -22.65 -7.15 5.61
N GLU A 294 -23.65 -6.94 6.47
CA GLU A 294 -24.01 -5.62 6.97
C GLU A 294 -24.39 -4.64 5.85
N ASN A 295 -24.99 -5.16 4.78
CA ASN A 295 -25.46 -4.34 3.67
C ASN A 295 -26.96 -4.08 3.76
N LEU A 296 -27.35 -2.90 3.30
CA LEU A 296 -28.73 -2.50 3.19
C LEU A 296 -29.18 -2.69 1.74
N VAL A 297 -30.25 -3.43 1.55
CA VAL A 297 -30.86 -3.64 0.25
C VAL A 297 -32.31 -3.19 0.44
N ALA A 298 -32.59 -1.95 0.01
CA ALA A 298 -33.85 -1.31 0.35
C ALA A 298 -34.51 -0.61 -0.80
N THR A 299 -35.84 -0.66 -0.77
CA THR A 299 -36.70 0.10 -1.69
C THR A 299 -36.25 0.05 -3.15
N ASN A 300 -35.85 -1.15 -3.58
CA ASN A 300 -35.61 -1.40 -4.97
C ASN A 300 -36.85 -1.98 -5.60
N HIS A 301 -36.97 -1.74 -6.89
CA HIS A 301 -38.00 -2.36 -7.72
C HIS A 301 -37.33 -3.44 -8.58
N PHE A 302 -37.68 -4.70 -8.30
CA PHE A 302 -37.20 -5.85 -9.07
C PHE A 302 -38.31 -6.35 -10.00
N LEU A 303 -37.97 -6.53 -11.26
CA LEU A 303 -38.82 -7.23 -12.22
C LEU A 303 -37.99 -8.33 -12.86
N ARG A 304 -38.49 -9.57 -12.79
CA ARG A 304 -37.93 -10.71 -13.53
C ARG A 304 -39.01 -11.24 -14.44
N ASP A 305 -38.72 -11.29 -15.72
CA ASP A 305 -39.63 -11.87 -16.72
C ASP A 305 -38.87 -12.59 -17.83
N HIS A 306 -39.53 -12.94 -18.93
CA HIS A 306 -38.87 -13.69 -19.99
C HIS A 306 -38.44 -12.75 -21.10
N GLU A 307 -37.26 -13.01 -21.64
CA GLU A 307 -36.79 -12.33 -22.86
C GLU A 307 -37.85 -12.44 -23.96
N PRO A 308 -38.25 -11.32 -24.56
CA PRO A 308 -39.22 -11.38 -25.69
C PRO A 308 -38.59 -11.40 -27.09
N TRP A 309 -37.32 -11.02 -27.19
CA TRP A 309 -36.68 -10.82 -28.49
C TRP A 309 -36.03 -12.08 -29.02
N THR A 310 -36.49 -12.52 -30.20
CA THR A 310 -36.03 -13.77 -30.79
C THR A 310 -34.55 -14.06 -30.76
N PRO A 311 -33.70 -13.09 -31.18
CA PRO A 311 -32.26 -13.42 -31.18
C PRO A 311 -31.70 -13.90 -29.84
N PHE A 312 -32.32 -13.53 -28.72
CA PHE A 312 -31.85 -13.95 -27.38
C PHE A 312 -32.85 -14.82 -26.61
N PHE A 313 -33.92 -15.25 -27.28
CA PHE A 313 -35.03 -15.88 -26.57
C PHE A 313 -34.61 -17.11 -25.77
N GLY A 314 -33.75 -17.93 -26.37
CA GLY A 314 -33.25 -19.12 -25.71
C GLY A 314 -31.89 -19.00 -25.04
N VAL A 315 -31.38 -17.77 -24.90
CA VAL A 315 -30.10 -17.52 -24.26
C VAL A 315 -30.38 -17.11 -22.84
N ASP A 316 -29.61 -17.64 -21.88
CA ASP A 316 -29.82 -17.27 -20.48
C ASP A 316 -28.54 -17.36 -19.68
N ASN A 317 -28.61 -17.18 -18.37
CA ASN A 317 -27.41 -17.11 -17.53
C ASN A 317 -27.08 -18.42 -16.80
N GLY A 318 -27.75 -19.50 -17.22
CA GLY A 318 -27.51 -20.82 -16.66
C GLY A 318 -28.17 -21.10 -15.34
N LEU A 319 -28.86 -20.13 -14.73
CA LEU A 319 -29.38 -20.30 -13.36
C LEU A 319 -30.86 -20.67 -13.39
N ASP A 320 -31.25 -21.59 -12.51
CA ASP A 320 -32.63 -22.02 -12.42
C ASP A 320 -33.47 -21.13 -11.50
N ASP A 321 -34.76 -21.40 -11.46
CA ASP A 321 -35.70 -20.55 -10.71
C ASP A 321 -35.64 -20.70 -9.17
N LEU A 322 -34.87 -21.68 -8.69
CA LEU A 322 -34.64 -21.85 -7.27
C LEU A 322 -33.54 -20.94 -6.75
N THR A 323 -32.81 -20.27 -7.65
CA THR A 323 -31.71 -19.38 -7.30
C THR A 323 -32.15 -18.23 -6.38
N GLY A 324 -33.32 -17.69 -6.67
CA GLY A 324 -33.76 -16.43 -6.05
C GLY A 324 -33.49 -15.25 -6.98
N LEU A 325 -34.38 -14.25 -6.90
CA LEU A 325 -34.11 -12.94 -7.45
C LEU A 325 -33.04 -12.20 -6.65
N LEU A 326 -33.12 -12.35 -5.33
CA LEU A 326 -32.14 -11.82 -4.39
C LEU A 326 -31.57 -12.99 -3.60
N SER A 327 -30.25 -13.20 -3.67
CA SER A 327 -29.60 -14.30 -2.98
C SER A 327 -28.55 -13.71 -2.05
N ILE A 328 -28.52 -14.20 -0.82
CA ILE A 328 -27.65 -13.66 0.22
C ILE A 328 -26.87 -14.77 0.89
N SER A 329 -25.54 -14.61 0.88
CA SER A 329 -24.60 -15.42 1.62
C SER A 329 -23.71 -14.48 2.43
N GLY A 330 -24.05 -14.30 3.69
CA GLY A 330 -23.39 -13.31 4.52
C GLY A 330 -24.25 -12.99 5.74
N ASN A 331 -23.71 -12.18 6.64
CA ASN A 331 -24.30 -11.93 7.94
C ASN A 331 -24.86 -10.51 8.06
N ASN A 332 -25.91 -10.38 8.85
CA ASN A 332 -26.33 -9.09 9.37
C ASN A 332 -26.75 -8.07 8.30
N ASN A 333 -27.25 -8.55 7.17
CA ASN A 333 -27.76 -7.69 6.13
C ASN A 333 -29.19 -7.27 6.45
N SER A 334 -29.67 -6.27 5.72
CA SER A 334 -30.98 -5.66 5.91
C SER A 334 -31.67 -5.55 4.58
N VAL A 335 -32.80 -6.24 4.41
CA VAL A 335 -33.55 -6.29 3.16
C VAL A 335 -34.92 -5.71 3.47
N ILE A 336 -35.12 -4.46 3.10
CA ILE A 336 -36.29 -3.68 3.60
C ILE A 336 -37.02 -2.96 2.49
N GLY A 337 -38.33 -3.10 2.40
CA GLY A 337 -39.14 -2.23 1.53
C GLY A 337 -38.99 -2.40 0.04
N ASN A 338 -38.57 -3.59 -0.40
CA ASN A 338 -38.43 -3.85 -1.84
C ASN A 338 -39.74 -4.39 -2.42
N HIS A 339 -39.91 -4.12 -3.71
CA HIS A 339 -40.96 -4.67 -4.54
C HIS A 339 -40.38 -5.69 -5.48
N PHE A 340 -40.95 -6.88 -5.52
CA PHE A 340 -40.55 -7.93 -6.47
C PHE A 340 -41.73 -8.31 -7.34
N SER A 341 -41.58 -8.14 -8.65
CA SER A 341 -42.53 -8.66 -9.66
C SER A 341 -41.88 -9.87 -10.37
N GLU A 342 -42.50 -11.05 -10.23
CA GLU A 342 -42.03 -12.31 -10.82
C GLU A 342 -43.08 -12.67 -11.85
N VAL A 343 -42.72 -12.61 -13.12
CA VAL A 343 -43.67 -12.72 -14.23
C VAL A 343 -43.13 -13.75 -15.20
N VAL A 344 -43.56 -15.00 -15.03
CA VAL A 344 -42.99 -16.15 -15.74
C VAL A 344 -44.03 -17.17 -16.17
N ASP A 345 -43.61 -18.08 -17.05
CA ASP A 345 -44.46 -19.15 -17.57
C ASP A 345 -44.36 -20.35 -16.61
N ALA A 346 -45.46 -20.63 -15.92
CA ALA A 346 -45.53 -21.74 -14.97
C ALA A 346 -45.11 -23.09 -15.56
N ASN A 347 -45.47 -23.32 -16.83
CA ASN A 347 -45.14 -24.58 -17.49
C ASN A 347 -43.66 -24.75 -17.78
N GLU A 348 -42.90 -23.65 -17.75
CA GLU A 348 -41.49 -23.66 -18.12
C GLU A 348 -40.53 -23.34 -16.96
N ILE A 349 -41.02 -23.40 -15.73
CA ILE A 349 -40.15 -23.19 -14.57
C ILE A 349 -39.08 -24.29 -14.56
N ARG A 350 -37.85 -23.91 -14.19
CA ARG A 350 -36.74 -24.83 -14.09
C ARG A 350 -36.21 -24.86 -12.65
N PRO A 351 -35.86 -26.02 -12.11
CA PRO A 351 -36.11 -27.33 -12.72
C PRO A 351 -37.60 -27.67 -12.79
N GLU A 352 -37.95 -28.60 -13.67
CA GLU A 352 -39.35 -28.98 -13.85
C GLU A 352 -39.99 -29.35 -12.50
N GLY A 353 -41.16 -28.78 -12.22
CA GLY A 353 -41.88 -29.05 -10.99
C GLY A 353 -41.53 -28.14 -9.82
N ALA A 354 -40.51 -27.28 -9.97
CA ALA A 354 -40.10 -26.39 -8.88
C ALA A 354 -41.05 -25.19 -8.72
N THR A 355 -40.91 -24.52 -7.59
CA THR A 355 -41.66 -23.32 -7.27
C THR A 355 -40.59 -22.21 -7.20
N PRO A 356 -40.75 -21.11 -7.96
CA PRO A 356 -39.67 -20.09 -7.95
C PRO A 356 -39.46 -19.49 -6.57
N VAL A 357 -38.21 -19.14 -6.27
CA VAL A 357 -37.93 -18.43 -5.04
C VAL A 357 -37.57 -16.99 -5.31
N ILE A 358 -38.03 -16.11 -4.43
CA ILE A 358 -37.78 -14.67 -4.59
C ILE A 358 -36.52 -14.23 -3.83
N ILE A 359 -36.53 -14.38 -2.52
CA ILE A 359 -35.40 -14.09 -1.66
C ILE A 359 -34.85 -15.41 -1.09
N ARG A 360 -33.56 -15.67 -1.32
CA ARG A 360 -32.92 -16.86 -0.77
C ARG A 360 -31.75 -16.49 0.14
N LEU A 361 -31.83 -16.94 1.39
CA LEU A 361 -30.71 -16.87 2.32
C LEU A 361 -29.98 -18.22 2.32
N THR A 362 -28.80 -18.27 1.70
CA THR A 362 -28.05 -19.51 1.59
C THR A 362 -27.10 -19.79 2.76
N ALA A 363 -26.57 -18.74 3.36
CA ALA A 363 -25.66 -18.89 4.49
C ALA A 363 -25.59 -17.59 5.20
N GLY A 364 -25.19 -17.65 6.47
CA GLY A 364 -25.03 -16.45 7.28
C GLY A 364 -26.11 -16.31 8.33
N THR A 365 -25.84 -15.42 9.28
CA THR A 365 -26.73 -15.20 10.41
C THR A 365 -27.13 -13.75 10.55
N GLY A 366 -28.26 -13.52 11.21
CA GLY A 366 -28.66 -12.19 11.60
C GLY A 366 -29.19 -11.28 10.52
N ASN A 367 -29.61 -11.86 9.38
CA ASN A 367 -30.22 -11.10 8.30
C ASN A 367 -31.64 -10.70 8.69
N PHE A 368 -31.98 -9.44 8.42
CA PHE A 368 -33.26 -8.83 8.77
C PHE A 368 -33.97 -8.54 7.45
N VAL A 369 -35.08 -9.21 7.22
CA VAL A 369 -35.85 -9.10 5.98
C VAL A 369 -37.24 -8.66 6.37
N SER A 370 -37.61 -7.43 6.02
CA SER A 370 -38.88 -6.87 6.45
C SER A 370 -39.56 -6.06 5.37
N THR A 371 -40.88 -6.22 5.30
CA THR A 371 -41.74 -5.30 4.59
C THR A 371 -41.39 -5.31 3.09
N ASN A 372 -41.44 -6.50 2.50
CA ASN A 372 -41.19 -6.66 1.09
C ASN A 372 -42.46 -7.21 0.47
N HIS A 373 -42.84 -6.65 -0.66
CA HIS A 373 -44.02 -7.09 -1.39
C HIS A 373 -43.65 -7.93 -2.60
N VAL A 374 -44.20 -9.15 -2.63
CA VAL A 374 -44.00 -10.08 -3.74
C VAL A 374 -45.28 -10.17 -4.58
N VAL A 375 -45.14 -10.00 -5.90
CA VAL A 375 -46.22 -10.13 -6.86
C VAL A 375 -45.79 -11.15 -7.91
N ALA A 376 -46.54 -12.25 -8.06
CA ALA A 376 -46.15 -13.31 -8.98
C ALA A 376 -47.30 -13.63 -9.90
N MET A 377 -47.00 -13.77 -11.19
CA MET A 377 -48.04 -14.09 -12.15
C MET A 377 -47.53 -14.92 -13.31
N ASP A 378 -48.47 -15.64 -13.89
CA ASP A 378 -48.19 -16.66 -14.89
C ASP A 378 -48.51 -16.06 -16.24
N VAL A 379 -47.48 -15.92 -17.08
CA VAL A 379 -47.65 -15.39 -18.45
C VAL A 379 -46.84 -16.26 -19.41
N ASP A 380 -47.44 -16.61 -20.55
CA ASP A 380 -46.72 -17.41 -21.56
C ASP A 380 -45.57 -16.62 -22.15
N ALA A 381 -44.43 -17.28 -22.34
CA ALA A 381 -43.28 -16.66 -23.02
C ALA A 381 -43.55 -16.67 -24.52
N ALA A 382 -43.25 -15.56 -25.19
CA ALA A 382 -43.43 -15.47 -26.64
C ALA A 382 -42.28 -14.71 -27.28
N SER A 383 -41.84 -15.22 -28.41
CA SER A 383 -40.69 -14.69 -29.14
C SER A 383 -41.18 -13.88 -30.33
N SER A 384 -40.51 -12.78 -30.65
CA SER A 384 -40.68 -12.13 -31.97
C SER A 384 -39.49 -11.24 -32.27
N ASP A 385 -39.35 -10.88 -33.54
CA ASP A 385 -38.18 -10.14 -34.02
C ASP A 385 -38.31 -8.63 -33.76
N SER A 386 -39.46 -8.15 -33.25
CA SER A 386 -39.59 -6.72 -33.05
C SER A 386 -38.68 -6.30 -31.90
N ALA A 387 -37.91 -5.24 -32.13
CA ALA A 387 -36.74 -4.92 -31.34
C ALA A 387 -36.94 -3.89 -30.22
N PHE A 388 -38.05 -3.16 -30.22
CA PHE A 388 -38.47 -2.35 -29.07
C PHE A 388 -39.99 -2.36 -28.76
N GLU A 389 -40.84 -2.60 -29.78
CA GLU A 389 -42.27 -2.50 -29.61
C GLU A 389 -42.79 -3.57 -28.66
N ALA A 390 -42.37 -4.81 -28.90
CA ALA A 390 -42.74 -5.94 -28.04
C ALA A 390 -42.16 -5.86 -26.62
N GLN A 391 -41.00 -5.21 -26.49
CA GLN A 391 -40.36 -4.98 -25.19
C GLN A 391 -41.23 -4.03 -24.34
N VAL A 392 -41.65 -2.93 -24.95
CA VAL A 392 -42.58 -1.99 -24.28
C VAL A 392 -43.89 -2.69 -23.93
N ASP A 393 -44.46 -3.37 -24.93
CA ASP A 393 -45.73 -4.08 -24.74
C ASP A 393 -45.67 -5.09 -23.59
N ALA A 394 -44.56 -5.83 -23.49
CA ALA A 394 -44.41 -6.84 -22.43
C ALA A 394 -44.32 -6.21 -21.03
N LEU A 395 -43.67 -5.06 -20.91
CA LEU A 395 -43.67 -4.35 -19.63
C LEU A 395 -45.05 -3.87 -19.22
N LEU A 396 -45.85 -3.45 -20.20
CA LEU A 396 -47.18 -2.90 -19.93
C LEU A 396 -48.24 -3.94 -19.69
N ALA A 397 -48.04 -5.16 -20.20
CA ALA A 397 -49.06 -6.22 -20.10
C ALA A 397 -49.19 -6.74 -18.66
N THR A 398 -50.40 -6.67 -18.11
CA THR A 398 -50.74 -7.32 -16.84
C THR A 398 -52.02 -8.09 -17.11
N GLU A 399 -51.84 -9.35 -17.49
CA GLU A 399 -52.92 -10.18 -18.01
C GLU A 399 -52.54 -11.61 -17.67
N ALA A 400 -52.93 -12.08 -16.48
CA ALA A 400 -52.37 -13.33 -15.96
C ALA A 400 -53.15 -14.01 -14.87
N ALA A 401 -52.81 -15.28 -14.69
CA ALA A 401 -53.25 -16.08 -13.56
C ALA A 401 -52.22 -15.91 -12.44
N ASP A 402 -52.62 -16.26 -11.22
CA ASP A 402 -51.69 -16.22 -10.09
C ASP A 402 -50.65 -17.35 -10.27
N LEU A 403 -49.50 -17.15 -9.64
CA LEU A 403 -48.42 -18.11 -9.65
C LEU A 403 -47.93 -18.24 -8.22
N ALA A 404 -47.80 -19.48 -7.73
CA ALA A 404 -47.33 -19.73 -6.37
C ALA A 404 -45.83 -19.56 -6.38
N VAL A 405 -45.30 -18.79 -5.43
CA VAL A 405 -43.86 -18.64 -5.26
C VAL A 405 -43.47 -18.76 -3.80
N THR A 406 -42.20 -18.99 -3.56
CA THR A 406 -41.63 -18.97 -2.22
C THR A 406 -41.01 -17.59 -2.07
N ALA A 407 -41.59 -16.75 -1.21
CA ALA A 407 -41.08 -15.39 -1.02
C ALA A 407 -39.71 -15.35 -0.37
N VAL A 408 -39.54 -16.13 0.69
CA VAL A 408 -38.30 -16.19 1.41
C VAL A 408 -37.99 -17.66 1.68
N LEU A 409 -36.82 -18.11 1.23
CA LEU A 409 -36.31 -19.47 1.48
C LEU A 409 -35.02 -19.29 2.28
N VAL A 410 -35.01 -19.83 3.51
CA VAL A 410 -33.84 -19.84 4.35
C VAL A 410 -33.28 -21.24 4.33
N ASP A 411 -32.10 -21.40 3.74
CA ASP A 411 -31.46 -22.70 3.75
C ASP A 411 -30.99 -23.06 5.16
N PRO A 412 -30.82 -24.38 5.43
CA PRO A 412 -30.35 -24.72 6.77
C PRO A 412 -29.00 -24.12 7.15
N GLY A 413 -28.15 -23.81 6.17
CA GLY A 413 -26.87 -23.15 6.44
C GLY A 413 -26.92 -21.66 6.81
N SER A 414 -28.12 -21.07 6.81
CA SER A 414 -28.33 -19.72 7.33
C SER A 414 -29.30 -19.81 8.51
N ALA A 415 -29.03 -19.06 9.58
CA ALA A 415 -29.93 -19.13 10.75
C ALA A 415 -29.92 -17.85 11.52
N ARG A 416 -30.79 -17.78 12.53
CA ARG A 416 -30.88 -16.61 13.40
C ARG A 416 -31.20 -15.34 12.58
N ASN A 417 -32.07 -15.52 11.59
CA ASN A 417 -32.57 -14.45 10.75
C ASN A 417 -33.92 -14.01 11.28
N THR A 418 -34.35 -12.85 10.82
CA THR A 418 -35.62 -12.25 11.21
C THR A 418 -36.37 -11.90 9.93
N ILE A 419 -37.55 -12.49 9.72
CA ILE A 419 -38.31 -12.37 8.47
C ILE A 419 -39.70 -11.85 8.83
N LEU A 420 -40.01 -10.62 8.44
CA LEU A 420 -41.25 -9.94 8.83
C LEU A 420 -41.99 -9.43 7.62
N ASP A 421 -43.29 -9.71 7.53
CA ASP A 421 -44.15 -9.09 6.52
C ASP A 421 -43.53 -9.11 5.12
N SER A 422 -42.99 -10.28 4.75
CA SER A 422 -42.38 -10.50 3.45
C SER A 422 -42.93 -11.76 2.79
N GLY A 423 -44.09 -12.18 3.21
CA GLY A 423 -44.75 -13.37 2.69
C GLY A 423 -45.65 -14.00 3.72
N SER A 424 -46.65 -14.71 3.21
CA SER A 424 -47.51 -15.54 4.04
C SER A 424 -46.69 -16.65 4.67
N ASP A 425 -47.26 -17.35 5.65
CA ASP A 425 -46.56 -18.49 6.26
C ASP A 425 -46.16 -19.49 5.18
N THR A 426 -47.06 -19.77 4.26
CA THR A 426 -46.76 -20.72 3.17
C THR A 426 -45.59 -20.24 2.31
N GLN A 427 -45.55 -18.94 2.03
CA GLN A 427 -44.47 -18.32 1.23
C GLN A 427 -43.10 -18.23 1.91
N VAL A 428 -43.02 -18.48 3.21
CA VAL A 428 -41.76 -18.45 3.94
C VAL A 428 -41.35 -19.87 4.31
N VAL A 429 -40.28 -20.33 3.69
CA VAL A 429 -39.77 -21.69 3.91
C VAL A 429 -38.52 -21.50 4.77
N ALA A 430 -38.59 -21.95 6.02
CA ALA A 430 -37.55 -21.65 7.02
C ALA A 430 -37.79 -22.43 8.29
N ASP A 431 -36.71 -22.80 8.97
CA ASP A 431 -36.80 -23.46 10.27
C ASP A 431 -37.29 -22.45 11.33
N ARG A 432 -38.50 -22.66 11.84
CA ARG A 432 -39.12 -21.78 12.83
C ARG A 432 -38.42 -21.85 14.19
N ALA A 433 -37.67 -22.92 14.44
CA ALA A 433 -36.94 -23.07 15.71
C ALA A 433 -35.75 -22.11 15.84
N VAL A 434 -35.15 -21.71 14.72
CA VAL A 434 -33.95 -20.89 14.74
C VAL A 434 -34.04 -19.61 13.90
N ASN A 435 -35.23 -19.23 13.45
CA ASN A 435 -35.46 -17.96 12.76
C ASN A 435 -36.75 -17.33 13.28
N ALA A 436 -36.76 -16.01 13.44
CA ALA A 436 -37.94 -15.29 13.95
C ALA A 436 -38.76 -14.89 12.75
N ILE A 437 -39.98 -15.42 12.65
CA ILE A 437 -40.82 -15.24 11.48
C ILE A 437 -42.16 -14.59 11.87
N ARG A 438 -42.51 -13.52 11.18
CA ARG A 438 -43.86 -12.97 11.26
C ARG A 438 -44.44 -12.96 9.87
N ALA A 439 -45.43 -13.82 9.66
CA ALA A 439 -46.10 -13.91 8.36
C ALA A 439 -46.85 -12.61 8.06
N THR A 440 -46.86 -12.21 6.79
CA THR A 440 -47.77 -11.13 6.36
C THR A 440 -49.20 -11.57 6.68
N PRO A 441 -49.99 -10.71 7.36
CA PRO A 441 -51.42 -11.04 7.64
C PRO A 441 -52.17 -11.34 6.36
N THR A 442 -53.05 -12.33 6.40
CA THR A 442 -53.73 -12.80 5.19
C THR A 442 -55.20 -12.37 5.24
N VAL A 443 -55.84 -12.37 4.07
CA VAL A 443 -57.30 -12.37 3.99
C VAL A 443 -57.77 -13.46 3.01
N SER B 3 -18.49 40.44 -24.73
CA SER B 3 -19.19 40.55 -26.05
C SER B 3 -20.17 39.39 -26.21
N ASN B 4 -19.65 38.16 -26.24
CA ASN B 4 -20.49 36.97 -26.12
C ASN B 4 -20.61 36.51 -24.67
N ASN B 5 -20.08 37.31 -23.70
CA ASN B 5 -20.26 37.00 -22.28
C ASN B 5 -19.52 35.74 -21.81
N ARG B 6 -18.46 35.36 -22.51
CA ARG B 6 -17.63 34.21 -22.15
C ARG B 6 -16.21 34.74 -21.94
N TYR B 7 -15.65 34.46 -20.77
CA TYR B 7 -14.32 34.90 -20.39
C TYR B 7 -13.48 33.71 -19.97
N ASP B 8 -12.18 33.82 -20.16
CA ASP B 8 -11.22 32.81 -19.74
C ASP B 8 -10.19 33.59 -18.94
N VAL B 9 -9.92 33.17 -17.72
CA VAL B 9 -9.02 33.91 -16.82
C VAL B 9 -7.57 33.99 -17.32
N THR B 10 -7.18 33.05 -18.20
CA THR B 10 -5.86 33.06 -18.81
C THR B 10 -5.78 33.95 -20.08
N GLU B 11 -6.91 34.55 -20.48
CA GLU B 11 -7.01 35.41 -21.67
C GLU B 11 -7.58 36.76 -21.26
N TRP B 12 -7.11 37.31 -20.17
CA TRP B 12 -7.54 38.65 -19.74
C TRP B 12 -6.33 39.59 -19.84
N PRO B 13 -6.54 40.83 -20.31
CA PRO B 13 -5.35 41.69 -20.52
C PRO B 13 -4.59 42.15 -19.29
N ALA B 14 -5.27 42.24 -18.14
CA ALA B 14 -4.69 42.87 -16.95
C ALA B 14 -4.42 41.84 -15.87
N GLY B 15 -3.36 42.05 -15.10
CA GLY B 15 -3.08 41.22 -13.94
C GLY B 15 -2.52 39.87 -14.32
N ASN B 16 -2.63 38.91 -13.41
CA ASN B 16 -2.01 37.61 -13.57
C ASN B 16 -2.80 36.62 -12.73
N PRO B 17 -3.53 35.69 -13.37
CA PRO B 17 -4.34 34.78 -12.56
C PRO B 17 -3.50 33.82 -11.70
N ALA B 18 -2.25 33.56 -12.06
CA ALA B 18 -1.37 32.73 -11.23
C ALA B 18 -1.05 33.41 -9.90
N LYS B 19 -0.91 34.74 -9.92
CA LYS B 19 -0.56 35.53 -8.73
C LYS B 19 -1.78 36.02 -7.96
N ASP B 20 -2.80 36.53 -8.67
CA ASP B 20 -4.03 36.95 -8.01
C ASP B 20 -5.23 36.82 -8.94
N ILE B 21 -5.79 35.62 -8.96
CA ILE B 21 -6.99 35.36 -9.78
C ILE B 21 -8.20 36.14 -9.27
N GLY B 22 -8.20 36.49 -8.00
CA GLY B 22 -9.29 37.29 -7.46
C GLY B 22 -9.40 38.65 -8.13
N GLU B 23 -8.26 39.30 -8.30
CA GLU B 23 -8.18 40.57 -9.00
C GLU B 23 -8.70 40.43 -10.45
N VAL B 24 -8.29 39.36 -11.13
CA VAL B 24 -8.72 39.07 -12.50
C VAL B 24 -10.23 38.84 -12.58
N ILE B 25 -10.79 37.99 -11.73
CA ILE B 25 -12.22 37.73 -11.76
C ILE B 25 -13.02 38.99 -11.41
N ASN B 26 -12.57 39.76 -10.41
CA ASN B 26 -13.28 41.00 -10.11
C ASN B 26 -13.28 41.98 -11.30
N SER B 27 -12.15 42.03 -12.02
CA SER B 27 -12.01 42.89 -13.21
C SER B 27 -13.01 42.43 -14.30
N ILE B 28 -13.10 41.12 -14.49
CA ILE B 28 -14.10 40.56 -15.38
C ILE B 28 -15.54 40.91 -14.99
N ILE B 29 -15.86 40.77 -13.69
CA ILE B 29 -17.19 41.11 -13.19
C ILE B 29 -17.48 42.59 -13.44
N ALA B 30 -16.49 43.45 -13.23
CA ALA B 30 -16.66 44.90 -13.54
C ALA B 30 -16.99 45.12 -15.04
N ASP B 31 -16.35 44.36 -15.92
CA ASP B 31 -16.63 44.42 -17.35
C ASP B 31 -18.06 43.99 -17.69
N ILE B 32 -18.51 42.89 -17.06
CA ILE B 32 -19.85 42.40 -17.28
C ILE B 32 -20.85 43.48 -16.89
N LYS B 33 -20.66 44.05 -15.69
CA LYS B 33 -21.56 45.09 -15.20
C LYS B 33 -21.57 46.32 -16.10
N ALA B 34 -20.41 46.67 -16.63
CA ALA B 34 -20.30 47.85 -17.51
C ALA B 34 -21.13 47.65 -18.78
N ARG B 35 -21.05 46.42 -19.32
CA ARG B 35 -21.76 46.09 -20.56
C ARG B 35 -23.24 45.82 -20.37
N GLN B 36 -23.64 45.30 -19.20
CA GLN B 36 -25.02 44.92 -18.90
C GLN B 36 -25.66 45.86 -17.88
N GLY B 37 -25.85 47.12 -18.28
CA GLY B 37 -26.41 48.16 -17.40
C GLY B 37 -27.93 48.32 -17.43
N ALA B 38 -28.57 47.91 -18.51
CA ALA B 38 -30.01 48.08 -18.70
C ALA B 38 -30.75 46.76 -18.47
N ALA B 39 -31.78 46.80 -17.64
CA ALA B 39 -32.56 45.61 -17.28
C ALA B 39 -33.72 45.25 -18.24
N ASP B 40 -34.11 46.14 -19.14
CA ASP B 40 -35.32 45.91 -19.96
C ASP B 40 -35.17 46.48 -21.37
N VAL B 41 -34.24 45.88 -22.11
CA VAL B 41 -34.00 46.20 -23.51
C VAL B 41 -34.31 44.93 -24.28
N ASP B 42 -35.27 45.02 -25.20
CA ASP B 42 -35.75 43.87 -26.00
C ASP B 42 -35.98 42.63 -25.15
N ASP B 43 -36.72 42.83 -24.06
CA ASP B 43 -37.08 41.75 -23.11
C ASP B 43 -35.89 41.05 -22.44
N GLY B 44 -34.82 41.79 -22.22
CA GLY B 44 -33.60 41.23 -21.61
C GLY B 44 -32.69 42.35 -21.18
N GLY B 45 -31.40 42.03 -21.10
CA GLY B 45 -30.36 43.04 -20.92
C GLY B 45 -29.28 42.69 -19.89
N LYS B 46 -29.62 41.82 -18.93
CA LYS B 46 -28.66 41.37 -17.90
C LYS B 46 -28.61 39.84 -17.83
N PRO B 47 -28.19 39.21 -18.93
CA PRO B 47 -28.17 37.73 -18.96
C PRO B 47 -27.02 37.09 -18.17
N GLY B 48 -26.03 37.87 -17.73
CA GLY B 48 -24.91 37.31 -16.98
C GLY B 48 -23.81 36.87 -17.91
N ALA B 49 -23.02 35.89 -17.45
CA ALA B 49 -21.80 35.54 -18.16
C ALA B 49 -21.28 34.24 -17.60
N VAL B 50 -20.25 33.73 -18.27
CA VAL B 50 -19.51 32.57 -17.80
C VAL B 50 -18.00 32.89 -17.76
N ILE B 51 -17.35 32.47 -16.66
CA ILE B 51 -15.95 32.69 -16.44
C ILE B 51 -15.32 31.32 -16.33
N TYR B 52 -14.40 31.04 -17.25
CA TYR B 52 -13.76 29.72 -17.34
C TYR B 52 -12.33 29.75 -16.80
N LEU B 53 -12.01 28.76 -15.98
CA LEU B 53 -10.71 28.53 -15.42
C LEU B 53 -10.13 27.22 -16.02
N PRO B 54 -9.16 27.32 -16.93
CA PRO B 54 -8.47 26.12 -17.42
C PRO B 54 -7.72 25.46 -16.26
N PRO B 55 -7.37 24.18 -16.40
CA PRO B 55 -6.56 23.55 -15.36
C PRO B 55 -5.31 24.39 -15.08
N GLY B 56 -4.97 24.56 -13.81
CA GLY B 56 -3.83 25.43 -13.46
C GLY B 56 -3.84 25.75 -11.99
N ASP B 57 -2.72 26.30 -11.51
CA ASP B 57 -2.57 26.71 -10.12
C ASP B 57 -2.73 28.23 -10.03
N TYR B 58 -3.85 28.68 -9.45
CA TYR B 58 -4.16 30.10 -9.37
C TYR B 58 -4.22 30.59 -7.91
N HIS B 59 -3.29 31.44 -7.51
CA HIS B 59 -3.38 32.06 -6.21
C HIS B 59 -4.45 33.13 -6.20
N LEU B 60 -5.29 33.12 -5.17
CA LEU B 60 -6.28 34.17 -4.93
C LEU B 60 -5.89 34.96 -3.68
N ARG B 61 -5.59 36.25 -3.88
CA ARG B 61 -5.19 37.18 -2.82
C ARG B 61 -6.22 38.27 -2.56
N THR B 62 -7.22 38.39 -3.42
CA THR B 62 -8.31 39.34 -3.26
C THR B 62 -9.61 38.54 -3.34
N GLN B 63 -10.46 38.74 -2.35
CA GLN B 63 -11.79 38.11 -2.38
C GLN B 63 -12.55 38.49 -3.64
N VAL B 64 -13.18 37.49 -4.27
CA VAL B 64 -14.08 37.73 -5.38
C VAL B 64 -15.48 38.07 -4.82
N LEU B 65 -16.03 39.20 -5.25
CA LEU B 65 -17.40 39.56 -4.89
C LEU B 65 -18.32 39.35 -6.08
N ILE B 66 -19.26 38.42 -5.94
CA ILE B 66 -20.30 38.17 -6.94
C ILE B 66 -21.58 38.81 -6.46
N ASP B 67 -22.00 39.85 -7.19
CA ASP B 67 -23.21 40.60 -6.88
C ASP B 67 -24.10 40.73 -8.11
N ILE B 68 -23.99 39.79 -9.05
CA ILE B 68 -24.86 39.73 -10.22
C ILE B 68 -25.47 38.36 -10.36
N SER B 69 -26.68 38.33 -10.88
CA SER B 69 -27.37 37.09 -11.16
C SER B 69 -26.82 36.43 -12.42
N PHE B 70 -27.00 35.12 -12.49
CA PHE B 70 -26.69 34.35 -13.71
C PHE B 70 -25.21 34.34 -14.07
N LEU B 71 -24.33 34.45 -13.06
CA LEU B 71 -22.91 34.29 -13.26
C LEU B 71 -22.57 32.83 -13.02
N ARG B 72 -21.88 32.23 -14.00
CA ARG B 72 -21.30 30.89 -13.88
C ARG B 72 -19.77 30.95 -13.82
N ILE B 73 -19.19 30.33 -12.80
CA ILE B 73 -17.75 30.14 -12.73
C ILE B 73 -17.49 28.64 -12.87
N GLU B 74 -16.68 28.29 -13.87
CA GLU B 74 -16.50 26.89 -14.27
C GLU B 74 -15.07 26.55 -14.49
N GLY B 75 -14.72 25.30 -14.22
CA GLY B 75 -13.41 24.79 -14.57
C GLY B 75 -13.43 23.46 -15.27
N SER B 76 -12.27 22.81 -15.27
CA SER B 76 -12.03 21.55 -15.93
C SER B 76 -11.34 20.55 -15.00
N GLY B 77 -11.66 20.62 -13.71
CA GLY B 77 -11.18 19.56 -12.80
C GLY B 77 -11.41 19.89 -11.36
N HIS B 78 -11.97 18.91 -10.64
CA HIS B 78 -12.20 19.04 -9.22
C HIS B 78 -10.90 18.94 -8.42
N GLY B 79 -9.91 18.23 -8.95
CA GLY B 79 -8.52 18.36 -8.53
C GLY B 79 -8.14 17.89 -7.14
N PHE B 80 -8.94 17.05 -6.53
CA PHE B 80 -8.69 16.59 -5.17
C PHE B 80 -7.51 15.63 -5.08
N THR B 81 -6.66 15.89 -4.09
CA THR B 81 -5.75 14.86 -3.56
C THR B 81 -5.75 15.05 -2.04
N SER B 82 -5.38 14.03 -1.31
CA SER B 82 -5.46 14.10 0.15
C SER B 82 -4.26 14.85 0.74
N SER B 83 -4.43 16.15 0.92
CA SER B 83 -3.43 16.92 1.64
C SER B 83 -3.24 16.39 3.08
N SER B 84 -4.30 15.86 3.69
CA SER B 84 -4.18 15.24 5.01
C SER B 84 -3.17 14.08 5.04
N ILE B 85 -3.30 13.13 4.11
CA ILE B 85 -2.31 12.07 4.00
C ILE B 85 -0.92 12.66 3.77
N ARG B 86 -0.79 13.61 2.84
CA ARG B 86 0.52 14.14 2.51
C ARG B 86 1.16 14.84 3.71
N PHE B 87 0.40 15.67 4.42
CA PHE B 87 1.01 16.41 5.54
C PHE B 87 1.35 15.52 6.73
N ASN B 88 0.86 14.27 6.76
CA ASN B 88 1.26 13.27 7.74
C ASN B 88 2.34 12.29 7.28
N VAL B 89 2.76 12.41 6.04
CA VAL B 89 4.00 11.77 5.53
C VAL B 89 5.16 12.62 6.07
N PRO B 90 6.19 11.97 6.64
CA PRO B 90 7.33 12.78 7.08
C PRO B 90 7.87 13.72 6.00
N GLU B 91 8.09 14.98 6.37
CA GLU B 91 8.47 16.00 5.41
C GLU B 91 9.72 15.69 4.57
N GLU B 92 10.66 14.97 5.16
CA GLU B 92 11.89 14.67 4.45
C GLU B 92 11.60 13.77 3.23
N GLU B 93 10.47 13.06 3.23
CA GLU B 93 10.08 12.20 2.10
C GLU B 93 9.28 12.90 1.00
N TRP B 94 8.85 14.13 1.23
CA TRP B 94 8.02 14.80 0.23
C TRP B 94 8.62 14.89 -1.18
N PRO B 95 9.95 15.14 -1.31
CA PRO B 95 10.47 15.26 -2.68
C PRO B 95 10.38 13.98 -3.53
N ASP B 96 10.16 12.83 -2.90
CA ASP B 96 10.07 11.57 -3.60
C ASP B 96 8.66 11.20 -4.04
N LEU B 97 7.67 11.96 -3.60
CA LEU B 97 6.26 11.66 -3.92
C LEU B 97 5.97 12.13 -5.34
N HIS B 98 5.08 11.46 -6.06
CA HIS B 98 4.77 11.84 -7.46
C HIS B 98 4.26 13.27 -7.56
N GLU B 99 3.39 13.65 -6.63
CA GLU B 99 2.95 15.05 -6.50
C GLU B 99 2.61 15.30 -5.04
N LEU B 100 2.39 16.56 -4.72
CA LEU B 100 2.04 16.96 -3.36
C LEU B 100 0.64 17.56 -3.30
N TRP B 101 0.42 18.54 -4.16
CA TRP B 101 -0.69 19.45 -4.05
C TRP B 101 -1.92 19.01 -4.85
N PRO B 102 -3.10 19.49 -4.43
CA PRO B 102 -4.26 19.42 -5.31
C PRO B 102 -4.00 20.08 -6.66
N GLY B 103 -4.86 19.81 -7.63
CA GLY B 103 -4.72 20.34 -8.98
C GLY B 103 -6.06 20.63 -9.59
N GLY B 104 -6.25 20.26 -10.85
CA GLY B 104 -7.43 20.64 -11.59
C GLY B 104 -7.39 22.15 -11.87
N SER B 105 -8.58 22.76 -11.89
CA SER B 105 -8.73 24.21 -12.05
C SER B 105 -8.73 24.78 -10.65
N ARG B 106 -7.52 25.04 -10.16
CA ARG B 106 -7.26 25.21 -8.72
C ARG B 106 -7.11 26.64 -8.25
N VAL B 107 -8.03 27.05 -7.39
CA VAL B 107 -7.99 28.34 -6.72
C VAL B 107 -7.41 28.13 -5.33
N ILE B 108 -6.22 28.70 -5.11
CA ILE B 108 -5.51 28.63 -3.84
C ILE B 108 -5.91 29.85 -3.01
N VAL B 109 -6.51 29.60 -1.85
CA VAL B 109 -7.07 30.71 -1.05
C VAL B 109 -5.97 31.28 -0.16
N ASP B 110 -5.42 32.43 -0.57
CA ASP B 110 -4.33 33.09 0.17
C ASP B 110 -4.87 34.37 0.79
N LEU B 111 -5.99 34.26 1.45
CA LEU B 111 -6.57 35.31 2.28
C LEU B 111 -6.24 35.08 3.75
N PRO B 112 -6.05 36.17 4.53
CA PRO B 112 -5.96 35.99 5.99
C PRO B 112 -7.32 35.63 6.62
N ALA B 113 -7.30 35.07 7.85
CA ALA B 113 -8.55 34.76 8.58
C ALA B 113 -9.40 36.03 8.76
N GLY B 114 -10.72 35.89 8.64
CA GLY B 114 -11.66 37.03 8.63
C GLY B 114 -11.71 37.92 9.88
N ASP B 118 -16.68 37.63 11.55
CA ASP B 118 -16.64 37.99 10.12
C ASP B 118 -15.91 36.93 9.28
N SER B 119 -16.37 35.68 9.38
CA SER B 119 -15.84 34.59 8.56
C SER B 119 -16.09 34.84 7.07
N ALA B 120 -17.12 35.61 6.71
CA ALA B 120 -17.29 36.01 5.32
C ALA B 120 -16.03 36.66 4.71
N ALA B 121 -15.25 37.40 5.50
CA ALA B 121 -14.03 38.04 4.99
C ALA B 121 -12.91 37.07 4.57
N GLY B 122 -12.96 35.83 5.07
CA GLY B 122 -11.99 34.80 4.69
C GLY B 122 -12.44 33.94 3.51
N ALA B 123 -13.57 34.28 2.90
CA ALA B 123 -14.10 33.50 1.74
C ALA B 123 -13.43 33.91 0.44
N ALA B 124 -13.03 32.91 -0.35
CA ALA B 124 -12.46 33.14 -1.67
C ALA B 124 -13.51 33.80 -2.57
N PHE B 125 -14.73 33.25 -2.51
CA PHE B 125 -15.89 33.78 -3.25
C PHE B 125 -17.00 34.19 -2.30
N LEU B 126 -17.36 35.48 -2.32
CA LEU B 126 -18.45 36.01 -1.53
C LEU B 126 -19.56 36.39 -2.49
N VAL B 127 -20.75 35.84 -2.25
CA VAL B 127 -21.92 36.18 -3.03
C VAL B 127 -22.84 36.99 -2.14
N ALA B 128 -23.01 38.25 -2.50
CA ALA B 128 -23.81 39.15 -1.69
C ALA B 128 -24.43 40.23 -2.56
N ARG B 129 -25.72 40.45 -2.32
CA ARG B 129 -26.45 41.54 -2.92
C ARG B 129 -27.73 41.71 -2.14
N GLU B 130 -28.02 42.94 -1.74
CA GLU B 130 -29.28 43.21 -1.04
C GLU B 130 -30.24 43.88 -2.01
N GLY B 131 -31.42 44.25 -1.53
CA GLY B 131 -32.48 44.73 -2.41
C GLY B 131 -33.21 43.59 -3.10
N SER B 132 -33.91 43.91 -4.17
CA SER B 132 -34.79 42.98 -4.86
C SER B 132 -34.47 42.97 -6.35
N PRO B 133 -34.71 41.85 -7.04
CA PRO B 133 -35.10 40.55 -6.47
C PRO B 133 -33.88 39.91 -5.81
N ARG B 134 -34.08 38.75 -5.22
CA ARG B 134 -32.95 37.97 -4.72
C ARG B 134 -32.03 37.60 -5.88
N ILE B 135 -30.74 37.67 -5.63
CA ILE B 135 -29.73 37.16 -6.55
C ILE B 135 -30.07 35.70 -6.88
N SER B 136 -29.98 35.36 -8.15
CA SER B 136 -30.52 34.09 -8.63
C SER B 136 -29.63 33.40 -9.64
N SER B 137 -29.66 32.07 -9.58
CA SER B 137 -29.04 31.21 -10.60
C SER B 137 -27.55 31.45 -10.88
N VAL B 138 -26.81 31.78 -9.83
CA VAL B 138 -25.37 31.68 -9.83
C VAL B 138 -24.99 30.18 -9.82
N GLU B 139 -23.99 29.83 -10.64
CA GLU B 139 -23.53 28.47 -10.80
C GLU B 139 -22.02 28.38 -10.56
N PHE B 140 -21.59 27.44 -9.70
CA PHE B 140 -20.19 27.09 -9.54
C PHE B 140 -20.02 25.63 -10.01
N SER B 141 -19.09 25.39 -10.94
CA SER B 141 -18.97 24.06 -11.57
C SER B 141 -17.54 23.59 -11.79
N ASN B 142 -17.25 22.40 -11.28
CA ASN B 142 -16.09 21.62 -11.69
C ASN B 142 -14.74 22.33 -11.58
N PHE B 143 -14.54 23.00 -10.45
CA PHE B 143 -13.21 23.53 -10.15
C PHE B 143 -12.85 23.22 -8.71
N CYS B 144 -11.62 23.57 -8.36
CA CYS B 144 -11.02 23.20 -7.08
C CYS B 144 -10.76 24.45 -6.27
N ILE B 145 -11.18 24.43 -5.00
CA ILE B 145 -10.82 25.45 -4.03
C ILE B 145 -10.02 24.80 -2.87
N ASP B 146 -8.81 25.33 -2.63
CA ASP B 146 -7.80 24.74 -1.77
C ASP B 146 -7.32 25.80 -0.75
N GLY B 147 -7.52 25.54 0.54
CA GLY B 147 -7.02 26.45 1.58
C GLY B 147 -5.58 26.20 1.99
N LEU B 148 -4.92 25.28 1.31
CA LEU B 148 -3.48 25.04 1.36
C LEU B 148 -2.97 24.39 2.65
N HIS B 149 -3.19 25.03 3.79
CA HIS B 149 -2.67 24.57 5.09
C HIS B 149 -3.68 24.78 6.20
N PHE B 150 -3.63 23.92 7.22
CA PHE B 150 -4.24 24.20 8.50
C PHE B 150 -3.14 24.68 9.44
N THR B 151 -3.52 25.49 10.43
CA THR B 151 -2.54 26.18 11.28
C THR B 151 -2.75 25.91 12.76
N ALA B 152 -1.72 26.16 13.55
CA ALA B 152 -1.78 25.88 14.98
C ALA B 152 -2.91 26.64 15.65
N ASP B 153 -3.60 25.99 16.58
CA ASP B 153 -4.77 26.58 17.26
C ASP B 153 -4.87 26.33 18.77
N GLY B 154 -3.82 25.84 19.40
CA GLY B 154 -3.89 25.45 20.82
C GLY B 154 -4.64 24.17 21.15
N SER B 155 -5.00 23.39 20.13
CA SER B 155 -5.67 22.10 20.31
C SER B 155 -4.76 20.95 20.75
N GLY B 156 -3.44 21.12 20.64
CA GLY B 156 -2.49 20.03 20.89
C GLY B 156 -2.23 19.14 19.66
N ARG B 157 -2.99 19.30 18.59
CA ARG B 157 -2.75 18.53 17.36
C ARG B 157 -1.58 19.13 16.60
N HIS B 158 -0.97 18.36 15.71
CA HIS B 158 -0.04 18.95 14.74
C HIS B 158 -0.79 20.02 13.93
N PRO B 159 -0.13 21.13 13.59
CA PRO B 159 -0.79 22.20 12.85
C PRO B 159 -1.62 21.78 11.62
N GLU B 160 -1.10 20.88 10.79
CA GLU B 160 -1.84 20.48 9.58
C GLU B 160 -3.04 19.58 9.87
N ASN B 161 -3.20 19.14 11.11
CA ASN B 161 -4.35 18.34 11.50
C ASN B 161 -5.38 19.11 12.33
N THR B 162 -5.25 20.44 12.44
CA THR B 162 -6.20 21.16 13.29
C THR B 162 -7.55 21.46 12.63
N TYR B 163 -7.62 21.41 11.30
CA TYR B 163 -8.80 21.88 10.54
C TYR B 163 -9.12 23.35 10.76
N ALA B 164 -8.13 24.11 11.20
CA ALA B 164 -8.28 25.54 11.38
C ALA B 164 -7.43 26.44 10.50
N ASN B 165 -8.09 27.28 9.71
CA ASN B 165 -7.42 28.38 9.01
C ASN B 165 -8.22 29.65 8.74
N GLY B 166 -9.48 29.69 9.16
CA GLY B 166 -10.32 30.86 8.92
C GLY B 166 -10.72 31.12 7.47
N LYS B 167 -10.48 30.14 6.59
CA LYS B 167 -10.78 30.29 5.17
C LYS B 167 -12.08 29.57 4.80
N THR B 168 -12.85 30.21 3.93
CA THR B 168 -14.05 29.63 3.33
C THR B 168 -13.85 29.53 1.81
N GLY B 169 -14.47 28.51 1.20
CA GLY B 169 -14.41 28.37 -0.24
C GLY B 169 -15.39 29.32 -0.91
N ILE B 170 -16.67 29.07 -0.66
CA ILE B 170 -17.78 29.88 -1.18
C ILE B 170 -18.71 30.22 -0.01
N HIS B 171 -18.96 31.52 0.15
CA HIS B 171 -19.85 32.04 1.17
C HIS B 171 -20.93 32.87 0.49
N VAL B 172 -22.20 32.48 0.66
CA VAL B 172 -23.32 33.23 0.11
C VAL B 172 -23.99 33.90 1.30
N ALA B 173 -23.89 35.23 1.35
CA ALA B 173 -24.42 36.00 2.50
C ALA B 173 -25.87 36.40 2.37
N SER B 174 -26.36 36.49 1.14
CA SER B 174 -27.66 37.09 0.88
C SER B 174 -28.67 36.07 0.44
N ALA B 175 -29.94 36.37 0.67
CA ALA B 175 -31.04 35.54 0.16
C ALA B 175 -30.87 35.25 -1.33
N ASN B 176 -31.04 33.99 -1.71
CA ASN B 176 -30.71 33.54 -3.03
C ASN B 176 -31.73 32.52 -3.50
N ASP B 177 -31.86 32.40 -4.82
CA ASP B 177 -32.82 31.52 -5.45
C ASP B 177 -32.16 30.76 -6.63
N SER B 178 -32.41 29.45 -6.68
CA SER B 178 -31.99 28.62 -7.83
C SER B 178 -30.47 28.55 -8.02
N PHE B 179 -29.69 28.68 -6.94
CA PHE B 179 -28.24 28.53 -7.02
C PHE B 179 -27.87 27.08 -7.27
N ARG B 180 -26.70 26.87 -7.89
CA ARG B 180 -26.13 25.54 -8.09
C ARG B 180 -24.66 25.49 -7.74
N VAL B 181 -24.27 24.43 -7.02
CA VAL B 181 -22.87 24.11 -6.80
C VAL B 181 -22.73 22.64 -7.20
N THR B 182 -21.96 22.41 -8.27
CA THR B 182 -21.86 21.08 -8.87
C THR B 182 -20.44 20.72 -9.27
N ASP B 183 -20.11 19.43 -9.11
CA ASP B 183 -18.84 18.91 -9.60
C ASP B 183 -17.58 19.56 -9.00
N MET B 184 -17.72 20.29 -7.89
CA MET B 184 -16.58 20.96 -7.28
C MET B 184 -15.69 19.98 -6.52
N GLY B 185 -14.48 20.46 -6.25
CA GLY B 185 -13.54 19.91 -5.27
C GLY B 185 -13.24 21.01 -4.27
N PHE B 186 -13.43 20.73 -2.99
CA PHE B 186 -12.99 21.61 -1.89
C PHE B 186 -12.04 20.80 -0.98
N VAL B 187 -10.95 21.44 -0.55
CA VAL B 187 -9.93 20.78 0.25
C VAL B 187 -9.20 21.79 1.14
N TYR B 188 -8.99 21.41 2.40
CA TYR B 188 -8.16 22.18 3.33
C TYR B 188 -8.68 23.58 3.62
N LEU B 189 -10.01 23.68 3.70
CA LEU B 189 -10.70 24.91 4.08
C LEU B 189 -11.37 24.70 5.42
N GLU B 190 -11.31 25.71 6.30
CA GLU B 190 -12.04 25.63 7.54
C GLU B 190 -13.55 25.46 7.31
N ASN B 191 -14.07 26.17 6.29
CA ASN B 191 -15.45 25.98 5.83
C ASN B 191 -15.43 25.87 4.32
N ALA B 192 -15.95 24.78 3.76
CA ALA B 192 -16.00 24.68 2.31
C ALA B 192 -17.06 25.61 1.70
N LEU B 193 -18.29 25.44 2.15
CA LEU B 193 -19.44 26.00 1.49
C LEU B 193 -20.47 26.41 2.51
N THR B 194 -20.71 27.73 2.60
CA THR B 194 -21.66 28.26 3.57
C THR B 194 -22.65 29.13 2.82
N ILE B 195 -23.92 28.77 2.85
CA ILE B 195 -24.95 29.46 2.10
C ILE B 195 -26.10 29.84 3.04
N HIS B 196 -26.30 31.15 3.17
CA HIS B 196 -27.40 31.72 3.95
C HIS B 196 -28.66 31.91 3.12
N LYS B 197 -29.83 31.68 3.72
CA LYS B 197 -31.10 32.15 3.15
C LYS B 197 -31.36 31.58 1.73
N ALA B 198 -31.15 30.27 1.58
CA ALA B 198 -31.24 29.62 0.27
C ALA B 198 -32.65 29.15 -0.03
N ASP B 199 -33.08 29.39 -1.26
CA ASP B 199 -34.35 28.89 -1.80
C ASP B 199 -34.02 28.10 -3.06
N ALA B 200 -34.53 26.88 -3.13
CA ALA B 200 -34.41 26.04 -4.32
C ALA B 200 -32.95 25.91 -4.83
N LEU B 201 -32.07 25.73 -3.85
CA LEU B 201 -30.65 25.50 -4.06
C LEU B 201 -30.40 24.02 -4.37
N SER B 202 -29.45 23.75 -5.27
CA SER B 202 -28.95 22.37 -5.52
C SER B 202 -27.43 22.29 -5.34
N ILE B 203 -27.01 21.48 -4.36
CA ILE B 203 -25.60 21.15 -4.12
C ILE B 203 -25.48 19.69 -4.53
N HIS B 204 -24.90 19.46 -5.70
CA HIS B 204 -24.99 18.16 -6.37
C HIS B 204 -23.67 17.68 -6.92
N HIS B 205 -23.33 16.43 -6.62
CA HIS B 205 -22.17 15.76 -7.18
C HIS B 205 -20.83 16.48 -6.98
N ASN B 206 -20.63 16.95 -5.75
CA ASN B 206 -19.37 17.52 -5.35
C ASN B 206 -18.51 16.58 -4.54
N PHE B 207 -17.26 16.98 -4.39
CA PHE B 207 -16.26 16.28 -3.57
C PHE B 207 -15.74 17.27 -2.56
N ILE B 208 -16.23 17.13 -1.33
CA ILE B 208 -16.03 18.17 -0.29
C ILE B 208 -15.39 17.46 0.89
N ALA B 209 -14.06 17.56 1.00
CA ALA B 209 -13.34 16.73 1.95
C ALA B 209 -12.15 17.42 2.56
N GLU B 210 -11.79 16.95 3.75
CA GLU B 210 -10.65 17.49 4.49
C GLU B 210 -10.83 18.99 4.71
N CYS B 211 -12.08 19.35 5.02
CA CYS B 211 -12.46 20.70 5.40
C CYS B 211 -13.01 20.64 6.83
N GLY B 212 -12.83 21.70 7.62
CA GLY B 212 -13.32 21.74 8.99
C GLY B 212 -14.80 21.42 9.07
N SER B 213 -15.56 22.17 8.28
CA SER B 213 -16.97 21.95 8.01
C SER B 213 -17.13 21.98 6.51
N CYS B 214 -18.03 21.15 5.99
CA CYS B 214 -18.23 21.07 4.56
C CYS B 214 -19.41 21.96 4.11
N ILE B 215 -20.64 21.48 4.24
CA ILE B 215 -21.83 22.22 3.82
C ILE B 215 -22.59 22.76 5.00
N GLU B 216 -22.78 24.08 5.05
CA GLU B 216 -23.60 24.70 6.10
C GLU B 216 -24.63 25.58 5.42
N LEU B 217 -25.90 25.27 5.67
CA LEU B 217 -27.01 26.08 5.17
C LEU B 217 -27.56 26.86 6.35
N ARG B 218 -27.31 28.17 6.33
CA ARG B 218 -27.58 29.01 7.51
C ARG B 218 -28.72 29.98 7.33
N GLY B 219 -29.21 30.47 8.47
CA GLY B 219 -30.28 31.47 8.53
C GLY B 219 -31.59 30.78 8.45
N TRP B 220 -32.03 30.59 7.21
CA TRP B 220 -33.22 29.81 6.88
C TRP B 220 -33.10 29.36 5.44
N GLY B 221 -34.08 28.58 5.02
CA GLY B 221 -34.15 28.21 3.63
C GLY B 221 -35.34 27.33 3.32
N GLN B 222 -35.54 27.11 2.04
CA GLN B 222 -36.64 26.26 1.61
C GLN B 222 -36.33 25.54 0.31
N ALA B 223 -37.02 24.41 0.13
CA ALA B 223 -37.11 23.69 -1.14
C ALA B 223 -35.76 23.40 -1.79
N SER B 224 -34.76 23.09 -0.95
CA SER B 224 -33.42 22.85 -1.45
C SER B 224 -33.05 21.37 -1.46
N LYS B 225 -31.91 21.05 -2.07
CA LYS B 225 -31.45 19.66 -2.12
C LYS B 225 -29.94 19.54 -2.12
N ILE B 226 -29.50 18.49 -1.43
CA ILE B 226 -28.11 18.13 -1.30
C ILE B 226 -28.04 16.68 -1.73
N THR B 227 -27.49 16.44 -2.91
CA THR B 227 -27.54 15.13 -3.52
C THR B 227 -26.21 14.66 -4.14
N ASP B 228 -25.91 13.38 -3.97
CA ASP B 228 -24.81 12.75 -4.76
C ASP B 228 -23.43 13.34 -4.46
N ASN B 229 -23.25 13.82 -3.22
CA ASN B 229 -21.96 14.33 -2.80
C ASN B 229 -21.14 13.30 -2.03
N LEU B 230 -19.83 13.46 -2.16
CA LEU B 230 -18.85 12.79 -1.32
C LEU B 230 -18.36 13.85 -0.35
N VAL B 231 -18.50 13.58 0.95
CA VAL B 231 -18.32 14.58 2.01
C VAL B 231 -17.55 14.03 3.19
N GLY B 232 -16.51 14.75 3.64
CA GLY B 232 -15.80 14.40 4.88
C GLY B 232 -15.25 15.64 5.56
N ALA B 233 -15.63 15.84 6.80
CA ALA B 233 -15.32 17.04 7.55
C ALA B 233 -14.31 16.73 8.67
N GLY B 234 -14.19 17.65 9.63
CA GLY B 234 -13.26 17.53 10.74
C GLY B 234 -14.01 17.47 12.07
N PRO B 235 -13.32 17.04 13.14
CA PRO B 235 -14.03 16.59 14.37
C PRO B 235 -14.75 17.64 15.18
N ARG B 236 -14.51 18.92 14.89
CA ARG B 236 -15.27 20.01 15.52
C ARG B 236 -16.30 20.64 14.59
N GLY B 237 -16.44 20.11 13.38
CA GLY B 237 -17.24 20.72 12.34
C GLY B 237 -18.36 19.86 11.81
N HIS B 238 -19.11 20.45 10.90
CA HIS B 238 -20.27 19.81 10.29
C HIS B 238 -19.94 19.21 8.92
N SER B 239 -20.50 18.06 8.62
CA SER B 239 -20.46 17.53 7.26
C SER B 239 -21.57 18.18 6.43
N ILE B 240 -22.80 17.96 6.86
CA ILE B 240 -24.00 18.61 6.32
C ILE B 240 -24.76 19.22 7.50
N TYR B 241 -24.96 20.55 7.45
CA TYR B 241 -25.64 21.31 8.50
C TYR B 241 -26.71 22.18 7.85
N ALA B 242 -27.88 22.23 8.49
CA ALA B 242 -28.92 23.15 8.08
C ALA B 242 -29.67 23.65 9.27
N GLU B 243 -30.08 24.93 9.19
CA GLU B 243 -30.92 25.53 10.21
C GLU B 243 -32.10 26.27 9.60
N ASN B 244 -33.26 26.10 10.23
CA ASN B 244 -34.49 26.75 9.83
C ASN B 244 -34.79 26.58 8.34
N HIS B 245 -34.54 25.37 7.84
CA HIS B 245 -34.92 24.96 6.50
C HIS B 245 -36.21 24.18 6.55
N GLY B 246 -37.09 24.41 5.57
CA GLY B 246 -38.23 23.55 5.33
C GLY B 246 -38.09 22.91 3.95
N GLY B 247 -38.53 21.66 3.84
CA GLY B 247 -38.53 21.00 2.52
C GLY B 247 -37.17 20.74 1.92
N LEU B 248 -36.18 20.50 2.75
CA LEU B 248 -34.86 20.13 2.31
C LEU B 248 -34.82 18.62 2.01
N LEU B 249 -34.14 18.27 0.93
CA LEU B 249 -33.93 16.85 0.56
C LEU B 249 -32.44 16.55 0.55
N VAL B 250 -32.02 15.65 1.42
CA VAL B 250 -30.63 15.22 1.55
C VAL B 250 -30.60 13.74 1.18
N THR B 251 -30.06 13.42 0.02
CA THR B 251 -30.13 12.05 -0.45
C THR B 251 -28.98 11.67 -1.35
N ALA B 252 -28.66 10.38 -1.36
CA ALA B 252 -27.64 9.80 -2.21
C ALA B 252 -26.21 10.34 -1.97
N ASN B 253 -25.94 10.82 -0.74
CA ASN B 253 -24.61 11.24 -0.36
C ASN B 253 -23.87 10.09 0.27
N ASN B 254 -22.55 10.10 0.10
CA ASN B 254 -21.65 9.23 0.80
C ASN B 254 -20.80 10.13 1.69
N VAL B 255 -21.16 10.12 2.97
CA VAL B 255 -20.56 10.94 3.99
C VAL B 255 -19.63 10.04 4.82
N PHE B 256 -18.36 10.35 4.78
CA PHE B 256 -17.33 9.59 5.46
C PHE B 256 -16.72 10.47 6.54
N PRO B 257 -15.81 9.91 7.36
CA PRO B 257 -15.30 10.71 8.48
C PRO B 257 -14.48 11.93 8.04
N ARG B 258 -14.23 12.90 8.93
CA ARG B 258 -14.38 12.77 10.38
C ARG B 258 -15.04 14.01 10.99
N GLY B 259 -16.15 14.41 10.40
CA GLY B 259 -16.98 15.44 10.99
C GLY B 259 -17.47 15.09 12.40
N ALA B 260 -17.80 16.12 13.17
CA ALA B 260 -18.47 15.93 14.45
C ALA B 260 -19.76 15.10 14.26
N SER B 261 -20.44 15.37 13.14
CA SER B 261 -21.65 14.68 12.75
C SER B 261 -21.65 14.54 11.24
N SER B 262 -22.56 13.71 10.76
CA SER B 262 -22.81 13.51 9.34
C SER B 262 -23.87 14.49 8.85
N VAL B 263 -24.98 14.58 9.60
CA VAL B 263 -26.07 15.49 9.26
C VAL B 263 -26.56 16.11 10.54
N HIS B 264 -26.66 17.44 10.57
CA HIS B 264 -27.01 18.17 11.79
C HIS B 264 -28.04 19.22 11.42
N PHE B 265 -29.22 19.08 12.02
CA PHE B 265 -30.36 19.98 11.79
C PHE B 265 -30.68 20.75 13.05
N LYS B 266 -30.88 22.06 12.93
CA LYS B 266 -31.45 22.91 14.00
C LYS B 266 -32.69 23.61 13.45
N GLY B 267 -33.85 23.29 14.00
CA GLY B 267 -35.13 23.89 13.57
C GLY B 267 -35.50 23.55 12.14
N VAL B 268 -35.15 22.36 11.69
CA VAL B 268 -35.43 21.95 10.32
C VAL B 268 -36.74 21.17 10.34
N THR B 269 -37.64 21.50 9.42
CA THR B 269 -38.97 20.90 9.39
C THR B 269 -39.28 20.34 8.03
N ARG B 270 -40.12 19.32 8.01
CA ARG B 270 -40.76 18.86 6.78
C ARG B 270 -39.73 18.55 5.68
N SER B 271 -38.65 17.91 6.10
CA SER B 271 -37.50 17.60 5.25
C SER B 271 -37.23 16.09 5.26
N SER B 272 -36.32 15.68 4.38
CA SER B 272 -36.00 14.26 4.21
C SER B 272 -34.49 14.03 4.14
N VAL B 273 -34.01 13.12 5.00
CA VAL B 273 -32.63 12.64 5.05
C VAL B 273 -32.76 11.16 4.79
N THR B 274 -32.64 10.81 3.50
CA THR B 274 -33.02 9.49 3.03
C THR B 274 -32.01 8.94 2.05
N ASN B 275 -31.70 7.66 2.19
CA ASN B 275 -30.82 6.97 1.25
C ASN B 275 -29.44 7.59 1.12
N ASN B 276 -28.82 7.83 2.27
CA ASN B 276 -27.42 8.23 2.33
C ASN B 276 -26.61 7.09 2.98
N ARG B 277 -25.34 7.02 2.60
CA ARG B 277 -24.36 6.20 3.30
C ARG B 277 -23.60 7.12 4.21
N LEU B 278 -23.63 6.80 5.53
CA LEU B 278 -23.06 7.66 6.56
C LEU B 278 -22.09 6.85 7.39
N HIS B 279 -20.86 7.32 7.49
CA HIS B 279 -19.81 6.67 8.26
C HIS B 279 -19.16 7.68 9.18
N ALA B 280 -19.18 7.40 10.47
CA ALA B 280 -18.56 8.25 11.47
C ALA B 280 -17.66 7.45 12.39
N PHE B 281 -16.71 8.17 12.99
CA PHE B 281 -15.86 7.64 14.04
C PHE B 281 -16.32 8.02 15.46
N TYR B 282 -17.46 8.71 15.58
CA TYR B 282 -17.94 9.24 16.85
C TYR B 282 -19.45 9.11 16.91
N PRO B 283 -20.02 9.12 18.14
CA PRO B 283 -21.48 9.20 18.29
C PRO B 283 -22.02 10.54 17.78
N GLY B 284 -23.34 10.65 17.66
CA GLY B 284 -24.02 11.86 17.22
C GLY B 284 -23.89 12.11 15.72
N MET B 285 -24.11 11.05 14.94
CA MET B 285 -23.99 11.12 13.49
C MET B 285 -25.08 11.95 12.82
N VAL B 286 -26.33 11.75 13.23
CA VAL B 286 -27.45 12.49 12.70
C VAL B 286 -28.18 13.10 13.88
N ARG B 287 -28.22 14.44 13.91
CA ARG B 287 -28.75 15.20 15.03
C ARG B 287 -29.91 16.06 14.54
N LEU B 288 -31.10 15.83 15.09
CA LEU B 288 -32.27 16.65 14.80
C LEU B 288 -32.51 17.38 16.10
N GLU B 289 -32.28 18.69 16.09
CA GLU B 289 -32.26 19.49 17.32
C GLU B 289 -33.17 20.69 17.21
N GLU B 290 -33.53 21.23 18.36
CA GLU B 290 -34.26 22.51 18.45
C GLU B 290 -35.53 22.51 17.59
N ASN B 291 -36.45 21.62 17.94
CA ASN B 291 -37.76 21.54 17.29
C ASN B 291 -37.60 21.19 15.83
N SER B 292 -36.81 20.15 15.53
CA SER B 292 -36.73 19.63 14.16
C SER B 292 -37.82 18.61 14.02
N SER B 293 -38.85 18.94 13.23
CA SER B 293 -40.11 18.24 13.25
C SER B 293 -40.58 17.81 11.87
N GLU B 294 -41.36 16.73 11.85
CA GLU B 294 -42.02 16.28 10.61
C GLU B 294 -41.01 15.93 9.51
N ASN B 295 -39.87 15.40 9.91
CA ASN B 295 -38.83 14.99 8.97
C ASN B 295 -38.83 13.49 8.76
N LEU B 296 -38.47 13.06 7.56
CA LEU B 296 -38.30 11.64 7.23
C LEU B 296 -36.81 11.34 7.25
N VAL B 297 -36.44 10.30 8.02
CA VAL B 297 -35.08 9.79 8.08
C VAL B 297 -35.20 8.31 7.71
N ALA B 298 -34.92 7.99 6.45
CA ALA B 298 -35.28 6.68 5.92
C ALA B 298 -34.18 6.06 5.11
N THR B 299 -34.09 4.72 5.19
CA THR B 299 -33.21 3.91 4.35
C THR B 299 -31.79 4.47 4.18
N ASN B 300 -31.24 4.96 5.28
CA ASN B 300 -29.84 5.33 5.36
C ASN B 300 -29.06 4.15 5.90
N HIS B 301 -27.79 4.07 5.50
CA HIS B 301 -26.87 3.12 6.08
C HIS B 301 -25.93 3.88 7.03
N PHE B 302 -26.04 3.59 8.33
CA PHE B 302 -25.19 4.20 9.38
C PHE B 302 -24.10 3.18 9.76
N LEU B 303 -22.84 3.61 9.75
CA LEU B 303 -21.73 2.88 10.37
C LEU B 303 -21.04 3.81 11.36
N ARG B 304 -20.96 3.41 12.62
CA ARG B 304 -20.12 4.06 13.61
C ARG B 304 -19.07 3.06 14.03
N ASP B 305 -17.81 3.46 13.92
CA ASP B 305 -16.70 2.65 14.40
C ASP B 305 -15.59 3.52 14.92
N HIS B 306 -14.44 2.94 15.24
CA HIS B 306 -13.36 3.73 15.86
C HIS B 306 -12.37 4.20 14.79
N GLU B 307 -11.89 5.41 14.92
CA GLU B 307 -10.81 5.94 14.05
C GLU B 307 -9.67 4.93 14.00
N PRO B 308 -9.25 4.50 12.78
CA PRO B 308 -8.14 3.54 12.67
C PRO B 308 -6.78 4.15 12.27
N TRP B 309 -6.74 5.46 12.06
CA TRP B 309 -5.53 6.12 11.52
C TRP B 309 -4.81 6.86 12.65
N THR B 310 -3.56 6.46 12.91
CA THR B 310 -2.81 6.96 14.05
C THR B 310 -2.84 8.47 14.35
N PRO B 311 -2.65 9.34 13.33
CA PRO B 311 -2.63 10.77 13.62
C PRO B 311 -3.88 11.30 14.34
N PHE B 312 -5.00 10.63 14.16
CA PHE B 312 -6.28 11.07 14.75
C PHE B 312 -6.88 10.04 15.74
N PHE B 313 -6.14 8.98 16.07
CA PHE B 313 -6.69 7.89 16.88
C PHE B 313 -7.34 8.36 18.21
N GLY B 314 -6.69 9.32 18.90
CA GLY B 314 -7.22 9.87 20.16
C GLY B 314 -8.02 11.18 20.06
N VAL B 315 -8.38 11.57 18.84
CA VAL B 315 -9.15 12.81 18.59
C VAL B 315 -10.60 12.43 18.42
N ASP B 316 -11.50 13.19 19.03
CA ASP B 316 -12.92 12.90 18.93
C ASP B 316 -13.78 14.14 19.03
N ASN B 317 -15.09 13.96 18.96
CA ASN B 317 -16.03 15.08 18.97
C ASN B 317 -16.60 15.43 20.35
N GLY B 318 -16.04 14.85 21.42
CA GLY B 318 -16.46 15.16 22.78
C GLY B 318 -17.67 14.40 23.30
N LEU B 319 -18.32 13.61 22.46
CA LEU B 319 -19.60 12.98 22.81
C LEU B 319 -19.45 11.52 23.20
N ASP B 320 -20.15 11.10 24.24
CA ASP B 320 -20.04 9.73 24.73
C ASP B 320 -21.05 8.81 24.03
N ASP B 321 -20.94 7.52 24.32
CA ASP B 321 -21.73 6.50 23.61
C ASP B 321 -23.21 6.42 24.01
N LEU B 322 -23.61 7.18 25.04
CA LEU B 322 -25.04 7.34 25.37
C LEU B 322 -25.75 8.38 24.50
N THR B 323 -24.98 9.16 23.73
CA THR B 323 -25.52 10.19 22.86
C THR B 323 -26.53 9.64 21.86
N GLY B 324 -26.21 8.49 21.28
CA GLY B 324 -27.00 7.99 20.15
C GLY B 324 -26.26 8.23 18.84
N LEU B 325 -26.44 7.35 17.87
CA LEU B 325 -26.05 7.61 16.50
C LEU B 325 -27.01 8.56 15.81
N LEU B 326 -28.31 8.39 16.10
CA LEU B 326 -29.35 9.27 15.62
C LEU B 326 -30.05 9.82 16.84
N SER B 327 -30.09 11.15 16.97
CA SER B 327 -30.69 11.81 18.15
C SER B 327 -31.73 12.78 17.67
N ILE B 328 -32.93 12.72 18.27
CA ILE B 328 -34.07 13.52 17.83
C ILE B 328 -34.67 14.31 18.98
N SER B 329 -34.76 15.63 18.78
CA SER B 329 -35.47 16.54 19.66
C SER B 329 -36.46 17.30 18.76
N GLY B 330 -37.71 16.87 18.77
CA GLY B 330 -38.75 17.44 17.89
C GLY B 330 -39.91 16.49 17.73
N ASN B 331 -40.98 16.96 17.05
CA ASN B 331 -42.24 16.26 16.97
C ASN B 331 -42.46 15.63 15.62
N ASN B 332 -43.17 14.51 15.61
CA ASN B 332 -43.80 13.97 14.42
C ASN B 332 -42.84 13.56 13.29
N ASN B 333 -41.62 13.17 13.67
CA ASN B 333 -40.65 12.68 12.70
C ASN B 333 -40.93 11.22 12.35
N SER B 334 -40.29 10.76 11.29
CA SER B 334 -40.45 9.41 10.78
C SER B 334 -39.07 8.80 10.54
N VAL B 335 -38.76 7.73 11.24
CA VAL B 335 -37.47 7.05 11.17
C VAL B 335 -37.73 5.60 10.72
N ILE B 336 -37.50 5.33 9.45
CA ILE B 336 -38.01 4.13 8.80
C ILE B 336 -36.96 3.46 7.94
N GLY B 337 -36.73 2.17 8.16
CA GLY B 337 -35.96 1.38 7.19
C GLY B 337 -34.46 1.62 7.17
N ASN B 338 -33.90 2.16 8.24
CA ASN B 338 -32.45 2.38 8.30
C ASN B 338 -31.71 1.16 8.81
N HIS B 339 -30.45 1.06 8.40
CA HIS B 339 -29.50 0.08 8.91
C HIS B 339 -28.49 0.78 9.78
N PHE B 340 -28.26 0.26 10.98
CA PHE B 340 -27.24 0.78 11.88
C PHE B 340 -26.25 -0.32 12.21
N SER B 341 -24.97 -0.10 11.86
CA SER B 341 -23.86 -0.93 12.30
C SER B 341 -23.05 -0.16 13.36
N GLU B 342 -23.05 -0.71 14.58
CA GLU B 342 -22.29 -0.18 15.72
C GLU B 342 -21.13 -1.12 15.99
N VAL B 343 -19.91 -0.70 15.64
CA VAL B 343 -18.78 -1.61 15.59
C VAL B 343 -17.68 -0.99 16.45
N VAL B 344 -17.66 -1.35 17.72
CA VAL B 344 -16.77 -0.71 18.68
C VAL B 344 -16.14 -1.72 19.59
N ASP B 345 -14.99 -1.35 20.15
CA ASP B 345 -14.30 -2.13 21.16
C ASP B 345 -14.98 -1.83 22.49
N ALA B 346 -15.52 -2.85 23.15
CA ALA B 346 -16.21 -2.63 24.45
C ALA B 346 -15.37 -1.90 25.48
N ASN B 347 -14.06 -2.15 25.50
CA ASN B 347 -13.14 -1.43 26.43
C ASN B 347 -13.02 0.06 26.17
N GLU B 348 -13.29 0.49 24.92
CA GLU B 348 -13.25 1.90 24.52
C GLU B 348 -14.57 2.68 24.72
N ILE B 349 -15.65 1.99 25.09
CA ILE B 349 -16.95 2.62 25.37
C ILE B 349 -16.85 3.60 26.54
N ARG B 350 -17.48 4.76 26.38
CA ARG B 350 -17.52 5.83 27.39
C ARG B 350 -18.98 6.27 27.61
N PRO B 351 -19.38 6.49 28.87
CA PRO B 351 -18.57 6.19 30.06
C PRO B 351 -18.33 4.68 30.27
N GLU B 352 -17.33 4.38 31.09
CA GLU B 352 -17.01 3.03 31.52
C GLU B 352 -18.25 2.19 31.76
N GLY B 353 -18.32 1.03 31.10
CA GLY B 353 -19.40 0.08 31.35
C GLY B 353 -20.76 0.46 30.80
N ALA B 354 -20.87 1.56 30.04
CA ALA B 354 -22.18 2.00 29.52
C ALA B 354 -22.67 1.08 28.41
N THR B 355 -23.98 1.05 28.21
CA THR B 355 -24.59 0.34 27.07
C THR B 355 -24.80 1.39 25.97
N PRO B 356 -24.09 1.26 24.82
CA PRO B 356 -24.27 2.29 23.77
C PRO B 356 -25.70 2.44 23.28
N VAL B 357 -26.10 3.67 22.99
CA VAL B 357 -27.45 3.87 22.42
C VAL B 357 -27.38 4.20 20.96
N ILE B 358 -28.34 3.67 20.21
CA ILE B 358 -28.34 3.83 18.76
C ILE B 358 -29.28 4.97 18.34
N ILE B 359 -30.58 4.85 18.65
CA ILE B 359 -31.56 5.91 18.35
C ILE B 359 -32.02 6.49 19.68
N ARG B 360 -31.92 7.81 19.82
CA ARG B 360 -32.33 8.46 21.08
C ARG B 360 -33.34 9.52 20.77
N LEU B 361 -34.50 9.44 21.43
CA LEU B 361 -35.53 10.47 21.34
C LEU B 361 -35.45 11.27 22.64
N THR B 362 -34.91 12.48 22.57
CA THR B 362 -34.67 13.26 23.76
C THR B 362 -35.85 14.14 24.15
N ALA B 363 -36.65 14.54 23.17
CA ALA B 363 -37.81 15.41 23.41
C ALA B 363 -38.70 15.36 22.23
N GLY B 364 -39.98 15.61 22.46
CA GLY B 364 -40.96 15.67 21.38
C GLY B 364 -41.97 14.56 21.42
N THR B 365 -43.06 14.76 20.69
CA THR B 365 -44.11 13.76 20.63
C THR B 365 -44.38 13.29 19.22
N GLY B 366 -44.99 12.12 19.09
CA GLY B 366 -45.49 11.67 17.80
C GLY B 366 -44.45 11.13 16.84
N ASN B 367 -43.24 10.84 17.31
CA ASN B 367 -42.22 10.29 16.44
C ASN B 367 -42.55 8.81 16.12
N PHE B 368 -42.37 8.43 14.87
CA PHE B 368 -42.68 7.09 14.37
C PHE B 368 -41.37 6.46 13.92
N VAL B 369 -40.97 5.41 14.63
CA VAL B 369 -39.70 4.75 14.42
C VAL B 369 -40.04 3.30 14.09
N SER B 370 -39.77 2.88 12.86
CA SER B 370 -40.23 1.54 12.43
C SER B 370 -39.22 0.86 11.51
N THR B 371 -39.02 -0.44 11.72
CA THR B 371 -38.34 -1.30 10.73
C THR B 371 -36.88 -0.86 10.53
N ASN B 372 -36.16 -0.77 11.64
CA ASN B 372 -34.76 -0.40 11.63
C ASN B 372 -33.98 -1.59 12.14
N HIS B 373 -32.91 -1.92 11.45
CA HIS B 373 -32.08 -3.04 11.83
C HIS B 373 -30.82 -2.53 12.47
N VAL B 374 -30.61 -2.93 13.73
CA VAL B 374 -29.42 -2.62 14.50
C VAL B 374 -28.51 -3.83 14.61
N VAL B 375 -27.27 -3.65 14.18
CA VAL B 375 -26.24 -4.67 14.28
C VAL B 375 -25.12 -4.11 15.13
N ALA B 376 -24.77 -4.79 16.21
CA ALA B 376 -23.72 -4.29 17.09
C ALA B 376 -22.71 -5.39 17.38
N MET B 377 -21.43 -5.05 17.24
CA MET B 377 -20.31 -5.99 17.37
C MET B 377 -19.24 -5.40 18.24
N ASP B 378 -18.61 -6.28 19.03
CA ASP B 378 -17.48 -5.96 19.90
C ASP B 378 -16.19 -6.32 19.16
N VAL B 379 -15.41 -5.30 18.78
CA VAL B 379 -14.18 -5.50 17.98
C VAL B 379 -12.92 -5.03 18.72
N ASP B 380 -11.77 -5.14 18.07
CA ASP B 380 -10.51 -4.61 18.65
C ASP B 380 -10.38 -3.14 18.25
N ALA B 381 -9.32 -2.46 18.73
CA ALA B 381 -9.13 -1.03 18.39
C ALA B 381 -7.97 -0.81 17.41
N ALA B 382 -7.83 -1.68 16.42
CA ALA B 382 -6.60 -1.69 15.60
C ALA B 382 -6.38 -0.31 14.96
N SER B 383 -5.14 0.15 15.00
CA SER B 383 -4.70 1.47 14.52
C SER B 383 -3.58 1.20 13.52
N SER B 384 -3.34 2.11 12.60
CA SER B 384 -2.19 1.99 11.69
C SER B 384 -1.77 3.36 11.22
N ASP B 385 -0.48 3.54 10.96
CA ASP B 385 0.04 4.79 10.41
C ASP B 385 -0.34 5.04 8.96
N SER B 386 -0.74 4.00 8.22
CA SER B 386 -1.05 4.18 6.81
C SER B 386 -2.55 4.32 6.64
N ALA B 387 -2.96 5.45 6.07
CA ALA B 387 -4.36 5.85 6.08
C ALA B 387 -5.27 4.95 5.26
N PHE B 388 -5.01 4.78 3.97
CA PHE B 388 -6.02 4.07 3.14
C PHE B 388 -6.01 2.59 3.47
N GLU B 389 -4.84 2.08 3.84
CA GLU B 389 -4.75 0.70 4.28
C GLU B 389 -5.56 0.49 5.57
N ALA B 390 -5.38 1.35 6.57
CA ALA B 390 -6.08 1.26 7.85
C ALA B 390 -7.59 1.32 7.64
N GLN B 391 -7.99 2.23 6.76
CA GLN B 391 -9.39 2.50 6.52
C GLN B 391 -10.10 1.35 5.82
N VAL B 392 -9.47 0.83 4.76
CA VAL B 392 -10.04 -0.28 3.97
C VAL B 392 -10.09 -1.54 4.83
N ASP B 393 -9.00 -1.84 5.55
CA ASP B 393 -8.98 -3.04 6.39
C ASP B 393 -10.06 -3.01 7.49
N ALA B 394 -10.28 -1.83 8.08
CA ALA B 394 -11.30 -1.68 9.14
C ALA B 394 -12.72 -1.88 8.59
N LEU B 395 -13.00 -1.31 7.42
CA LEU B 395 -14.33 -1.51 6.79
C LEU B 395 -14.62 -2.98 6.46
N LEU B 396 -13.61 -3.72 6.02
CA LEU B 396 -13.80 -5.11 5.60
C LEU B 396 -13.78 -6.13 6.76
N ALA B 397 -13.32 -5.72 7.94
CA ALA B 397 -13.20 -6.63 9.09
C ALA B 397 -14.57 -6.78 9.77
N THR B 398 -15.18 -7.96 9.65
CA THR B 398 -16.46 -8.27 10.34
C THR B 398 -16.30 -9.47 11.29
N GLU B 399 -15.07 -9.69 11.76
CA GLU B 399 -14.74 -10.77 12.70
C GLU B 399 -15.03 -10.28 14.12
N ALA B 400 -16.15 -10.72 14.72
CA ALA B 400 -16.55 -10.19 16.03
C ALA B 400 -17.66 -10.91 16.79
N ALA B 401 -17.60 -10.75 18.11
CA ALA B 401 -18.62 -11.21 19.05
C ALA B 401 -19.71 -10.13 19.22
N ASP B 402 -20.87 -10.50 19.76
CA ASP B 402 -21.97 -9.56 19.96
C ASP B 402 -21.62 -8.48 21.01
N LEU B 403 -22.22 -7.32 20.81
CA LEU B 403 -22.15 -6.22 21.75
C LEU B 403 -23.59 -5.85 22.09
N ALA B 404 -23.93 -5.82 23.37
CA ALA B 404 -25.25 -5.41 23.79
C ALA B 404 -25.41 -3.90 23.61
N VAL B 405 -26.52 -3.49 23.00
CA VAL B 405 -26.80 -2.06 22.83
C VAL B 405 -28.26 -1.76 23.13
N THR B 406 -28.53 -0.48 23.32
CA THR B 406 -29.89 0.02 23.45
C THR B 406 -30.23 0.55 22.07
N ALA B 407 -31.08 -0.17 21.35
CA ALA B 407 -31.47 0.23 20.00
C ALA B 407 -32.25 1.52 19.96
N VAL B 408 -33.17 1.68 20.91
CA VAL B 408 -33.97 2.90 20.98
C VAL B 408 -34.08 3.29 22.43
N LEU B 409 -33.68 4.53 22.74
CA LEU B 409 -33.87 5.10 24.06
C LEU B 409 -34.83 6.27 23.94
N VAL B 410 -35.95 6.20 24.66
CA VAL B 410 -36.92 7.30 24.72
C VAL B 410 -36.80 7.97 26.07
N ASP B 411 -36.32 9.21 26.09
CA ASP B 411 -36.15 9.93 27.35
C ASP B 411 -37.54 10.32 27.86
N PRO B 412 -37.65 10.55 29.18
CA PRO B 412 -38.97 10.97 29.70
C PRO B 412 -39.48 12.28 29.10
N GLY B 413 -38.58 13.11 28.57
CA GLY B 413 -38.98 14.33 27.85
C GLY B 413 -39.65 14.13 26.50
N SER B 414 -39.73 12.88 26.03
CA SER B 414 -40.39 12.53 24.80
C SER B 414 -41.48 11.47 25.11
N ALA B 415 -42.65 11.58 24.49
CA ALA B 415 -43.76 10.65 24.74
C ALA B 415 -44.68 10.56 23.50
N ARG B 416 -45.62 9.63 23.54
CA ARG B 416 -46.59 9.46 22.44
C ARG B 416 -45.88 9.13 21.12
N ASN B 417 -44.81 8.36 21.22
CA ASN B 417 -44.07 7.89 20.08
C ASN B 417 -44.52 6.48 19.78
N THR B 418 -44.19 6.03 18.57
CA THR B 418 -44.49 4.69 18.11
C THR B 418 -43.18 4.07 17.67
N ILE B 419 -42.81 2.97 18.33
CA ILE B 419 -41.54 2.28 18.07
C ILE B 419 -41.88 0.85 17.66
N LEU B 420 -41.61 0.50 16.41
CA LEU B 420 -41.97 -0.83 15.86
C LEU B 420 -40.76 -1.50 15.26
N ASP B 421 -40.55 -2.78 15.59
CA ASP B 421 -39.56 -3.62 14.90
C ASP B 421 -38.23 -2.90 14.71
N SER B 422 -37.78 -2.27 15.79
CA SER B 422 -36.50 -1.56 15.82
C SER B 422 -35.63 -2.01 16.99
N GLY B 423 -35.95 -3.19 17.53
CA GLY B 423 -35.23 -3.74 18.66
C GLY B 423 -36.12 -4.69 19.47
N SER B 424 -35.47 -5.63 20.16
CA SER B 424 -36.15 -6.48 21.15
C SER B 424 -36.60 -5.62 22.33
N ASP B 425 -37.45 -6.18 23.19
CA ASP B 425 -37.89 -5.43 24.38
C ASP B 425 -36.73 -4.93 25.22
N THR B 426 -35.72 -5.77 25.43
CA THR B 426 -34.53 -5.36 26.20
C THR B 426 -33.79 -4.18 25.54
N GLN B 427 -33.77 -4.17 24.21
CA GLN B 427 -33.08 -3.14 23.43
C GLN B 427 -33.85 -1.81 23.33
N VAL B 428 -35.13 -1.77 23.73
CA VAL B 428 -35.94 -0.57 23.64
C VAL B 428 -36.19 -0.11 25.06
N VAL B 429 -35.56 0.99 25.44
CA VAL B 429 -35.67 1.55 26.80
C VAL B 429 -36.66 2.72 26.66
N ALA B 430 -37.87 2.53 27.17
CA ALA B 430 -38.94 3.48 26.98
C ALA B 430 -40.10 3.16 27.92
N ASP B 431 -40.83 4.20 28.30
CA ASP B 431 -42.04 4.06 29.10
C ASP B 431 -43.17 3.45 28.24
N ARG B 432 -43.52 2.20 28.53
CA ARG B 432 -44.57 1.50 27.77
C ARG B 432 -45.95 2.08 27.98
N ALA B 433 -46.17 2.80 29.08
CA ALA B 433 -47.50 3.37 29.35
C ALA B 433 -47.91 4.45 28.35
N VAL B 434 -46.92 5.18 27.83
CA VAL B 434 -47.16 6.42 27.10
C VAL B 434 -46.64 6.42 25.66
N ASN B 435 -46.07 5.31 25.22
CA ASN B 435 -45.61 5.13 23.85
C ASN B 435 -46.22 3.81 23.37
N ALA B 436 -46.30 3.64 22.06
CA ALA B 436 -46.76 2.44 21.41
C ALA B 436 -45.52 1.66 20.99
N ILE B 437 -45.30 0.50 21.60
CA ILE B 437 -44.06 -0.27 21.37
C ILE B 437 -44.38 -1.68 20.87
N ARG B 438 -43.83 -2.06 19.72
CA ARG B 438 -43.80 -3.47 19.29
C ARG B 438 -42.36 -3.91 19.17
N ALA B 439 -41.95 -4.84 20.00
CA ALA B 439 -40.60 -5.43 19.91
C ALA B 439 -40.46 -6.20 18.59
N THR B 440 -39.28 -6.13 18.01
CA THR B 440 -38.92 -7.03 16.94
C THR B 440 -39.07 -8.46 17.44
N PRO B 441 -39.81 -9.31 16.71
CA PRO B 441 -39.91 -10.74 17.08
C PRO B 441 -38.54 -11.39 17.21
N THR B 442 -38.38 -12.29 18.19
CA THR B 442 -37.11 -12.99 18.41
C THR B 442 -37.32 -14.50 18.59
N VAL B 443 -36.24 -15.27 18.44
CA VAL B 443 -36.22 -16.72 18.80
C VAL B 443 -35.13 -16.99 19.82
N PRO C 2 46.88 8.53 -17.24
CA PRO C 2 47.14 7.15 -17.36
C PRO C 2 46.01 6.56 -18.22
N SER C 3 46.42 5.94 -19.32
CA SER C 3 45.54 5.10 -20.10
C SER C 3 44.99 3.92 -19.29
N ASN C 4 45.63 3.56 -18.16
CA ASN C 4 45.16 2.41 -17.37
C ASN C 4 44.18 2.80 -16.25
N ASN C 5 43.73 4.05 -16.22
CA ASN C 5 42.64 4.46 -15.31
C ASN C 5 42.98 4.37 -13.82
N ARG C 6 44.27 4.48 -13.49
CA ARG C 6 44.75 4.48 -12.12
C ARG C 6 45.37 5.82 -11.80
N TYR C 7 44.91 6.42 -10.72
CA TYR C 7 45.42 7.71 -10.26
C TYR C 7 45.77 7.64 -8.79
N ASP C 8 46.78 8.41 -8.41
CA ASP C 8 47.22 8.55 -7.03
C ASP C 8 47.16 10.04 -6.79
N VAL C 9 46.42 10.46 -5.77
CA VAL C 9 46.27 11.89 -5.51
C VAL C 9 47.60 12.63 -5.25
N THR C 10 48.63 11.90 -4.80
CA THR C 10 49.93 12.53 -4.52
C THR C 10 50.81 12.62 -5.79
N GLU C 11 50.34 12.07 -6.90
CA GLU C 11 51.05 12.11 -8.18
C GLU C 11 50.37 12.99 -9.24
N TRP C 12 49.37 13.76 -8.86
CA TRP C 12 48.59 14.53 -9.80
C TRP C 12 49.34 15.81 -10.15
N PRO C 13 49.69 16.02 -11.43
CA PRO C 13 50.49 17.17 -11.82
C PRO C 13 49.88 18.47 -11.35
N ALA C 14 50.71 19.28 -10.70
CA ALA C 14 50.36 20.61 -10.20
C ALA C 14 49.34 20.59 -9.05
N GLY C 15 48.94 19.41 -8.59
CA GLY C 15 47.93 19.31 -7.55
C GLY C 15 48.57 19.38 -6.19
N ASN C 16 47.75 19.72 -5.18
CA ASN C 16 48.22 19.70 -3.82
C ASN C 16 47.12 19.16 -2.91
N PRO C 17 47.12 17.84 -2.70
CA PRO C 17 46.05 17.26 -1.90
C PRO C 17 46.12 17.60 -0.41
N ALA C 18 47.30 17.99 0.08
CA ALA C 18 47.39 18.49 1.46
C ALA C 18 46.51 19.72 1.59
N LYS C 19 46.51 20.56 0.56
CA LYS C 19 45.81 21.84 0.60
C LYS C 19 44.34 21.72 0.19
N ASP C 20 44.07 21.01 -0.90
CA ASP C 20 42.69 20.76 -1.31
C ASP C 20 42.60 19.52 -2.16
N ILE C 21 42.46 18.38 -1.49
CA ILE C 21 42.24 17.11 -2.18
C ILE C 21 40.94 17.09 -2.99
N GLY C 22 39.96 17.92 -2.62
CA GLY C 22 38.74 18.00 -3.40
C GLY C 22 38.97 18.49 -4.82
N GLU C 23 39.76 19.56 -4.94
CA GLU C 23 40.15 20.07 -6.26
C GLU C 23 40.93 19.00 -7.03
N VAL C 24 41.83 18.29 -6.35
CA VAL C 24 42.61 17.23 -6.99
C VAL C 24 41.71 16.14 -7.54
N ILE C 25 40.81 15.62 -6.71
CA ILE C 25 39.92 14.55 -7.16
C ILE C 25 38.94 14.99 -8.25
N ASN C 26 38.38 16.20 -8.14
CA ASN C 26 37.57 16.72 -9.25
C ASN C 26 38.35 16.85 -10.57
N SER C 27 39.61 17.28 -10.48
CA SER C 27 40.45 17.41 -11.67
C SER C 27 40.71 16.00 -12.27
N ILE C 28 40.93 14.99 -11.44
CA ILE C 28 41.08 13.61 -11.92
C ILE C 28 39.80 13.11 -12.60
N ILE C 29 38.66 13.36 -11.96
CA ILE C 29 37.37 12.98 -12.55
C ILE C 29 37.17 13.62 -13.93
N ALA C 30 37.53 14.89 -14.07
CA ALA C 30 37.44 15.54 -15.38
C ALA C 30 38.36 14.87 -16.42
N ASP C 31 39.54 14.47 -15.98
CA ASP C 31 40.49 13.73 -16.83
C ASP C 31 39.89 12.40 -17.28
N ILE C 32 39.26 11.67 -16.35
CA ILE C 32 38.62 10.39 -16.70
C ILE C 32 37.55 10.61 -17.78
N LYS C 33 36.70 11.60 -17.54
CA LYS C 33 35.61 11.90 -18.47
C LYS C 33 36.10 12.29 -19.86
N ALA C 34 37.19 13.05 -19.92
CA ALA C 34 37.77 13.46 -21.21
C ALA C 34 38.22 12.24 -22.01
N ARG C 35 38.79 11.26 -21.32
CA ARG C 35 39.25 10.03 -21.99
C ARG C 35 38.14 9.02 -22.27
N GLN C 36 37.07 9.04 -21.48
CA GLN C 36 36.01 8.04 -21.59
C GLN C 36 34.72 8.71 -22.05
N GLY C 37 34.77 9.29 -23.25
CA GLY C 37 33.62 10.01 -23.81
C GLY C 37 32.62 9.17 -24.57
N ALA C 38 33.02 7.98 -25.00
CA ALA C 38 32.21 7.13 -25.88
C ALA C 38 31.70 5.89 -25.14
N ALA C 39 30.39 5.64 -25.23
CA ALA C 39 29.76 4.56 -24.47
C ALA C 39 29.72 3.19 -25.15
N ASP C 40 30.01 3.11 -26.45
CA ASP C 40 29.87 1.83 -27.13
C ASP C 40 30.92 1.69 -28.22
N VAL C 41 32.16 1.57 -27.77
CA VAL C 41 33.28 1.28 -28.66
C VAL C 41 33.80 -0.08 -28.24
N ASP C 42 33.72 -1.04 -29.16
CA ASP C 42 34.26 -2.38 -28.92
C ASP C 42 33.67 -3.00 -27.65
N ASP C 43 32.35 -2.87 -27.51
CA ASP C 43 31.60 -3.42 -26.37
C ASP C 43 31.96 -2.80 -25.03
N GLY C 44 32.42 -1.55 -25.04
CA GLY C 44 32.75 -0.86 -23.80
C GLY C 44 32.98 0.62 -24.02
N GLY C 45 33.80 1.22 -23.16
CA GLY C 45 34.27 2.60 -23.37
C GLY C 45 34.24 3.50 -22.14
N LYS C 46 33.42 3.14 -21.15
CA LYS C 46 33.34 3.94 -19.91
C LYS C 46 33.54 3.01 -18.70
N PRO C 47 34.72 2.38 -18.60
CA PRO C 47 34.94 1.42 -17.52
C PRO C 47 35.15 2.05 -16.15
N GLY C 48 35.37 3.34 -16.07
CA GLY C 48 35.60 4.00 -14.78
C GLY C 48 37.08 4.05 -14.46
N ALA C 49 37.37 4.09 -13.16
CA ALA C 49 38.74 4.35 -12.73
C ALA C 49 38.92 4.08 -11.24
N VAL C 50 40.17 4.07 -10.79
CA VAL C 50 40.48 3.98 -9.37
C VAL C 50 41.36 5.16 -8.98
N ILE C 51 40.98 5.80 -7.88
CA ILE C 51 41.73 6.91 -7.32
C ILE C 51 42.23 6.47 -5.95
N TYR C 52 43.56 6.48 -5.79
CA TYR C 52 44.22 6.03 -4.58
C TYR C 52 44.72 7.19 -3.70
N LEU C 53 44.40 7.10 -2.42
CA LEU C 53 44.90 8.02 -1.39
C LEU C 53 45.87 7.26 -0.50
N PRO C 54 47.18 7.51 -0.66
CA PRO C 54 48.14 6.97 0.32
C PRO C 54 47.86 7.51 1.71
N PRO C 55 48.36 6.83 2.77
CA PRO C 55 48.20 7.41 4.10
C PRO C 55 48.79 8.81 4.14
N GLY C 56 48.07 9.72 4.78
CA GLY C 56 48.42 11.12 4.74
C GLY C 56 47.29 11.96 5.26
N ASP C 57 47.58 13.23 5.52
CA ASP C 57 46.63 14.20 6.02
C ASP C 57 46.25 15.14 4.86
N TYR C 58 45.04 14.99 4.34
CA TYR C 58 44.59 15.76 3.19
C TYR C 58 43.44 16.68 3.54
N HIS C 59 43.60 17.98 3.35
CA HIS C 59 42.48 18.91 3.56
C HIS C 59 41.59 18.96 2.34
N LEU C 60 40.27 18.85 2.54
CA LEU C 60 39.29 18.97 1.46
C LEU C 60 38.56 20.30 1.64
N ARG C 61 38.75 21.20 0.69
CA ARG C 61 38.11 22.52 0.73
C ARG C 61 37.08 22.73 -0.36
N THR C 62 36.99 21.80 -1.31
CA THR C 62 36.02 21.82 -2.38
C THR C 62 35.32 20.47 -2.39
N GLN C 63 33.99 20.47 -2.46
CA GLN C 63 33.24 19.23 -2.55
C GLN C 63 33.62 18.48 -3.81
N VAL C 64 33.81 17.17 -3.66
CA VAL C 64 34.00 16.25 -4.77
C VAL C 64 32.64 15.85 -5.33
N LEU C 65 32.46 16.02 -6.64
CA LEU C 65 31.26 15.56 -7.31
C LEU C 65 31.56 14.32 -8.12
N ILE C 66 30.95 13.20 -7.72
CA ILE C 66 31.07 11.94 -8.47
C ILE C 66 29.80 11.75 -9.29
N ASP C 67 29.96 11.81 -10.61
CA ASP C 67 28.84 11.67 -11.53
C ASP C 67 29.16 10.68 -12.64
N ILE C 68 30.05 9.72 -12.36
CA ILE C 68 30.38 8.65 -13.28
C ILE C 68 30.23 7.31 -12.57
N SER C 69 29.83 6.30 -13.31
CA SER C 69 29.74 4.94 -12.77
C SER C 69 31.11 4.29 -12.67
N PHE C 70 31.22 3.30 -11.78
CA PHE C 70 32.43 2.46 -11.68
C PHE C 70 33.67 3.26 -11.24
N LEU C 71 33.49 4.32 -10.47
CA LEU C 71 34.59 4.99 -9.83
C LEU C 71 34.84 4.37 -8.47
N ARG C 72 36.09 3.97 -8.25
CA ARG C 72 36.54 3.51 -6.93
C ARG C 72 37.49 4.56 -6.31
N ILE C 73 37.20 4.96 -5.07
CA ILE C 73 38.09 5.80 -4.26
C ILE C 73 38.55 4.94 -3.10
N GLU C 74 39.87 4.73 -2.98
CA GLU C 74 40.45 3.78 -2.05
C GLU C 74 41.65 4.34 -1.31
N GLY C 75 41.82 3.93 -0.08
CA GLY C 75 42.97 4.30 0.74
C GLY C 75 43.62 3.07 1.34
N SER C 76 44.49 3.35 2.31
CA SER C 76 45.27 2.35 3.03
C SER C 76 45.20 2.62 4.54
N GLY C 77 44.05 3.09 5.02
CA GLY C 77 43.83 3.04 6.45
C GLY C 77 42.59 3.77 6.91
N HIS C 78 41.78 3.10 7.72
CA HIS C 78 40.57 3.69 8.27
C HIS C 78 40.85 4.78 9.29
N GLY C 79 42.00 4.70 9.97
CA GLY C 79 42.53 5.87 10.65
C GLY C 79 41.84 6.41 11.87
N PHE C 80 40.98 5.61 12.49
CA PHE C 80 40.17 6.11 13.60
C PHE C 80 41.00 6.26 14.88
N THR C 81 40.81 7.39 15.55
CA THR C 81 41.14 7.54 16.96
C THR C 81 40.03 8.37 17.58
N SER C 82 39.83 8.24 18.89
CA SER C 82 38.72 8.89 19.57
C SER C 82 38.97 10.38 19.78
N SER C 83 38.57 11.19 18.83
CA SER C 83 38.63 12.65 19.03
C SER C 83 37.77 13.06 20.23
N SER C 84 36.69 12.32 20.48
CA SER C 84 35.84 12.57 21.66
C SER C 84 36.65 12.49 22.98
N ILE C 85 37.38 11.39 23.16
CA ILE C 85 38.24 11.26 24.34
C ILE C 85 39.24 12.43 24.37
N ARG C 86 39.93 12.68 23.26
CA ARG C 86 40.96 13.70 23.25
C ARG C 86 40.44 15.08 23.58
N PHE C 87 39.32 15.48 22.99
CA PHE C 87 38.79 16.82 23.28
C PHE C 87 38.27 16.99 24.69
N ASN C 88 38.07 15.89 25.42
CA ASN C 88 37.71 15.93 26.85
C ASN C 88 38.88 15.74 27.81
N VAL C 89 40.08 15.56 27.27
CA VAL C 89 41.33 15.56 28.08
C VAL C 89 41.74 17.02 28.24
N PRO C 90 42.14 17.44 29.45
CA PRO C 90 42.57 18.83 29.61
C PRO C 90 43.68 19.23 28.62
N GLU C 91 43.52 20.41 28.04
CA GLU C 91 44.39 20.86 26.96
C GLU C 91 45.88 20.90 27.33
N GLU C 92 46.18 21.16 28.61
CA GLU C 92 47.57 21.14 29.12
C GLU C 92 48.29 19.81 28.83
N GLU C 93 47.53 18.73 28.70
CA GLU C 93 48.09 17.39 28.47
C GLU C 93 48.31 17.07 27.00
N TRP C 94 47.67 17.81 26.09
CA TRP C 94 47.77 17.52 24.65
C TRP C 94 49.22 17.38 24.09
N PRO C 95 50.15 18.29 24.50
CA PRO C 95 51.48 18.17 23.89
C PRO C 95 52.22 16.85 24.14
N ASP C 96 51.85 16.09 25.17
CA ASP C 96 52.56 14.87 25.50
C ASP C 96 51.76 13.62 25.17
N LEU C 97 50.59 13.78 24.57
CA LEU C 97 49.87 12.63 23.99
C LEU C 97 50.62 12.10 22.76
N HIS C 98 50.63 10.77 22.55
CA HIS C 98 51.40 10.20 21.43
C HIS C 98 50.96 10.75 20.10
N GLU C 99 49.65 10.92 19.95
CA GLU C 99 49.08 11.65 18.85
C GLU C 99 47.79 12.29 19.31
N LEU C 100 47.24 13.17 18.49
CA LEU C 100 45.99 13.88 18.77
C LEU C 100 44.92 13.41 17.77
N TRP C 101 45.24 13.46 16.50
CA TRP C 101 44.25 13.43 15.43
C TRP C 101 44.13 12.06 14.85
N PRO C 102 42.99 11.77 14.19
CA PRO C 102 42.92 10.62 13.29
C PRO C 102 44.00 10.61 12.22
N GLY C 103 44.17 9.47 11.57
CA GLY C 103 45.20 9.31 10.56
C GLY C 103 44.70 8.39 9.46
N GLY C 104 45.55 7.49 9.02
CA GLY C 104 45.25 6.67 7.85
C GLY C 104 45.27 7.51 6.57
N SER C 105 44.42 7.14 5.62
CA SER C 105 44.26 7.91 4.39
C SER C 105 43.15 8.92 4.68
N ARG C 106 43.55 10.06 5.22
CA ARG C 106 42.63 10.94 5.93
C ARG C 106 42.21 12.16 5.12
N VAL C 107 40.90 12.23 4.90
CA VAL C 107 40.28 13.39 4.28
C VAL C 107 39.68 14.25 5.37
N ILE C 108 40.26 15.43 5.56
CA ILE C 108 39.77 16.41 6.53
C ILE C 108 38.74 17.30 5.84
N VAL C 109 37.50 17.29 6.32
CA VAL C 109 36.42 18.01 5.65
C VAL C 109 36.43 19.46 6.15
N ASP C 110 36.97 20.37 5.34
CA ASP C 110 37.04 21.79 5.69
C ASP C 110 36.05 22.52 4.79
N LEU C 111 34.79 22.09 4.84
CA LEU C 111 33.69 22.79 4.19
C LEU C 111 32.85 23.47 5.26
N PRO C 112 32.27 24.65 4.92
CA PRO C 112 31.27 25.24 5.82
C PRO C 112 29.94 24.46 5.80
N ALA C 113 29.06 24.74 6.76
CA ALA C 113 27.77 24.00 6.91
C ALA C 113 26.86 24.16 5.69
N SER C 119 21.82 20.28 3.20
CA SER C 119 22.87 19.51 3.87
C SER C 119 23.81 18.80 2.88
N ALA C 120 23.34 18.43 1.69
CA ALA C 120 24.24 17.87 0.67
C ALA C 120 25.43 18.82 0.37
N ALA C 121 25.24 20.12 0.52
CA ALA C 121 26.30 21.11 0.34
C ALA C 121 27.51 20.95 1.29
N GLY C 122 27.29 20.35 2.46
CA GLY C 122 28.36 20.13 3.42
C GLY C 122 29.02 18.77 3.30
N ALA C 123 28.68 18.00 2.25
CA ALA C 123 29.28 16.68 2.06
C ALA C 123 30.65 16.75 1.39
N ALA C 124 31.63 16.03 1.94
CA ALA C 124 32.94 15.91 1.29
C ALA C 124 32.82 15.31 -0.11
N PHE C 125 32.03 14.25 -0.20
CA PHE C 125 31.78 13.54 -1.45
C PHE C 125 30.29 13.56 -1.72
N LEU C 126 29.92 14.14 -2.86
CA LEU C 126 28.54 14.13 -3.35
C LEU C 126 28.47 13.23 -4.57
N VAL C 127 27.61 12.23 -4.50
CA VAL C 127 27.35 11.39 -5.68
C VAL C 127 25.97 11.74 -6.23
N ALA C 128 25.93 12.26 -7.46
CA ALA C 128 24.71 12.76 -8.06
C ALA C 128 24.81 12.68 -9.57
N ARG C 129 23.80 12.13 -10.20
CA ARG C 129 23.65 12.14 -11.65
C ARG C 129 22.22 11.80 -11.94
N GLU C 130 21.57 12.59 -12.77
CA GLU C 130 20.19 12.29 -13.14
C GLU C 130 20.18 11.64 -14.52
N GLY C 131 18.99 11.35 -15.04
CA GLY C 131 18.87 10.60 -16.27
C GLY C 131 19.09 9.11 -16.05
N SER C 132 19.42 8.40 -17.12
CA SER C 132 19.44 6.95 -17.11
C SER C 132 20.74 6.45 -17.76
N PRO C 133 21.25 5.28 -17.39
CA PRO C 133 20.76 4.47 -16.29
C PRO C 133 21.18 5.10 -14.96
N ARG C 134 20.77 4.46 -13.86
CA ARG C 134 21.22 4.86 -12.55
C ARG C 134 22.72 4.73 -12.46
N ILE C 135 23.35 5.70 -11.84
CA ILE C 135 24.77 5.59 -11.49
C ILE C 135 24.99 4.29 -10.71
N SER C 136 26.02 3.54 -11.08
CA SER C 136 26.20 2.19 -10.59
C SER C 136 27.62 1.86 -10.18
N SER C 137 27.71 1.01 -9.15
CA SER C 137 28.98 0.37 -8.73
C SER C 137 30.12 1.31 -8.43
N VAL C 138 29.79 2.44 -7.83
CA VAL C 138 30.77 3.30 -7.15
C VAL C 138 31.20 2.57 -5.85
N GLU C 139 32.50 2.65 -5.56
CA GLU C 139 33.11 1.96 -4.42
C GLU C 139 33.93 2.96 -3.62
N PHE C 140 33.69 3.00 -2.31
CA PHE C 140 34.53 3.72 -1.36
C PHE C 140 35.16 2.68 -0.44
N SER C 141 36.49 2.66 -0.34
CA SER C 141 37.20 1.64 0.40
C SER C 141 38.38 2.15 1.24
N ASN C 142 38.35 1.82 2.52
CA ASN C 142 39.53 1.86 3.41
C ASN C 142 40.24 3.20 3.46
N PHE C 143 39.47 4.26 3.58
CA PHE C 143 40.04 5.57 3.92
C PHE C 143 39.21 6.22 5.04
N CYS C 144 39.70 7.35 5.51
CA CYS C 144 39.20 8.04 6.68
C CYS C 144 38.60 9.37 6.28
N ILE C 145 37.41 9.68 6.78
CA ILE C 145 36.82 11.01 6.59
C ILE C 145 36.56 11.60 7.97
N ASP C 146 37.11 12.80 8.20
CA ASP C 146 37.20 13.40 9.54
C ASP C 146 36.68 14.81 9.48
N GLY C 147 35.63 15.09 10.25
CA GLY C 147 35.05 16.43 10.29
C GLY C 147 35.71 17.35 11.29
N LEU C 148 36.77 16.85 11.93
CA LEU C 148 37.71 17.61 12.74
C LEU C 148 37.20 18.08 14.09
N HIS C 149 36.16 18.93 14.10
CA HIS C 149 35.62 19.55 15.31
C HIS C 149 34.09 19.52 15.28
N PHE C 150 33.49 19.44 16.46
CA PHE C 150 32.07 19.80 16.60
C PHE C 150 32.01 21.24 17.13
N THR C 151 30.90 21.92 16.86
CA THR C 151 30.82 23.36 17.17
C THR C 151 29.66 23.70 18.08
N ALA C 152 29.71 24.89 18.67
CA ALA C 152 28.68 25.33 19.63
C ALA C 152 27.31 25.36 18.96
N ASP C 153 26.26 24.93 19.65
CA ASP C 153 24.93 24.79 19.01
C ASP C 153 23.69 25.21 19.81
N GLY C 154 23.88 25.81 20.99
CA GLY C 154 22.76 26.18 21.87
C GLY C 154 22.36 25.14 22.91
N SER C 155 22.92 23.93 22.84
CA SER C 155 22.58 22.84 23.75
C SER C 155 23.08 23.04 25.18
N GLY C 156 24.05 23.95 25.36
CA GLY C 156 24.76 24.06 26.63
C GLY C 156 25.89 23.04 26.85
N ARG C 157 26.04 22.05 25.96
CA ARG C 157 27.20 21.14 26.03
C ARG C 157 28.45 21.93 25.62
N HIS C 158 29.62 21.45 26.02
CA HIS C 158 30.89 21.95 25.46
C HIS C 158 30.89 21.76 23.93
N PRO C 159 31.50 22.71 23.17
CA PRO C 159 31.42 22.64 21.70
C PRO C 159 31.81 21.29 21.09
N GLU C 160 32.87 20.67 21.58
CA GLU C 160 33.32 19.43 20.98
C GLU C 160 32.43 18.24 21.31
N ASN C 161 31.44 18.40 22.18
CA ASN C 161 30.50 17.32 22.51
C ASN C 161 29.10 17.52 21.93
N THR C 162 28.93 18.49 21.03
CA THR C 162 27.60 18.79 20.48
C THR C 162 27.15 17.82 19.40
N TYR C 163 28.10 17.14 18.75
CA TYR C 163 27.83 16.37 17.53
C TYR C 163 27.24 17.22 16.38
N ALA C 164 27.52 18.52 16.39
CA ALA C 164 27.02 19.44 15.37
C ALA C 164 28.14 20.15 14.61
N ASN C 165 28.17 19.96 13.29
CA ASN C 165 29.00 20.76 12.39
C ASN C 165 28.54 20.97 10.95
N GLY C 166 27.39 20.41 10.59
CA GLY C 166 26.86 20.48 9.24
C GLY C 166 27.65 19.78 8.14
N LYS C 167 28.60 18.92 8.52
CA LYS C 167 29.42 18.19 7.57
C LYS C 167 28.94 16.76 7.38
N THR C 168 29.04 16.30 6.15
CA THR C 168 28.70 14.92 5.80
C THR C 168 29.93 14.29 5.16
N GLY C 169 30.15 13.00 5.41
CA GLY C 169 31.26 12.30 4.77
C GLY C 169 30.95 12.02 3.31
N ILE C 170 29.95 11.18 3.11
CA ILE C 170 29.51 10.78 1.77
C ILE C 170 28.00 10.94 1.70
N HIS C 171 27.55 11.72 0.71
CA HIS C 171 26.13 11.92 0.40
C HIS C 171 25.83 11.45 -1.02
N VAL C 172 24.93 10.48 -1.18
CA VAL C 172 24.49 10.01 -2.48
C VAL C 172 23.06 10.52 -2.68
N ALA C 173 22.91 11.46 -3.62
CA ALA C 173 21.64 12.16 -3.83
C ALA C 173 20.72 11.44 -4.82
N SER C 174 21.30 10.64 -5.73
CA SER C 174 20.56 10.10 -6.86
C SER C 174 20.38 8.61 -6.71
N ALA C 175 19.38 8.10 -7.40
CA ALA C 175 19.12 6.67 -7.44
C ALA C 175 20.38 5.94 -7.91
N ASN C 176 20.70 4.85 -7.24
CA ASN C 176 21.99 4.16 -7.42
C ASN C 176 21.81 2.65 -7.32
N ASP C 177 22.73 1.91 -7.94
CA ASP C 177 22.66 0.45 -7.98
C ASP C 177 24.05 -0.13 -7.73
N SER C 178 24.10 -1.16 -6.90
CA SER C 178 25.32 -1.91 -6.64
C SER C 178 26.50 -1.07 -6.06
N PHE C 179 26.19 -0.03 -5.26
CA PHE C 179 27.22 0.74 -4.58
C PHE C 179 27.85 -0.07 -3.43
N ARG C 180 29.09 0.26 -3.08
CA ARG C 180 29.79 -0.34 -1.95
C ARG C 180 30.49 0.70 -1.14
N VAL C 181 30.37 0.56 0.17
CA VAL C 181 31.13 1.34 1.14
C VAL C 181 31.72 0.32 2.10
N THR C 182 33.03 0.14 2.06
CA THR C 182 33.71 -0.92 2.82
C THR C 182 34.98 -0.41 3.49
N ASP C 183 35.25 -0.96 4.68
CA ASP C 183 36.51 -0.72 5.40
C ASP C 183 36.80 0.74 5.72
N MET C 184 35.78 1.62 5.67
CA MET C 184 36.02 3.04 5.91
C MET C 184 36.15 3.33 7.40
N GLY C 185 36.70 4.51 7.66
CA GLY C 185 36.61 5.16 8.95
C GLY C 185 35.95 6.50 8.78
N PHE C 186 34.95 6.78 9.61
CA PHE C 186 34.32 8.09 9.68
C PHE C 186 34.37 8.56 11.12
N VAL C 187 34.70 9.83 11.33
CA VAL C 187 34.84 10.40 12.67
C VAL C 187 34.53 11.91 12.66
N TYR C 188 33.78 12.37 13.66
CA TYR C 188 33.56 13.79 13.90
C TYR C 188 32.82 14.48 12.74
N LEU C 189 31.90 13.75 12.13
CA LEU C 189 30.97 14.29 11.13
C LEU C 189 29.56 14.36 11.71
N GLU C 190 28.83 15.43 11.42
CA GLU C 190 27.41 15.44 11.82
C GLU C 190 26.65 14.29 11.18
N ASN C 191 26.93 13.98 9.91
CA ASN C 191 26.38 12.79 9.22
C ASN C 191 27.51 12.06 8.54
N ALA C 192 27.74 10.79 8.89
CA ALA C 192 28.79 10.07 8.18
C ALA C 192 28.41 9.76 6.74
N LEU C 193 27.32 9.02 6.59
CA LEU C 193 26.96 8.39 5.35
C LEU C 193 25.46 8.46 5.12
N THR C 194 25.05 9.16 4.05
CA THR C 194 23.64 9.34 3.75
C THR C 194 23.45 8.95 2.30
N ILE C 195 22.64 7.93 2.06
CA ILE C 195 22.45 7.43 0.70
C ILE C 195 20.96 7.36 0.37
N HIS C 196 20.57 8.12 -0.65
CA HIS C 196 19.21 8.13 -1.16
C HIS C 196 19.02 7.08 -2.26
N LYS C 197 17.83 6.47 -2.29
CA LYS C 197 17.32 5.71 -3.42
C LYS C 197 18.28 4.56 -3.79
N ALA C 198 18.68 3.80 -2.77
CA ALA C 198 19.68 2.74 -2.96
C ALA C 198 19.05 1.41 -3.37
N ASP C 199 19.64 0.78 -4.39
CA ASP C 199 19.26 -0.58 -4.80
C ASP C 199 20.54 -1.46 -4.71
N ALA C 200 20.44 -2.58 -4.02
CA ALA C 200 21.52 -3.57 -3.97
C ALA C 200 22.86 -2.97 -3.51
N LEU C 201 22.74 -2.13 -2.51
CA LEU C 201 23.83 -1.45 -1.85
C LEU C 201 24.42 -2.39 -0.77
N SER C 202 25.74 -2.31 -0.59
CA SER C 202 26.40 -3.00 0.54
C SER C 202 27.24 -2.01 1.32
N ILE C 203 26.91 -1.87 2.60
CA ILE C 203 27.69 -1.09 3.56
C ILE C 203 28.27 -2.13 4.51
N HIS C 204 29.57 -2.46 4.30
CA HIS C 204 30.16 -3.64 4.94
C HIS C 204 31.51 -3.37 5.61
N HIS C 205 31.64 -3.79 6.87
CA HIS C 205 32.91 -3.75 7.57
C HIS C 205 33.52 -2.35 7.69
N ASN C 206 32.71 -1.35 8.05
CA ASN C 206 33.21 -0.01 8.28
C ASN C 206 33.31 0.24 9.79
N PHE C 207 33.97 1.35 10.12
CA PHE C 207 34.07 1.87 11.48
C PHE C 207 33.52 3.30 11.45
N ILE C 208 32.32 3.49 11.98
CA ILE C 208 31.58 4.74 11.80
C ILE C 208 31.18 5.19 13.18
N ALA C 209 31.96 6.10 13.75
CA ALA C 209 31.82 6.43 15.17
C ALA C 209 32.11 7.88 15.48
N GLU C 210 31.54 8.34 16.59
CA GLU C 210 31.67 9.73 17.00
C GLU C 210 31.18 10.70 15.89
N CYS C 211 30.11 10.26 15.23
CA CYS C 211 29.38 11.04 14.26
C CYS C 211 27.95 11.28 14.77
N GLY C 212 27.38 12.43 14.44
CA GLY C 212 26.05 12.76 14.95
C GLY C 212 25.02 11.69 14.56
N SER C 213 24.99 11.40 13.28
CA SER C 213 24.33 10.23 12.69
C SER C 213 25.33 9.49 11.86
N CYS C 214 25.23 8.16 11.84
CA CYS C 214 26.18 7.32 11.13
C CYS C 214 25.61 6.95 9.75
N ILE C 215 24.76 5.93 9.66
CA ILE C 215 24.23 5.46 8.38
C ILE C 215 22.77 5.84 8.24
N GLU C 216 22.44 6.56 7.18
CA GLU C 216 21.03 6.87 6.85
C GLU C 216 20.76 6.49 5.41
N LEU C 217 19.77 5.63 5.21
CA LEU C 217 19.28 5.26 3.90
C LEU C 217 17.96 6.00 3.71
N ARG C 218 17.94 6.94 2.77
CA ARG C 218 16.84 7.92 2.62
C ARG C 218 16.09 7.71 1.30
N GLY C 219 14.90 8.26 1.24
CA GLY C 219 14.05 8.21 0.05
C GLY C 219 13.29 6.92 0.03
N TRP C 220 13.93 5.90 -0.54
CA TRP C 220 13.40 4.57 -0.64
C TRP C 220 14.57 3.68 -1.00
N GLY C 221 14.35 2.38 -1.09
CA GLY C 221 15.40 1.49 -1.53
C GLY C 221 15.00 0.06 -1.54
N GLN C 222 15.87 -0.79 -2.06
CA GLN C 222 15.60 -2.20 -2.07
C GLN C 222 16.86 -3.05 -2.09
N ALA C 223 16.71 -4.28 -1.60
CA ALA C 223 17.67 -5.36 -1.77
C ALA C 223 19.06 -5.01 -1.29
N SER C 224 19.15 -4.20 -0.24
CA SER C 224 20.43 -3.73 0.29
C SER C 224 20.84 -4.42 1.59
N LYS C 225 22.09 -4.20 1.99
CA LYS C 225 22.59 -4.78 3.20
C LYS C 225 23.60 -3.90 3.93
N ILE C 226 23.48 -3.95 5.26
CA ILE C 226 24.36 -3.23 6.19
C ILE C 226 24.89 -4.29 7.13
N THR C 227 26.16 -4.66 6.96
CA THR C 227 26.71 -5.84 7.63
C THR C 227 28.10 -5.58 8.20
N ASP C 228 28.37 -6.18 9.36
CA ASP C 228 29.73 -6.24 9.94
C ASP C 228 30.36 -4.88 10.22
N ASN C 229 29.51 -3.91 10.56
CA ASN C 229 29.98 -2.57 10.90
C ASN C 229 30.10 -2.37 12.41
N LEU C 230 31.03 -1.49 12.77
CA LEU C 230 31.14 -0.97 14.13
C LEU C 230 30.61 0.46 14.06
N VAL C 231 29.59 0.76 14.87
CA VAL C 231 28.82 1.97 14.73
C VAL C 231 28.50 2.61 16.08
N GLY C 232 28.80 3.91 16.19
CA GLY C 232 28.43 4.70 17.37
C GLY C 232 28.11 6.12 16.98
N ALA C 233 26.90 6.57 17.30
CA ALA C 233 26.40 7.86 16.90
C ALA C 233 26.27 8.81 18.09
N GLY C 234 25.54 9.92 17.92
CA GLY C 234 25.32 10.89 18.98
C GLY C 234 23.85 10.98 19.38
N PRO C 235 23.55 11.62 20.52
CA PRO C 235 22.24 11.44 21.16
C PRO C 235 21.02 12.05 20.46
N ARG C 236 21.22 12.91 19.48
CA ARG C 236 20.12 13.39 18.63
C ARG C 236 20.08 12.70 17.26
N GLY C 237 20.94 11.71 17.03
CA GLY C 237 21.04 11.15 15.68
C GLY C 237 20.88 9.66 15.57
N HIS C 238 21.07 9.15 14.36
CA HIS C 238 20.82 7.74 14.06
C HIS C 238 22.09 6.95 14.00
N SER C 239 22.02 5.69 14.42
CA SER C 239 23.15 4.77 14.22
C SER C 239 22.97 4.13 12.87
N ILE C 240 21.92 3.34 12.73
CA ILE C 240 21.49 2.80 11.46
C ILE C 240 20.04 3.25 11.25
N TYR C 241 19.78 3.90 10.12
CA TYR C 241 18.45 4.44 9.80
C TYR C 241 18.10 4.06 8.38
N ALA C 242 16.85 3.68 8.16
CA ALA C 242 16.34 3.51 6.80
C ALA C 242 14.87 3.89 6.71
N GLU C 243 14.49 4.38 5.53
CA GLU C 243 13.11 4.70 5.25
C GLU C 243 12.71 4.13 3.89
N ASN C 244 11.49 3.59 3.85
CA ASN C 244 10.88 3.09 2.62
C ASN C 244 11.82 2.12 1.89
N HIS C 245 12.48 1.26 2.66
CA HIS C 245 13.26 0.18 2.10
C HIS C 245 12.49 -1.11 2.17
N GLY C 246 12.66 -1.91 1.12
CA GLY C 246 12.15 -3.26 1.06
C GLY C 246 13.31 -4.23 0.94
N GLY C 247 13.25 -5.34 1.64
CA GLY C 247 14.30 -6.35 1.50
C GLY C 247 15.69 -5.94 1.98
N LEU C 248 15.75 -5.08 2.99
CA LEU C 248 16.99 -4.71 3.63
C LEU C 248 17.44 -5.78 4.62
N LEU C 249 18.73 -6.05 4.66
CA LEU C 249 19.32 -6.98 5.62
C LEU C 249 20.33 -6.23 6.47
N VAL C 250 20.04 -6.14 7.76
CA VAL C 250 20.91 -5.50 8.74
C VAL C 250 21.38 -6.58 9.71
N THR C 251 22.65 -6.97 9.61
CA THR C 251 23.13 -8.09 10.39
C THR C 251 24.62 -7.99 10.72
N ALA C 252 24.99 -8.60 11.85
CA ALA C 252 26.39 -8.73 12.27
C ALA C 252 27.07 -7.39 12.55
N ASN C 253 26.26 -6.40 12.93
CA ASN C 253 26.78 -5.11 13.35
C ASN C 253 26.94 -5.10 14.84
N ASN C 254 27.97 -4.39 15.29
CA ASN C 254 28.19 -4.08 16.68
C ASN C 254 27.96 -2.56 16.84
N VAL C 255 26.77 -2.24 17.34
CA VAL C 255 26.32 -0.88 17.52
C VAL C 255 26.45 -0.53 18.98
N PHE C 256 27.28 0.46 19.25
CA PHE C 256 27.58 0.92 20.62
C PHE C 256 27.08 2.37 20.78
N PRO C 257 27.12 2.91 22.02
CA PRO C 257 26.51 4.24 22.18
C PRO C 257 27.25 5.35 21.40
N ARG C 258 26.64 6.51 21.16
CA ARG C 258 25.46 6.99 21.89
C ARG C 258 24.40 7.63 21.00
N GLY C 259 24.05 6.94 19.94
CA GLY C 259 22.92 7.32 19.09
C GLY C 259 21.61 7.44 19.85
N ALA C 260 20.68 8.24 19.32
CA ALA C 260 19.33 8.28 19.86
C ALA C 260 18.71 6.89 19.81
N SER C 261 19.06 6.15 18.77
CA SER C 261 18.65 4.77 18.60
C SER C 261 19.78 3.98 17.94
N SER C 262 19.64 2.67 17.98
CA SER C 262 20.54 1.72 17.30
C SER C 262 20.10 1.42 15.88
N VAL C 263 18.82 1.11 15.70
CA VAL C 263 18.23 0.87 14.37
C VAL C 263 16.88 1.57 14.34
N HIS C 264 16.66 2.39 13.32
CA HIS C 264 15.43 3.17 13.22
C HIS C 264 14.90 3.05 11.80
N PHE C 265 13.69 2.51 11.68
CA PHE C 265 13.03 2.26 10.39
C PHE C 265 11.76 3.10 10.29
N LYS C 266 11.53 3.74 9.13
CA LYS C 266 10.24 4.39 8.82
C LYS C 266 9.73 3.79 7.52
N GLY C 267 8.57 3.15 7.57
CA GLY C 267 8.02 2.49 6.38
C GLY C 267 8.88 1.41 5.74
N VAL C 268 9.68 0.71 6.55
CA VAL C 268 10.53 -0.36 6.05
C VAL C 268 9.72 -1.64 6.09
N THR C 269 9.75 -2.39 4.98
CA THR C 269 8.96 -3.60 4.83
C THR C 269 9.81 -4.78 4.40
N ARG C 270 9.37 -5.98 4.80
CA ARG C 270 9.93 -7.22 4.28
C ARG C 270 11.48 -7.26 4.38
N SER C 271 11.95 -6.83 5.55
CA SER C 271 13.36 -6.68 5.85
C SER C 271 13.72 -7.45 7.09
N SER C 272 15.03 -7.55 7.38
CA SER C 272 15.51 -8.30 8.53
C SER C 272 16.58 -7.55 9.31
N VAL C 273 16.35 -7.42 10.62
CA VAL C 273 17.33 -6.88 11.58
C VAL C 273 17.62 -8.04 12.52
N THR C 274 18.71 -8.74 12.22
CA THR C 274 18.97 -10.03 12.83
C THR C 274 20.44 -10.15 13.18
N ASN C 275 20.71 -10.71 14.35
CA ASN C 275 22.05 -11.07 14.75
C ASN C 275 22.97 -9.85 14.82
N ASN C 276 22.49 -8.79 15.47
CA ASN C 276 23.32 -7.64 15.81
C ASN C 276 23.51 -7.58 17.32
N ARG C 277 24.61 -6.96 17.73
CA ARG C 277 24.87 -6.64 19.11
C ARG C 277 24.60 -5.15 19.23
N LEU C 278 23.65 -4.79 20.07
CA LEU C 278 23.15 -3.42 20.20
C LEU C 278 23.26 -2.93 21.64
N HIS C 279 23.95 -1.81 21.82
CA HIS C 279 24.16 -1.25 23.14
C HIS C 279 23.81 0.23 23.12
N ALA C 280 22.89 0.61 24.01
CA ALA C 280 22.41 1.98 24.12
C ALA C 280 22.43 2.45 25.57
N PHE C 281 22.49 3.75 25.74
CA PHE C 281 22.39 4.41 27.03
C PHE C 281 21.00 5.02 27.23
N TYR C 282 20.08 4.79 26.29
CA TYR C 282 18.75 5.41 26.31
C TYR C 282 17.71 4.42 25.80
N PRO C 283 16.44 4.64 26.15
CA PRO C 283 15.40 3.84 25.54
C PRO C 283 15.24 4.13 24.05
N GLY C 284 14.45 3.31 23.39
CA GLY C 284 14.15 3.48 21.99
C GLY C 284 15.28 3.03 21.09
N MET C 285 15.83 1.87 21.39
CA MET C 285 16.97 1.32 20.66
C MET C 285 16.65 0.88 19.26
N VAL C 286 15.55 0.15 19.10
CA VAL C 286 15.08 -0.28 17.80
C VAL C 286 13.64 0.20 17.62
N ARG C 287 13.45 1.02 16.60
CA ARG C 287 12.20 1.69 16.33
C ARG C 287 11.72 1.28 14.95
N LEU C 288 10.57 0.62 14.90
CA LEU C 288 9.86 0.36 13.66
C LEU C 288 8.68 1.30 13.64
N GLU C 289 8.72 2.29 12.75
CA GLU C 289 7.72 3.37 12.70
C GLU C 289 7.10 3.49 11.30
N GLU C 290 6.03 4.28 11.20
CA GLU C 290 5.37 4.56 9.92
C GLU C 290 5.02 3.27 9.17
N ASN C 291 4.28 2.42 9.86
CA ASN C 291 3.80 1.16 9.29
C ASN C 291 4.92 0.28 8.71
N SER C 292 5.94 0.02 9.52
CA SER C 292 7.02 -0.88 9.14
C SER C 292 6.55 -2.30 9.35
N SER C 293 6.45 -3.06 8.27
CA SER C 293 5.67 -4.30 8.29
C SER C 293 6.45 -5.48 7.75
N GLU C 294 6.06 -6.67 8.19
CA GLU C 294 6.60 -7.92 7.68
C GLU C 294 8.13 -8.01 7.84
N ASN C 295 8.65 -7.46 8.92
CA ASN C 295 10.08 -7.51 9.20
C ASN C 295 10.40 -8.57 10.23
N LEU C 296 11.57 -9.17 10.06
CA LEU C 296 12.12 -10.10 11.04
C LEU C 296 13.11 -9.32 11.93
N VAL C 297 12.89 -9.38 13.24
CA VAL C 297 13.82 -8.84 14.25
C VAL C 297 14.18 -10.04 15.12
N ALA C 298 15.33 -10.65 14.84
CA ALA C 298 15.67 -11.93 15.43
C ALA C 298 17.08 -11.98 15.96
N THR C 299 17.24 -12.74 17.05
CA THR C 299 18.53 -13.11 17.62
C THR C 299 19.49 -11.94 17.75
N ASN C 300 18.95 -10.77 18.15
CA ASN C 300 19.79 -9.65 18.52
C ASN C 300 20.04 -9.66 20.03
N HIS C 301 21.19 -9.11 20.41
CA HIS C 301 21.51 -8.86 21.79
C HIS C 301 21.33 -7.37 22.08
N PHE C 302 20.32 -7.05 22.89
CA PHE C 302 20.07 -5.68 23.33
C PHE C 302 20.64 -5.48 24.74
N LEU C 303 21.42 -4.41 24.93
CA LEU C 303 21.81 -3.94 26.26
C LEU C 303 21.42 -2.47 26.36
N ARG C 304 20.56 -2.14 27.31
CA ARG C 304 20.31 -0.75 27.68
C ARG C 304 20.77 -0.54 29.13
N ASP C 305 21.66 0.43 29.30
CA ASP C 305 22.14 0.81 30.63
C ASP C 305 22.36 2.32 30.71
N HIS C 306 23.06 2.79 31.74
CA HIS C 306 23.30 4.23 31.93
C HIS C 306 24.69 4.64 31.47
N GLU C 307 24.75 5.79 30.81
CA GLU C 307 26.01 6.39 30.45
C GLU C 307 26.95 6.48 31.67
N PRO C 308 28.18 5.98 31.57
CA PRO C 308 29.11 6.06 32.71
C PRO C 308 30.09 7.22 32.66
N TRP C 309 30.22 7.88 31.51
CA TRP C 309 31.30 8.83 31.29
C TRP C 309 30.84 10.26 31.61
N THR C 310 31.50 10.92 32.55
CA THR C 310 31.03 12.22 33.07
C THR C 310 30.60 13.29 32.04
N PRO C 311 31.42 13.56 31.00
CA PRO C 311 31.06 14.60 30.01
C PRO C 311 29.67 14.43 29.41
N PHE C 312 29.25 13.18 29.28
CA PHE C 312 27.94 12.85 28.87
C PHE C 312 27.58 11.99 30.06
N PHE C 313 27.03 12.52 31.12
CA PHE C 313 26.31 11.68 32.11
C PHE C 313 24.84 12.09 32.12
N GLY C 314 24.59 13.39 32.05
CA GLY C 314 23.24 13.90 32.03
C GLY C 314 22.65 14.19 30.68
N VAL C 315 23.26 13.68 29.61
CA VAL C 315 22.80 13.90 28.25
C VAL C 315 22.05 12.66 27.84
N ASP C 316 20.90 12.84 27.21
CA ASP C 316 20.11 11.70 26.72
C ASP C 316 19.32 12.07 25.47
N ASN C 317 18.48 11.13 25.00
CA ASN C 317 17.73 11.30 23.76
C ASN C 317 16.29 11.80 23.92
N GLY C 318 15.93 12.25 25.12
CA GLY C 318 14.62 12.78 25.36
C GLY C 318 13.53 11.79 25.66
N LEU C 319 13.80 10.49 25.53
CA LEU C 319 12.75 9.47 25.66
C LEU C 319 12.74 8.83 27.04
N ASP C 320 11.54 8.58 27.53
CA ASP C 320 11.34 7.99 28.85
C ASP C 320 11.34 6.47 28.80
N ASP C 321 11.29 5.84 29.97
CA ASP C 321 11.38 4.38 30.07
C ASP C 321 10.15 3.58 29.66
N LEU C 322 9.04 4.26 29.40
CA LEU C 322 7.85 3.62 28.83
C LEU C 322 7.97 3.43 27.29
N THR C 323 8.99 4.01 26.67
CA THR C 323 9.17 3.95 25.22
C THR C 323 9.30 2.53 24.70
N GLY C 324 10.05 1.73 25.45
CA GLY C 324 10.48 0.43 24.95
C GLY C 324 11.92 0.46 24.47
N LEU C 325 12.61 -0.65 24.65
CA LEU C 325 13.85 -0.89 23.94
C LEU C 325 13.59 -1.17 22.47
N LEU C 326 12.52 -1.94 22.20
CA LEU C 326 12.04 -2.24 20.87
C LEU C 326 10.61 -1.73 20.78
N SER C 327 10.35 -0.81 19.86
CA SER C 327 9.01 -0.23 19.68
C SER C 327 8.57 -0.47 18.24
N ILE C 328 7.35 -0.98 18.06
CA ILE C 328 6.84 -1.37 16.74
C ILE C 328 5.50 -0.74 16.42
N SER C 329 5.44 -0.01 15.32
CA SER C 329 4.19 0.43 14.68
C SER C 329 4.16 -0.15 13.28
N GLY C 330 3.37 -1.19 13.08
CA GLY C 330 3.32 -1.89 11.80
C GLY C 330 2.69 -3.25 11.94
N ASN C 331 2.51 -3.93 10.82
CA ASN C 331 1.78 -5.20 10.80
C ASN C 331 2.69 -6.36 10.51
N ASN C 332 2.35 -7.51 11.08
CA ASN C 332 2.89 -8.78 10.61
C ASN C 332 4.39 -8.94 10.74
N ASN C 333 4.98 -8.28 11.73
CA ASN C 333 6.41 -8.44 12.00
C ASN C 333 6.64 -9.71 12.82
N SER C 334 7.90 -10.08 12.95
CA SER C 334 8.31 -11.31 13.62
C SER C 334 9.49 -10.96 14.52
N VAL C 335 9.29 -11.07 15.83
CA VAL C 335 10.29 -10.71 16.83
C VAL C 335 10.61 -11.99 17.56
N ILE C 336 11.74 -12.60 17.21
CA ILE C 336 12.04 -13.96 17.62
C ILE C 336 13.45 -14.11 18.18
N GLY C 337 13.57 -14.68 19.37
CA GLY C 337 14.90 -15.15 19.82
C GLY C 337 15.87 -14.06 20.26
N ASN C 338 15.36 -12.91 20.67
CA ASN C 338 16.22 -11.80 21.10
C ASN C 338 16.50 -11.91 22.59
N HIS C 339 17.67 -11.40 22.99
CA HIS C 339 18.06 -11.22 24.36
C HIS C 339 17.97 -9.75 24.72
N PHE C 340 17.28 -9.43 25.83
CA PHE C 340 17.24 -8.05 26.31
C PHE C 340 17.79 -7.96 27.72
N SER C 341 18.87 -7.18 27.87
CA SER C 341 19.39 -6.78 29.18
C SER C 341 19.03 -5.33 29.45
N GLU C 342 18.23 -5.13 30.49
CA GLU C 342 17.76 -3.80 30.93
C GLU C 342 18.40 -3.53 32.29
N VAL C 343 19.33 -2.59 32.34
CA VAL C 343 20.21 -2.42 33.50
C VAL C 343 20.17 -0.95 33.88
N VAL C 344 19.27 -0.59 34.79
CA VAL C 344 18.98 0.81 35.13
C VAL C 344 18.86 1.05 36.63
N ASP C 345 18.96 2.33 36.99
CA ASP C 345 18.80 2.81 38.36
C ASP C 345 17.33 3.12 38.61
N ALA C 346 16.71 2.35 39.50
CA ALA C 346 15.29 2.48 39.81
C ALA C 346 14.85 3.93 40.14
N ASN C 347 15.69 4.69 40.86
CA ASN C 347 15.34 6.09 41.13
C ASN C 347 15.68 7.08 39.95
N GLU C 348 16.30 6.60 38.88
CA GLU C 348 16.47 7.35 37.62
C GLU C 348 15.34 7.12 36.61
N ILE C 349 14.44 6.17 36.88
CA ILE C 349 13.41 5.80 35.90
C ILE C 349 12.50 6.99 35.67
N ARG C 350 12.19 7.23 34.39
CA ARG C 350 11.31 8.32 34.00
C ARG C 350 10.11 7.75 33.22
N PRO C 351 8.89 8.22 33.48
CA PRO C 351 8.59 9.14 34.59
C PRO C 351 8.71 8.45 35.96
N GLU C 352 8.87 9.28 36.99
CA GLU C 352 8.95 8.85 38.39
C GLU C 352 7.99 7.71 38.70
N GLY C 353 8.53 6.58 39.14
CA GLY C 353 7.74 5.44 39.55
C GLY C 353 7.19 4.56 38.44
N ALA C 354 7.55 4.80 37.18
CA ALA C 354 7.10 3.96 36.08
C ALA C 354 7.72 2.56 36.10
N THR C 355 7.04 1.63 35.45
CA THR C 355 7.56 0.29 35.21
C THR C 355 8.16 0.27 33.79
N PRO C 356 9.50 0.11 33.66
CA PRO C 356 10.07 0.18 32.31
C PRO C 356 9.50 -0.86 31.37
N VAL C 357 9.37 -0.51 30.09
CA VAL C 357 8.88 -1.45 29.08
C VAL C 357 9.99 -1.85 28.12
N ILE C 358 9.98 -3.14 27.79
CA ILE C 358 11.03 -3.73 26.94
C ILE C 358 10.59 -3.70 25.47
N ILE C 359 9.53 -4.43 25.15
CA ILE C 359 8.95 -4.44 23.82
C ILE C 359 7.59 -3.76 23.84
N ARG C 360 7.38 -2.79 22.96
CA ARG C 360 6.09 -2.07 22.90
C ARG C 360 5.50 -2.14 21.49
N LEU C 361 4.27 -2.63 21.39
CA LEU C 361 3.55 -2.63 20.10
C LEU C 361 2.57 -1.48 20.19
N THR C 362 2.87 -0.39 19.51
CA THR C 362 2.06 0.85 19.61
C THR C 362 0.91 0.90 18.62
N ALA C 363 1.07 0.25 17.47
CA ALA C 363 0.03 0.17 16.45
C ALA C 363 0.29 -1.00 15.52
N GLY C 364 -0.75 -1.42 14.84
CA GLY C 364 -0.68 -2.50 13.86
C GLY C 364 -1.19 -3.83 14.36
N THR C 365 -1.27 -4.79 13.43
CA THR C 365 -1.84 -6.09 13.72
C THR C 365 -0.96 -7.22 13.24
N GLY C 366 -1.15 -8.38 13.84
CA GLY C 366 -0.55 -9.61 13.32
C GLY C 366 0.92 -9.81 13.64
N ASN C 367 1.44 -9.07 14.63
CA ASN C 367 2.84 -9.23 15.02
C ASN C 367 3.01 -10.50 15.86
N PHE C 368 4.11 -11.20 15.60
CA PHE C 368 4.41 -12.49 16.19
C PHE C 368 5.65 -12.25 17.03
N VAL C 369 5.52 -12.41 18.33
CA VAL C 369 6.61 -12.15 19.28
C VAL C 369 6.80 -13.43 20.06
N SER C 370 7.94 -14.08 19.87
CA SER C 370 8.17 -15.39 20.48
C SER C 370 9.60 -15.61 20.94
N THR C 371 9.75 -16.20 22.12
CA THR C 371 11.03 -16.76 22.56
C THR C 371 12.07 -15.66 22.75
N ASN C 372 11.72 -14.71 23.59
CA ASN C 372 12.59 -13.57 23.89
C ASN C 372 12.84 -13.59 25.38
N HIS C 373 14.09 -13.38 25.75
CA HIS C 373 14.52 -13.45 27.14
C HIS C 373 14.80 -12.05 27.63
N VAL C 374 14.11 -11.66 28.70
CA VAL C 374 14.28 -10.36 29.32
C VAL C 374 15.00 -10.54 30.65
N VAL C 375 16.07 -9.78 30.83
CA VAL C 375 16.83 -9.76 32.08
C VAL C 375 16.84 -8.32 32.53
N ALA C 376 16.23 -8.04 33.68
CA ALA C 376 16.17 -6.65 34.16
C ALA C 376 16.74 -6.53 35.56
N MET C 377 17.59 -5.53 35.77
CA MET C 377 18.22 -5.35 37.06
C MET C 377 18.40 -3.88 37.43
N ASP C 378 18.43 -3.65 38.73
CA ASP C 378 18.53 -2.34 39.35
C ASP C 378 19.98 -2.14 39.74
N VAL C 379 20.68 -1.18 39.12
CA VAL C 379 22.04 -0.83 39.48
C VAL C 379 22.19 0.69 39.55
N ASP C 380 22.95 1.18 40.52
CA ASP C 380 23.19 2.64 40.66
C ASP C 380 23.96 3.17 39.47
N ALA C 381 23.54 4.34 38.97
CA ALA C 381 24.26 5.05 37.92
C ALA C 381 25.41 5.79 38.59
N ALA C 382 26.62 5.58 38.08
CA ALA C 382 27.82 6.29 38.54
C ALA C 382 28.51 6.97 37.37
N SER C 383 29.21 8.06 37.69
CA SER C 383 29.81 8.95 36.73
C SER C 383 31.33 8.95 36.98
N SER C 384 32.10 8.72 35.93
CA SER C 384 33.59 8.67 36.01
C SER C 384 34.16 9.42 34.81
N ASP C 385 35.33 10.04 34.99
CA ASP C 385 35.99 10.79 33.90
C ASP C 385 36.88 9.95 32.98
N SER C 386 37.22 8.72 33.36
CA SER C 386 38.09 7.88 32.51
C SER C 386 37.23 7.03 31.57
N ALA C 387 37.23 7.40 30.30
CA ALA C 387 36.24 6.88 29.33
C ALA C 387 36.21 5.36 29.22
N PHE C 388 37.32 4.77 28.77
CA PHE C 388 37.30 3.35 28.44
C PHE C 388 37.33 2.42 29.67
N GLU C 389 38.03 2.79 30.75
CA GLU C 389 38.00 1.99 31.99
C GLU C 389 36.57 1.93 32.58
N ALA C 390 35.89 3.08 32.63
CA ALA C 390 34.50 3.15 33.13
C ALA C 390 33.59 2.27 32.27
N GLN C 391 33.75 2.40 30.96
CA GLN C 391 32.96 1.67 29.98
C GLN C 391 33.08 0.14 30.15
N VAL C 392 34.31 -0.36 30.19
CA VAL C 392 34.56 -1.81 30.33
C VAL C 392 34.03 -2.32 31.69
N ASP C 393 34.35 -1.63 32.78
CA ASP C 393 33.86 -1.98 34.14
C ASP C 393 32.33 -2.10 34.22
N ALA C 394 31.64 -1.10 33.65
CA ALA C 394 30.17 -1.10 33.59
C ALA C 394 29.61 -2.30 32.79
N LEU C 395 30.23 -2.64 31.66
CA LEU C 395 29.84 -3.83 30.89
C LEU C 395 30.02 -5.14 31.68
N LEU C 396 31.09 -5.26 32.46
CA LEU C 396 31.39 -6.52 33.15
C LEU C 396 30.65 -6.68 34.49
N ALA C 397 30.20 -5.57 35.08
CA ALA C 397 29.50 -5.60 36.37
C ALA C 397 28.08 -6.17 36.22
N THR C 398 27.77 -7.23 36.96
CA THR C 398 26.39 -7.80 36.98
C THR C 398 25.79 -7.91 38.39
N GLU C 399 26.46 -7.33 39.39
CA GLU C 399 25.93 -7.22 40.77
C GLU C 399 24.70 -6.32 40.77
N ALA C 400 23.53 -6.91 41.06
CA ALA C 400 22.28 -6.15 40.99
C ALA C 400 21.07 -6.83 41.68
N ALA C 401 20.13 -5.99 42.15
CA ALA C 401 18.80 -6.41 42.61
C ALA C 401 17.84 -6.56 41.42
N ASP C 402 16.85 -7.44 41.55
CA ASP C 402 15.92 -7.68 40.43
C ASP C 402 15.06 -6.42 40.22
N LEU C 403 14.62 -6.22 38.98
CA LEU C 403 13.85 -5.02 38.60
C LEU C 403 12.59 -5.47 37.88
N ALA C 404 11.44 -5.00 38.36
CA ALA C 404 10.16 -5.34 37.71
C ALA C 404 10.02 -4.53 36.41
N VAL C 405 9.71 -5.22 35.31
CA VAL C 405 9.52 -4.57 34.01
C VAL C 405 8.30 -5.13 33.30
N THR C 406 7.85 -4.43 32.27
CA THR C 406 6.82 -4.93 31.37
C THR C 406 7.58 -5.45 30.16
N ALA C 407 7.59 -6.75 29.98
CA ALA C 407 8.33 -7.36 28.88
C ALA C 407 7.72 -7.00 27.52
N VAL C 408 6.38 -7.08 27.44
CA VAL C 408 5.65 -6.73 26.23
C VAL C 408 4.43 -5.91 26.61
N LEU C 409 4.36 -4.71 26.08
CA LEU C 409 3.19 -3.84 26.21
C LEU C 409 2.50 -3.74 24.86
N VAL C 410 1.23 -4.14 24.79
CA VAL C 410 0.43 -4.00 23.57
C VAL C 410 -0.54 -2.88 23.86
N ASP C 411 -0.29 -1.73 23.24
CA ASP C 411 -1.22 -0.61 23.35
C ASP C 411 -2.55 -0.96 22.70
N PRO C 412 -3.65 -0.25 23.09
CA PRO C 412 -4.93 -0.55 22.45
C PRO C 412 -4.95 -0.44 20.90
N GLY C 413 -4.13 0.46 20.34
CA GLY C 413 -3.99 0.61 18.90
C GLY C 413 -3.32 -0.54 18.14
N SER C 414 -2.81 -1.52 18.85
CA SER C 414 -2.25 -2.72 18.23
C SER C 414 -3.04 -3.93 18.71
N ALA C 415 -3.33 -4.88 17.82
CA ALA C 415 -4.15 -6.02 18.16
C ALA C 415 -3.93 -7.20 17.24
N ARG C 416 -4.51 -8.33 17.61
CA ARG C 416 -4.37 -9.58 16.86
C ARG C 416 -2.92 -10.00 16.77
N ASN C 417 -2.16 -9.72 17.82
CA ASN C 417 -0.76 -10.14 17.92
C ASN C 417 -0.68 -11.48 18.64
N THR C 418 0.46 -12.16 18.47
CA THR C 418 0.70 -13.44 19.11
C THR C 418 1.98 -13.27 19.92
N ILE C 419 1.91 -13.49 21.23
CA ILE C 419 3.00 -13.24 22.16
C ILE C 419 3.24 -14.53 22.93
N LEU C 420 4.38 -15.17 22.64
CA LEU C 420 4.71 -16.49 23.20
C LEU C 420 6.04 -16.44 23.91
N ASP C 421 6.09 -16.98 25.13
CA ASP C 421 7.35 -17.22 25.86
C ASP C 421 8.29 -16.00 25.79
N SER C 422 7.71 -14.83 26.05
CA SER C 422 8.44 -13.57 26.07
C SER C 422 8.12 -12.80 27.34
N GLY C 423 7.74 -13.53 28.39
CA GLY C 423 7.40 -12.91 29.67
C GLY C 423 6.30 -13.64 30.40
N SER C 424 6.26 -13.46 31.71
CA SER C 424 5.18 -13.98 32.56
C SER C 424 3.87 -13.28 32.26
N ASP C 425 2.78 -13.78 32.82
CA ASP C 425 1.47 -13.19 32.56
C ASP C 425 1.37 -11.74 33.01
N THR C 426 2.05 -11.38 34.11
CA THR C 426 2.02 -9.99 34.58
C THR C 426 3.01 -9.09 33.84
N GLN C 427 4.05 -9.68 33.28
CA GLN C 427 5.00 -8.95 32.43
C GLN C 427 4.47 -8.60 31.05
N VAL C 428 3.42 -9.29 30.60
CA VAL C 428 2.81 -9.02 29.31
C VAL C 428 1.50 -8.29 29.57
N VAL C 429 1.46 -7.03 29.15
CA VAL C 429 0.32 -6.15 29.36
C VAL C 429 -0.36 -6.04 28.00
N ALA C 430 -1.53 -6.66 27.89
CA ALA C 430 -2.25 -6.76 26.63
C ALA C 430 -3.69 -7.22 26.86
N ASP C 431 -4.57 -6.76 25.99
CA ASP C 431 -5.97 -7.18 25.99
C ASP C 431 -6.01 -8.63 25.51
N ARG C 432 -6.31 -9.55 26.44
CA ARG C 432 -6.36 -11.00 26.14
C ARG C 432 -7.47 -11.40 25.18
N ALA C 433 -8.52 -10.57 25.07
CA ALA C 433 -9.63 -10.91 24.18
C ALA C 433 -9.25 -10.82 22.71
N VAL C 434 -8.23 -10.01 22.39
CA VAL C 434 -7.89 -9.73 20.99
C VAL C 434 -6.42 -9.94 20.66
N ASN C 435 -5.67 -10.60 21.57
CA ASN C 435 -4.31 -11.07 21.29
C ASN C 435 -4.19 -12.51 21.80
N ALA C 436 -3.31 -13.29 21.17
CA ALA C 436 -2.99 -14.66 21.60
C ALA C 436 -1.74 -14.61 22.47
N ILE C 437 -1.90 -14.93 23.75
CA ILE C 437 -0.82 -14.82 24.70
C ILE C 437 -0.51 -16.15 25.35
N ARG C 438 0.76 -16.55 25.33
CA ARG C 438 1.25 -17.68 26.13
C ARG C 438 2.38 -17.19 27.02
N ALA C 439 2.10 -17.12 28.31
CA ALA C 439 3.10 -16.75 29.30
C ALA C 439 4.26 -17.74 29.31
N THR C 440 5.47 -17.24 29.53
CA THR C 440 6.61 -18.13 29.78
C THR C 440 6.27 -18.99 31.01
N PRO C 441 6.49 -20.32 30.93
CA PRO C 441 6.17 -21.18 32.09
C PRO C 441 6.88 -20.73 33.37
N THR C 442 6.20 -20.92 34.50
CA THR C 442 6.69 -20.49 35.81
C THR C 442 7.53 -21.58 36.46
N VAL C 443 8.46 -21.16 37.30
CA VAL C 443 9.32 -22.05 38.07
C VAL C 443 8.46 -22.91 39.03
N ASN D 4 -14.89 20.39 -37.45
CA ASN D 4 -14.81 19.57 -36.20
C ASN D 4 -16.16 19.36 -35.51
N ASN D 5 -17.30 19.74 -36.15
CA ASN D 5 -18.64 19.50 -35.61
C ASN D 5 -19.01 20.28 -34.33
N ARG D 6 -18.29 21.36 -34.08
CA ARG D 6 -18.60 22.25 -32.95
C ARG D 6 -19.02 23.60 -33.53
N TYR D 7 -20.19 24.08 -33.09
CA TYR D 7 -20.73 25.37 -33.50
C TYR D 7 -21.03 26.27 -32.30
N ASP D 8 -20.97 27.56 -32.53
CA ASP D 8 -21.31 28.58 -31.55
C ASP D 8 -22.33 29.48 -32.25
N VAL D 9 -23.51 29.67 -31.65
CA VAL D 9 -24.58 30.41 -32.33
C VAL D 9 -24.25 31.88 -32.58
N THR D 10 -23.26 32.41 -31.85
CA THR D 10 -22.77 33.77 -32.07
C THR D 10 -21.69 33.88 -33.12
N GLU D 11 -21.22 32.76 -33.66
CA GLU D 11 -20.20 32.68 -34.69
C GLU D 11 -20.70 31.88 -35.90
N TRP D 12 -21.93 32.14 -36.32
CA TRP D 12 -22.48 31.49 -37.52
C TRP D 12 -22.91 32.59 -38.48
N PRO D 13 -22.36 32.60 -39.72
CA PRO D 13 -22.65 33.73 -40.67
C PRO D 13 -24.11 33.99 -41.00
N ALA D 14 -24.91 32.93 -41.06
CA ALA D 14 -26.33 33.03 -41.41
C ALA D 14 -27.19 33.48 -40.23
N GLY D 15 -27.87 34.59 -40.39
CA GLY D 15 -28.81 35.06 -39.38
C GLY D 15 -28.17 35.71 -38.16
N ASN D 16 -29.00 35.94 -37.17
CA ASN D 16 -28.63 36.72 -36.00
C ASN D 16 -29.32 36.09 -34.80
N PRO D 17 -28.54 35.50 -33.86
CA PRO D 17 -29.22 34.79 -32.78
C PRO D 17 -29.98 35.69 -31.80
N ALA D 18 -29.63 36.98 -31.71
CA ALA D 18 -30.44 37.94 -30.93
C ALA D 18 -31.87 38.03 -31.46
N LYS D 19 -32.01 38.03 -32.79
CA LYS D 19 -33.28 38.27 -33.47
C LYS D 19 -34.06 36.99 -33.72
N ASP D 20 -33.39 35.97 -34.28
CA ASP D 20 -33.99 34.67 -34.46
C ASP D 20 -32.95 33.54 -34.37
N ILE D 21 -32.74 33.06 -33.15
CA ILE D 21 -31.85 31.93 -32.92
C ILE D 21 -32.37 30.64 -33.56
N GLY D 22 -33.67 30.55 -33.77
CA GLY D 22 -34.25 29.39 -34.42
C GLY D 22 -33.72 29.21 -35.82
N GLU D 23 -33.69 30.29 -36.59
CA GLU D 23 -33.14 30.29 -37.94
C GLU D 23 -31.65 29.92 -37.90
N VAL D 24 -30.93 30.45 -36.93
CA VAL D 24 -29.50 30.18 -36.81
C VAL D 24 -29.31 28.67 -36.59
N ILE D 25 -30.05 28.09 -35.65
CA ILE D 25 -29.84 26.70 -35.28
C ILE D 25 -30.27 25.78 -36.43
N ASN D 26 -31.39 26.10 -37.08
CA ASN D 26 -31.79 25.33 -38.27
C ASN D 26 -30.74 25.37 -39.39
N SER D 27 -30.12 26.53 -39.58
CA SER D 27 -29.05 26.67 -40.59
C SER D 27 -27.85 25.78 -40.23
N ILE D 28 -27.49 25.77 -38.95
CA ILE D 28 -26.42 24.87 -38.44
C ILE D 28 -26.77 23.39 -38.71
N ILE D 29 -27.99 22.99 -38.38
CA ILE D 29 -28.43 21.61 -38.57
C ILE D 29 -28.37 21.23 -40.08
N ALA D 30 -28.76 22.14 -40.97
CA ALA D 30 -28.65 21.90 -42.42
C ALA D 30 -27.19 21.68 -42.81
N ASP D 31 -26.28 22.46 -42.22
CA ASP D 31 -24.85 22.29 -42.46
C ASP D 31 -24.36 20.91 -42.02
N ILE D 32 -24.79 20.47 -40.84
CA ILE D 32 -24.40 19.17 -40.31
C ILE D 32 -24.85 18.06 -41.29
N LYS D 33 -26.10 18.15 -41.73
CA LYS D 33 -26.65 17.15 -42.64
C LYS D 33 -25.94 17.15 -43.98
N ALA D 34 -25.60 18.34 -44.47
CA ALA D 34 -24.88 18.46 -45.74
C ALA D 34 -23.49 17.81 -45.66
N ARG D 35 -22.80 17.95 -44.52
CA ARG D 35 -21.48 17.33 -44.33
C ARG D 35 -21.54 15.85 -43.98
N GLN D 36 -22.58 15.43 -43.28
CA GLN D 36 -22.67 14.07 -42.76
C GLN D 36 -23.73 13.29 -43.53
N GLY D 37 -23.49 13.11 -44.83
CA GLY D 37 -24.47 12.51 -45.71
C GLY D 37 -24.41 11.00 -45.82
N ALA D 38 -23.27 10.41 -45.45
CA ALA D 38 -23.00 8.97 -45.67
C ALA D 38 -22.96 8.25 -44.31
N ALA D 39 -23.69 7.15 -44.20
CA ALA D 39 -23.86 6.44 -42.92
C ALA D 39 -22.77 5.41 -42.61
N ASP D 40 -21.98 5.00 -43.60
CA ASP D 40 -21.03 3.93 -43.38
C ASP D 40 -19.72 4.14 -44.14
N VAL D 41 -18.97 5.14 -43.70
CA VAL D 41 -17.65 5.46 -44.23
C VAL D 41 -16.67 5.24 -43.08
N ASP D 42 -15.73 4.31 -43.26
CA ASP D 42 -14.72 3.95 -42.26
C ASP D 42 -15.32 3.80 -40.83
N ASP D 43 -16.37 2.96 -40.76
CA ASP D 43 -17.05 2.59 -39.52
C ASP D 43 -17.77 3.76 -38.87
N GLY D 44 -18.14 4.77 -39.65
CA GLY D 44 -18.82 5.92 -39.09
C GLY D 44 -19.48 6.77 -40.17
N GLY D 45 -19.60 8.06 -39.90
CA GLY D 45 -20.07 9.00 -40.89
C GLY D 45 -21.09 10.02 -40.45
N LYS D 46 -21.89 9.68 -39.44
CA LYS D 46 -22.91 10.60 -38.93
C LYS D 46 -22.79 10.78 -37.41
N PRO D 47 -21.65 11.30 -36.94
CA PRO D 47 -21.43 11.42 -35.47
C PRO D 47 -22.22 12.52 -34.78
N GLY D 48 -22.84 13.40 -35.54
CA GLY D 48 -23.59 14.48 -34.94
C GLY D 48 -22.69 15.68 -34.68
N ALA D 49 -23.07 16.47 -33.70
CA ALA D 49 -22.45 17.77 -33.50
C ALA D 49 -22.84 18.35 -32.16
N VAL D 50 -22.17 19.41 -31.77
CA VAL D 50 -22.55 20.18 -30.60
C VAL D 50 -22.75 21.64 -31.00
N ILE D 51 -23.81 22.24 -30.48
CA ILE D 51 -24.14 23.66 -30.73
C ILE D 51 -24.11 24.35 -29.39
N TYR D 52 -23.26 25.38 -29.25
CA TYR D 52 -23.04 26.12 -28.01
C TYR D 52 -23.74 27.48 -28.06
N LEU D 53 -24.46 27.77 -26.98
CA LEU D 53 -25.11 29.05 -26.73
C LEU D 53 -24.39 29.72 -25.57
N PRO D 54 -23.57 30.75 -25.87
CA PRO D 54 -23.00 31.54 -24.78
C PRO D 54 -24.09 32.23 -23.99
N PRO D 55 -23.80 32.69 -22.75
CA PRO D 55 -24.83 33.47 -22.03
C PRO D 55 -25.27 34.67 -22.85
N GLY D 56 -26.55 34.95 -22.88
CA GLY D 56 -27.11 35.93 -23.79
C GLY D 56 -28.61 35.82 -23.90
N ASP D 57 -29.21 36.89 -24.44
CA ASP D 57 -30.66 36.99 -24.68
C ASP D 57 -30.91 36.73 -26.16
N TYR D 58 -31.46 35.56 -26.45
CA TYR D 58 -31.71 35.15 -27.83
C TYR D 58 -33.19 34.96 -28.11
N HIS D 59 -33.76 35.72 -29.05
CA HIS D 59 -35.15 35.56 -29.42
C HIS D 59 -35.24 34.44 -30.43
N LEU D 60 -36.19 33.55 -30.20
CA LEU D 60 -36.51 32.48 -31.14
C LEU D 60 -37.87 32.80 -31.79
N ARG D 61 -37.85 32.98 -33.11
CA ARG D 61 -39.07 33.26 -33.87
C ARG D 61 -39.40 32.17 -34.86
N THR D 62 -38.50 31.20 -35.03
CA THR D 62 -38.73 30.05 -35.88
C THR D 62 -38.43 28.79 -35.08
N GLN D 63 -39.38 27.85 -35.07
CA GLN D 63 -39.19 26.56 -34.41
C GLN D 63 -37.94 25.85 -34.93
N VAL D 64 -37.16 25.32 -34.00
CA VAL D 64 -35.99 24.48 -34.34
C VAL D 64 -36.48 23.06 -34.54
N LEU D 65 -36.13 22.46 -35.69
CA LEU D 65 -36.43 21.06 -35.96
C LEU D 65 -35.16 20.25 -35.87
N ILE D 66 -35.10 19.33 -34.90
CA ILE D 66 -33.97 18.45 -34.73
C ILE D 66 -34.40 17.08 -35.25
N ASP D 67 -33.74 16.63 -36.31
CA ASP D 67 -34.07 15.37 -36.96
C ASP D 67 -32.78 14.57 -37.26
N ILE D 68 -31.76 14.76 -36.42
CA ILE D 68 -30.54 13.97 -36.51
C ILE D 68 -30.20 13.46 -35.12
N SER D 69 -29.63 12.26 -35.07
CA SER D 69 -29.15 11.69 -33.82
C SER D 69 -27.86 12.35 -33.36
N PHE D 70 -27.59 12.26 -32.07
CA PHE D 70 -26.31 12.69 -31.50
C PHE D 70 -26.05 14.19 -31.63
N LEU D 71 -27.11 15.00 -31.61
CA LEU D 71 -27.00 16.45 -31.54
C LEU D 71 -27.05 16.85 -30.08
N ARG D 72 -26.07 17.62 -29.65
CA ARG D 72 -26.08 18.25 -28.33
C ARG D 72 -26.23 19.75 -28.46
N ILE D 73 -27.18 20.31 -27.74
CA ILE D 73 -27.36 21.75 -27.65
C ILE D 73 -27.10 22.11 -26.19
N GLU D 74 -26.09 22.97 -25.98
CA GLU D 74 -25.56 23.26 -24.65
C GLU D 74 -25.38 24.75 -24.45
N GLY D 75 -25.56 25.18 -23.21
CA GLY D 75 -25.26 26.53 -22.82
C GLY D 75 -24.42 26.62 -21.56
N SER D 76 -24.40 27.83 -21.00
CA SER D 76 -23.61 28.18 -19.83
C SER D 76 -24.44 28.86 -18.73
N GLY D 77 -25.70 28.47 -18.59
CA GLY D 77 -26.48 28.96 -17.46
C GLY D 77 -27.94 28.62 -17.60
N HIS D 78 -28.51 28.08 -16.52
CA HIS D 78 -29.93 27.74 -16.46
C HIS D 78 -30.81 28.98 -16.28
N GLY D 79 -30.23 30.06 -15.76
CA GLY D 79 -30.81 31.38 -15.98
C GLY D 79 -32.11 31.72 -15.27
N PHE D 80 -32.52 30.93 -14.29
CA PHE D 80 -33.83 31.10 -13.67
C PHE D 80 -33.92 32.32 -12.75
N THR D 81 -35.00 33.10 -12.90
CA THR D 81 -35.45 34.01 -11.84
C THR D 81 -36.97 33.95 -11.84
N SER D 82 -37.62 34.30 -10.73
CA SER D 82 -39.07 34.19 -10.61
CA SER D 82 -39.07 34.16 -10.64
C SER D 82 -39.80 35.31 -11.32
N SER D 83 -40.11 35.09 -12.58
CA SER D 83 -40.99 36.00 -13.30
C SER D 83 -42.36 36.08 -12.62
N SER D 84 -42.82 35.00 -11.97
CA SER D 84 -44.07 35.04 -11.22
C SER D 84 -44.02 36.12 -10.13
N ILE D 85 -42.97 36.11 -9.31
CA ILE D 85 -42.79 37.15 -8.30
C ILE D 85 -42.77 38.52 -8.96
N ARG D 86 -41.97 38.68 -10.02
CA ARG D 86 -41.79 40.01 -10.63
C ARG D 86 -43.08 40.56 -11.21
N PHE D 87 -43.85 39.73 -11.91
CA PHE D 87 -45.10 40.21 -12.48
C PHE D 87 -46.18 40.53 -11.45
N ASN D 88 -46.03 40.06 -10.22
CA ASN D 88 -46.92 40.45 -9.12
C ASN D 88 -46.38 41.56 -8.22
N VAL D 89 -45.19 42.06 -8.50
CA VAL D 89 -44.69 43.31 -7.91
C VAL D 89 -45.37 44.45 -8.63
N PRO D 90 -45.81 45.49 -7.89
CA PRO D 90 -46.41 46.61 -8.61
C PRO D 90 -45.46 47.22 -9.63
N GLU D 91 -45.99 47.49 -10.81
CA GLU D 91 -45.23 47.93 -11.94
C GLU D 91 -44.42 49.21 -11.71
N GLU D 92 -44.92 50.15 -10.90
CA GLU D 92 -44.12 51.33 -10.57
C GLU D 92 -42.80 51.02 -9.85
N GLU D 93 -42.68 49.85 -9.23
CA GLU D 93 -41.44 49.45 -8.53
C GLU D 93 -40.43 48.75 -9.43
N TRP D 94 -40.82 48.40 -10.66
CA TRP D 94 -39.92 47.64 -11.54
C TRP D 94 -38.60 48.33 -11.86
N PRO D 95 -38.59 49.67 -12.04
CA PRO D 95 -37.31 50.32 -12.33
C PRO D 95 -36.23 50.22 -11.24
N ASP D 96 -36.62 50.02 -9.98
CA ASP D 96 -35.67 49.88 -8.87
C ASP D 96 -35.14 48.45 -8.68
N LEU D 97 -35.74 47.46 -9.36
CA LEU D 97 -35.26 46.07 -9.27
C LEU D 97 -33.92 45.90 -9.97
N HIS D 98 -33.04 45.06 -9.41
CA HIS D 98 -31.73 44.85 -10.04
C HIS D 98 -31.84 44.25 -11.44
N GLU D 99 -32.80 43.36 -11.62
CA GLU D 99 -33.10 42.79 -12.93
C GLU D 99 -34.55 42.40 -12.97
N LEU D 100 -35.04 42.17 -14.17
CA LEU D 100 -36.44 41.89 -14.44
C LEU D 100 -36.65 40.53 -15.10
N TRP D 101 -35.69 40.07 -15.89
CA TRP D 101 -35.89 38.91 -16.74
C TRP D 101 -34.97 37.77 -16.36
N PRO D 102 -35.34 36.52 -16.71
CA PRO D 102 -34.36 35.43 -16.70
C PRO D 102 -33.13 35.74 -17.55
N GLY D 103 -32.06 34.95 -17.36
CA GLY D 103 -30.82 35.14 -18.09
C GLY D 103 -30.16 33.82 -18.40
N GLY D 104 -28.85 33.75 -18.21
CA GLY D 104 -28.08 32.56 -18.62
C GLY D 104 -28.02 32.48 -20.14
N SER D 105 -27.98 31.26 -20.67
CA SER D 105 -27.99 31.06 -22.09
C SER D 105 -29.46 30.97 -22.48
N ARG D 106 -30.06 32.13 -22.73
CA ARG D 106 -31.51 32.28 -22.74
C ARG D 106 -32.16 32.32 -24.12
N VAL D 107 -33.01 31.33 -24.35
CA VAL D 107 -33.87 31.23 -25.53
C VAL D 107 -35.27 31.76 -25.17
N ILE D 108 -35.59 32.95 -25.72
CA ILE D 108 -36.91 33.58 -25.54
C ILE D 108 -37.84 33.06 -26.63
N VAL D 109 -38.92 32.39 -26.24
CA VAL D 109 -39.80 31.72 -27.19
C VAL D 109 -40.84 32.72 -27.68
N ASP D 110 -40.58 33.30 -28.85
CA ASP D 110 -41.51 34.27 -29.46
C ASP D 110 -42.29 33.62 -30.60
N LEU D 111 -42.86 32.45 -30.34
CA LEU D 111 -43.76 31.80 -31.29
C LEU D 111 -45.19 32.11 -30.95
N PRO D 112 -46.10 32.06 -31.94
CA PRO D 112 -47.53 32.10 -31.60
C PRO D 112 -47.99 30.79 -30.93
N ALA D 113 -49.10 30.86 -30.19
CA ALA D 113 -49.63 29.69 -29.49
C ALA D 113 -49.96 28.57 -30.47
N GLY D 114 -49.67 27.33 -30.06
CA GLY D 114 -50.07 26.14 -30.81
C GLY D 114 -51.53 25.77 -30.55
N SER D 119 -50.30 21.64 -30.61
CA SER D 119 -49.46 22.28 -29.59
C SER D 119 -47.97 22.15 -29.92
N ALA D 120 -47.58 21.09 -30.63
CA ALA D 120 -46.20 20.95 -31.13
C ALA D 120 -45.72 22.18 -31.91
N ALA D 121 -46.63 22.88 -32.60
CA ALA D 121 -46.28 24.11 -33.34
C ALA D 121 -45.77 25.26 -32.46
N GLY D 122 -46.18 25.27 -31.18
CA GLY D 122 -45.71 26.28 -30.22
C GLY D 122 -44.41 25.91 -29.50
N ALA D 123 -43.79 24.80 -29.88
CA ALA D 123 -42.53 24.36 -29.27
C ALA D 123 -41.31 25.05 -29.85
N ALA D 124 -40.44 25.54 -28.98
CA ALA D 124 -39.20 26.16 -29.42
C ALA D 124 -38.32 25.15 -30.13
N PHE D 125 -38.19 23.96 -29.54
CA PHE D 125 -37.43 22.85 -30.11
C PHE D 125 -38.36 21.66 -30.30
N LEU D 126 -38.40 21.18 -31.55
CA LEU D 126 -39.22 20.02 -31.92
C LEU D 126 -38.25 18.95 -32.35
N VAL D 127 -38.31 17.81 -31.68
CA VAL D 127 -37.47 16.69 -32.11
C VAL D 127 -38.39 15.65 -32.79
N ALA D 128 -38.15 15.42 -34.08
CA ALA D 128 -39.01 14.56 -34.85
C ALA D 128 -38.25 13.95 -35.99
N ARG D 129 -38.37 12.63 -36.13
CA ARG D 129 -37.87 11.93 -37.30
C ARG D 129 -38.58 10.61 -37.35
N GLU D 130 -39.15 10.28 -38.50
CA GLU D 130 -39.81 8.99 -38.65
C GLU D 130 -38.85 8.02 -39.34
N GLY D 131 -39.28 6.78 -39.53
CA GLY D 131 -38.40 5.77 -40.08
C GLY D 131 -37.54 5.13 -38.99
N SER D 132 -36.45 4.51 -39.40
CA SER D 132 -35.62 3.71 -38.53
C SER D 132 -34.15 4.06 -38.71
N PRO D 133 -33.32 3.87 -37.68
CA PRO D 133 -33.71 3.55 -36.32
C PRO D 133 -34.32 4.75 -35.64
N ARG D 134 -34.76 4.57 -34.41
CA ARG D 134 -35.21 5.70 -33.59
C ARG D 134 -34.11 6.72 -33.42
N ILE D 135 -34.48 7.98 -33.52
CA ILE D 135 -33.57 9.07 -33.20
C ILE D 135 -33.01 8.85 -31.78
N SER D 136 -31.69 9.03 -31.64
CA SER D 136 -31.00 8.60 -30.42
C SER D 136 -29.99 9.60 -29.92
N SER D 137 -29.88 9.64 -28.59
CA SER D 137 -28.81 10.35 -27.89
C SER D 137 -28.68 11.82 -28.22
N VAL D 138 -29.82 12.48 -28.42
CA VAL D 138 -29.88 13.93 -28.39
C VAL D 138 -29.73 14.39 -26.93
N GLU D 139 -28.99 15.48 -26.74
CA GLU D 139 -28.67 16.03 -25.43
C GLU D 139 -29.00 17.51 -25.39
N PHE D 140 -29.78 17.91 -24.38
CA PHE D 140 -30.01 19.32 -24.08
C PHE D 140 -29.37 19.59 -22.72
N SER D 141 -28.48 20.58 -22.64
CA SER D 141 -27.75 20.87 -21.39
C SER D 141 -27.55 22.33 -21.04
N ASN D 142 -27.96 22.69 -19.82
CA ASN D 142 -27.51 23.93 -19.16
C ASN D 142 -27.81 25.20 -19.93
N PHE D 143 -29.02 25.31 -20.47
CA PHE D 143 -29.48 26.56 -21.03
C PHE D 143 -30.90 26.84 -20.56
N CYS D 144 -31.39 28.04 -20.88
CA CYS D 144 -32.62 28.57 -20.31
C CYS D 144 -33.62 28.71 -21.46
N ILE D 145 -34.85 28.26 -21.24
CA ILE D 145 -35.95 28.47 -22.21
C ILE D 145 -37.07 29.21 -21.46
N ASP D 146 -37.41 30.38 -21.99
CA ASP D 146 -38.28 31.35 -21.34
C ASP D 146 -39.43 31.70 -22.28
N GLY D 147 -40.67 31.46 -21.83
CA GLY D 147 -41.87 31.84 -22.62
C GLY D 147 -42.38 33.24 -22.31
N LEU D 148 -41.60 34.00 -21.53
CA LEU D 148 -41.76 35.44 -21.36
C LEU D 148 -42.98 35.91 -20.55
N HIS D 149 -44.18 35.64 -21.06
CA HIS D 149 -45.44 36.08 -20.46
C HIS D 149 -46.49 34.97 -20.45
N PHE D 150 -47.38 35.01 -19.46
CA PHE D 150 -48.62 34.27 -19.55
C PHE D 150 -49.72 35.28 -19.93
N THR D 151 -50.78 34.80 -20.56
CA THR D 151 -51.82 35.68 -21.14
C THR D 151 -53.23 35.24 -20.76
N ALA D 152 -54.19 36.14 -20.98
CA ALA D 152 -55.59 35.93 -20.58
C ALA D 152 -56.15 34.67 -21.21
N ASP D 153 -56.97 33.94 -20.46
CA ASP D 153 -57.55 32.68 -20.95
C ASP D 153 -59.01 32.44 -20.56
N GLY D 154 -59.70 33.48 -20.07
CA GLY D 154 -61.00 33.30 -19.39
C GLY D 154 -61.01 32.68 -17.97
N SER D 155 -59.86 32.38 -17.38
CA SER D 155 -59.81 31.95 -15.95
C SER D 155 -59.98 33.16 -15.06
N GLY D 156 -59.57 34.31 -15.58
CA GLY D 156 -59.75 35.57 -14.88
C GLY D 156 -58.88 35.77 -13.66
N ARG D 157 -57.82 34.98 -13.57
CA ARG D 157 -56.66 35.41 -12.84
C ARG D 157 -56.17 36.62 -13.65
N HIS D 158 -55.26 37.38 -13.05
CA HIS D 158 -54.52 38.35 -13.82
C HIS D 158 -53.81 37.59 -14.94
N PRO D 159 -53.60 38.22 -16.10
CA PRO D 159 -52.97 37.52 -17.24
C PRO D 159 -51.67 36.77 -16.89
N GLU D 160 -50.77 37.40 -16.12
CA GLU D 160 -49.46 36.76 -15.83
C GLU D 160 -49.53 35.59 -14.86
N ASN D 161 -50.70 35.35 -14.27
CA ASN D 161 -50.92 34.20 -13.37
C ASN D 161 -51.74 33.06 -13.95
N THR D 162 -52.05 33.08 -15.25
CA THR D 162 -52.91 32.06 -15.85
C THR D 162 -52.17 30.77 -16.16
N TYR D 163 -50.84 30.84 -16.26
CA TYR D 163 -50.02 29.72 -16.76
C TYR D 163 -50.37 29.31 -18.22
N ALA D 164 -50.97 30.24 -18.97
CA ALA D 164 -51.40 29.97 -20.36
C ALA D 164 -50.77 30.85 -21.43
N ASN D 165 -49.98 30.23 -22.29
CA ASN D 165 -49.49 30.86 -23.52
C ASN D 165 -49.28 29.99 -24.78
N GLY D 166 -49.62 28.71 -24.73
CA GLY D 166 -49.48 27.82 -25.89
C GLY D 166 -48.04 27.48 -26.28
N LYS D 167 -47.07 27.81 -25.41
CA LYS D 167 -45.66 27.64 -25.74
C LYS D 167 -45.12 26.39 -25.04
N THR D 168 -44.26 25.67 -25.76
CA THR D 168 -43.53 24.53 -25.19
C THR D 168 -42.03 24.81 -25.30
N GLY D 169 -41.25 24.31 -24.33
CA GLY D 169 -39.80 24.46 -24.42
C GLY D 169 -39.22 23.46 -25.41
N ILE D 170 -39.37 22.18 -25.09
CA ILE D 170 -38.82 21.07 -25.89
C ILE D 170 -39.93 20.05 -26.02
N HIS D 171 -40.27 19.72 -27.27
CA HIS D 171 -41.26 18.70 -27.57
C HIS D 171 -40.61 17.61 -28.43
N VAL D 172 -40.58 16.38 -27.94
CA VAL D 172 -40.06 15.26 -28.71
C VAL D 172 -41.28 14.46 -29.15
N ALA D 173 -41.52 14.45 -30.45
CA ALA D 173 -42.71 13.82 -31.03
C ALA D 173 -42.47 12.37 -31.41
N SER D 174 -41.27 12.03 -31.83
CA SER D 174 -40.95 10.69 -32.35
C SER D 174 -40.37 9.76 -31.31
N ALA D 175 -40.52 8.46 -31.55
CA ALA D 175 -39.88 7.44 -30.72
C ALA D 175 -38.38 7.73 -30.63
N ASN D 176 -37.84 7.66 -29.42
CA ASN D 176 -36.47 8.08 -29.17
C ASN D 176 -35.80 7.18 -28.16
N ASP D 177 -34.46 7.14 -28.19
CA ASP D 177 -33.67 6.26 -27.33
C ASP D 177 -32.48 7.03 -26.77
N SER D 178 -32.24 6.88 -25.48
CA SER D 178 -31.02 7.37 -24.84
C SER D 178 -30.90 8.90 -24.87
N PHE D 179 -32.04 9.60 -24.82
CA PHE D 179 -32.02 11.08 -24.79
C PHE D 179 -31.64 11.56 -23.41
N ARG D 180 -31.15 12.79 -23.35
CA ARG D 180 -30.80 13.41 -22.06
C ARG D 180 -31.25 14.87 -22.04
N VAL D 181 -31.85 15.28 -20.93
CA VAL D 181 -32.14 16.69 -20.66
C VAL D 181 -31.57 16.94 -19.28
N THR D 182 -30.53 17.77 -19.20
CA THR D 182 -29.78 17.99 -17.95
C THR D 182 -29.46 19.45 -17.72
N ASP D 183 -29.47 19.86 -16.47
CA ASP D 183 -29.02 21.18 -16.06
C ASP D 183 -29.78 22.34 -16.71
N MET D 184 -30.97 22.07 -17.25
CA MET D 184 -31.76 23.14 -17.89
C MET D 184 -32.47 24.04 -16.88
N GLY D 185 -32.83 25.23 -17.36
CA GLY D 185 -33.81 26.09 -16.74
C GLY D 185 -34.97 26.27 -17.70
N PHE D 186 -36.18 26.05 -17.21
CA PHE D 186 -37.42 26.34 -17.95
C PHE D 186 -38.28 27.30 -17.10
N VAL D 187 -38.85 28.33 -17.72
CA VAL D 187 -39.65 29.33 -17.02
C VAL D 187 -40.73 29.93 -17.94
N TYR D 188 -41.92 30.11 -17.40
CA TYR D 188 -43.02 30.82 -18.07
C TYR D 188 -43.43 30.18 -19.41
N LEU D 189 -43.42 28.85 -19.46
CA LEU D 189 -43.90 28.08 -20.59
C LEU D 189 -45.17 27.37 -20.18
N GLU D 190 -46.18 27.28 -21.05
CA GLU D 190 -47.33 26.47 -20.72
C GLU D 190 -46.95 25.01 -20.52
N ASN D 191 -46.02 24.51 -21.33
CA ASN D 191 -45.43 23.18 -21.19
C ASN D 191 -43.92 23.30 -21.27
N ALA D 192 -43.19 22.91 -20.22
CA ALA D 192 -41.73 22.93 -20.30
C ALA D 192 -41.17 21.86 -21.26
N LEU D 193 -41.48 20.61 -20.97
CA LEU D 193 -40.79 19.47 -21.56
C LEU D 193 -41.79 18.34 -21.77
N THR D 194 -42.04 18.01 -23.03
CA THR D 194 -42.96 16.97 -23.38
C THR D 194 -42.24 15.98 -24.30
N ILE D 195 -42.13 14.73 -23.85
CA ILE D 195 -41.42 13.74 -24.60
C ILE D 195 -42.33 12.53 -24.82
N HIS D 196 -42.63 12.26 -26.09
CA HIS D 196 -43.42 11.10 -26.49
C HIS D 196 -42.54 9.91 -26.78
N LYS D 197 -43.03 8.72 -26.43
CA LYS D 197 -42.46 7.45 -26.93
C LYS D 197 -40.97 7.25 -26.56
N ALA D 198 -40.66 7.55 -25.29
CA ALA D 198 -39.28 7.55 -24.78
C ALA D 198 -38.80 6.17 -24.30
N ASP D 199 -37.58 5.82 -24.71
CA ASP D 199 -36.86 4.66 -24.22
C ASP D 199 -35.54 5.12 -23.60
N ALA D 200 -35.29 4.70 -22.37
CA ALA D 200 -33.99 4.88 -21.73
C ALA D 200 -33.57 6.35 -21.72
N LEU D 201 -34.57 7.18 -21.43
CA LEU D 201 -34.41 8.61 -21.30
C LEU D 201 -33.96 8.95 -19.89
N SER D 202 -33.11 9.98 -19.79
CA SER D 202 -32.78 10.59 -18.51
C SER D 202 -33.06 12.09 -18.48
N ILE D 203 -33.91 12.49 -17.55
CA ILE D 203 -34.21 13.90 -17.27
C ILE D 203 -33.66 14.13 -15.86
N HIS D 204 -32.49 14.77 -15.80
CA HIS D 204 -31.66 14.82 -14.62
C HIS D 204 -31.14 16.23 -14.28
N HIS D 205 -31.35 16.62 -13.04
CA HIS D 205 -30.80 17.85 -12.49
C HIS D 205 -31.19 19.12 -13.25
N ASN D 206 -32.47 19.24 -13.56
CA ASN D 206 -33.00 20.45 -14.16
C ASN D 206 -33.72 21.31 -13.13
N PHE D 207 -34.01 22.54 -13.52
CA PHE D 207 -34.84 23.46 -12.76
C PHE D 207 -36.00 23.85 -13.67
N ILE D 208 -37.18 23.32 -13.34
CA ILE D 208 -38.36 23.42 -14.20
C ILE D 208 -39.48 24.01 -13.38
N ALA D 209 -39.68 25.33 -13.48
CA ALA D 209 -40.56 26.03 -12.54
C ALA D 209 -41.35 27.15 -13.20
N GLU D 210 -42.51 27.43 -12.63
CA GLU D 210 -43.41 28.48 -13.16
C GLU D 210 -43.77 28.19 -14.62
N CYS D 211 -44.00 26.91 -14.87
CA CYS D 211 -44.54 26.45 -16.14
C CYS D 211 -45.88 25.80 -15.88
N GLY D 212 -46.81 25.89 -16.82
CA GLY D 212 -48.12 25.30 -16.63
C GLY D 212 -48.04 23.84 -16.28
N SER D 213 -47.35 23.11 -17.14
CA SER D 213 -46.94 21.73 -16.86
C SER D 213 -45.45 21.67 -17.06
N CYS D 214 -44.79 20.84 -16.26
CA CYS D 214 -43.34 20.73 -16.32
C CYS D 214 -42.89 19.56 -17.19
N ILE D 215 -42.90 18.36 -16.64
CA ILE D 215 -42.43 17.18 -17.38
C ILE D 215 -43.61 16.27 -17.74
N GLU D 216 -43.81 16.02 -19.03
CA GLU D 216 -44.83 15.09 -19.47
C GLU D 216 -44.21 14.03 -20.37
N LEU D 217 -44.33 12.77 -19.97
CA LEU D 217 -43.87 11.64 -20.76
C LEU D 217 -45.12 10.96 -21.33
N ARG D 218 -45.34 11.16 -22.63
CA ARG D 218 -46.61 10.81 -23.28
C ARG D 218 -46.46 9.61 -24.23
N GLY D 219 -47.61 9.03 -24.55
CA GLY D 219 -47.73 7.93 -25.50
C GLY D 219 -47.48 6.64 -24.81
N TRP D 220 -46.19 6.30 -24.72
CA TRP D 220 -45.68 5.16 -24.03
C TRP D 220 -44.21 5.38 -23.74
N GLY D 221 -43.63 4.46 -22.98
CA GLY D 221 -42.18 4.47 -22.81
C GLY D 221 -41.65 3.35 -21.95
N GLN D 222 -40.32 3.22 -21.90
CA GLN D 222 -39.71 2.22 -21.08
C GLN D 222 -38.34 2.64 -20.55
N ALA D 223 -38.00 2.09 -19.41
CA ALA D 223 -36.64 2.13 -18.84
C ALA D 223 -36.04 3.53 -18.70
N SER D 224 -36.87 4.50 -18.30
CA SER D 224 -36.44 5.89 -18.24
C SER D 224 -36.31 6.33 -16.78
N LYS D 225 -35.74 7.51 -16.60
CA LYS D 225 -35.58 8.06 -15.26
C LYS D 225 -35.71 9.58 -15.23
N ILE D 226 -36.29 10.05 -14.13
CA ILE D 226 -36.49 11.47 -13.84
C ILE D 226 -35.91 11.65 -12.44
N THR D 227 -34.73 12.27 -12.38
CA THR D 227 -33.95 12.33 -11.15
C THR D 227 -33.36 13.69 -10.84
N ASP D 228 -33.39 14.05 -9.56
CA ASP D 228 -32.64 15.21 -9.03
C ASP D 228 -33.10 16.53 -9.62
N ASN D 229 -34.38 16.62 -9.95
CA ASN D 229 -34.94 17.85 -10.54
C ASN D 229 -35.64 18.68 -9.46
N LEU D 230 -35.63 19.99 -9.67
CA LEU D 230 -36.44 20.93 -8.91
C LEU D 230 -37.59 21.33 -9.85
N VAL D 231 -38.82 21.11 -9.39
CA VAL D 231 -40.01 21.17 -10.25
C VAL D 231 -41.16 21.91 -9.58
N GLY D 232 -41.76 22.87 -10.29
CA GLY D 232 -42.97 23.57 -9.80
C GLY D 232 -43.86 23.97 -10.97
N ALA D 233 -45.08 23.46 -10.98
CA ALA D 233 -46.02 23.66 -12.08
C ALA D 233 -47.18 24.62 -11.71
N GLY D 234 -48.23 24.61 -12.53
CA GLY D 234 -49.38 25.48 -12.35
C GLY D 234 -50.61 24.66 -12.04
N PRO D 235 -51.65 25.30 -11.46
CA PRO D 235 -52.75 24.52 -10.86
C PRO D 235 -53.62 23.68 -11.77
N ARG D 236 -53.53 23.90 -13.10
CA ARG D 236 -54.24 23.04 -14.06
C ARG D 236 -53.31 22.07 -14.78
N GLY D 237 -52.05 22.02 -14.35
CA GLY D 237 -51.02 21.27 -15.06
C GLY D 237 -50.36 20.18 -14.25
N HIS D 238 -49.49 19.45 -14.91
CA HIS D 238 -48.71 18.36 -14.29
C HIS D 238 -47.32 18.85 -13.86
N SER D 239 -46.83 18.38 -12.72
CA SER D 239 -45.42 18.53 -12.38
C SER D 239 -44.60 17.45 -13.10
N ILE D 240 -44.86 16.20 -12.76
CA ILE D 240 -44.35 15.01 -13.46
C ILE D 240 -45.55 14.16 -13.87
N TYR D 241 -45.66 13.92 -15.16
CA TYR D 241 -46.72 13.08 -15.73
C TYR D 241 -46.09 12.00 -16.60
N ALA D 242 -46.62 10.78 -16.51
CA ALA D 242 -46.22 9.70 -17.41
C ALA D 242 -47.42 8.84 -17.76
N GLU D 243 -47.46 8.40 -19.00
CA GLU D 243 -48.46 7.48 -19.42
C GLU D 243 -47.88 6.31 -20.20
N ASN D 244 -48.42 5.14 -19.87
CA ASN D 244 -48.05 3.88 -20.53
C ASN D 244 -46.54 3.68 -20.54
N HIS D 245 -45.90 4.02 -19.41
CA HIS D 245 -44.49 3.74 -19.18
C HIS D 245 -44.36 2.49 -18.34
N GLY D 246 -43.36 1.68 -18.68
CA GLY D 246 -42.91 0.57 -17.84
C GLY D 246 -41.49 0.83 -17.40
N GLY D 247 -41.20 0.49 -16.16
CA GLY D 247 -39.83 0.61 -15.66
C GLY D 247 -39.30 2.02 -15.53
N LEU D 248 -40.17 2.97 -15.21
CA LEU D 248 -39.80 4.35 -14.97
C LEU D 248 -39.30 4.47 -13.53
N LEU D 249 -38.21 5.21 -13.36
CA LEU D 249 -37.70 5.56 -12.03
C LEU D 249 -37.80 7.05 -11.81
N VAL D 250 -38.59 7.46 -10.81
CA VAL D 250 -38.75 8.88 -10.43
C VAL D 250 -38.23 9.03 -9.01
N THR D 251 -37.07 9.65 -8.86
CA THR D 251 -36.39 9.69 -7.57
C THR D 251 -35.55 10.94 -7.37
N ALA D 252 -35.42 11.33 -6.11
CA ALA D 252 -34.55 12.45 -5.68
C ALA D 252 -34.96 13.80 -6.28
N ASN D 253 -36.25 13.95 -6.60
CA ASN D 253 -36.81 15.21 -7.03
C ASN D 253 -37.36 15.98 -5.84
N ASN D 254 -37.24 17.29 -5.92
CA ASN D 254 -37.88 18.23 -5.01
C ASN D 254 -38.95 18.96 -5.80
N VAL D 255 -40.18 18.51 -5.60
CA VAL D 255 -41.35 19.03 -6.31
C VAL D 255 -42.08 19.96 -5.36
N PHE D 256 -42.19 21.22 -5.75
CA PHE D 256 -42.85 22.24 -4.90
C PHE D 256 -44.06 22.74 -5.66
N PRO D 257 -44.89 23.59 -5.03
CA PRO D 257 -46.14 23.97 -5.70
C PRO D 257 -45.94 24.74 -7.02
N ARG D 258 -46.95 24.84 -7.88
CA ARG D 258 -48.35 24.60 -7.56
C ARG D 258 -49.08 23.85 -8.67
N GLY D 259 -48.49 22.74 -9.10
CA GLY D 259 -49.16 21.85 -10.00
C GLY D 259 -50.47 21.27 -9.49
N ALA D 260 -51.33 20.84 -10.40
CA ALA D 260 -52.54 20.11 -9.98
C ALA D 260 -52.15 18.89 -9.15
N SER D 261 -51.02 18.28 -9.52
CA SER D 261 -50.45 17.16 -8.83
C SER D 261 -48.92 17.26 -8.89
N SER D 262 -48.27 16.43 -8.09
CA SER D 262 -46.82 16.27 -8.04
C SER D 262 -46.37 15.16 -8.99
N VAL D 263 -47.02 14.00 -8.94
CA VAL D 263 -46.71 12.90 -9.87
C VAL D 263 -48.03 12.30 -10.29
N HIS D 264 -48.24 12.19 -11.60
CA HIS D 264 -49.48 11.65 -12.16
C HIS D 264 -49.13 10.57 -13.19
N PHE D 265 -49.61 9.36 -12.93
CA PHE D 265 -49.41 8.20 -13.80
C PHE D 265 -50.75 7.75 -14.39
N LYS D 266 -50.77 7.55 -15.70
CA LYS D 266 -51.86 6.86 -16.39
C LYS D 266 -51.34 5.58 -17.06
N GLY D 267 -51.83 4.42 -16.65
CA GLY D 267 -51.40 3.15 -17.21
C GLY D 267 -49.91 2.87 -17.04
N VAL D 268 -49.32 3.35 -15.95
CA VAL D 268 -47.90 3.14 -15.70
C VAL D 268 -47.70 1.86 -14.89
N THR D 269 -46.75 1.04 -15.32
CA THR D 269 -46.53 -0.24 -14.69
C THR D 269 -45.07 -0.42 -14.27
N ARG D 270 -44.87 -1.20 -13.23
CA ARG D 270 -43.55 -1.75 -12.91
C ARG D 270 -42.51 -0.64 -12.80
N SER D 271 -42.92 0.42 -12.09
CA SER D 271 -42.14 1.63 -11.96
C SER D 271 -41.99 2.00 -10.50
N SER D 272 -41.15 3.00 -10.23
CA SER D 272 -40.81 3.39 -8.87
C SER D 272 -40.84 4.90 -8.74
N VAL D 273 -41.61 5.38 -7.75
CA VAL D 273 -41.67 6.78 -7.32
C VAL D 273 -41.19 6.77 -5.87
N THR D 274 -39.91 7.05 -5.69
CA THR D 274 -39.25 6.74 -4.44
C THR D 274 -38.30 7.86 -4.05
N ASN D 275 -38.27 8.21 -2.75
CA ASN D 275 -37.33 9.18 -2.25
C ASN D 275 -37.43 10.55 -2.91
N ASN D 276 -38.65 11.05 -3.04
CA ASN D 276 -38.86 12.40 -3.51
C ASN D 276 -39.38 13.24 -2.37
N ARG D 277 -39.16 14.54 -2.45
CA ARG D 277 -39.83 15.48 -1.56
C ARG D 277 -40.88 16.16 -2.39
N LEU D 278 -42.12 16.10 -1.90
CA LEU D 278 -43.30 16.54 -2.65
C LEU D 278 -44.09 17.49 -1.78
N HIS D 279 -44.29 18.71 -2.28
CA HIS D 279 -45.06 19.71 -1.55
C HIS D 279 -46.18 20.26 -2.46
N ALA D 280 -47.42 20.16 -2.00
CA ALA D 280 -48.57 20.67 -2.75
C ALA D 280 -49.44 21.56 -1.88
N PHE D 281 -50.21 22.40 -2.55
CA PHE D 281 -51.23 23.24 -1.90
C PHE D 281 -52.65 22.67 -2.06
N TYR D 282 -52.75 21.50 -2.69
CA TYR D 282 -54.04 20.87 -3.04
C TYR D 282 -53.96 19.36 -2.83
N PRO D 283 -55.12 18.70 -2.67
CA PRO D 283 -55.15 17.24 -2.64
C PRO D 283 -54.81 16.63 -4.00
N GLY D 284 -54.63 15.31 -4.03
CA GLY D 284 -54.32 14.64 -5.29
C GLY D 284 -52.87 14.86 -5.72
N MET D 285 -51.95 14.71 -4.77
CA MET D 285 -50.52 14.91 -5.05
C MET D 285 -49.90 13.83 -5.92
N VAL D 286 -50.18 12.57 -5.61
CA VAL D 286 -49.65 11.46 -6.39
C VAL D 286 -50.85 10.62 -6.81
N ARG D 287 -51.04 10.49 -8.12
CA ARG D 287 -52.24 9.84 -8.69
C ARG D 287 -51.76 8.71 -9.55
N LEU D 288 -52.14 7.49 -9.20
CA LEU D 288 -51.89 6.31 -10.02
C LEU D 288 -53.25 5.95 -10.60
N GLU D 289 -53.40 6.15 -11.91
CA GLU D 289 -54.72 6.04 -12.56
C GLU D 289 -54.69 5.06 -13.71
N GLU D 290 -55.89 4.63 -14.12
CA GLU D 290 -56.07 3.83 -15.34
C GLU D 290 -55.17 2.61 -15.38
N ASN D 291 -55.35 1.76 -14.38
CA ASN D 291 -54.63 0.49 -14.25
C ASN D 291 -53.13 0.72 -14.11
N SER D 292 -52.76 1.62 -13.22
CA SER D 292 -51.35 1.77 -12.87
C SER D 292 -51.01 0.71 -11.81
N SER D 293 -50.18 -0.25 -12.20
CA SER D 293 -50.01 -1.49 -11.49
C SER D 293 -48.55 -1.85 -11.23
N GLU D 294 -48.32 -2.57 -10.13
CA GLU D 294 -47.00 -3.11 -9.77
C GLU D 294 -45.93 -2.01 -9.61
N ASN D 295 -46.34 -0.85 -9.12
CA ASN D 295 -45.44 0.26 -8.85
C ASN D 295 -45.05 0.34 -7.39
N LEU D 296 -43.83 0.81 -7.16
CA LEU D 296 -43.33 1.06 -5.83
C LEU D 296 -43.42 2.55 -5.57
N VAL D 297 -44.10 2.91 -4.48
CA VAL D 297 -44.18 4.29 -3.98
C VAL D 297 -43.64 4.29 -2.56
N ALA D 298 -42.37 4.66 -2.42
CA ALA D 298 -41.65 4.42 -1.16
C ALA D 298 -40.85 5.60 -0.72
N THR D 299 -40.79 5.75 0.60
CA THR D 299 -39.92 6.70 1.29
C THR D 299 -39.93 8.10 0.66
N ASN D 300 -41.11 8.55 0.25
CA ASN D 300 -41.32 9.93 -0.16
C ASN D 300 -41.77 10.75 1.04
N HIS D 301 -41.46 12.04 0.99
CA HIS D 301 -41.97 12.99 1.96
C HIS D 301 -43.05 13.82 1.26
N PHE D 302 -44.28 13.69 1.74
CA PHE D 302 -45.44 14.44 1.24
C PHE D 302 -45.79 15.55 2.24
N LEU D 303 -45.96 16.76 1.76
CA LEU D 303 -46.57 17.85 2.54
C LEU D 303 -47.71 18.44 1.71
N ARG D 304 -48.90 18.47 2.30
CA ARG D 304 -50.03 19.19 1.73
C ARG D 304 -50.42 20.27 2.75
N ASP D 305 -50.43 21.53 2.31
CA ASP D 305 -50.86 22.64 3.15
C ASP D 305 -51.57 23.69 2.30
N HIS D 306 -51.85 24.87 2.87
CA HIS D 306 -52.57 25.92 2.16
C HIS D 306 -51.62 26.94 1.53
N GLU D 307 -51.92 27.30 0.28
CA GLU D 307 -51.27 28.40 -0.42
C GLU D 307 -51.18 29.63 0.50
N PRO D 308 -49.97 30.15 0.73
CA PRO D 308 -49.85 31.29 1.62
C PRO D 308 -49.68 32.62 0.90
N TRP D 309 -49.56 32.59 -0.43
CA TRP D 309 -49.29 33.79 -1.22
C TRP D 309 -50.56 34.38 -1.83
N THR D 310 -50.81 35.64 -1.50
CA THR D 310 -52.10 36.30 -1.80
C THR D 310 -52.59 36.17 -3.25
N PRO D 311 -51.73 36.42 -4.27
CA PRO D 311 -52.16 36.27 -5.67
C PRO D 311 -52.81 34.94 -6.05
N PHE D 312 -52.43 33.84 -5.39
CA PHE D 312 -53.01 32.52 -5.65
C PHE D 312 -53.86 31.94 -4.52
N PHE D 313 -54.14 32.72 -3.46
CA PHE D 313 -54.72 32.16 -2.24
C PHE D 313 -56.01 31.35 -2.43
N GLY D 314 -56.93 31.84 -3.28
CA GLY D 314 -58.19 31.15 -3.59
C GLY D 314 -58.20 30.27 -4.83
N VAL D 315 -57.04 30.08 -5.45
CA VAL D 315 -56.90 29.29 -6.66
C VAL D 315 -56.55 27.89 -6.22
N ASP D 316 -57.19 26.89 -6.81
CA ASP D 316 -56.90 25.49 -6.49
C ASP D 316 -57.14 24.57 -7.68
N ASN D 317 -57.00 23.26 -7.48
CA ASN D 317 -57.15 22.28 -8.56
C ASN D 317 -58.53 21.60 -8.62
N GLY D 318 -59.52 22.15 -7.89
CA GLY D 318 -60.87 21.59 -7.93
C GLY D 318 -61.15 20.32 -7.16
N LEU D 319 -60.15 19.78 -6.45
CA LEU D 319 -60.33 18.52 -5.76
C LEU D 319 -60.53 18.73 -4.27
N ASP D 320 -61.42 17.95 -3.69
CA ASP D 320 -61.79 18.12 -2.29
C ASP D 320 -60.91 17.23 -1.42
N ASP D 321 -61.08 17.33 -0.10
CA ASP D 321 -60.16 16.66 0.82
C ASP D 321 -60.42 15.18 1.01
N LEU D 322 -61.47 14.65 0.36
CA LEU D 322 -61.68 13.21 0.34
C LEU D 322 -60.88 12.52 -0.76
N THR D 323 -60.21 13.29 -1.61
CA THR D 323 -59.47 12.77 -2.75
C THR D 323 -58.33 11.85 -2.35
N GLY D 324 -57.64 12.24 -1.28
CA GLY D 324 -56.37 11.63 -0.91
C GLY D 324 -55.20 12.45 -1.39
N LEU D 325 -54.09 12.38 -0.64
CA LEU D 325 -52.82 12.88 -1.08
C LEU D 325 -52.21 11.90 -2.08
N LEU D 326 -52.41 10.61 -1.84
CA LEU D 326 -52.01 9.54 -2.74
C LEU D 326 -53.25 8.75 -3.10
N SER D 327 -53.55 8.67 -4.38
CA SER D 327 -54.74 7.96 -4.88
C SER D 327 -54.30 6.87 -5.86
N ILE D 328 -54.82 5.65 -5.65
CA ILE D 328 -54.41 4.49 -6.45
C ILE D 328 -55.62 3.82 -7.08
N SER D 329 -55.56 3.69 -8.40
CA SER D 329 -56.47 2.87 -9.19
C SER D 329 -55.61 1.92 -10.02
N GLY D 330 -55.49 0.70 -9.52
CA GLY D 330 -54.68 -0.34 -10.13
C GLY D 330 -54.28 -1.44 -9.15
N ASN D 331 -53.61 -2.45 -9.69
CA ASN D 331 -53.30 -3.66 -8.95
C ASN D 331 -51.84 -3.75 -8.48
N ASN D 332 -51.68 -4.37 -7.33
CA ASN D 332 -50.41 -4.96 -6.93
C ASN D 332 -49.30 -3.93 -6.74
N ASN D 333 -49.68 -2.72 -6.35
CA ASN D 333 -48.72 -1.66 -6.03
C ASN D 333 -48.21 -1.84 -4.61
N SER D 334 -47.14 -1.12 -4.31
CA SER D 334 -46.42 -1.20 -3.05
C SER D 334 -46.22 0.22 -2.53
N VAL D 335 -46.83 0.53 -1.39
CA VAL D 335 -46.75 1.88 -0.80
C VAL D 335 -46.10 1.71 0.58
N ILE D 336 -44.81 2.05 0.69
CA ILE D 336 -44.01 1.67 1.83
C ILE D 336 -43.16 2.83 2.35
N GLY D 337 -43.25 3.10 3.63
CA GLY D 337 -42.27 3.97 4.27
C GLY D 337 -42.38 5.44 3.94
N ASN D 338 -43.55 5.90 3.52
CA ASN D 338 -43.75 7.32 3.23
C ASN D 338 -44.15 8.11 4.48
N HIS D 339 -43.78 9.39 4.46
CA HIS D 339 -44.19 10.37 5.45
C HIS D 339 -45.21 11.30 4.81
N PHE D 340 -46.34 11.48 5.47
CA PHE D 340 -47.38 12.41 5.04
C PHE D 340 -47.64 13.45 6.14
N SER D 341 -47.42 14.71 5.83
CA SER D 341 -47.83 15.84 6.70
C SER D 341 -49.03 16.54 6.02
N GLU D 342 -50.15 16.58 6.75
CA GLU D 342 -51.42 17.16 6.28
C GLU D 342 -51.67 18.33 7.20
N VAL D 343 -51.54 19.54 6.69
CA VAL D 343 -51.45 20.74 7.54
C VAL D 343 -52.46 21.68 6.96
N VAL D 344 -53.69 21.63 7.50
CA VAL D 344 -54.87 22.32 6.88
C VAL D 344 -55.69 23.10 7.89
N ASP D 345 -56.51 24.02 7.39
CA ASP D 345 -57.44 24.75 8.23
C ASP D 345 -58.71 23.91 8.26
N ALA D 346 -59.03 23.38 9.44
CA ALA D 346 -60.18 22.49 9.60
C ALA D 346 -61.51 23.11 9.13
N ASN D 347 -61.65 24.43 9.27
CA ASN D 347 -62.84 25.14 8.79
C ASN D 347 -62.98 25.19 7.26
N GLU D 348 -61.84 25.08 6.57
CA GLU D 348 -61.79 25.10 5.11
C GLU D 348 -61.93 23.70 4.48
N ILE D 349 -61.99 22.65 5.28
CA ILE D 349 -62.08 21.27 4.73
C ILE D 349 -63.36 21.13 3.91
N ARG D 350 -63.22 20.49 2.74
CA ARG D 350 -64.35 20.21 1.84
C ARG D 350 -64.40 18.72 1.51
N PRO D 351 -65.59 18.12 1.48
CA PRO D 351 -66.87 18.76 1.80
C PRO D 351 -67.01 19.14 3.28
N GLU D 352 -67.97 20.00 3.59
CA GLU D 352 -68.22 20.42 4.96
C GLU D 352 -68.31 19.22 5.91
N GLY D 353 -67.57 19.29 7.02
CA GLY D 353 -67.57 18.23 8.03
C GLY D 353 -66.90 16.92 7.65
N ALA D 354 -66.13 16.89 6.55
CA ALA D 354 -65.46 15.66 6.13
C ALA D 354 -64.19 15.44 6.94
N THR D 355 -63.78 14.18 7.02
CA THR D 355 -62.49 13.83 7.61
C THR D 355 -61.52 13.68 6.43
N PRO D 356 -60.41 14.44 6.40
CA PRO D 356 -59.52 14.35 5.22
C PRO D 356 -58.91 12.97 5.03
N VAL D 357 -58.77 12.54 3.78
CA VAL D 357 -58.12 11.23 3.51
C VAL D 357 -56.72 11.40 2.97
N ILE D 358 -55.84 10.50 3.37
CA ILE D 358 -54.43 10.59 3.01
C ILE D 358 -54.12 9.64 1.87
N ILE D 359 -54.29 8.35 2.11
CA ILE D 359 -54.12 7.34 1.07
C ILE D 359 -55.49 6.78 0.69
N ARG D 360 -55.82 6.84 -0.58
CA ARG D 360 -57.10 6.31 -1.07
C ARG D 360 -56.88 5.25 -2.13
N LEU D 361 -57.47 4.07 -1.91
CA LEU D 361 -57.45 3.01 -2.91
C LEU D 361 -58.84 2.97 -3.54
N THR D 362 -58.95 3.45 -4.78
CA THR D 362 -60.27 3.56 -5.44
C THR D 362 -60.65 2.32 -6.23
N ALA D 363 -59.66 1.58 -6.72
CA ALA D 363 -59.93 0.37 -7.47
C ALA D 363 -58.65 -0.44 -7.57
N GLY D 364 -58.81 -1.72 -7.87
CA GLY D 364 -57.70 -2.64 -8.02
C GLY D 364 -57.56 -3.56 -6.81
N THR D 365 -56.76 -4.59 -7.00
CA THR D 365 -56.53 -5.61 -5.98
C THR D 365 -55.05 -5.78 -5.69
N GLY D 366 -54.76 -6.31 -4.51
CA GLY D 366 -53.41 -6.75 -4.16
C GLY D 366 -52.42 -5.66 -3.82
N ASN D 367 -52.89 -4.44 -3.56
CA ASN D 367 -52.01 -3.35 -3.15
C ASN D 367 -51.52 -3.57 -1.72
N PHE D 368 -50.22 -3.36 -1.53
CA PHE D 368 -49.54 -3.56 -0.25
C PHE D 368 -49.16 -2.18 0.27
N VAL D 369 -49.73 -1.78 1.39
CA VAL D 369 -49.54 -0.48 1.99
C VAL D 369 -49.02 -0.74 3.40
N SER D 370 -47.75 -0.42 3.65
CA SER D 370 -47.13 -0.69 4.93
C SER D 370 -46.21 0.42 5.43
N THR D 371 -46.24 0.65 6.73
CA THR D 371 -45.24 1.42 7.44
C THR D 371 -45.22 2.86 6.92
N ASN D 372 -46.39 3.51 6.94
CA ASN D 372 -46.51 4.90 6.49
C ASN D 372 -46.90 5.73 7.70
N HIS D 373 -46.26 6.88 7.88
CA HIS D 373 -46.57 7.75 9.00
C HIS D 373 -47.38 8.94 8.52
N VAL D 374 -48.58 9.14 9.10
CA VAL D 374 -49.43 10.28 8.79
C VAL D 374 -49.44 11.22 9.98
N VAL D 375 -49.25 12.49 9.70
CA VAL D 375 -49.24 13.55 10.73
C VAL D 375 -50.21 14.59 10.24
N ALA D 376 -51.28 14.86 11.00
CA ALA D 376 -52.28 15.80 10.56
C ALA D 376 -52.49 16.86 11.62
N MET D 377 -52.56 18.10 11.19
CA MET D 377 -52.77 19.20 12.12
C MET D 377 -53.62 20.31 11.50
N ASP D 378 -54.23 21.07 12.40
CA ASP D 378 -55.19 22.12 12.10
C ASP D 378 -54.47 23.44 12.34
N VAL D 379 -54.38 24.26 11.29
CA VAL D 379 -53.74 25.59 11.35
C VAL D 379 -54.56 26.56 10.53
N ASP D 380 -54.72 27.80 11.01
CA ASP D 380 -55.45 28.84 10.26
C ASP D 380 -54.73 29.18 8.96
N ALA D 381 -55.48 29.29 7.86
CA ALA D 381 -54.89 29.61 6.56
C ALA D 381 -54.58 31.10 6.53
N ALA D 382 -53.31 31.44 6.29
CA ALA D 382 -52.88 32.84 6.28
C ALA D 382 -52.47 33.25 4.87
N SER D 383 -52.57 34.55 4.60
CA SER D 383 -52.36 35.10 3.27
C SER D 383 -51.49 36.33 3.39
N SER D 384 -50.36 36.37 2.69
CA SER D 384 -49.57 37.60 2.57
C SER D 384 -48.96 37.80 1.19
N ASP D 385 -48.63 39.05 0.89
CA ASP D 385 -48.16 39.47 -0.42
C ASP D 385 -46.69 39.15 -0.72
N SER D 386 -45.88 38.89 0.31
CA SER D 386 -44.42 38.77 0.09
C SER D 386 -44.10 37.28 -0.07
N ALA D 387 -43.83 36.87 -1.30
CA ALA D 387 -43.88 35.45 -1.68
C ALA D 387 -42.94 34.55 -0.87
N PHE D 388 -41.64 34.80 -0.95
CA PHE D 388 -40.68 33.89 -0.30
C PHE D 388 -40.69 33.95 1.24
N GLU D 389 -40.92 35.12 1.82
CA GLU D 389 -41.08 35.22 3.28
C GLU D 389 -42.28 34.41 3.77
N ALA D 390 -43.41 34.59 3.09
CA ALA D 390 -44.65 33.86 3.39
C ALA D 390 -44.45 32.35 3.24
N GLN D 391 -43.77 31.94 2.17
CA GLN D 391 -43.51 30.51 1.89
C GLN D 391 -42.63 29.85 2.99
N VAL D 392 -41.50 30.50 3.31
CA VAL D 392 -40.57 29.99 4.34
C VAL D 392 -41.24 29.94 5.71
N ASP D 393 -41.92 31.03 6.08
CA ASP D 393 -42.60 31.08 7.40
C ASP D 393 -43.61 29.95 7.56
N ALA D 394 -44.38 29.70 6.50
CA ALA D 394 -45.41 28.65 6.50
C ALA D 394 -44.81 27.26 6.61
N LEU D 395 -43.68 27.04 5.97
CA LEU D 395 -42.99 25.74 6.10
C LEU D 395 -42.47 25.47 7.52
N LEU D 396 -41.99 26.53 8.17
CA LEU D 396 -41.40 26.42 9.50
C LEU D 396 -42.40 26.47 10.65
N ALA D 397 -43.62 26.98 10.39
CA ALA D 397 -44.63 27.11 11.44
C ALA D 397 -45.15 25.73 11.88
N THR D 398 -44.99 25.42 13.16
CA THR D 398 -45.54 24.20 13.75
C THR D 398 -46.30 24.60 15.03
N GLU D 399 -47.29 25.45 14.84
CA GLU D 399 -48.17 25.94 15.91
C GLU D 399 -49.58 25.50 15.53
N ALA D 400 -50.01 24.37 16.09
CA ALA D 400 -51.17 23.64 15.57
C ALA D 400 -51.82 22.70 16.59
N ALA D 401 -53.08 22.36 16.32
CA ALA D 401 -53.82 21.34 17.07
C ALA D 401 -53.82 20.04 16.25
N ASP D 402 -53.72 18.89 16.92
CA ASP D 402 -53.86 17.60 16.25
C ASP D 402 -55.23 17.52 15.59
N LEU D 403 -55.28 16.94 14.40
CA LEU D 403 -56.50 16.85 13.59
C LEU D 403 -56.78 15.39 13.28
N ALA D 404 -58.03 14.98 13.44
CA ALA D 404 -58.46 13.63 13.07
C ALA D 404 -58.38 13.46 11.55
N VAL D 405 -57.81 12.34 11.09
CA VAL D 405 -57.71 12.04 9.67
C VAL D 405 -57.92 10.58 9.39
N THR D 406 -58.27 10.30 8.13
CA THR D 406 -58.38 8.95 7.61
C THR D 406 -57.08 8.70 6.84
N ALA D 407 -56.23 7.89 7.45
CA ALA D 407 -54.93 7.57 6.89
C ALA D 407 -55.07 6.78 5.60
N VAL D 408 -55.97 5.81 5.61
CA VAL D 408 -56.18 4.93 4.46
C VAL D 408 -57.67 4.70 4.27
N LEU D 409 -58.17 5.02 3.08
CA LEU D 409 -59.53 4.70 2.68
C LEU D 409 -59.50 3.71 1.52
N VAL D 410 -60.05 2.51 1.74
CA VAL D 410 -60.19 1.50 0.71
C VAL D 410 -61.65 1.52 0.28
N ASP D 411 -61.90 2.02 -0.92
CA ASP D 411 -63.27 2.04 -1.47
C ASP D 411 -63.72 0.59 -1.73
N PRO D 412 -65.04 0.34 -1.77
CA PRO D 412 -65.49 -1.04 -2.01
C PRO D 412 -65.03 -1.62 -3.36
N GLY D 413 -64.78 -0.76 -4.34
CA GLY D 413 -64.26 -1.19 -5.63
C GLY D 413 -62.78 -1.62 -5.66
N SER D 414 -62.09 -1.55 -4.52
CA SER D 414 -60.74 -2.09 -4.37
C SER D 414 -60.73 -3.09 -3.23
N ALA D 415 -60.20 -4.29 -3.46
CA ALA D 415 -60.29 -5.37 -2.47
C ALA D 415 -59.02 -6.19 -2.49
N ARG D 416 -58.89 -7.09 -1.52
CA ARG D 416 -57.74 -8.02 -1.41
C ARG D 416 -56.43 -7.23 -1.30
N ASN D 417 -56.48 -6.11 -0.58
CA ASN D 417 -55.31 -5.30 -0.30
C ASN D 417 -54.78 -5.68 1.07
N THR D 418 -53.52 -5.28 1.34
CA THR D 418 -52.89 -5.51 2.62
C THR D 418 -52.42 -4.16 3.17
N ILE D 419 -52.94 -3.80 4.34
CA ILE D 419 -52.68 -2.50 4.95
C ILE D 419 -52.08 -2.73 6.35
N LEU D 420 -50.81 -2.35 6.54
CA LEU D 420 -50.09 -2.64 7.78
C LEU D 420 -49.45 -1.38 8.34
N ASP D 421 -49.59 -1.16 9.64
CA ASP D 421 -48.87 -0.12 10.35
C ASP D 421 -48.92 1.23 9.60
N SER D 422 -50.11 1.57 9.12
CA SER D 422 -50.36 2.82 8.38
C SER D 422 -51.52 3.60 8.96
N GLY D 423 -51.84 3.32 10.22
CA GLY D 423 -52.90 4.01 10.95
C GLY D 423 -53.58 3.11 11.94
N SER D 424 -54.30 3.74 12.86
CA SER D 424 -55.14 3.00 13.81
C SER D 424 -56.35 2.40 13.10
N ASP D 425 -57.10 1.55 13.81
CA ASP D 425 -58.33 1.01 13.25
C ASP D 425 -59.32 2.08 12.75
N THR D 426 -59.46 3.17 13.50
CA THR D 426 -60.37 4.26 13.11
C THR D 426 -59.82 5.04 11.91
N GLN D 427 -58.49 5.11 11.82
CA GLN D 427 -57.84 5.79 10.71
C GLN D 427 -57.82 4.99 9.41
N VAL D 428 -58.04 3.68 9.48
CA VAL D 428 -58.08 2.82 8.29
C VAL D 428 -59.53 2.43 8.04
N VAL D 429 -60.13 3.04 7.03
CA VAL D 429 -61.53 2.77 6.64
C VAL D 429 -61.50 1.76 5.50
N ALA D 430 -61.94 0.54 5.79
CA ALA D 430 -61.82 -0.59 4.86
C ALA D 430 -62.61 -1.78 5.36
N ASP D 431 -63.08 -2.60 4.42
CA ASP D 431 -63.79 -3.83 4.73
C ASP D 431 -62.77 -4.88 5.18
N ARG D 432 -62.80 -5.22 6.46
CA ARG D 432 -61.87 -6.22 7.04
C ARG D 432 -62.07 -7.65 6.51
N ALA D 433 -63.26 -7.94 5.98
CA ALA D 433 -63.58 -9.28 5.48
C ALA D 433 -62.85 -9.62 4.18
N VAL D 434 -62.52 -8.60 3.38
CA VAL D 434 -61.89 -8.78 2.07
C VAL D 434 -60.56 -7.99 1.91
N ASN D 435 -60.00 -7.50 3.01
CA ASN D 435 -58.64 -6.91 3.04
C ASN D 435 -57.92 -7.45 4.27
N ALA D 436 -56.59 -7.47 4.23
CA ALA D 436 -55.79 -7.85 5.39
C ALA D 436 -55.35 -6.56 6.04
N ILE D 437 -55.86 -6.27 7.24
CA ILE D 437 -55.59 -5.01 7.93
C ILE D 437 -54.89 -5.30 9.26
N ARG D 438 -53.74 -4.65 9.49
CA ARG D 438 -53.14 -4.63 10.81
C ARG D 438 -53.00 -3.19 11.22
N ALA D 439 -53.76 -2.79 12.24
CA ALA D 439 -53.68 -1.45 12.78
C ALA D 439 -52.31 -1.22 13.39
N THR D 440 -51.80 0.00 13.26
CA THR D 440 -50.62 0.39 14.02
C THR D 440 -50.89 0.13 15.52
N PRO D 441 -49.94 -0.48 16.24
CA PRO D 441 -50.14 -0.68 17.68
C PRO D 441 -50.49 0.61 18.43
N THR D 442 -51.37 0.50 19.42
CA THR D 442 -51.82 1.62 20.24
C THR D 442 -50.82 1.88 21.36
N VAL D 443 -50.85 3.09 21.88
CA VAL D 443 -50.07 3.44 23.07
C VAL D 443 -50.49 2.53 24.22
N GLY D 444 -49.52 2.10 25.02
CA GLY D 444 -49.79 1.42 26.29
C GLY D 444 -49.72 -0.08 26.22
N PHE D 445 -50.47 -0.74 27.10
CA PHE D 445 -50.39 -2.20 27.26
C PHE D 445 -51.57 -2.86 26.57
N ASN E 4 59.50 -9.60 -8.20
CA ASN E 4 58.74 -9.66 -6.90
C ASN E 4 57.32 -10.28 -6.96
N ASN E 5 57.02 -11.03 -8.03
CA ASN E 5 55.78 -11.81 -8.15
C ASN E 5 54.51 -10.96 -8.21
N ARG E 6 54.66 -9.70 -8.58
CA ARG E 6 53.51 -8.81 -8.84
C ARG E 6 53.50 -8.45 -10.34
N TYR E 7 52.36 -8.64 -10.98
CA TYR E 7 52.16 -8.37 -12.39
C TYR E 7 50.96 -7.48 -12.59
N ASP E 8 51.00 -6.71 -13.66
CA ASP E 8 49.90 -5.81 -14.04
C ASP E 8 49.69 -6.11 -15.51
N VAL E 9 48.46 -6.48 -15.87
CA VAL E 9 48.15 -6.90 -17.26
C VAL E 9 48.35 -5.81 -18.31
N THR E 10 48.38 -4.54 -17.88
CA THR E 10 48.69 -3.41 -18.76
C THR E 10 50.18 -3.07 -18.83
N GLU E 11 51.04 -3.85 -18.14
CA GLU E 11 52.49 -3.63 -18.14
C GLU E 11 53.15 -4.97 -18.42
N TRP E 12 52.73 -5.62 -19.50
CA TRP E 12 53.27 -6.91 -19.92
C TRP E 12 53.80 -6.77 -21.34
N PRO E 13 54.98 -7.36 -21.65
CA PRO E 13 55.54 -7.10 -23.00
C PRO E 13 54.76 -7.67 -24.18
N ALA E 14 54.05 -8.78 -23.97
CA ALA E 14 53.48 -9.55 -25.06
C ALA E 14 51.99 -9.41 -25.06
N GLY E 15 51.40 -9.36 -26.25
CA GLY E 15 49.96 -9.36 -26.41
C GLY E 15 49.31 -8.02 -26.10
N ASN E 16 48.01 -8.08 -25.91
CA ASN E 16 47.19 -6.89 -25.73
C ASN E 16 46.00 -7.29 -24.89
N PRO E 17 45.94 -6.81 -23.63
CA PRO E 17 44.84 -7.23 -22.78
C PRO E 17 43.47 -6.71 -23.22
N ALA E 18 43.43 -5.61 -23.98
CA ALA E 18 42.18 -5.11 -24.55
C ALA E 18 41.57 -6.15 -25.51
N LYS E 19 42.43 -6.83 -26.27
CA LYS E 19 41.96 -7.74 -27.31
C LYS E 19 41.89 -9.21 -26.85
N ASP E 20 42.87 -9.64 -26.04
CA ASP E 20 42.84 -10.99 -25.48
C ASP E 20 43.63 -11.05 -24.18
N ILE E 21 42.97 -10.65 -23.10
CA ILE E 21 43.57 -10.73 -21.77
C ILE E 21 43.85 -12.18 -21.29
N GLY E 22 43.13 -13.16 -21.86
CA GLY E 22 43.41 -14.55 -21.56
C GLY E 22 44.83 -14.95 -21.95
N GLU E 23 45.24 -14.57 -23.17
CA GLU E 23 46.60 -14.79 -23.64
C GLU E 23 47.61 -14.12 -22.71
N VAL E 24 47.34 -12.88 -22.34
CA VAL E 24 48.22 -12.13 -21.41
C VAL E 24 48.34 -12.85 -20.08
N ILE E 25 47.22 -13.23 -19.47
CA ILE E 25 47.26 -13.87 -18.15
C ILE E 25 47.94 -15.25 -18.23
N ASN E 26 47.65 -16.02 -19.29
CA ASN E 26 48.38 -17.29 -19.48
C ASN E 26 49.89 -17.10 -19.63
N SER E 27 50.32 -16.04 -20.32
CA SER E 27 51.74 -15.75 -20.48
C SER E 27 52.37 -15.43 -19.12
N ILE E 28 51.67 -14.64 -18.31
CA ILE E 28 52.11 -14.34 -16.94
C ILE E 28 52.24 -15.62 -16.10
N ILE E 29 51.25 -16.51 -16.19
CA ILE E 29 51.27 -17.75 -15.43
C ILE E 29 52.46 -18.63 -15.87
N ALA E 30 52.72 -18.68 -17.17
CA ALA E 30 53.93 -19.41 -17.64
C ALA E 30 55.23 -18.81 -17.04
N ASP E 31 55.30 -17.49 -16.93
CA ASP E 31 56.47 -16.84 -16.37
C ASP E 31 56.62 -17.18 -14.88
N ILE E 32 55.51 -17.18 -14.15
CA ILE E 32 55.54 -17.55 -12.74
C ILE E 32 56.08 -18.97 -12.61
N LYS E 33 55.56 -19.90 -13.42
CA LYS E 33 56.01 -21.30 -13.33
C LYS E 33 57.49 -21.46 -13.69
N ALA E 34 57.95 -20.71 -14.68
CA ALA E 34 59.37 -20.75 -15.07
C ALA E 34 60.31 -20.29 -13.95
N ARG E 35 59.91 -19.26 -13.23
CA ARG E 35 60.71 -18.72 -12.14
C ARG E 35 60.61 -19.56 -10.87
N GLN E 36 59.43 -20.10 -10.60
CA GLN E 36 59.17 -20.86 -9.37
C GLN E 36 59.08 -22.36 -9.64
N GLY E 37 60.18 -22.97 -10.05
CA GLY E 37 60.21 -24.41 -10.42
C GLY E 37 60.65 -25.38 -9.32
N ALA E 38 61.23 -24.83 -8.22
CA ALA E 38 61.76 -25.62 -7.10
C ALA E 38 60.90 -25.45 -5.82
N ALA E 39 60.53 -26.58 -5.18
CA ALA E 39 59.64 -26.57 -3.99
C ALA E 39 60.31 -26.45 -2.60
N ASP E 40 61.64 -26.43 -2.50
CA ASP E 40 62.32 -26.35 -1.18
C ASP E 40 63.71 -25.67 -1.25
N VAL E 41 63.70 -24.39 -1.62
CA VAL E 41 64.88 -23.53 -1.54
C VAL E 41 64.72 -22.68 -0.26
N ASP E 42 65.55 -22.92 0.76
CA ASP E 42 65.42 -22.24 2.07
C ASP E 42 63.94 -22.17 2.55
N ASP E 43 63.31 -23.35 2.68
CA ASP E 43 61.95 -23.50 3.25
C ASP E 43 60.88 -22.82 2.42
N GLY E 44 61.07 -22.76 1.11
CA GLY E 44 60.08 -22.13 0.23
C GLY E 44 60.33 -22.43 -1.23
N GLY E 45 59.94 -21.50 -2.10
CA GLY E 45 60.22 -21.60 -3.52
C GLY E 45 59.05 -21.44 -4.46
N LYS E 46 57.84 -21.79 -4.01
CA LYS E 46 56.64 -21.63 -4.87
C LYS E 46 55.59 -20.79 -4.17
N PRO E 47 55.95 -19.53 -3.85
CA PRO E 47 54.96 -18.68 -3.13
C PRO E 47 53.77 -18.18 -3.96
N GLY E 48 53.78 -18.38 -5.29
CA GLY E 48 52.72 -17.86 -6.15
C GLY E 48 52.91 -16.41 -6.49
N ALA E 49 51.83 -15.69 -6.77
CA ALA E 49 51.97 -14.36 -7.34
C ALA E 49 50.64 -13.65 -7.33
N VAL E 50 50.67 -12.36 -7.68
CA VAL E 50 49.47 -11.55 -7.82
C VAL E 50 49.45 -10.92 -9.21
N ILE E 51 48.28 -10.99 -9.85
CA ILE E 51 48.06 -10.42 -11.16
C ILE E 51 46.97 -9.36 -11.02
N TYR E 52 47.32 -8.13 -11.36
CA TYR E 52 46.44 -6.98 -11.18
C TYR E 52 45.86 -6.52 -12.51
N LEU E 53 44.55 -6.22 -12.48
CA LEU E 53 43.80 -5.69 -13.60
C LEU E 53 43.35 -4.30 -13.22
N PRO E 54 43.97 -3.27 -13.80
CA PRO E 54 43.44 -1.92 -13.61
C PRO E 54 42.03 -1.79 -14.19
N PRO E 55 41.27 -0.76 -13.78
CA PRO E 55 39.97 -0.60 -14.43
C PRO E 55 40.13 -0.48 -15.95
N GLY E 56 39.25 -1.14 -16.69
CA GLY E 56 39.34 -1.14 -18.15
C GLY E 56 38.49 -2.23 -18.75
N ASP E 57 38.38 -2.21 -20.09
CA ASP E 57 37.58 -3.17 -20.83
C ASP E 57 38.52 -4.15 -21.51
N TYR E 58 38.52 -5.40 -21.04
CA TYR E 58 39.44 -6.41 -21.53
C TYR E 58 38.71 -7.59 -22.15
N HIS E 59 38.85 -7.77 -23.46
CA HIS E 59 38.28 -8.94 -24.10
C HIS E 59 39.10 -10.17 -23.78
N LEU E 60 38.43 -11.26 -23.43
CA LEU E 60 39.11 -12.54 -23.20
C LEU E 60 38.67 -13.48 -24.32
N ARG E 61 39.63 -13.94 -25.12
CA ARG E 61 39.38 -14.87 -26.23
C ARG E 61 40.00 -16.25 -26.05
N THR E 62 40.83 -16.40 -25.03
CA THR E 62 41.49 -17.65 -24.69
C THR E 62 41.24 -17.89 -23.20
N GLN E 63 40.75 -19.08 -22.87
CA GLN E 63 40.55 -19.48 -21.49
C GLN E 63 41.85 -19.36 -20.71
N VAL E 64 41.75 -18.82 -19.51
CA VAL E 64 42.87 -18.81 -18.56
C VAL E 64 42.89 -20.11 -17.79
N LEU E 65 44.04 -20.78 -17.76
CA LEU E 65 44.22 -21.99 -16.95
C LEU E 65 45.08 -21.67 -15.75
N ILE E 66 44.49 -21.83 -14.56
CA ILE E 66 45.21 -21.63 -13.29
C ILE E 66 45.49 -23.01 -12.72
N ASP E 67 46.76 -23.35 -12.63
CA ASP E 67 47.21 -24.65 -12.17
C ASP E 67 48.35 -24.53 -11.16
N ILE E 68 48.41 -23.39 -10.48
CA ILE E 68 49.36 -23.17 -9.40
C ILE E 68 48.62 -22.69 -8.16
N SER E 69 49.15 -23.08 -7.00
CA SER E 69 48.64 -22.58 -5.71
C SER E 69 49.08 -21.15 -5.45
N PHE E 70 48.29 -20.44 -4.63
CA PHE E 70 48.63 -19.12 -4.13
C PHE E 70 48.67 -18.05 -5.23
N LEU E 71 47.85 -18.23 -6.28
CA LEU E 71 47.70 -17.19 -7.30
C LEU E 71 46.53 -16.31 -6.91
N ARG E 72 46.76 -15.01 -6.90
CA ARG E 72 45.70 -14.02 -6.66
C ARG E 72 45.48 -13.24 -7.94
N ILE E 73 44.22 -13.15 -8.39
CA ILE E 73 43.86 -12.29 -9.52
C ILE E 73 42.95 -11.23 -8.95
N GLU E 74 43.37 -9.97 -9.08
CA GLU E 74 42.69 -8.85 -8.40
C GLU E 74 42.46 -7.68 -9.34
N GLY E 75 41.38 -6.91 -9.08
CA GLY E 75 41.14 -5.66 -9.77
C GLY E 75 40.74 -4.53 -8.84
N SER E 76 40.16 -3.51 -9.45
CA SER E 76 39.78 -2.28 -8.78
C SER E 76 38.36 -1.90 -9.14
N GLY E 77 37.48 -2.87 -9.32
CA GLY E 77 36.07 -2.53 -9.52
C GLY E 77 35.22 -3.69 -9.91
N HIS E 78 34.15 -3.93 -9.12
CA HIS E 78 33.21 -4.99 -9.43
C HIS E 78 32.35 -4.66 -10.66
N GLY E 79 32.22 -3.39 -10.97
CA GLY E 79 31.73 -2.93 -12.28
C GLY E 79 30.32 -3.24 -12.75
N PHE E 80 29.42 -3.60 -11.83
CA PHE E 80 28.10 -4.07 -12.24
C PHE E 80 27.21 -2.92 -12.71
N THR E 81 26.51 -3.14 -13.82
CA THR E 81 25.36 -2.33 -14.20
C THR E 81 24.36 -3.35 -14.77
N SER E 82 23.08 -3.00 -14.74
CA SER E 82 22.04 -3.93 -15.21
C SER E 82 21.92 -3.99 -16.73
N SER E 83 22.65 -4.93 -17.33
CA SER E 83 22.49 -5.19 -18.74
C SER E 83 21.06 -5.63 -19.03
N SER E 84 20.40 -6.30 -18.08
CA SER E 84 19.03 -6.74 -18.27
C SER E 84 18.12 -5.55 -18.50
N ILE E 85 18.24 -4.53 -17.66
CA ILE E 85 17.47 -3.31 -17.85
C ILE E 85 17.82 -2.70 -19.20
N ARG E 86 19.11 -2.55 -19.50
CA ARG E 86 19.51 -1.83 -20.71
C ARG E 86 18.99 -2.52 -21.95
N PHE E 87 19.11 -3.86 -22.01
CA PHE E 87 18.70 -4.57 -23.22
C PHE E 87 17.17 -4.60 -23.40
N ASN E 88 16.41 -4.19 -22.39
CA ASN E 88 14.95 -4.03 -22.48
C ASN E 88 14.50 -2.58 -22.64
N VAL E 89 15.47 -1.66 -22.68
CA VAL E 89 15.23 -0.29 -23.10
C VAL E 89 15.16 -0.32 -24.63
N PRO E 90 14.18 0.38 -25.23
CA PRO E 90 14.13 0.44 -26.70
C PRO E 90 15.43 0.95 -27.31
N GLU E 91 15.91 0.25 -28.33
CA GLU E 91 17.23 0.48 -28.88
C GLU E 91 17.44 1.92 -29.36
N GLU E 92 16.39 2.57 -29.86
CA GLU E 92 16.50 3.97 -30.30
C GLU E 92 16.80 4.96 -29.15
N GLU E 93 16.55 4.56 -27.90
CA GLU E 93 16.93 5.36 -26.72
C GLU E 93 18.37 5.11 -26.21
N TRP E 94 19.06 4.09 -26.72
CA TRP E 94 20.42 3.79 -26.21
C TRP E 94 21.43 4.95 -26.33
N PRO E 95 21.40 5.73 -27.43
CA PRO E 95 22.39 6.82 -27.50
C PRO E 95 22.28 7.88 -26.43
N ASP E 96 21.13 8.00 -25.76
CA ASP E 96 20.94 9.00 -24.70
C ASP E 96 21.29 8.48 -23.31
N LEU E 97 21.58 7.18 -23.18
CA LEU E 97 22.00 6.64 -21.89
C LEU E 97 23.43 7.06 -21.58
N HIS E 98 23.71 7.34 -20.30
CA HIS E 98 25.04 7.77 -19.87
C HIS E 98 26.09 6.72 -20.14
N GLU E 99 25.75 5.45 -19.93
CA GLU E 99 26.59 4.33 -20.33
C GLU E 99 25.69 3.17 -20.68
N LEU E 100 26.27 2.16 -21.31
CA LEU E 100 25.56 0.98 -21.78
C LEU E 100 26.06 -0.33 -21.18
N TRP E 101 27.33 -0.40 -20.85
CA TRP E 101 27.97 -1.64 -20.47
C TRP E 101 28.49 -1.62 -19.04
N PRO E 102 28.67 -2.81 -18.44
CA PRO E 102 29.44 -2.90 -17.20
C PRO E 102 30.84 -2.30 -17.36
N GLY E 103 31.51 -2.06 -16.24
CA GLY E 103 32.84 -1.48 -16.21
C GLY E 103 33.69 -2.10 -15.10
N GLY E 104 34.44 -1.26 -14.40
CA GLY E 104 35.40 -1.72 -13.40
C GLY E 104 36.57 -2.41 -14.07
N SER E 105 37.11 -3.43 -13.43
CA SER E 105 38.20 -4.20 -14.01
C SER E 105 37.51 -5.34 -14.73
N ARG E 106 37.15 -5.09 -15.99
CA ARG E 106 36.16 -5.89 -16.71
C ARG E 106 36.74 -6.87 -17.70
N VAL E 107 36.47 -8.14 -17.44
CA VAL E 107 36.84 -9.24 -18.34
C VAL E 107 35.58 -9.60 -19.15
N ILE E 108 35.63 -9.36 -20.46
CA ILE E 108 34.53 -9.66 -21.37
C ILE E 108 34.76 -11.06 -21.92
N VAL E 109 33.85 -11.99 -21.64
CA VAL E 109 34.05 -13.38 -21.99
C VAL E 109 33.61 -13.62 -23.45
N ASP E 110 34.58 -13.65 -24.38
CA ASP E 110 34.31 -13.84 -25.81
C ASP E 110 34.80 -15.23 -26.19
N LEU E 111 34.25 -16.23 -25.51
CA LEU E 111 34.50 -17.64 -25.78
C LEU E 111 33.22 -18.24 -26.38
N PRO E 112 33.36 -19.22 -27.28
CA PRO E 112 32.19 -20.01 -27.68
C PRO E 112 31.66 -20.90 -26.53
N ALA E 113 30.39 -21.28 -26.63
CA ALA E 113 29.72 -22.13 -25.62
C ALA E 113 30.41 -23.47 -25.47
N ASP E 118 32.98 -30.15 -22.11
CA ASP E 118 31.61 -29.71 -21.84
C ASP E 118 31.66 -28.27 -21.24
N SER E 119 30.85 -27.92 -20.23
CA SER E 119 30.69 -26.50 -19.86
C SER E 119 31.98 -25.82 -19.34
N ALA E 120 32.92 -26.59 -18.78
CA ALA E 120 34.20 -26.02 -18.35
C ALA E 120 34.93 -25.30 -19.51
N ALA E 121 34.73 -25.75 -20.76
CA ALA E 121 35.37 -25.11 -21.92
C ALA E 121 34.91 -23.67 -22.20
N GLY E 122 33.71 -23.31 -21.74
CA GLY E 122 33.21 -21.93 -21.85
C GLY E 122 33.52 -21.04 -20.66
N ALA E 123 34.39 -21.51 -19.74
CA ALA E 123 34.80 -20.72 -18.56
C ALA E 123 35.94 -19.77 -18.87
N ALA E 124 35.80 -18.51 -18.48
CA ALA E 124 36.87 -17.55 -18.65
C ALA E 124 38.11 -17.98 -17.86
N PHE E 125 37.90 -18.41 -16.62
CA PHE E 125 38.98 -18.90 -15.75
C PHE E 125 38.68 -20.33 -15.36
N LEU E 126 39.60 -21.23 -15.71
CA LEU E 126 39.52 -22.63 -15.32
C LEU E 126 40.63 -22.86 -14.31
N VAL E 127 40.29 -23.35 -13.12
CA VAL E 127 41.28 -23.76 -12.12
C VAL E 127 41.30 -25.28 -12.09
N ALA E 128 42.43 -25.86 -12.45
CA ALA E 128 42.53 -27.31 -12.47
C ALA E 128 43.96 -27.76 -12.26
N ARG E 129 44.11 -28.78 -11.43
CA ARG E 129 45.39 -29.44 -11.20
C ARG E 129 45.08 -30.73 -10.46
N GLU E 130 45.65 -31.84 -10.94
CA GLU E 130 45.46 -33.12 -10.26
C GLU E 130 46.74 -33.48 -9.50
N GLY E 131 46.78 -34.66 -8.89
CA GLY E 131 47.89 -35.05 -8.02
C GLY E 131 47.80 -34.35 -6.67
N SER E 132 48.93 -34.24 -5.97
CA SER E 132 48.95 -33.81 -4.58
C SER E 132 50.02 -32.76 -4.32
N PRO E 133 49.83 -31.88 -3.36
CA PRO E 133 48.58 -31.71 -2.60
C PRO E 133 47.51 -31.04 -3.45
N ARG E 134 46.31 -30.88 -2.87
CA ARG E 134 45.26 -30.10 -3.54
C ARG E 134 45.74 -28.68 -3.80
N ILE E 135 45.38 -28.15 -4.96
CA ILE E 135 45.65 -26.76 -5.28
C ILE E 135 45.00 -25.92 -4.18
N SER E 136 45.72 -24.93 -3.65
CA SER E 136 45.26 -24.23 -2.45
C SER E 136 45.41 -22.73 -2.51
N SER E 137 44.48 -22.02 -1.87
CA SER E 137 44.61 -20.60 -1.60
C SER E 137 44.77 -19.70 -2.84
N VAL E 138 44.05 -20.09 -3.90
CA VAL E 138 43.81 -19.22 -5.04
C VAL E 138 42.77 -18.19 -4.59
N GLU E 139 42.99 -16.94 -4.99
CA GLU E 139 42.14 -15.81 -4.60
C GLU E 139 41.69 -15.05 -5.83
N PHE E 140 40.38 -14.78 -5.94
CA PHE E 140 39.82 -13.89 -6.96
C PHE E 140 39.18 -12.71 -6.23
N SER E 141 39.61 -11.49 -6.54
CA SER E 141 39.15 -10.32 -5.83
C SER E 141 38.82 -9.10 -6.68
N ASN E 142 37.63 -8.57 -6.45
CA ASN E 142 37.27 -7.21 -6.87
C ASN E 142 37.47 -6.90 -8.37
N PHE E 143 37.08 -7.84 -9.22
CA PHE E 143 36.98 -7.54 -10.64
C PHE E 143 35.65 -8.02 -11.20
N CYS E 144 35.43 -7.70 -12.48
CA CYS E 144 34.16 -7.91 -13.15
C CYS E 144 34.33 -8.95 -14.23
N ILE E 145 33.42 -9.92 -14.27
CA ILE E 145 33.37 -10.87 -15.39
C ILE E 145 32.01 -10.75 -16.04
N ASP E 146 32.01 -10.48 -17.35
CA ASP E 146 30.82 -10.08 -18.13
C ASP E 146 30.70 -10.97 -19.36
N GLY E 147 29.59 -11.70 -19.45
CA GLY E 147 29.32 -12.56 -20.60
C GLY E 147 28.65 -11.85 -21.75
N LEU E 148 28.43 -10.54 -21.59
CA LEU E 148 28.06 -9.61 -22.65
C LEU E 148 26.62 -9.69 -23.14
N HIS E 149 26.24 -10.85 -23.68
CA HIS E 149 24.94 -11.08 -24.27
C HIS E 149 24.37 -12.43 -23.88
N PHE E 150 23.04 -12.52 -23.76
CA PHE E 150 22.34 -13.78 -23.82
C PHE E 150 21.80 -13.98 -25.24
N THR E 151 21.64 -15.23 -25.63
CA THR E 151 21.29 -15.58 -27.04
C THR E 151 20.04 -16.43 -27.16
N ALA E 152 19.51 -16.47 -28.38
CA ALA E 152 18.28 -17.19 -28.67
C ALA E 152 18.41 -18.66 -28.26
N ASP E 153 17.43 -19.20 -27.54
CA ASP E 153 17.50 -20.62 -27.12
C ASP E 153 16.31 -21.49 -27.40
N GLY E 154 15.22 -20.91 -27.90
CA GLY E 154 14.04 -21.71 -28.24
C GLY E 154 12.95 -21.71 -27.19
N SER E 155 13.05 -20.89 -26.14
CA SER E 155 11.85 -20.65 -25.34
C SER E 155 11.10 -19.39 -25.76
N GLY E 156 11.54 -18.72 -26.85
CA GLY E 156 10.81 -17.56 -27.34
C GLY E 156 10.65 -16.41 -26.35
N ARG E 157 11.51 -16.36 -25.32
CA ARG E 157 11.80 -15.09 -24.67
C ARG E 157 12.65 -14.36 -25.68
N HIS E 158 12.75 -13.05 -25.56
CA HIS E 158 13.69 -12.30 -26.39
C HIS E 158 15.12 -12.80 -26.09
N PRO E 159 16.00 -12.77 -27.10
CA PRO E 159 17.38 -13.28 -26.92
C PRO E 159 18.10 -12.82 -25.65
N GLU E 160 18.02 -11.52 -25.34
CA GLU E 160 18.74 -10.99 -24.19
C GLU E 160 18.12 -11.38 -22.83
N ASN E 161 16.95 -12.02 -22.87
CA ASN E 161 16.24 -12.45 -21.67
C ASN E 161 16.25 -13.94 -21.46
N THR E 162 17.06 -14.68 -22.21
CA THR E 162 17.04 -16.13 -22.10
C THR E 162 17.92 -16.69 -20.97
N TYR E 163 18.90 -15.92 -20.52
CA TYR E 163 19.93 -16.41 -19.59
C TYR E 163 20.77 -17.56 -20.15
N ALA E 164 20.84 -17.65 -21.48
CA ALA E 164 21.64 -18.68 -22.15
C ALA E 164 22.76 -18.10 -23.01
N ASN E 165 23.99 -18.49 -22.69
CA ASN E 165 25.13 -18.30 -23.59
C ASN E 165 26.30 -19.29 -23.46
N GLY E 166 26.18 -20.31 -22.61
CA GLY E 166 27.25 -21.32 -22.43
C GLY E 166 28.54 -20.81 -21.81
N LYS E 167 28.50 -19.62 -21.21
CA LYS E 167 29.70 -19.02 -20.64
C LYS E 167 29.70 -19.15 -19.13
N THR E 168 30.89 -19.39 -18.57
CA THR E 168 31.12 -19.44 -17.14
C THR E 168 32.16 -18.37 -16.78
N GLY E 169 32.02 -17.77 -15.60
CA GLY E 169 32.99 -16.82 -15.08
C GLY E 169 34.24 -17.55 -14.60
N ILE E 170 34.06 -18.29 -13.50
CA ILE E 170 35.13 -19.03 -12.85
C ILE E 170 34.66 -20.46 -12.63
N HIS E 171 35.43 -21.42 -13.15
CA HIS E 171 35.08 -22.84 -13.00
C HIS E 171 36.29 -23.51 -12.35
N VAL E 172 36.09 -24.10 -11.18
CA VAL E 172 37.16 -24.83 -10.48
C VAL E 172 36.84 -26.32 -10.62
N ALA E 173 37.69 -27.05 -11.33
CA ALA E 173 37.41 -28.46 -11.66
C ALA E 173 37.96 -29.45 -10.63
N SER E 174 39.03 -29.07 -9.94
CA SER E 174 39.81 -29.96 -9.09
C SER E 174 39.57 -29.71 -7.62
N ALA E 175 39.82 -30.73 -6.82
CA ALA E 175 39.77 -30.62 -5.37
C ALA E 175 40.65 -29.45 -4.94
N ASN E 176 40.12 -28.61 -4.05
CA ASN E 176 40.76 -27.38 -3.68
C ASN E 176 40.60 -27.12 -2.20
N ASP E 177 41.53 -26.35 -1.63
CA ASP E 177 41.51 -26.03 -0.21
C ASP E 177 41.76 -24.54 -0.01
N SER E 178 40.97 -23.90 0.84
CA SER E 178 41.25 -22.50 1.26
C SER E 178 41.18 -21.49 0.13
N PHE E 179 40.34 -21.75 -0.87
CA PHE E 179 40.10 -20.79 -1.96
C PHE E 179 39.25 -19.63 -1.45
N ARG E 180 39.40 -18.48 -2.10
CA ARG E 180 38.55 -17.32 -1.83
C ARG E 180 38.06 -16.65 -3.09
N VAL E 181 36.79 -16.26 -3.08
CA VAL E 181 36.24 -15.43 -4.09
C VAL E 181 35.55 -14.28 -3.37
N THR E 182 36.09 -13.06 -3.54
CA THR E 182 35.62 -11.91 -2.77
C THR E 182 35.47 -10.67 -3.61
N ASP E 183 34.45 -9.87 -3.28
CA ASP E 183 34.28 -8.54 -3.88
C ASP E 183 34.11 -8.55 -5.40
N MET E 184 33.78 -9.70 -5.99
CA MET E 184 33.63 -9.80 -7.43
C MET E 184 32.31 -9.18 -7.92
N GLY E 185 32.29 -8.86 -9.21
CA GLY E 185 31.03 -8.65 -9.95
C GLY E 185 30.96 -9.68 -11.06
N PHE E 186 29.82 -10.33 -11.20
CA PHE E 186 29.54 -11.24 -12.30
C PHE E 186 28.23 -10.77 -12.93
N VAL E 187 28.16 -10.80 -14.27
CA VAL E 187 27.00 -10.30 -15.00
C VAL E 187 26.90 -10.96 -16.37
N TYR E 188 25.69 -11.39 -16.70
CA TYR E 188 25.36 -11.89 -18.04
C TYR E 188 26.16 -13.16 -18.42
N LEU E 189 26.33 -14.04 -17.44
CA LEU E 189 26.97 -15.34 -17.66
C LEU E 189 25.92 -16.44 -17.46
N GLU E 190 25.93 -17.48 -18.27
CA GLU E 190 25.04 -18.60 -17.99
C GLU E 190 25.36 -19.20 -16.61
N ASN E 191 26.63 -19.31 -16.25
CA ASN E 191 27.07 -19.73 -14.90
C ASN E 191 28.13 -18.77 -14.38
N ALA E 192 27.90 -18.14 -13.24
CA ALA E 192 28.92 -17.22 -12.73
C ALA E 192 30.12 -17.98 -12.16
N LEU E 193 29.85 -18.88 -11.23
CA LEU E 193 30.88 -19.42 -10.34
C LEU E 193 30.53 -20.87 -10.03
N THR E 194 31.35 -21.80 -10.54
CA THR E 194 31.12 -23.22 -10.33
C THR E 194 32.39 -23.80 -9.72
N ILE E 195 32.30 -24.34 -8.52
CA ILE E 195 33.46 -24.87 -7.82
C ILE E 195 33.18 -26.30 -7.42
N HIS E 196 33.98 -27.22 -7.95
CA HIS E 196 33.92 -28.63 -7.57
C HIS E 196 34.84 -28.97 -6.41
N LYS E 197 34.42 -29.92 -5.58
CA LYS E 197 35.29 -30.55 -4.58
C LYS E 197 36.02 -29.54 -3.66
N ALA E 198 35.26 -28.58 -3.15
CA ALA E 198 35.78 -27.50 -2.29
C ALA E 198 35.89 -27.88 -0.80
N ASP E 199 37.03 -27.52 -0.22
CA ASP E 199 37.27 -27.64 1.22
C ASP E 199 37.66 -26.27 1.74
N ALA E 200 36.99 -25.83 2.80
CA ALA E 200 37.33 -24.58 3.47
C ALA E 200 37.40 -23.37 2.53
N LEU E 201 36.43 -23.34 1.62
CA LEU E 201 36.22 -22.28 0.65
C LEU E 201 35.45 -21.13 1.28
N SER E 202 35.81 -19.90 0.91
CA SER E 202 34.99 -18.73 1.27
C SER E 202 34.59 -17.93 0.01
N ILE E 203 33.27 -17.81 -0.19
CA ILE E 203 32.68 -16.95 -1.21
C ILE E 203 32.02 -15.81 -0.43
N HIS E 204 32.67 -14.64 -0.40
CA HIS E 204 32.32 -13.58 0.52
C HIS E 204 32.20 -12.22 -0.16
N HIS E 205 31.06 -11.56 0.07
CA HIS E 205 30.89 -10.16 -0.33
C HIS E 205 31.04 -9.91 -1.84
N ASN E 206 30.44 -10.79 -2.62
CA ASN E 206 30.38 -10.63 -4.07
C ASN E 206 29.04 -10.09 -4.52
N PHE E 207 28.99 -9.65 -5.78
CA PHE E 207 27.78 -9.18 -6.42
C PHE E 207 27.62 -10.07 -7.66
N ILE E 208 26.66 -11.00 -7.61
CA ILE E 208 26.53 -12.06 -8.62
C ILE E 208 25.10 -12.04 -9.13
N ALA E 209 24.88 -11.36 -10.27
CA ALA E 209 23.53 -11.05 -10.70
C ALA E 209 23.33 -11.09 -12.21
N GLU E 210 22.10 -11.35 -12.64
CA GLU E 210 21.77 -11.44 -14.06
C GLU E 210 22.63 -12.51 -14.72
N CYS E 211 22.79 -13.60 -13.99
CA CYS E 211 23.44 -14.81 -14.47
C CYS E 211 22.43 -15.95 -14.40
N GLY E 212 22.55 -16.89 -15.34
CA GLY E 212 21.62 -18.01 -15.38
C GLY E 212 21.56 -18.76 -14.06
N SER E 213 22.76 -19.14 -13.61
CA SER E 213 23.02 -19.65 -12.29
C SER E 213 24.18 -18.86 -11.73
N CYS E 214 24.14 -18.63 -10.42
CA CYS E 214 25.15 -17.84 -9.77
C CYS E 214 26.22 -18.74 -9.13
N ILE E 215 25.97 -19.27 -7.93
CA ILE E 215 26.94 -20.11 -7.19
C ILE E 215 26.52 -21.58 -7.24
N GLU E 216 27.38 -22.43 -7.79
CA GLU E 216 27.18 -23.87 -7.74
C GLU E 216 28.39 -24.57 -7.17
N LEU E 217 28.21 -25.24 -6.02
CA LEU E 217 29.23 -26.06 -5.40
C LEU E 217 28.94 -27.53 -5.73
N ARG E 218 29.77 -28.12 -6.57
CA ARG E 218 29.47 -29.43 -7.13
C ARG E 218 30.41 -30.51 -6.66
N GLY E 219 29.99 -31.76 -6.86
CA GLY E 219 30.81 -32.94 -6.56
C GLY E 219 30.60 -33.30 -5.10
N TRP E 220 31.39 -32.62 -4.26
CA TRP E 220 31.31 -32.73 -2.81
C TRP E 220 32.04 -31.55 -2.23
N GLY E 221 31.97 -31.42 -0.92
CA GLY E 221 32.77 -30.44 -0.22
C GLY E 221 32.62 -30.47 1.28
N GLN E 222 33.43 -29.69 1.96
CA GLN E 222 33.32 -29.56 3.38
C GLN E 222 33.79 -28.22 3.90
N ALA E 223 33.24 -27.88 5.06
CA ALA E 223 33.74 -26.77 5.89
C ALA E 223 33.85 -25.44 5.15
N SER E 224 32.91 -25.17 4.27
CA SER E 224 32.96 -23.95 3.45
C SER E 224 31.90 -22.95 3.86
N LYS E 225 31.98 -21.75 3.29
CA LYS E 225 31.04 -20.70 3.64
C LYS E 225 30.77 -19.73 2.50
N ILE E 226 29.51 -19.30 2.44
CA ILE E 226 28.99 -18.40 1.43
C ILE E 226 28.30 -17.31 2.26
N THR E 227 28.96 -16.17 2.32
CA THR E 227 28.54 -15.08 3.20
C THR E 227 28.52 -13.72 2.56
N ASP E 228 27.52 -12.93 2.95
CA ASP E 228 27.53 -11.50 2.65
C ASP E 228 27.48 -11.20 1.14
N ASN E 229 26.92 -12.11 0.34
CA ASN E 229 26.75 -11.90 -1.09
C ASN E 229 25.40 -11.28 -1.48
N LEU E 230 25.42 -10.53 -2.57
CA LEU E 230 24.21 -10.10 -3.28
C LEU E 230 24.10 -11.00 -4.51
N VAL E 231 22.96 -11.70 -4.66
CA VAL E 231 22.83 -12.78 -5.63
C VAL E 231 21.45 -12.75 -6.31
N GLY E 232 21.46 -12.79 -7.64
CA GLY E 232 20.23 -12.89 -8.43
C GLY E 232 20.46 -13.69 -9.70
N ALA E 233 19.70 -14.79 -9.85
CA ALA E 233 19.90 -15.73 -10.94
C ALA E 233 18.75 -15.66 -11.96
N GLY E 234 18.63 -16.68 -12.82
CA GLY E 234 17.60 -16.72 -13.86
C GLY E 234 16.66 -17.90 -13.64
N PRO E 235 15.51 -17.88 -14.32
CA PRO E 235 14.42 -18.78 -13.91
C PRO E 235 14.59 -20.29 -14.09
N ARG E 236 15.63 -20.73 -14.82
CA ARG E 236 15.96 -22.15 -14.92
C ARG E 236 17.21 -22.52 -14.11
N GLY E 237 17.75 -21.57 -13.34
CA GLY E 237 19.05 -21.77 -12.70
C GLY E 237 19.03 -21.59 -11.21
N HIS E 238 20.20 -21.79 -10.62
CA HIS E 238 20.38 -21.72 -9.17
C HIS E 238 20.96 -20.38 -8.74
N SER E 239 20.51 -19.90 -7.61
CA SER E 239 21.15 -18.78 -6.92
C SER E 239 22.33 -19.31 -6.13
N ILE E 240 22.05 -20.15 -5.15
CA ILE E 240 23.07 -20.87 -4.39
C ILE E 240 22.70 -22.34 -4.47
N TYR E 241 23.63 -23.15 -4.97
CA TYR E 241 23.44 -24.61 -5.06
C TYR E 241 24.62 -25.32 -4.47
N ALA E 242 24.37 -26.43 -3.77
CA ALA E 242 25.45 -27.26 -3.27
C ALA E 242 25.01 -28.69 -3.29
N GLU E 243 25.94 -29.59 -3.56
CA GLU E 243 25.66 -31.01 -3.48
C GLU E 243 26.77 -31.74 -2.73
N ASN E 244 26.36 -32.71 -1.91
CA ASN E 244 27.30 -33.52 -1.13
C ASN E 244 28.31 -32.70 -0.33
N HIS E 245 27.84 -31.58 0.22
CA HIS E 245 28.63 -30.81 1.18
C HIS E 245 28.23 -31.16 2.60
N GLY E 246 29.23 -31.18 3.47
CA GLY E 246 29.02 -31.20 4.91
C GLY E 246 29.60 -29.95 5.52
N GLY E 247 28.94 -29.43 6.55
CA GLY E 247 29.47 -28.30 7.29
C GLY E 247 29.57 -27.00 6.50
N LEU E 248 28.63 -26.80 5.58
CA LEU E 248 28.56 -25.55 4.82
C LEU E 248 27.80 -24.52 5.66
N LEU E 249 28.26 -23.27 5.63
CA LEU E 249 27.57 -22.14 6.29
C LEU E 249 27.16 -21.12 5.21
N VAL E 250 25.85 -20.93 5.06
CA VAL E 250 25.27 -19.97 4.13
C VAL E 250 24.55 -18.92 4.98
N THR E 251 25.14 -17.74 5.08
CA THR E 251 24.61 -16.73 5.97
C THR E 251 24.87 -15.31 5.51
N ALA E 252 23.96 -14.42 5.89
CA ALA E 252 24.07 -13.00 5.60
C ALA E 252 24.07 -12.64 4.09
N ASN E 253 23.43 -13.48 3.28
CA ASN E 253 23.27 -13.20 1.87
C ASN E 253 21.91 -12.53 1.65
N ASN E 254 21.89 -11.64 0.66
CA ASN E 254 20.66 -11.03 0.15
C ASN E 254 20.46 -11.59 -1.25
N VAL E 255 19.55 -12.55 -1.34
CA VAL E 255 19.25 -13.25 -2.58
C VAL E 255 17.93 -12.69 -3.12
N PHE E 256 18.00 -12.11 -4.31
CA PHE E 256 16.84 -11.48 -4.95
C PHE E 256 16.52 -12.27 -6.21
N PRO E 257 15.41 -11.95 -6.89
CA PRO E 257 15.03 -12.77 -8.05
C PRO E 257 16.06 -12.71 -9.20
N ARG E 258 16.01 -13.62 -10.17
CA ARG E 258 14.87 -14.52 -10.40
C ARG E 258 15.31 -15.93 -10.69
N GLY E 259 16.13 -16.47 -9.79
CA GLY E 259 16.51 -17.87 -9.88
C GLY E 259 15.32 -18.82 -9.73
N ALA E 260 15.46 -20.03 -10.25
CA ALA E 260 14.47 -21.08 -9.99
C ALA E 260 14.29 -21.29 -8.50
N SER E 261 15.40 -21.19 -7.77
CA SER E 261 15.41 -21.26 -6.31
C SER E 261 16.43 -20.27 -5.77
N SER E 262 16.34 -20.03 -4.46
CA SER E 262 17.29 -19.22 -3.69
C SER E 262 18.43 -20.07 -3.14
N VAL E 263 18.08 -21.19 -2.52
CA VAL E 263 19.08 -22.14 -2.00
C VAL E 263 18.61 -23.55 -2.33
N HIS E 264 19.48 -24.32 -2.97
CA HIS E 264 19.14 -25.69 -3.42
C HIS E 264 20.25 -26.64 -3.00
N PHE E 265 19.91 -27.59 -2.14
CA PHE E 265 20.81 -28.60 -1.63
C PHE E 265 20.41 -29.99 -2.14
N LYS E 266 21.39 -30.77 -2.57
CA LYS E 266 21.23 -32.18 -2.86
C LYS E 266 22.27 -32.94 -2.04
N GLY E 267 21.82 -33.81 -1.14
CA GLY E 267 22.72 -34.60 -0.30
C GLY E 267 23.62 -33.78 0.59
N VAL E 268 23.13 -32.62 1.05
CA VAL E 268 23.91 -31.74 1.92
C VAL E 268 23.55 -32.08 3.36
N THR E 269 24.55 -32.19 4.21
CA THR E 269 24.34 -32.58 5.59
C THR E 269 25.04 -31.65 6.54
N ARG E 270 24.50 -31.55 7.75
CA ARG E 270 25.21 -30.94 8.88
C ARG E 270 25.68 -29.53 8.51
N SER E 271 24.80 -28.79 7.83
CA SER E 271 25.08 -27.46 7.31
C SER E 271 24.04 -26.48 7.85
N SER E 272 24.26 -25.19 7.60
CA SER E 272 23.41 -24.14 8.14
C SER E 272 23.11 -23.10 7.09
N VAL E 273 21.81 -22.84 6.89
CA VAL E 273 21.30 -21.78 5.99
C VAL E 273 20.56 -20.87 6.92
N THR E 274 21.23 -19.81 7.36
CA THR E 274 20.75 -19.05 8.49
C THR E 274 20.96 -17.56 8.24
N ASN E 275 19.99 -16.76 8.64
CA ASN E 275 20.11 -15.32 8.57
C ASN E 275 20.40 -14.79 7.15
N ASN E 276 19.60 -15.23 6.19
CA ASN E 276 19.64 -14.73 4.84
C ASN E 276 18.33 -14.02 4.58
N ARG E 277 18.37 -13.08 3.67
CA ARG E 277 17.15 -12.46 3.14
C ARG E 277 16.99 -13.06 1.77
N LEU E 278 15.84 -13.70 1.54
CA LEU E 278 15.58 -14.48 0.32
C LEU E 278 14.30 -13.97 -0.30
N HIS E 279 14.37 -13.57 -1.57
CA HIS E 279 13.20 -13.06 -2.31
C HIS E 279 13.10 -13.76 -3.65
N ALA E 280 11.94 -14.38 -3.89
CA ALA E 280 11.67 -15.11 -5.13
C ALA E 280 10.35 -14.70 -5.75
N PHE E 281 10.23 -14.92 -7.05
CA PHE E 281 8.97 -14.72 -7.77
C PHE E 281 8.24 -16.04 -8.05
N TYR E 282 8.78 -17.15 -7.55
CA TYR E 282 8.25 -18.48 -7.81
C TYR E 282 8.35 -19.32 -6.54
N PRO E 283 7.52 -20.37 -6.43
CA PRO E 283 7.68 -21.37 -5.37
C PRO E 283 9.03 -22.13 -5.45
N GLY E 284 9.33 -22.88 -4.40
CA GLY E 284 10.54 -23.68 -4.33
C GLY E 284 11.79 -22.86 -4.07
N MET E 285 11.69 -21.96 -3.11
CA MET E 285 12.79 -21.05 -2.78
C MET E 285 13.98 -21.75 -2.12
N VAL E 286 13.71 -22.61 -1.16
CA VAL E 286 14.76 -23.37 -0.49
C VAL E 286 14.39 -24.85 -0.54
N ARG E 287 15.27 -25.60 -1.18
CA ARG E 287 15.04 -27.00 -1.50
C ARG E 287 16.13 -27.83 -0.83
N LEU E 288 15.73 -28.68 0.09
CA LEU E 288 16.62 -29.69 0.68
C LEU E 288 16.20 -31.03 0.10
N GLU E 289 17.04 -31.62 -0.76
CA GLU E 289 16.66 -32.79 -1.56
C GLU E 289 17.67 -33.92 -1.40
N GLU E 290 17.23 -35.11 -1.79
CA GLU E 290 18.10 -36.27 -1.85
C GLU E 290 18.89 -36.48 -0.55
N ASN E 291 18.15 -36.70 0.53
CA ASN E 291 18.72 -37.02 1.85
C ASN E 291 19.58 -35.85 2.36
N SER E 292 19.02 -34.64 2.29
CA SER E 292 19.66 -33.49 2.92
C SER E 292 19.24 -33.48 4.38
N SER E 293 20.18 -33.79 5.27
CA SER E 293 19.90 -34.12 6.68
C SER E 293 20.73 -33.33 7.69
N GLU E 294 20.18 -33.20 8.88
CA GLU E 294 20.84 -32.55 10.02
C GLU E 294 21.29 -31.12 9.73
N ASN E 295 20.47 -30.41 8.96
CA ASN E 295 20.73 -29.00 8.61
C ASN E 295 19.90 -28.05 9.44
N LEU E 296 20.46 -26.89 9.72
CA LEU E 296 19.76 -25.80 10.40
C LEU E 296 19.33 -24.79 9.33
N VAL E 297 18.04 -24.48 9.32
CA VAL E 297 17.46 -23.45 8.46
C VAL E 297 16.79 -22.48 9.45
N ALA E 298 17.47 -21.38 9.78
CA ALA E 298 17.03 -20.52 10.86
C ALA E 298 17.07 -19.06 10.54
N THR E 299 16.11 -18.35 11.11
CA THR E 299 16.07 -16.88 11.07
C THR E 299 16.35 -16.28 9.70
N ASN E 300 15.83 -16.94 8.67
CA ASN E 300 15.82 -16.38 7.31
C ASN E 300 14.52 -15.60 7.13
N HIS E 301 14.59 -14.58 6.28
CA HIS E 301 13.41 -13.85 5.82
C HIS E 301 13.10 -14.30 4.42
N PHE E 302 11.98 -15.01 4.25
CA PHE E 302 11.49 -15.44 2.94
C PHE E 302 10.37 -14.51 2.46
N LEU E 303 10.47 -14.04 1.23
CA LEU E 303 9.37 -13.37 0.53
C LEU E 303 9.16 -14.05 -0.82
N ARG E 304 7.93 -14.51 -1.07
CA ARG E 304 7.52 -15.00 -2.37
C ARG E 304 6.39 -14.10 -2.83
N ASP E 305 6.55 -13.50 -4.01
CA ASP E 305 5.50 -12.69 -4.62
C ASP E 305 5.55 -12.84 -6.14
N HIS E 306 4.83 -11.99 -6.87
CA HIS E 306 4.76 -12.08 -8.33
C HIS E 306 5.73 -11.11 -8.99
N GLU E 307 6.35 -11.56 -10.07
CA GLU E 307 7.18 -10.72 -10.92
C GLU E 307 6.43 -9.43 -11.25
N PRO E 308 7.00 -8.25 -10.95
CA PRO E 308 6.28 -7.00 -11.28
C PRO E 308 6.73 -6.32 -12.58
N TRP E 309 7.76 -6.86 -13.22
CA TRP E 309 8.35 -6.20 -14.39
C TRP E 309 7.87 -6.87 -15.67
N THR E 310 7.23 -6.08 -16.53
CA THR E 310 6.52 -6.64 -17.70
C THR E 310 7.30 -7.64 -18.59
N PRO E 311 8.58 -7.34 -18.94
CA PRO E 311 9.31 -8.30 -19.79
C PRO E 311 9.39 -9.76 -19.29
N PHE E 312 9.29 -9.97 -17.97
CA PHE E 312 9.33 -11.31 -17.38
C PHE E 312 8.02 -11.73 -16.72
N PHE E 313 6.96 -10.94 -16.89
CA PHE E 313 5.73 -11.14 -16.09
C PHE E 313 5.18 -12.57 -16.19
N GLY E 314 5.24 -13.15 -17.40
CA GLY E 314 4.73 -14.51 -17.62
C GLY E 314 5.75 -15.64 -17.53
N VAL E 315 6.97 -15.33 -17.13
CA VAL E 315 8.05 -16.32 -17.05
C VAL E 315 8.05 -16.90 -15.65
N ASP E 316 8.23 -18.22 -15.55
CA ASP E 316 8.32 -18.87 -14.25
C ASP E 316 9.22 -20.10 -14.24
N ASN E 317 9.31 -20.74 -13.07
CA ASN E 317 10.21 -21.89 -12.89
C ASN E 317 9.50 -23.23 -13.05
N GLY E 318 8.25 -23.20 -13.52
CA GLY E 318 7.49 -24.43 -13.77
C GLY E 318 6.90 -25.12 -12.56
N LEU E 319 7.08 -24.56 -11.36
CA LEU E 319 6.57 -25.21 -10.15
C LEU E 319 5.32 -24.53 -9.64
N ASP E 320 4.38 -25.33 -9.15
CA ASP E 320 3.09 -24.81 -8.71
C ASP E 320 3.15 -24.45 -7.23
N ASP E 321 2.04 -23.88 -6.73
CA ASP E 321 1.99 -23.36 -5.36
C ASP E 321 1.87 -24.42 -4.26
N LEU E 322 1.73 -25.69 -4.64
CA LEU E 322 1.77 -26.79 -3.69
C LEU E 322 3.22 -27.21 -3.35
N THR E 323 4.20 -26.72 -4.11
CA THR E 323 5.61 -27.07 -3.92
C THR E 323 6.12 -26.73 -2.52
N GLY E 324 5.73 -25.56 -2.02
CA GLY E 324 6.31 -25.01 -0.80
C GLY E 324 7.34 -23.95 -1.11
N LEU E 325 7.47 -22.99 -0.21
CA LEU E 325 8.60 -22.06 -0.23
C LEU E 325 9.84 -22.75 0.28
N LEU E 326 9.67 -23.59 1.30
CA LEU E 326 10.72 -24.43 1.83
C LEU E 326 10.28 -25.88 1.71
N SER E 327 11.06 -26.69 1.01
CA SER E 327 10.74 -28.11 0.81
C SER E 327 11.87 -28.96 1.34
N ILE E 328 11.54 -29.96 2.16
CA ILE E 328 12.53 -30.83 2.82
C ILE E 328 12.30 -32.32 2.51
N SER E 329 13.35 -32.95 1.97
CA SER E 329 13.45 -34.39 1.79
C SER E 329 14.75 -34.84 2.46
N GLY E 330 14.63 -35.28 3.71
CA GLY E 330 15.77 -35.67 4.54
C GLY E 330 15.41 -35.75 6.01
N ASN E 331 16.38 -36.14 6.83
CA ASN E 331 16.13 -36.46 8.23
C ASN E 331 16.72 -35.42 9.16
N ASN E 332 16.05 -35.21 10.29
CA ASN E 332 16.68 -34.59 11.44
C ASN E 332 17.13 -33.15 11.21
N ASN E 333 16.45 -32.44 10.31
CA ASN E 333 16.73 -31.02 10.09
C ASN E 333 16.05 -30.20 11.17
N SER E 334 16.46 -28.94 11.26
CA SER E 334 15.97 -27.98 12.22
C SER E 334 15.57 -26.70 11.47
N VAL E 335 14.27 -26.34 11.52
CA VAL E 335 13.69 -25.19 10.84
C VAL E 335 13.11 -24.26 11.91
N ILE E 336 13.84 -23.21 12.25
CA ILE E 336 13.57 -22.47 13.47
C ILE E 336 13.63 -20.96 13.21
N GLY E 337 12.60 -20.25 13.64
CA GLY E 337 12.68 -18.78 13.70
C GLY E 337 12.65 -18.04 12.39
N ASN E 338 12.10 -18.65 11.34
CA ASN E 338 12.04 -18.01 10.03
C ASN E 338 10.76 -17.18 9.90
N HIS E 339 10.83 -16.15 9.07
CA HIS E 339 9.67 -15.38 8.64
C HIS E 339 9.35 -15.73 7.19
N PHE E 340 8.09 -16.03 6.92
CA PHE E 340 7.62 -16.24 5.55
C PHE E 340 6.52 -15.24 5.20
N SER E 341 6.76 -14.41 4.17
CA SER E 341 5.74 -13.60 3.55
C SER E 341 5.35 -14.22 2.20
N GLU E 342 4.09 -14.62 2.07
CA GLU E 342 3.54 -15.20 0.84
C GLU E 342 2.55 -14.16 0.32
N VAL E 343 2.90 -13.51 -0.78
CA VAL E 343 2.14 -12.34 -1.26
C VAL E 343 1.76 -12.61 -2.70
N VAL E 344 0.55 -13.13 -2.91
CA VAL E 344 0.13 -13.59 -4.26
C VAL E 344 -1.31 -13.21 -4.60
N ASP E 345 -1.63 -13.18 -5.88
CA ASP E 345 -3.02 -12.97 -6.33
C ASP E 345 -3.73 -14.31 -6.22
N ALA E 346 -4.72 -14.43 -5.35
CA ALA E 346 -5.44 -15.71 -5.20
C ALA E 346 -5.91 -16.27 -6.55
N ASN E 347 -6.27 -15.36 -7.46
CA ASN E 347 -6.71 -15.70 -8.81
C ASN E 347 -5.66 -16.44 -9.64
N GLU E 348 -4.38 -16.20 -9.36
CA GLU E 348 -3.26 -16.75 -10.12
C GLU E 348 -2.60 -17.98 -9.46
N ILE E 349 -3.14 -18.44 -8.33
CA ILE E 349 -2.60 -19.65 -7.67
C ILE E 349 -2.80 -20.86 -8.58
N ARG E 350 -1.76 -21.68 -8.70
CA ARG E 350 -1.80 -22.93 -9.48
C ARG E 350 -1.48 -24.15 -8.60
N PRO E 351 -2.16 -25.28 -8.78
CA PRO E 351 -3.32 -25.40 -9.68
C PRO E 351 -4.54 -24.64 -9.17
N GLU E 352 -5.54 -24.48 -10.03
CA GLU E 352 -6.78 -23.79 -9.69
C GLU E 352 -7.39 -24.37 -8.43
N GLY E 353 -7.78 -23.50 -7.51
CA GLY E 353 -8.40 -23.92 -6.26
C GLY E 353 -7.47 -24.44 -5.17
N ALA E 354 -6.16 -24.48 -5.42
CA ALA E 354 -5.22 -25.01 -4.43
C ALA E 354 -5.00 -24.03 -3.27
N THR E 355 -4.66 -24.58 -2.12
CA THR E 355 -4.24 -23.81 -0.96
C THR E 355 -2.71 -23.79 -0.98
N PRO E 356 -2.07 -22.61 -1.14
CA PRO E 356 -0.61 -22.58 -1.21
C PRO E 356 0.06 -23.21 0.01
N VAL E 357 1.19 -23.89 -0.19
CA VAL E 357 1.90 -24.45 0.95
C VAL E 357 3.21 -23.71 1.19
N ILE E 358 3.53 -23.51 2.45
CA ILE E 358 4.71 -22.72 2.81
C ILE E 358 5.89 -23.65 3.11
N ILE E 359 5.79 -24.46 4.16
CA ILE E 359 6.81 -25.48 4.45
C ILE E 359 6.24 -26.86 4.13
N ARG E 360 6.97 -27.65 3.32
CA ARG E 360 6.53 -28.99 2.94
C ARG E 360 7.62 -29.97 3.31
N LEU E 361 7.26 -30.98 4.11
CA LEU E 361 8.13 -32.10 4.40
C LEU E 361 7.68 -33.30 3.53
N THR E 362 8.50 -33.65 2.54
CA THR E 362 8.11 -34.67 1.54
C THR E 362 8.57 -36.08 1.90
N ALA E 363 9.67 -36.17 2.62
CA ALA E 363 10.22 -37.43 3.05
C ALA E 363 11.22 -37.18 4.15
N GLY E 364 11.44 -38.22 4.95
CA GLY E 364 12.39 -38.19 6.05
C GLY E 364 11.74 -38.14 7.40
N THR E 365 12.54 -38.34 8.44
CA THR E 365 12.04 -38.42 9.81
C THR E 365 12.79 -37.48 10.74
N GLY E 366 12.14 -37.10 11.83
CA GLY E 366 12.81 -36.38 12.88
C GLY E 366 13.07 -34.91 12.62
N ASN E 367 12.38 -34.30 11.65
CA ASN E 367 12.59 -32.86 11.44
C ASN E 367 11.88 -32.05 12.54
N PHE E 368 12.56 -31.01 13.01
CA PHE E 368 12.09 -30.15 14.09
C PHE E 368 11.80 -28.79 13.45
N VAL E 369 10.53 -28.40 13.43
CA VAL E 369 10.06 -27.17 12.80
C VAL E 369 9.43 -26.35 13.92
N SER E 370 10.03 -25.22 14.30
CA SER E 370 9.53 -24.47 15.46
C SER E 370 9.61 -22.97 15.30
N THR E 371 8.57 -22.28 15.73
CA THR E 371 8.62 -20.85 15.90
C THR E 371 8.86 -20.12 14.56
N ASN E 372 8.00 -20.41 13.59
CA ASN E 372 8.07 -19.79 12.27
C ASN E 372 6.79 -19.01 12.08
N HIS E 373 6.92 -17.77 11.61
CA HIS E 373 5.77 -16.91 11.40
C HIS E 373 5.46 -16.88 9.92
N VAL E 374 4.24 -17.30 9.58
CA VAL E 374 3.74 -17.24 8.20
C VAL E 374 2.75 -16.11 8.07
N VAL E 375 2.96 -15.27 7.07
CA VAL E 375 2.10 -14.14 6.73
C VAL E 375 1.69 -14.33 5.28
N ALA E 376 0.39 -14.49 5.04
CA ALA E 376 -0.12 -14.81 3.71
C ALA E 376 -1.15 -13.79 3.34
N MET E 377 -0.99 -13.21 2.17
CA MET E 377 -1.91 -12.19 1.74
C MET E 377 -2.17 -12.24 0.25
N ASP E 378 -3.38 -11.83 -0.07
CA ASP E 378 -3.97 -11.93 -1.38
C ASP E 378 -3.97 -10.50 -1.85
N VAL E 379 -3.15 -10.25 -2.86
CA VAL E 379 -2.96 -8.90 -3.36
C VAL E 379 -3.49 -8.77 -4.77
N ASP E 380 -3.82 -7.54 -5.11
CA ASP E 380 -4.18 -7.18 -6.45
C ASP E 380 -3.02 -6.33 -6.91
N ALA E 381 -2.11 -6.95 -7.67
CA ALA E 381 -0.90 -6.30 -8.17
C ALA E 381 -0.86 -6.41 -9.69
N ALA E 382 -0.50 -5.31 -10.36
CA ALA E 382 -0.23 -5.31 -11.80
C ALA E 382 1.27 -5.16 -12.02
N SER E 383 1.66 -5.32 -13.28
CA SER E 383 3.06 -5.17 -13.69
C SER E 383 3.25 -3.82 -14.40
N SER E 384 4.51 -3.44 -14.60
CA SER E 384 4.83 -2.24 -15.36
C SER E 384 6.18 -2.34 -16.02
N ASP E 385 6.44 -1.40 -16.94
CA ASP E 385 7.63 -1.39 -17.78
C ASP E 385 8.92 -0.98 -17.10
N SER E 386 8.83 -0.21 -16.03
CA SER E 386 10.02 0.45 -15.49
C SER E 386 10.59 -0.38 -14.33
N ALA E 387 11.73 -1.02 -14.55
CA ALA E 387 12.15 -2.14 -13.69
C ALA E 387 12.30 -1.80 -12.22
N PHE E 388 13.17 -0.85 -11.89
CA PHE E 388 13.45 -0.62 -10.46
C PHE E 388 12.29 0.04 -9.74
N GLU E 389 11.56 0.93 -10.41
CA GLU E 389 10.35 1.53 -9.84
C GLU E 389 9.27 0.47 -9.53
N ALA E 390 9.02 -0.42 -10.48
CA ALA E 390 8.07 -1.52 -10.30
C ALA E 390 8.47 -2.41 -9.14
N GLN E 391 9.77 -2.68 -9.07
CA GLN E 391 10.32 -3.55 -8.04
C GLN E 391 10.17 -2.94 -6.64
N VAL E 392 10.55 -1.68 -6.49
CA VAL E 392 10.45 -1.00 -5.19
C VAL E 392 8.99 -0.86 -4.75
N ASP E 393 8.15 -0.37 -5.66
CA ASP E 393 6.73 -0.21 -5.35
C ASP E 393 6.09 -1.52 -4.88
N ALA E 394 6.42 -2.62 -5.55
CA ALA E 394 5.85 -3.91 -5.17
C ALA E 394 6.32 -4.36 -3.79
N LEU E 395 7.59 -4.15 -3.46
CA LEU E 395 8.11 -4.50 -2.14
C LEU E 395 7.46 -3.70 -1.01
N LEU E 396 7.17 -2.42 -1.25
CA LEU E 396 6.56 -1.56 -0.23
C LEU E 396 5.04 -1.69 -0.13
N ALA E 397 4.37 -2.28 -1.12
CA ALA E 397 2.90 -2.34 -1.13
C ALA E 397 2.39 -3.42 -0.19
N THR E 398 1.57 -3.03 0.78
CA THR E 398 1.07 -3.98 1.79
C THR E 398 -0.45 -4.07 1.99
N GLU E 399 -1.27 -3.28 1.29
CA GLU E 399 -2.72 -3.45 1.38
C GLU E 399 -3.11 -4.78 0.73
N ALA E 400 -3.82 -5.62 1.48
CA ALA E 400 -4.16 -6.95 0.98
C ALA E 400 -5.29 -7.61 1.77
N ALA E 401 -5.85 -8.67 1.17
CA ALA E 401 -6.85 -9.51 1.84
C ALA E 401 -6.12 -10.72 2.43
N ASP E 402 -6.74 -11.34 3.43
CA ASP E 402 -6.17 -12.54 4.05
C ASP E 402 -6.19 -13.65 3.01
N LEU E 403 -5.23 -14.56 3.08
CA LEU E 403 -5.12 -15.67 2.16
C LEU E 403 -4.92 -16.91 2.99
N ALA E 404 -5.78 -17.90 2.79
CA ALA E 404 -5.63 -19.15 3.49
C ALA E 404 -4.43 -19.88 2.91
N VAL E 405 -3.55 -20.34 3.78
CA VAL E 405 -2.40 -21.15 3.35
C VAL E 405 -2.23 -22.33 4.28
N THR E 406 -1.50 -23.33 3.79
CA THR E 406 -1.02 -24.43 4.59
C THR E 406 0.42 -24.04 4.99
N ALA E 407 0.60 -23.67 6.24
CA ALA E 407 1.91 -23.29 6.75
C ALA E 407 2.89 -24.44 6.73
N VAL E 408 2.44 -25.62 7.17
CA VAL E 408 3.26 -26.80 7.16
C VAL E 408 2.43 -27.94 6.58
N LEU E 409 2.95 -28.58 5.53
CA LEU E 409 2.37 -29.82 4.99
C LEU E 409 3.36 -30.94 5.21
N VAL E 410 2.95 -31.94 5.99
CA VAL E 410 3.75 -33.16 6.17
C VAL E 410 3.11 -34.27 5.33
N ASP E 411 3.77 -34.63 4.23
CA ASP E 411 3.31 -35.73 3.39
C ASP E 411 3.39 -37.02 4.17
N PRO E 412 2.55 -38.01 3.82
CA PRO E 412 2.65 -39.30 4.54
C PRO E 412 4.03 -39.96 4.49
N GLY E 413 4.81 -39.66 3.45
CA GLY E 413 6.18 -40.16 3.30
C GLY E 413 7.20 -39.66 4.31
N SER E 414 6.82 -38.63 5.08
CA SER E 414 7.65 -38.10 6.16
C SER E 414 6.90 -38.21 7.47
N ALA E 415 7.57 -38.68 8.51
CA ALA E 415 6.91 -38.98 9.78
C ALA E 415 7.86 -38.73 10.93
N ARG E 416 7.32 -38.74 12.13
CA ARG E 416 8.08 -38.60 13.36
C ARG E 416 8.74 -37.22 13.39
N ASN E 417 8.05 -36.22 12.85
CA ASN E 417 8.51 -34.84 12.89
C ASN E 417 7.86 -34.14 14.07
N THR E 418 8.43 -33.01 14.46
CA THR E 418 7.92 -32.18 15.52
C THR E 418 7.65 -30.80 14.94
N ILE E 419 6.42 -30.32 15.04
CA ILE E 419 6.00 -29.06 14.46
C ILE E 419 5.41 -28.21 15.58
N LEU E 420 6.06 -27.09 15.91
CA LEU E 420 5.66 -26.26 17.05
C LEU E 420 5.52 -24.81 16.63
N ASP E 421 4.41 -24.17 17.02
CA ASP E 421 4.24 -22.74 16.87
C ASP E 421 4.65 -22.26 15.48
N SER E 422 4.20 -23.01 14.46
CA SER E 422 4.42 -22.66 13.07
C SER E 422 3.12 -22.59 12.28
N GLY E 423 1.98 -22.49 12.97
CA GLY E 423 0.69 -22.34 12.33
C GLY E 423 -0.40 -22.90 13.22
N SER E 424 -1.64 -22.49 12.92
CA SER E 424 -2.82 -23.05 13.58
C SER E 424 -3.02 -24.51 13.19
N ASP E 425 -3.93 -25.19 13.87
CA ASP E 425 -4.23 -26.59 13.50
C ASP E 425 -4.66 -26.73 12.04
N THR E 426 -5.48 -25.80 11.55
CA THR E 426 -5.92 -25.83 10.15
C THR E 426 -4.76 -25.62 9.17
N GLN E 427 -3.81 -24.76 9.56
CA GLN E 427 -2.63 -24.47 8.73
C GLN E 427 -1.58 -25.58 8.72
N VAL E 428 -1.65 -26.50 9.68
CA VAL E 428 -0.70 -27.61 9.77
C VAL E 428 -1.40 -28.90 9.32
N VAL E 429 -1.04 -29.37 8.14
CA VAL E 429 -1.60 -30.59 7.58
C VAL E 429 -0.62 -31.71 7.82
N ALA E 430 -1.00 -32.62 8.69
CA ALA E 430 -0.09 -33.63 9.23
C ALA E 430 -0.87 -34.67 10.03
N ASP E 431 -0.46 -35.92 9.87
CA ASP E 431 -1.01 -37.01 10.66
C ASP E 431 -0.55 -36.85 12.11
N ARG E 432 -1.46 -36.45 13.00
CA ARG E 432 -1.17 -36.27 14.43
C ARG E 432 -0.74 -37.53 15.19
N ALA E 433 -1.07 -38.71 14.68
CA ALA E 433 -0.68 -39.98 15.31
C ALA E 433 0.82 -40.27 15.24
N VAL E 434 1.49 -39.75 14.22
CA VAL E 434 2.90 -40.08 13.98
C VAL E 434 3.81 -38.83 13.87
N ASN E 435 3.30 -37.67 14.28
CA ASN E 435 4.09 -36.44 14.39
C ASN E 435 3.64 -35.75 15.65
N ALA E 436 4.54 -34.95 16.25
CA ALA E 436 4.23 -34.19 17.43
C ALA E 436 3.91 -32.76 17.01
N ILE E 437 2.64 -32.35 17.12
CA ILE E 437 2.18 -31.05 16.67
C ILE E 437 1.74 -30.21 17.85
N ARG E 438 2.20 -28.96 17.90
CA ARG E 438 1.62 -27.96 18.79
C ARG E 438 1.24 -26.77 17.94
N ALA E 439 -0.07 -26.52 17.87
CA ALA E 439 -0.61 -25.39 17.13
C ALA E 439 -0.19 -24.09 17.78
N THR E 440 0.06 -23.08 16.97
CA THR E 440 0.25 -21.74 17.51
C THR E 440 -1.03 -21.35 18.24
N PRO E 441 -0.92 -20.81 19.49
CA PRO E 441 -2.12 -20.32 20.20
C PRO E 441 -2.94 -19.35 19.36
N THR E 442 -4.26 -19.44 19.48
CA THR E 442 -5.21 -18.67 18.69
C THR E 442 -5.68 -17.41 19.41
N VAL E 443 -5.95 -16.36 18.63
CA VAL E 443 -6.46 -15.08 19.13
C VAL E 443 -7.91 -15.26 19.63
N ASN F 4 55.28 10.12 0.85
CA ASN F 4 53.99 9.43 0.49
C ASN F 4 53.47 8.37 1.50
N ASN F 5 54.33 7.86 2.41
CA ASN F 5 53.91 6.90 3.44
C ASN F 5 53.47 5.51 2.96
N ARG F 6 53.89 5.12 1.77
CA ARG F 6 53.66 3.76 1.24
C ARG F 6 55.02 3.12 1.04
N TYR F 7 55.22 1.93 1.59
CA TYR F 7 56.46 1.19 1.46
C TYR F 7 56.20 -0.19 0.92
N ASP F 8 57.16 -0.74 0.19
CA ASP F 8 57.15 -2.11 -0.31
C ASP F 8 58.42 -2.76 0.24
N VAL F 9 58.29 -3.87 0.95
CA VAL F 9 59.46 -4.48 1.60
C VAL F 9 60.53 -4.94 0.61
N THR F 10 60.16 -5.15 -0.65
CA THR F 10 61.13 -5.53 -1.70
C THR F 10 61.81 -4.33 -2.36
N GLU F 11 61.38 -3.12 -2.01
CA GLU F 11 61.93 -1.85 -2.51
C GLU F 11 62.34 -0.98 -1.32
N TRP F 12 63.05 -1.55 -0.37
CA TRP F 12 63.56 -0.78 0.74
C TRP F 12 65.07 -0.99 0.76
N PRO F 13 65.86 0.05 0.46
CA PRO F 13 67.33 -0.08 0.36
C PRO F 13 68.04 -0.71 1.57
N ALA F 14 67.55 -0.41 2.77
CA ALA F 14 68.22 -0.78 4.03
C ALA F 14 68.33 -2.27 4.33
N GLY F 15 67.39 -3.09 3.86
CA GLY F 15 67.36 -4.52 4.24
C GLY F 15 67.17 -5.54 3.12
N ASN F 16 67.15 -6.81 3.52
CA ASN F 16 66.85 -7.97 2.69
C ASN F 16 65.67 -8.77 3.30
N PRO F 17 64.46 -8.63 2.74
CA PRO F 17 63.31 -9.29 3.36
C PRO F 17 63.31 -10.82 3.23
N ALA F 18 64.03 -11.39 2.27
CA ALA F 18 64.18 -12.86 2.19
C ALA F 18 64.93 -13.41 3.40
N LYS F 19 65.91 -12.66 3.88
CA LYS F 19 66.75 -13.09 5.00
C LYS F 19 66.19 -12.62 6.37
N ASP F 20 65.77 -11.36 6.47
CA ASP F 20 65.14 -10.88 7.71
C ASP F 20 64.19 -9.72 7.46
N ILE F 21 62.97 -10.09 7.08
CA ILE F 21 61.91 -9.09 6.91
C ILE F 21 61.58 -8.32 8.19
N GLY F 22 61.89 -8.90 9.36
CA GLY F 22 61.70 -8.20 10.63
C GLY F 22 62.54 -6.95 10.73
N GLU F 23 63.80 -7.09 10.32
CA GLU F 23 64.73 -5.94 10.27
C GLU F 23 64.25 -4.93 9.22
N VAL F 24 63.76 -5.41 8.09
CA VAL F 24 63.22 -4.51 7.06
C VAL F 24 62.07 -3.66 7.62
N ILE F 25 61.08 -4.33 8.21
CA ILE F 25 59.89 -3.63 8.68
C ILE F 25 60.22 -2.69 9.85
N ASN F 26 61.12 -3.10 10.74
CA ASN F 26 61.54 -2.22 11.84
C ASN F 26 62.27 -0.99 11.31
N SER F 27 63.06 -1.16 10.24
CA SER F 27 63.75 -0.01 9.59
C SER F 27 62.72 0.96 9.00
N ILE F 28 61.69 0.40 8.36
CA ILE F 28 60.61 1.22 7.82
C ILE F 28 59.88 1.96 8.95
N ILE F 29 59.54 1.26 10.02
CA ILE F 29 58.91 1.93 11.16
C ILE F 29 59.78 3.08 11.70
N ALA F 30 61.10 2.86 11.80
CA ALA F 30 62.01 3.96 12.20
C ALA F 30 61.92 5.15 11.24
N ASP F 31 61.83 4.87 9.95
CA ASP F 31 61.70 5.92 8.96
C ASP F 31 60.40 6.72 9.13
N ILE F 32 59.30 6.02 9.36
CA ILE F 32 58.00 6.67 9.60
C ILE F 32 58.11 7.62 10.80
N LYS F 33 58.65 7.11 11.90
CA LYS F 33 58.78 7.91 13.12
C LYS F 33 59.69 9.11 12.92
N ALA F 34 60.77 8.93 12.16
CA ALA F 34 61.69 10.03 11.86
C ALA F 34 61.00 11.18 11.09
N ARG F 35 60.09 10.82 10.18
CA ARG F 35 59.40 11.79 9.34
C ARG F 35 58.17 12.39 10.01
N GLN F 36 57.52 11.62 10.87
CA GLN F 36 56.25 12.01 11.48
C GLN F 36 56.45 12.37 12.96
N GLY F 37 57.18 13.45 13.20
CA GLY F 37 57.53 13.87 14.56
C GLY F 37 56.60 14.84 15.27
N ALA F 38 55.87 15.65 14.50
CA ALA F 38 54.95 16.66 15.04
C ALA F 38 53.51 16.15 15.01
N ALA F 39 52.79 16.25 16.13
CA ALA F 39 51.41 15.73 16.22
C ALA F 39 50.31 16.72 15.85
N ASP F 40 50.63 17.99 15.71
CA ASP F 40 49.59 19.01 15.53
C ASP F 40 50.04 20.15 14.64
N VAL F 41 50.41 19.81 13.41
CA VAL F 41 50.76 20.78 12.41
C VAL F 41 49.68 20.68 11.32
N ASP F 42 49.00 21.79 11.10
CA ASP F 42 47.90 21.90 10.15
C ASP F 42 46.89 20.77 10.35
N ASP F 43 46.48 20.62 11.62
CA ASP F 43 45.46 19.64 12.04
C ASP F 43 45.83 18.19 11.74
N GLY F 44 47.11 17.86 11.78
CA GLY F 44 47.55 16.48 11.56
C GLY F 44 49.00 16.32 11.92
N GLY F 45 49.66 15.32 11.32
CA GLY F 45 51.09 15.13 11.50
C GLY F 45 51.62 13.73 11.68
N LYS F 46 50.78 12.82 12.19
CA LYS F 46 51.16 11.42 12.41
C LYS F 46 50.12 10.51 11.78
N PRO F 47 49.96 10.61 10.45
CA PRO F 47 48.92 9.81 9.78
C PRO F 47 49.23 8.32 9.67
N GLY F 48 50.45 7.90 9.99
CA GLY F 48 50.83 6.51 9.84
C GLY F 48 51.27 6.19 8.42
N ALA F 49 51.10 4.91 8.03
CA ALA F 49 51.73 4.43 6.80
C ALA F 49 51.19 3.05 6.41
N VAL F 50 51.53 2.61 5.22
CA VAL F 50 51.20 1.27 4.77
C VAL F 50 52.47 0.60 4.28
N ILE F 51 52.66 -0.65 4.70
CA ILE F 51 53.79 -1.46 4.31
C ILE F 51 53.23 -2.66 3.53
N TYR F 52 53.68 -2.82 2.29
CA TYR F 52 53.20 -3.84 1.39
C TYR F 52 54.21 -4.96 1.22
N LEU F 53 53.71 -6.19 1.32
CA LEU F 53 54.48 -7.39 1.12
C LEU F 53 53.96 -8.07 -0.16
N PRO F 54 54.70 -7.99 -1.27
CA PRO F 54 54.35 -8.80 -2.44
C PRO F 54 54.42 -10.29 -2.11
N PRO F 55 53.78 -11.14 -2.93
CA PRO F 55 53.90 -12.56 -2.72
C PRO F 55 55.38 -12.97 -2.73
N GLY F 56 55.77 -13.84 -1.81
CA GLY F 56 57.16 -14.22 -1.66
C GLY F 56 57.41 -14.94 -0.36
N ASP F 57 58.60 -15.53 -0.24
CA ASP F 57 59.03 -16.21 0.96
C ASP F 57 59.96 -15.33 1.74
N TYR F 58 59.50 -14.82 2.88
CA TYR F 58 60.28 -13.89 3.69
C TYR F 58 60.58 -14.47 5.06
N HIS F 59 61.86 -14.60 5.42
CA HIS F 59 62.19 -15.11 6.74
C HIS F 59 62.22 -13.92 7.69
N LEU F 60 61.62 -14.10 8.88
CA LEU F 60 61.61 -13.08 9.93
C LEU F 60 62.51 -13.62 11.03
N ARG F 61 63.59 -12.90 11.31
CA ARG F 61 64.56 -13.28 12.36
C ARG F 61 64.64 -12.31 13.53
N THR F 62 63.99 -11.15 13.39
CA THR F 62 63.89 -10.13 14.41
C THR F 62 62.41 -9.80 14.57
N GLN F 63 61.93 -9.81 15.80
CA GLN F 63 60.57 -9.38 16.11
C GLN F 63 60.31 -7.98 15.61
N VAL F 64 59.16 -7.79 14.95
CA VAL F 64 58.70 -6.46 14.55
C VAL F 64 57.99 -5.84 15.72
N LEU F 65 58.42 -4.63 16.13
CA LEU F 65 57.78 -3.90 17.21
C LEU F 65 56.98 -2.76 16.62
N ILE F 66 55.65 -2.85 16.75
CA ILE F 66 54.75 -1.78 16.29
C ILE F 66 54.29 -0.91 17.47
N ASP F 67 54.68 0.35 17.44
CA ASP F 67 54.38 1.30 18.52
C ASP F 67 53.85 2.62 17.94
N ILE F 68 53.27 2.57 16.75
CA ILE F 68 52.62 3.72 16.15
C ILE F 68 51.21 3.36 15.73
N SER F 69 50.30 4.32 15.87
CA SER F 69 48.95 4.16 15.39
C SER F 69 48.86 4.27 13.87
N PHE F 70 47.81 3.69 13.31
CA PHE F 70 47.46 3.85 11.88
C PHE F 70 48.51 3.22 10.96
N LEU F 71 49.16 2.15 11.42
CA LEU F 71 50.06 1.39 10.55
C LEU F 71 49.27 0.22 9.98
N ARG F 72 49.33 0.10 8.66
CA ARG F 72 48.75 -1.03 7.93
C ARG F 72 49.88 -1.87 7.34
N ILE F 73 49.81 -3.17 7.57
CA ILE F 73 50.72 -4.12 6.96
C ILE F 73 49.87 -5.04 6.13
N GLU F 74 50.11 -5.03 4.82
CA GLU F 74 49.22 -5.70 3.88
C GLU F 74 50.01 -6.57 2.90
N GLY F 75 49.36 -7.63 2.42
CA GLY F 75 49.94 -8.50 1.40
C GLY F 75 48.97 -8.80 0.29
N SER F 76 49.33 -9.81 -0.51
CA SER F 76 48.56 -10.25 -1.66
C SER F 76 48.36 -11.74 -1.66
N GLY F 77 48.22 -12.35 -0.48
CA GLY F 77 47.89 -13.77 -0.43
C GLY F 77 47.93 -14.35 0.96
N HIS F 78 46.82 -14.95 1.38
CA HIS F 78 46.75 -15.65 2.67
C HIS F 78 47.58 -16.93 2.69
N GLY F 79 47.77 -17.53 1.52
CA GLY F 79 48.83 -18.50 1.29
C GLY F 79 48.77 -19.82 2.01
N PHE F 80 47.60 -20.22 2.48
CA PHE F 80 47.47 -21.40 3.31
C PHE F 80 47.61 -22.67 2.50
N THR F 81 48.39 -23.61 3.01
CA THR F 81 48.28 -25.01 2.60
C THR F 81 48.43 -25.84 3.86
N SER F 82 47.92 -27.07 3.86
CA SER F 82 47.96 -27.91 5.06
CA SER F 82 47.97 -27.88 5.07
C SER F 82 49.34 -28.51 5.29
N SER F 83 50.19 -27.80 6.02
CA SER F 83 51.45 -28.40 6.48
C SER F 83 51.21 -29.65 7.33
N SER F 84 50.08 -29.72 8.04
CA SER F 84 49.74 -30.93 8.80
C SER F 84 49.65 -32.15 7.88
N ILE F 85 48.94 -32.01 6.77
CA ILE F 85 48.85 -33.10 5.81
C ILE F 85 50.24 -33.44 5.26
N ARG F 86 51.00 -32.42 4.84
CA ARG F 86 52.31 -32.68 4.23
C ARG F 86 53.27 -33.41 5.17
N PHE F 87 53.29 -33.00 6.42
CA PHE F 87 54.20 -33.59 7.41
C PHE F 87 53.83 -35.01 7.80
N ASN F 88 52.61 -35.44 7.47
CA ASN F 88 52.16 -36.81 7.65
C ASN F 88 52.17 -37.67 6.38
N VAL F 89 52.58 -37.08 5.25
CA VAL F 89 52.86 -37.81 4.03
C VAL F 89 54.23 -38.45 4.21
N PRO F 90 54.39 -39.72 3.80
CA PRO F 90 55.72 -40.32 3.91
C PRO F 90 56.75 -39.47 3.20
N GLU F 91 57.88 -39.25 3.86
CA GLU F 91 58.92 -38.37 3.37
C GLU F 91 59.42 -38.72 1.98
N GLU F 92 59.48 -40.02 1.64
CA GLU F 92 59.95 -40.46 0.32
C GLU F 92 59.04 -39.98 -0.84
N GLU F 93 57.80 -39.64 -0.51
CA GLU F 93 56.84 -39.11 -1.49
C GLU F 93 56.89 -37.58 -1.66
N TRP F 94 57.66 -36.87 -0.82
CA TRP F 94 57.71 -35.40 -0.90
C TRP F 94 58.18 -34.82 -2.24
N PRO F 95 59.24 -35.41 -2.87
CA PRO F 95 59.68 -34.86 -4.16
C PRO F 95 58.61 -34.85 -5.25
N ASP F 96 57.61 -35.72 -5.15
CA ASP F 96 56.52 -35.79 -6.13
C ASP F 96 55.35 -34.85 -5.86
N LEU F 97 55.35 -34.17 -4.72
CA LEU F 97 54.32 -33.18 -4.42
C LEU F 97 54.55 -31.88 -5.22
N HIS F 98 53.46 -31.23 -5.64
CA HIS F 98 53.58 -29.99 -6.43
C HIS F 98 54.25 -28.87 -5.65
N GLU F 99 53.94 -28.81 -4.35
CA GLU F 99 54.63 -27.91 -3.43
C GLU F 99 54.64 -28.51 -2.04
N LEU F 100 55.48 -27.95 -1.18
CA LEU F 100 55.72 -28.45 0.17
C LEU F 100 55.37 -27.45 1.27
N TRP F 101 55.22 -26.17 0.94
CA TRP F 101 55.11 -25.11 1.94
C TRP F 101 53.98 -24.19 1.62
N PRO F 102 53.47 -23.47 2.64
CA PRO F 102 52.63 -22.30 2.41
C PRO F 102 53.29 -21.28 1.49
N GLY F 103 52.49 -20.34 0.98
CA GLY F 103 52.95 -19.30 0.08
C GLY F 103 52.22 -18.01 0.35
N GLY F 104 51.85 -17.35 -0.73
CA GLY F 104 51.26 -16.00 -0.63
C GLY F 104 52.33 -15.00 -0.20
N SER F 105 51.91 -13.99 0.53
CA SER F 105 52.81 -13.01 1.10
C SER F 105 53.26 -13.57 2.46
N ARG F 106 54.29 -14.39 2.41
CA ARG F 106 54.62 -15.31 3.49
C ARG F 106 55.73 -14.85 4.40
N VAL F 107 55.37 -14.69 5.67
CA VAL F 107 56.30 -14.39 6.74
C VAL F 107 56.59 -15.68 7.49
N ILE F 108 57.82 -16.17 7.33
CA ILE F 108 58.31 -17.36 8.01
C ILE F 108 58.88 -16.93 9.36
N VAL F 109 58.30 -17.43 10.45
CA VAL F 109 58.71 -17.00 11.79
C VAL F 109 59.90 -17.84 12.25
N ASP F 110 61.11 -17.30 12.12
CA ASP F 110 62.35 -17.98 12.54
C ASP F 110 62.86 -17.32 13.81
N LEU F 111 62.00 -17.22 14.81
CA LEU F 111 62.37 -16.72 16.12
C LEU F 111 62.51 -17.92 17.04
N PRO F 112 63.40 -17.85 18.03
CA PRO F 112 63.37 -18.85 19.10
C PRO F 112 62.04 -18.85 19.89
N ALA F 113 61.74 -19.95 20.59
CA ALA F 113 60.47 -20.10 21.33
C ALA F 113 60.24 -19.00 22.36
N SER F 119 56.47 -15.09 26.56
CA SER F 119 55.64 -15.61 25.47
C SER F 119 55.51 -14.61 24.34
N ALA F 120 55.36 -13.31 24.68
CA ALA F 120 55.44 -12.25 23.66
C ALA F 120 56.81 -12.24 22.94
N ALA F 121 57.89 -12.70 23.59
CA ALA F 121 59.19 -12.89 22.90
C ALA F 121 59.17 -13.75 21.61
N GLY F 122 58.27 -14.71 21.53
CA GLY F 122 58.19 -15.55 20.31
C GLY F 122 57.24 -14.99 19.24
N ALA F 123 56.77 -13.77 19.42
CA ALA F 123 55.80 -13.17 18.51
C ALA F 123 56.49 -12.51 17.34
N ALA F 124 56.05 -12.85 16.12
CA ALA F 124 56.57 -12.20 14.90
C ALA F 124 56.31 -10.70 14.89
N PHE F 125 55.06 -10.33 15.21
CA PHE F 125 54.63 -8.93 15.33
C PHE F 125 54.16 -8.71 16.76
N LEU F 126 54.78 -7.75 17.44
CA LEU F 126 54.42 -7.34 18.78
C LEU F 126 53.92 -5.93 18.68
N VAL F 127 52.68 -5.70 19.10
CA VAL F 127 52.14 -4.35 19.15
C VAL F 127 52.11 -3.94 20.60
N ALA F 128 52.89 -2.91 20.94
CA ALA F 128 53.04 -2.47 22.33
C ALA F 128 53.30 -0.99 22.39
N ARG F 129 52.46 -0.28 23.14
CA ARG F 129 52.68 1.10 23.46
C ARG F 129 51.77 1.42 24.61
N GLU F 130 52.33 1.87 25.71
CA GLU F 130 51.53 2.28 26.86
C GLU F 130 51.37 3.79 26.84
N GLY F 131 50.75 4.33 27.88
CA GLY F 131 50.49 5.76 27.91
C GLY F 131 49.26 6.11 27.10
N SER F 132 49.16 7.37 26.70
CA SER F 132 47.90 7.90 26.17
C SER F 132 48.11 8.65 24.86
N PRO F 133 47.15 8.57 23.91
CA PRO F 133 45.99 7.68 23.95
C PRO F 133 46.38 6.23 23.63
N ARG F 134 45.41 5.32 23.69
CA ARG F 134 45.65 3.97 23.28
C ARG F 134 46.03 3.94 21.79
N ILE F 135 46.99 3.08 21.49
CA ILE F 135 47.34 2.78 20.11
C ILE F 135 46.08 2.36 19.37
N SER F 136 45.89 2.94 18.18
CA SER F 136 44.63 2.81 17.47
C SER F 136 44.78 2.50 15.98
N SER F 137 43.82 1.72 15.47
CA SER F 137 43.59 1.52 14.03
C SER F 137 44.82 0.97 13.29
N VAL F 138 45.54 0.07 13.95
CA VAL F 138 46.52 -0.76 13.26
C VAL F 138 45.72 -1.82 12.46
N GLU F 139 46.17 -2.09 11.24
CA GLU F 139 45.51 -3.03 10.33
C GLU F 139 46.50 -4.06 9.83
N PHE F 140 46.11 -5.34 9.89
CA PHE F 140 46.89 -6.43 9.30
C PHE F 140 45.98 -7.06 8.26
N SER F 141 46.43 -7.14 7.00
CA SER F 141 45.59 -7.57 5.90
C SER F 141 46.25 -8.50 4.90
N ASN F 142 45.62 -9.64 4.67
CA ASN F 142 45.87 -10.48 3.49
C ASN F 142 47.32 -10.89 3.29
N PHE F 143 47.95 -11.30 4.38
CA PHE F 143 49.26 -11.99 4.27
C PHE F 143 49.28 -13.24 5.13
N CYS F 144 50.38 -13.99 5.01
CA CYS F 144 50.52 -15.30 5.61
C CYS F 144 51.60 -15.22 6.67
N ILE F 145 51.33 -15.80 7.82
CA ILE F 145 52.31 -16.00 8.87
C ILE F 145 52.40 -17.48 9.16
N ASP F 146 53.62 -18.02 9.04
CA ASP F 146 53.89 -19.45 9.00
C ASP F 146 54.96 -19.76 10.06
N GLY F 147 54.63 -20.58 11.05
CA GLY F 147 55.61 -20.98 12.06
C GLY F 147 56.43 -22.19 11.66
N LEU F 148 56.28 -22.64 10.42
CA LEU F 148 57.13 -23.66 9.76
C LEU F 148 56.99 -25.10 10.25
N HIS F 149 57.31 -25.34 11.52
CA HIS F 149 57.38 -26.71 12.09
C HIS F 149 56.85 -26.69 13.52
N PHE F 150 56.29 -27.82 13.93
CA PHE F 150 56.09 -28.08 15.34
C PHE F 150 57.24 -28.91 15.86
N THR F 151 57.46 -28.85 17.17
CA THR F 151 58.66 -29.45 17.81
C THR F 151 58.28 -30.50 18.86
N ALA F 152 59.23 -31.38 19.19
CA ALA F 152 58.99 -32.42 20.20
C ALA F 152 58.63 -31.78 21.53
N ASP F 153 57.65 -32.35 22.22
CA ASP F 153 57.19 -31.79 23.49
C ASP F 153 57.02 -32.82 24.62
N GLY F 154 57.46 -34.06 24.40
CA GLY F 154 57.38 -35.09 25.42
C GLY F 154 55.99 -35.66 25.61
N SER F 155 55.18 -35.63 24.55
CA SER F 155 53.83 -36.18 24.59
C SER F 155 53.70 -37.50 23.83
N GLY F 156 54.80 -38.04 23.31
CA GLY F 156 54.73 -39.25 22.48
C GLY F 156 54.22 -39.06 21.04
N ARG F 157 53.42 -38.01 20.78
CA ARG F 157 53.08 -37.60 19.40
C ARG F 157 54.37 -37.38 18.57
N HIS F 158 54.28 -37.59 17.26
CA HIS F 158 55.37 -37.19 16.34
C HIS F 158 55.55 -35.67 16.46
N PRO F 159 56.81 -35.16 16.37
CA PRO F 159 57.06 -33.75 16.56
C PRO F 159 56.17 -32.82 15.72
N GLU F 160 55.93 -33.18 14.46
CA GLU F 160 55.15 -32.29 13.57
C GLU F 160 53.65 -32.23 13.94
N ASN F 161 53.23 -33.10 14.87
CA ASN F 161 51.85 -33.17 15.33
C ASN F 161 51.62 -32.65 16.74
N THR F 162 52.61 -32.01 17.36
CA THR F 162 52.48 -31.56 18.75
C THR F 162 51.73 -30.23 18.94
N TYR F 163 51.65 -29.44 17.87
CA TYR F 163 51.16 -28.05 17.95
C TYR F 163 51.98 -27.17 18.90
N ALA F 164 53.23 -27.56 19.15
CA ALA F 164 54.14 -26.78 19.99
C ALA F 164 55.32 -26.25 19.22
N ASN F 165 55.52 -24.94 19.30
CA ASN F 165 56.79 -24.29 18.95
C ASN F 165 57.14 -22.97 19.64
N GLY F 166 56.31 -22.50 20.57
CA GLY F 166 56.52 -21.21 21.24
C GLY F 166 56.46 -19.96 20.37
N LYS F 167 55.88 -20.07 19.17
CA LYS F 167 55.81 -18.96 18.24
C LYS F 167 54.39 -18.43 18.23
N THR F 168 54.29 -17.11 18.13
CA THR F 168 53.04 -16.40 17.97
C THR F 168 53.05 -15.59 16.67
N GLY F 169 51.91 -15.49 15.97
CA GLY F 169 51.88 -14.69 14.77
C GLY F 169 51.84 -13.20 15.10
N ILE F 170 50.76 -12.78 15.74
CA ILE F 170 50.56 -11.37 16.10
C ILE F 170 50.14 -11.34 17.56
N HIS F 171 50.88 -10.56 18.35
CA HIS F 171 50.63 -10.40 19.76
C HIS F 171 50.46 -8.91 20.05
N VAL F 172 49.28 -8.51 20.48
CA VAL F 172 49.01 -7.13 20.87
C VAL F 172 48.98 -7.10 22.40
N ALA F 173 49.98 -6.44 22.99
CA ALA F 173 50.18 -6.44 24.44
C ALA F 173 49.47 -5.29 25.16
N SER F 174 49.19 -4.21 24.44
CA SER F 174 48.67 -2.99 25.05
C SER F 174 47.22 -2.76 24.70
N ALA F 175 46.53 -2.01 25.56
CA ALA F 175 45.18 -1.54 25.28
C ALA F 175 45.12 -0.88 23.91
N ASN F 176 44.11 -1.23 23.14
CA ASN F 176 44.05 -0.88 21.72
C ASN F 176 42.61 -0.58 21.33
N ASP F 177 42.48 0.24 20.30
CA ASP F 177 41.14 0.70 19.84
C ASP F 177 41.07 0.62 18.35
N SER F 178 39.96 0.10 17.82
CA SER F 178 39.70 0.12 16.39
C SER F 178 40.73 -0.66 15.55
N PHE F 179 41.32 -1.70 16.12
CA PHE F 179 42.24 -2.55 15.32
C PHE F 179 41.49 -3.44 14.35
N ARG F 180 42.18 -3.88 13.29
CA ARG F 180 41.63 -4.84 12.35
C ARG F 180 42.61 -5.90 11.98
N VAL F 181 42.12 -7.13 11.91
CA VAL F 181 42.88 -8.24 11.39
C VAL F 181 41.95 -8.88 10.38
N THR F 182 42.32 -8.77 9.11
CA THR F 182 41.46 -9.22 8.00
C THR F 182 42.18 -10.01 6.91
N ASP F 183 41.48 -10.98 6.35
CA ASP F 183 41.96 -11.72 5.17
C ASP F 183 43.31 -12.46 5.37
N MET F 184 43.72 -12.67 6.62
CA MET F 184 45.02 -13.26 6.93
C MET F 184 44.98 -14.77 6.72
N GLY F 185 46.18 -15.34 6.58
CA GLY F 185 46.41 -16.78 6.73
C GLY F 185 47.43 -16.96 7.84
N PHE F 186 47.13 -17.88 8.76
CA PHE F 186 48.05 -18.25 9.85
C PHE F 186 48.14 -19.77 9.80
N VAL F 187 49.35 -20.30 9.94
CA VAL F 187 49.57 -21.74 9.84
C VAL F 187 50.80 -22.11 10.68
N TYR F 188 50.68 -23.22 11.40
CA TYR F 188 51.79 -23.83 12.13
C TYR F 188 52.42 -22.92 13.20
N LEU F 189 51.57 -22.16 13.89
CA LEU F 189 51.99 -21.32 15.02
C LEU F 189 51.39 -21.89 16.29
N GLU F 190 52.15 -21.92 17.39
CA GLU F 190 51.56 -22.34 18.67
C GLU F 190 50.38 -21.42 19.06
N ASN F 191 50.52 -20.13 18.80
CA ASN F 191 49.43 -19.14 18.94
C ASN F 191 49.38 -18.27 17.70
N ALA F 192 48.23 -18.24 17.04
CA ALA F 192 48.12 -17.40 15.83
C ALA F 192 48.03 -15.92 16.19
N LEU F 193 47.04 -15.58 17.03
CA LEU F 193 46.64 -14.20 17.20
C LEU F 193 46.21 -13.98 18.65
N THR F 194 46.97 -13.19 19.41
CA THR F 194 46.62 -12.93 20.82
C THR F 194 46.56 -11.42 21.03
N ILE F 195 45.37 -10.93 21.44
CA ILE F 195 45.16 -9.51 21.57
C ILE F 195 44.66 -9.22 22.97
N HIS F 196 45.43 -8.42 23.69
CA HIS F 196 45.06 -7.99 25.04
C HIS F 196 44.32 -6.67 24.99
N LYS F 197 43.36 -6.53 25.89
CA LYS F 197 42.74 -5.23 26.19
C LYS F 197 42.15 -4.53 24.96
N ALA F 198 41.38 -5.28 24.19
CA ALA F 198 40.83 -4.78 22.91
C ALA F 198 39.52 -4.02 23.08
N ASP F 199 39.42 -2.89 22.38
CA ASP F 199 38.19 -2.10 22.27
C ASP F 199 37.88 -1.97 20.79
N ALA F 200 36.67 -2.37 20.42
CA ALA F 200 36.14 -2.13 19.09
C ALA F 200 37.03 -2.74 18.01
N LEU F 201 37.53 -3.93 18.33
CA LEU F 201 38.36 -4.71 17.43
C LEU F 201 37.52 -5.47 16.44
N SER F 202 38.02 -5.63 15.21
CA SER F 202 37.39 -6.55 14.25
C SER F 202 38.40 -7.55 13.73
N ILE F 203 38.11 -8.84 13.97
CA ILE F 203 38.82 -9.96 13.39
C ILE F 203 37.87 -10.58 12.40
N HIS F 204 38.13 -10.33 11.12
CA HIS F 204 37.14 -10.59 10.05
C HIS F 204 37.76 -11.29 8.84
N HIS F 205 37.11 -12.37 8.42
CA HIS F 205 37.44 -13.08 7.18
C HIS F 205 38.88 -13.54 7.08
N ASN F 206 39.38 -14.14 8.17
CA ASN F 206 40.71 -14.77 8.17
C ASN F 206 40.62 -16.27 8.01
N PHE F 207 41.76 -16.88 7.74
CA PHE F 207 41.92 -18.30 7.71
C PHE F 207 43.01 -18.65 8.71
N ILE F 208 42.60 -19.23 9.83
CA ILE F 208 43.47 -19.39 11.00
C ILE F 208 43.42 -20.86 11.34
N ALA F 209 44.39 -21.63 10.86
CA ALA F 209 44.30 -23.09 10.96
C ALA F 209 45.64 -23.78 11.22
N GLU F 210 45.55 -24.98 11.82
CA GLU F 210 46.75 -25.76 12.16
C GLU F 210 47.68 -24.96 13.04
N CYS F 211 47.06 -24.27 13.99
CA CYS F 211 47.75 -23.50 15.02
C CYS F 211 47.28 -24.07 16.36
N GLY F 212 48.17 -24.10 17.36
CA GLY F 212 47.81 -24.68 18.66
C GLY F 212 46.58 -24.02 19.25
N SER F 213 46.63 -22.69 19.31
CA SER F 213 45.49 -21.84 19.59
C SER F 213 45.40 -20.82 18.46
N CYS F 214 44.17 -20.46 18.10
CA CYS F 214 43.96 -19.52 17.02
C CYS F 214 43.75 -18.08 17.53
N ILE F 215 42.54 -17.73 17.98
CA ILE F 215 42.24 -16.38 18.45
C ILE F 215 42.08 -16.36 19.98
N GLU F 216 42.92 -15.59 20.66
CA GLU F 216 42.79 -15.37 22.11
C GLU F 216 42.66 -13.88 22.40
N LEU F 217 41.55 -13.50 23.03
CA LEU F 217 41.33 -12.13 23.46
C LEU F 217 41.48 -12.11 24.98
N ARG F 218 42.59 -11.54 25.41
CA ARG F 218 43.01 -11.63 26.81
C ARG F 218 42.88 -10.31 27.57
N GLY F 219 42.89 -10.42 28.89
CA GLY F 219 42.88 -9.27 29.79
C GLY F 219 41.46 -8.85 30.05
N TRP F 220 40.99 -7.98 29.16
CA TRP F 220 39.60 -7.55 29.11
C TRP F 220 39.33 -7.03 27.72
N GLY F 221 38.08 -6.62 27.47
CA GLY F 221 37.80 -5.92 26.24
C GLY F 221 36.36 -5.51 26.13
N GLN F 222 36.05 -4.76 25.07
CA GLN F 222 34.67 -4.34 24.82
C GLN F 222 34.38 -4.12 23.36
N ALA F 223 33.09 -4.27 23.02
CA ALA F 223 32.54 -3.81 21.73
C ALA F 223 33.24 -4.38 20.50
N SER F 224 33.76 -5.60 20.59
CA SER F 224 34.57 -6.18 19.51
C SER F 224 33.78 -7.23 18.75
N LYS F 225 34.36 -7.71 17.64
CA LYS F 225 33.70 -8.70 16.82
C LYS F 225 34.67 -9.64 16.14
N ILE F 226 34.26 -10.91 16.06
CA ILE F 226 35.00 -11.98 15.42
C ILE F 226 34.01 -12.58 14.44
N THR F 227 34.20 -12.27 13.15
CA THR F 227 33.23 -12.61 12.12
C THR F 227 33.83 -13.23 10.88
N ASP F 228 33.12 -14.19 10.32
CA ASP F 228 33.42 -14.69 8.96
C ASP F 228 34.79 -15.36 8.83
N ASN F 229 35.26 -15.98 9.92
CA ASN F 229 36.56 -16.63 9.94
C ASN F 229 36.41 -18.14 9.72
N LEU F 230 37.44 -18.73 9.12
CA LEU F 230 37.63 -20.19 9.08
C LEU F 230 38.73 -20.48 10.09
N VAL F 231 38.43 -21.35 11.06
CA VAL F 231 39.29 -21.52 12.25
C VAL F 231 39.42 -23.00 12.59
N GLY F 232 40.67 -23.47 12.81
CA GLY F 232 40.94 -24.84 13.29
C GLY F 232 42.20 -24.86 14.15
N ALA F 233 42.05 -25.28 15.41
CA ALA F 233 43.14 -25.23 16.38
C ALA F 233 43.64 -26.63 16.71
N GLY F 234 44.37 -26.77 17.81
CA GLY F 234 44.90 -28.05 18.26
C GLY F 234 44.33 -28.47 19.61
N PRO F 235 44.51 -29.76 19.98
CA PRO F 235 43.73 -30.36 21.08
C PRO F 235 43.95 -29.84 22.47
N ARG F 236 45.06 -29.14 22.69
CA ARG F 236 45.29 -28.46 23.95
C ARG F 236 45.03 -26.97 23.90
N GLY F 237 44.58 -26.44 22.76
CA GLY F 237 44.43 -25.01 22.54
C GLY F 237 43.02 -24.54 22.29
N HIS F 238 42.90 -23.22 22.15
CA HIS F 238 41.63 -22.54 21.90
C HIS F 238 41.44 -22.24 20.42
N SER F 239 40.21 -22.36 19.93
CA SER F 239 39.85 -21.85 18.60
C SER F 239 39.55 -20.34 18.70
N ILE F 240 38.52 -20.02 19.48
CA ILE F 240 38.17 -18.65 19.84
C ILE F 240 38.06 -18.61 21.36
N TYR F 241 38.86 -17.75 21.97
CA TYR F 241 38.88 -17.58 23.43
C TYR F 241 38.75 -16.10 23.72
N ALA F 242 37.99 -15.78 24.75
CA ALA F 242 37.90 -14.42 25.26
C ALA F 242 37.72 -14.44 26.78
N GLU F 243 38.37 -13.49 27.45
CA GLU F 243 38.19 -13.28 28.88
C GLU F 243 37.87 -11.85 29.21
N ASN F 244 36.88 -11.66 30.09
CA ASN F 244 36.52 -10.36 30.62
C ASN F 244 36.19 -9.36 29.50
N HIS F 245 35.50 -9.85 28.49
CA HIS F 245 34.98 -9.04 27.41
C HIS F 245 33.50 -8.76 27.67
N GLY F 246 33.08 -7.53 27.40
CA GLY F 246 31.67 -7.18 27.32
C GLY F 246 31.31 -6.79 25.89
N GLY F 247 30.12 -7.21 25.43
CA GLY F 247 29.66 -6.79 24.12
C GLY F 247 30.42 -7.31 22.92
N LEU F 248 30.92 -8.52 23.03
CA LEU F 248 31.60 -9.22 21.94
C LEU F 248 30.56 -9.89 21.07
N LEU F 249 30.78 -9.82 19.76
CA LEU F 249 29.92 -10.49 18.78
C LEU F 249 30.76 -11.52 18.02
N VAL F 250 30.39 -12.79 18.17
CA VAL F 250 31.09 -13.90 17.49
C VAL F 250 30.07 -14.52 16.55
N THR F 251 30.22 -14.29 15.26
CA THR F 251 29.22 -14.74 14.31
C THR F 251 29.77 -15.05 12.94
N ALA F 252 29.10 -15.96 12.26
CA ALA F 252 29.39 -16.35 10.87
C ALA F 252 30.78 -16.98 10.72
N ASN F 253 31.26 -17.63 11.78
CA ASN F 253 32.52 -18.35 11.71
C ASN F 253 32.25 -19.80 11.42
N ASN F 254 33.15 -20.43 10.66
CA ASN F 254 33.13 -21.86 10.45
C ASN F 254 34.36 -22.42 11.16
N VAL F 255 34.11 -23.01 12.33
CA VAL F 255 35.14 -23.50 13.23
C VAL F 255 35.14 -25.01 13.09
N PHE F 256 36.27 -25.55 12.67
CA PHE F 256 36.40 -26.98 12.43
C PHE F 256 37.46 -27.49 13.40
N PRO F 257 37.66 -28.82 13.46
CA PRO F 257 38.61 -29.37 14.44
C PRO F 257 40.06 -28.88 14.24
N ARG F 258 40.93 -28.99 15.25
CA ARG F 258 40.75 -29.86 16.43
C ARG F 258 41.15 -29.16 17.73
N GLY F 259 40.66 -27.94 17.92
CA GLY F 259 40.82 -27.24 19.19
C GLY F 259 40.22 -28.00 20.37
N ALA F 260 40.72 -27.73 21.57
CA ALA F 260 40.12 -28.28 22.79
C ALA F 260 38.63 -27.88 22.86
N SER F 261 38.34 -26.69 22.37
CA SER F 261 37.01 -26.12 22.27
C SER F 261 36.92 -25.28 20.99
N SER F 262 35.68 -24.94 20.65
CA SER F 262 35.33 -24.05 19.56
C SER F 262 35.27 -22.59 20.03
N VAL F 263 34.58 -22.36 21.14
CA VAL F 263 34.46 -21.02 21.75
C VAL F 263 34.55 -21.21 23.26
N HIS F 264 35.46 -20.47 23.90
CA HIS F 264 35.69 -20.56 25.34
C HIS F 264 35.67 -19.14 25.90
N PHE F 265 34.74 -18.90 26.80
CA PHE F 265 34.58 -17.63 27.49
C PHE F 265 34.88 -17.79 28.97
N LYS F 266 35.66 -16.86 29.54
CA LYS F 266 35.88 -16.76 30.98
C LYS F 266 35.49 -15.35 31.38
N GLY F 267 34.46 -15.22 32.20
CA GLY F 267 34.06 -13.88 32.66
C GLY F 267 33.55 -12.96 31.55
N VAL F 268 32.98 -13.54 30.49
CA VAL F 268 32.45 -12.78 29.35
C VAL F 268 30.99 -12.47 29.61
N THR F 269 30.60 -11.21 29.40
CA THR F 269 29.24 -10.78 29.68
C THR F 269 28.62 -10.05 28.49
N ARG F 270 27.29 -10.11 28.41
CA ARG F 270 26.50 -9.27 27.50
C ARG F 270 27.05 -9.35 26.07
N SER F 271 27.33 -10.58 25.65
CA SER F 271 27.93 -10.87 24.33
C SER F 271 27.06 -11.86 23.59
N SER F 272 27.41 -12.12 22.32
CA SER F 272 26.62 -12.99 21.45
C SER F 272 27.49 -13.95 20.67
N VAL F 273 27.18 -15.24 20.77
CA VAL F 273 27.78 -16.30 19.98
C VAL F 273 26.64 -16.88 19.15
N THR F 274 26.50 -16.38 17.93
CA THR F 274 25.30 -16.58 17.15
C THR F 274 25.65 -16.89 15.69
N ASN F 275 24.91 -17.82 15.10
CA ASN F 275 25.06 -18.14 13.69
C ASN F 275 26.47 -18.53 13.30
N ASN F 276 27.05 -19.46 14.05
CA ASN F 276 28.30 -20.06 13.66
C ASN F 276 28.08 -21.52 13.31
N ARG F 277 28.97 -22.08 12.50
CA ARG F 277 29.04 -23.52 12.29
C ARG F 277 30.26 -24.01 13.09
N LEU F 278 30.00 -24.95 14.00
CA LEU F 278 31.02 -25.44 14.94
C LEU F 278 31.13 -26.97 14.82
N HIS F 279 32.34 -27.46 14.54
CA HIS F 279 32.60 -28.88 14.44
C HIS F 279 33.78 -29.24 15.34
N ALA F 280 33.55 -30.20 16.25
CA ALA F 280 34.57 -30.71 17.16
C ALA F 280 34.66 -32.22 17.15
N PHE F 281 35.83 -32.73 17.52
CA PHE F 281 36.03 -34.15 17.72
C PHE F 281 35.98 -34.50 19.21
N TYR F 282 35.68 -33.53 20.08
CA TYR F 282 35.70 -33.71 21.53
C TYR F 282 34.52 -32.96 22.18
N PRO F 283 34.13 -33.36 23.39
CA PRO F 283 33.17 -32.59 24.17
C PRO F 283 33.74 -31.22 24.58
N GLY F 284 32.88 -30.36 25.14
CA GLY F 284 33.32 -29.05 25.60
C GLY F 284 33.56 -28.06 24.47
N MET F 285 32.63 -28.04 23.51
CA MET F 285 32.75 -27.21 22.29
C MET F 285 32.60 -25.72 22.58
N VAL F 286 31.57 -25.37 23.34
CA VAL F 286 31.34 -23.98 23.76
C VAL F 286 31.24 -23.95 25.29
N ARG F 287 32.18 -23.23 25.89
CA ARG F 287 32.31 -23.17 27.34
C ARG F 287 32.13 -21.75 27.80
N LEU F 288 31.08 -21.53 28.60
CA LEU F 288 30.89 -20.25 29.28
C LEU F 288 31.25 -20.51 30.72
N GLU F 289 32.37 -19.94 31.16
CA GLU F 289 32.91 -20.21 32.49
C GLU F 289 33.12 -18.95 33.31
N GLU F 290 33.26 -19.14 34.62
CA GLU F 290 33.68 -18.08 35.54
C GLU F 290 32.79 -16.84 35.42
N ASN F 291 31.52 -17.05 35.72
CA ASN F 291 30.51 -15.99 35.73
C ASN F 291 30.39 -15.33 34.34
N SER F 292 30.26 -16.14 33.29
CA SER F 292 29.91 -15.65 31.96
C SER F 292 28.39 -15.53 31.89
N SER F 293 27.92 -14.29 31.85
CA SER F 293 26.52 -13.97 32.13
C SER F 293 25.88 -13.08 31.07
N GLU F 294 24.56 -13.22 30.93
CA GLU F 294 23.77 -12.36 30.02
C GLU F 294 24.24 -12.45 28.55
N ASN F 295 24.71 -13.63 28.16
CA ASN F 295 25.15 -13.87 26.79
C ASN F 295 24.06 -14.56 26.00
N LEU F 296 24.01 -14.27 24.71
CA LEU F 296 23.14 -14.97 23.75
C LEU F 296 23.95 -16.01 23.00
N VAL F 297 23.49 -17.25 23.03
CA VAL F 297 24.08 -18.33 22.23
C VAL F 297 22.94 -18.87 21.36
N ALA F 298 22.86 -18.38 20.12
CA ALA F 298 21.72 -18.66 19.26
C ALA F 298 22.05 -19.13 17.86
N THR F 299 21.19 -19.99 17.34
CA THR F 299 21.20 -20.42 15.94
C THR F 299 22.58 -20.82 15.41
N ASN F 300 23.34 -21.50 16.27
CA ASN F 300 24.56 -22.15 15.85
C ASN F 300 24.27 -23.60 15.48
N HIS F 301 25.12 -24.13 14.59
CA HIS F 301 25.08 -25.53 14.26
C HIS F 301 26.30 -26.17 14.91
N PHE F 302 26.03 -27.11 15.83
CA PHE F 302 27.07 -27.84 16.55
C PHE F 302 27.11 -29.27 15.99
N LEU F 303 28.33 -29.75 15.69
CA LEU F 303 28.56 -31.17 15.36
C LEU F 303 29.72 -31.63 16.21
N ARG F 304 29.46 -32.69 16.97
CA ARG F 304 30.50 -33.41 17.70
C ARG F 304 30.52 -34.84 17.18
N ASP F 305 31.69 -35.27 16.71
CA ASP F 305 31.88 -36.63 16.23
C ASP F 305 33.29 -37.13 16.57
N HIS F 306 33.69 -38.28 16.03
CA HIS F 306 35.03 -38.81 16.29
C HIS F 306 36.05 -38.44 15.23
N GLU F 307 37.28 -38.14 15.67
CA GLU F 307 38.41 -37.95 14.76
C GLU F 307 38.52 -39.13 13.78
N PRO F 308 38.54 -38.86 12.47
CA PRO F 308 38.69 -39.96 11.51
C PRO F 308 40.11 -40.21 11.02
N TRP F 309 41.03 -39.28 11.28
CA TRP F 309 42.37 -39.30 10.67
C TRP F 309 43.40 -39.96 11.58
N THR F 310 44.05 -41.00 11.06
CA THR F 310 44.90 -41.87 11.85
C THR F 310 45.93 -41.16 12.74
N PRO F 311 46.66 -40.15 12.20
CA PRO F 311 47.67 -39.52 13.06
C PRO F 311 47.15 -38.91 14.37
N PHE F 312 45.86 -38.55 14.43
CA PHE F 312 45.26 -37.96 15.65
C PHE F 312 44.10 -38.79 16.23
N PHE F 313 43.88 -40.00 15.73
CA PHE F 313 42.71 -40.80 16.11
C PHE F 313 42.58 -40.99 17.61
N GLY F 314 43.68 -41.23 18.31
CA GLY F 314 43.66 -41.43 19.75
C GLY F 314 43.96 -40.20 20.61
N VAL F 315 44.06 -39.02 19.98
CA VAL F 315 44.38 -37.79 20.67
C VAL F 315 43.06 -37.10 20.98
N ASP F 316 42.92 -36.56 22.18
CA ASP F 316 41.72 -35.79 22.53
C ASP F 316 42.01 -34.75 23.60
N ASN F 317 40.97 -34.06 24.07
CA ASN F 317 41.13 -32.92 25.01
C ASN F 317 40.92 -33.29 26.49
N GLY F 318 40.86 -34.58 26.78
CA GLY F 318 40.75 -35.05 28.15
C GLY F 318 39.37 -35.01 28.78
N LEU F 319 38.34 -34.56 28.06
CA LEU F 319 37.03 -34.34 28.67
C LEU F 319 36.09 -35.47 28.31
N ASP F 320 35.27 -35.90 29.27
CA ASP F 320 34.38 -37.03 29.05
C ASP F 320 33.02 -36.57 28.48
N ASP F 321 32.15 -37.53 28.19
CA ASP F 321 30.87 -37.20 27.54
C ASP F 321 29.80 -36.63 28.46
N LEU F 322 30.06 -36.61 29.76
CA LEU F 322 29.19 -35.88 30.68
C LEU F 322 29.47 -34.37 30.67
N THR F 323 30.53 -33.92 30.00
CA THR F 323 30.91 -32.50 29.97
C THR F 323 29.84 -31.61 29.36
N GLY F 324 29.21 -32.10 28.30
CA GLY F 324 28.32 -31.26 27.46
C GLY F 324 29.06 -30.75 26.24
N LEU F 325 28.30 -30.55 25.16
CA LEU F 325 28.79 -29.81 23.99
C LEU F 325 28.81 -28.31 24.30
N LEU F 326 27.79 -27.85 25.03
CA LEU F 326 27.67 -26.47 25.50
C LEU F 326 27.57 -26.53 27.03
N SER F 327 28.53 -25.91 27.71
CA SER F 327 28.56 -25.88 29.17
C SER F 327 28.52 -24.44 29.67
N ILE F 328 27.66 -24.19 30.65
CA ILE F 328 27.40 -22.83 31.13
C ILE F 328 27.55 -22.73 32.64
N SER F 329 28.41 -21.81 33.07
CA SER F 329 28.56 -21.42 34.46
C SER F 329 28.45 -19.89 34.51
N GLY F 330 27.26 -19.42 34.87
CA GLY F 330 26.95 -17.99 34.86
C GLY F 330 25.45 -17.78 34.84
N ASN F 331 25.02 -16.53 34.96
CA ASN F 331 23.62 -16.16 35.15
C ASN F 331 23.00 -15.58 33.90
N ASN F 332 21.69 -15.81 33.74
CA ASN F 332 20.88 -15.01 32.84
C ASN F 332 21.30 -15.07 31.36
N ASN F 333 21.89 -16.18 30.94
CA ASN F 333 22.22 -16.40 29.55
C ASN F 333 20.97 -16.84 28.78
N SER F 334 21.08 -16.84 27.46
CA SER F 334 19.98 -17.16 26.56
C SER F 334 20.51 -18.13 25.49
N VAL F 335 20.00 -19.35 25.48
CA VAL F 335 20.42 -20.39 24.55
C VAL F 335 19.21 -20.75 23.67
N ILE F 336 19.20 -20.25 22.45
CA ILE F 336 18.00 -20.28 21.63
C ILE F 336 18.26 -20.73 20.18
N GLY F 337 17.51 -21.72 19.71
CA GLY F 337 17.45 -22.04 18.30
C GLY F 337 18.68 -22.75 17.74
N ASN F 338 19.43 -23.42 18.60
CA ASN F 338 20.61 -24.13 18.14
C ASN F 338 20.27 -25.54 17.67
N HIS F 339 21.08 -26.03 16.74
CA HIS F 339 21.05 -27.42 16.32
C HIS F 339 22.28 -28.13 16.89
N PHE F 340 22.07 -29.30 17.49
CA PHE F 340 23.18 -30.15 17.97
C PHE F 340 23.12 -31.53 17.32
N SER F 341 24.18 -31.90 16.61
CA SER F 341 24.36 -33.28 16.10
C SER F 341 25.47 -33.94 16.93
N GLU F 342 25.12 -35.04 17.62
CA GLU F 342 26.01 -35.78 18.51
C GLU F 342 26.17 -37.17 17.87
N VAL F 343 27.35 -37.44 17.31
CA VAL F 343 27.56 -38.64 16.47
C VAL F 343 28.73 -39.36 17.08
N VAL F 344 28.47 -40.36 17.91
CA VAL F 344 29.52 -41.01 18.69
C VAL F 344 29.36 -42.52 18.74
N ASP F 345 30.43 -43.19 19.14
CA ASP F 345 30.46 -44.67 19.29
C ASP F 345 29.98 -44.99 20.70
N ALA F 346 28.76 -45.53 20.79
CA ALA F 346 28.12 -45.87 22.09
C ALA F 346 29.00 -46.73 22.99
N ASN F 347 29.77 -47.63 22.41
CA ASN F 347 30.63 -48.52 23.21
C ASN F 347 31.92 -47.83 23.74
N GLU F 348 32.18 -46.59 23.31
CA GLU F 348 33.32 -45.79 23.79
C GLU F 348 32.90 -44.56 24.58
N ILE F 349 31.64 -44.50 25.00
CA ILE F 349 31.18 -43.38 25.84
C ILE F 349 31.92 -43.45 27.17
N ARG F 350 32.36 -42.28 27.64
CA ARG F 350 33.14 -42.16 28.87
C ARG F 350 32.42 -41.17 29.80
N PRO F 351 32.32 -41.48 31.09
CA PRO F 351 32.74 -42.76 31.68
C PRO F 351 31.75 -43.86 31.34
N GLU F 352 32.13 -45.13 31.54
CA GLU F 352 31.24 -46.22 31.15
C GLU F 352 29.96 -46.21 32.00
N GLY F 353 28.83 -46.39 31.33
CA GLY F 353 27.51 -46.28 31.94
C GLY F 353 26.86 -44.92 31.75
N ALA F 354 27.63 -43.91 31.33
CA ALA F 354 27.10 -42.55 31.20
C ALA F 354 26.21 -42.40 29.96
N THR F 355 25.32 -41.42 30.03
CA THR F 355 24.54 -40.98 28.89
C THR F 355 25.15 -39.64 28.48
N PRO F 356 25.51 -39.47 27.19
CA PRO F 356 26.14 -38.19 26.81
C PRO F 356 25.24 -37.00 27.09
N VAL F 357 25.83 -35.88 27.51
CA VAL F 357 25.05 -34.64 27.68
C VAL F 357 25.37 -33.62 26.60
N ILE F 358 24.34 -32.90 26.17
CA ILE F 358 24.48 -31.91 25.13
C ILE F 358 24.65 -30.51 25.75
N ILE F 359 23.64 -30.04 26.48
CA ILE F 359 23.71 -28.74 27.18
C ILE F 359 23.80 -29.00 28.66
N ARG F 360 24.81 -28.44 29.32
CA ARG F 360 24.96 -28.58 30.75
C ARG F 360 25.03 -27.21 31.43
N LEU F 361 24.16 -27.03 32.42
CA LEU F 361 24.15 -25.85 33.28
C LEU F 361 24.77 -26.24 34.63
N THR F 362 26.02 -25.82 34.85
CA THR F 362 26.79 -26.26 36.03
C THR F 362 26.59 -25.33 37.24
N ALA F 363 26.36 -24.06 36.96
CA ALA F 363 26.16 -23.06 38.03
C ALA F 363 25.53 -21.83 37.44
N GLY F 364 24.86 -21.05 38.29
CA GLY F 364 24.19 -19.82 37.88
C GLY F 364 22.69 -19.94 37.86
N THR F 365 22.02 -18.78 37.81
CA THR F 365 20.57 -18.70 37.84
C THR F 365 20.04 -17.96 36.61
N GLY F 366 18.81 -18.26 36.23
CA GLY F 366 18.09 -17.44 35.27
C GLY F 366 18.44 -17.70 33.81
N ASN F 367 19.07 -18.85 33.53
CA ASN F 367 19.37 -19.15 32.14
C ASN F 367 18.09 -19.58 31.42
N PHE F 368 17.94 -19.06 30.20
CA PHE F 368 16.76 -19.30 29.35
C PHE F 368 17.25 -20.14 28.17
N VAL F 369 16.78 -21.39 28.12
CA VAL F 369 17.20 -22.35 27.11
C VAL F 369 15.94 -22.76 26.38
N SER F 370 15.80 -22.38 25.11
CA SER F 370 14.56 -22.61 24.39
C SER F 370 14.78 -22.99 22.94
N THR F 371 14.02 -23.96 22.48
CA THR F 371 13.86 -24.25 21.05
C THR F 371 15.18 -24.73 20.44
N ASN F 372 15.75 -25.77 21.03
CA ASN F 372 17.01 -26.34 20.57
C ASN F 372 16.72 -27.76 20.15
N HIS F 373 17.32 -28.20 19.04
CA HIS F 373 17.06 -29.53 18.48
C HIS F 373 18.33 -30.33 18.66
N VAL F 374 18.19 -31.46 19.34
CA VAL F 374 19.28 -32.42 19.56
C VAL F 374 19.03 -33.66 18.69
N VAL F 375 20.04 -34.08 17.92
CA VAL F 375 20.00 -35.35 17.20
C VAL F 375 21.27 -36.15 17.52
N ALA F 376 21.06 -37.38 17.93
CA ALA F 376 22.16 -38.19 18.43
C ALA F 376 22.10 -39.57 17.79
N MET F 377 23.27 -40.06 17.42
CA MET F 377 23.38 -41.37 16.82
C MET F 377 24.67 -42.09 17.20
N ASP F 378 24.59 -43.40 17.05
CA ASP F 378 25.63 -44.35 17.36
C ASP F 378 26.31 -44.79 16.06
N VAL F 379 27.60 -44.47 15.94
CA VAL F 379 28.41 -44.78 14.76
C VAL F 379 29.75 -45.30 15.25
N ASP F 380 30.23 -46.41 14.68
CA ASP F 380 31.56 -46.94 15.05
C ASP F 380 32.62 -45.94 14.61
N ALA F 381 33.54 -45.63 15.52
CA ALA F 381 34.70 -44.81 15.19
C ALA F 381 35.60 -45.59 14.23
N ALA F 382 36.01 -44.96 13.14
CA ALA F 382 36.90 -45.59 12.15
C ALA F 382 38.09 -44.68 11.88
N SER F 383 39.27 -45.29 11.69
CA SER F 383 40.54 -44.59 11.53
C SER F 383 41.11 -44.84 10.13
N SER F 384 41.41 -43.76 9.41
CA SER F 384 41.89 -43.83 8.02
C SER F 384 43.06 -42.86 7.80
N ASP F 385 43.94 -43.20 6.85
CA ASP F 385 45.12 -42.36 6.55
C ASP F 385 44.87 -41.18 5.60
N SER F 386 43.77 -41.19 4.86
CA SER F 386 43.49 -40.10 3.94
C SER F 386 42.85 -38.99 4.75
N ALA F 387 43.44 -37.79 4.74
CA ALA F 387 42.91 -36.73 5.60
C ALA F 387 41.56 -36.28 5.07
N PHE F 388 41.54 -35.78 3.85
CA PHE F 388 40.35 -35.07 3.35
C PHE F 388 39.23 -35.98 2.85
N GLU F 389 39.55 -37.09 2.21
CA GLU F 389 38.50 -37.99 1.73
C GLU F 389 37.71 -38.58 2.91
N ALA F 390 38.44 -38.96 3.96
CA ALA F 390 37.82 -39.52 5.17
C ALA F 390 36.96 -38.48 5.87
N GLN F 391 37.48 -37.27 5.97
CA GLN F 391 36.75 -36.18 6.62
C GLN F 391 35.42 -35.91 5.93
N VAL F 392 35.44 -35.82 4.59
CA VAL F 392 34.23 -35.53 3.82
C VAL F 392 33.22 -36.67 3.97
N ASP F 393 33.70 -37.91 3.84
CA ASP F 393 32.83 -39.09 4.00
C ASP F 393 32.18 -39.18 5.38
N ALA F 394 32.96 -38.91 6.42
CA ALA F 394 32.45 -38.86 7.80
C ALA F 394 31.34 -37.80 7.97
N LEU F 395 31.53 -36.60 7.39
CA LEU F 395 30.50 -35.55 7.45
C LEU F 395 29.20 -35.94 6.74
N LEU F 396 29.32 -36.67 5.62
CA LEU F 396 28.18 -37.04 4.78
C LEU F 396 27.42 -38.29 5.22
N ALA F 397 28.09 -39.18 5.96
CA ALA F 397 27.49 -40.45 6.39
C ALA F 397 26.43 -40.20 7.48
N THR F 398 25.21 -40.68 7.26
CA THR F 398 24.15 -40.59 8.28
C THR F 398 23.52 -41.95 8.65
N GLU F 399 24.12 -43.04 8.16
CA GLU F 399 23.65 -44.40 8.48
C GLU F 399 24.02 -44.73 9.93
N ALA F 400 23.03 -44.73 10.82
CA ALA F 400 23.29 -44.96 12.24
C ALA F 400 22.05 -45.33 13.05
N ALA F 401 22.29 -45.95 14.22
CA ALA F 401 21.24 -46.29 15.19
C ALA F 401 21.02 -45.11 16.14
N ASP F 402 19.80 -44.97 16.65
CA ASP F 402 19.46 -43.85 17.52
C ASP F 402 20.17 -44.03 18.88
N LEU F 403 20.56 -42.93 19.49
CA LEU F 403 21.29 -42.92 20.74
C LEU F 403 20.55 -42.01 21.72
N ALA F 404 20.18 -42.52 22.88
CA ALA F 404 19.57 -41.70 23.91
C ALA F 404 20.63 -40.75 24.46
N VAL F 405 20.27 -39.48 24.59
CA VAL F 405 21.14 -38.50 25.20
C VAL F 405 20.40 -37.65 26.19
N THR F 406 21.15 -36.96 27.03
CA THR F 406 20.62 -35.95 27.93
C THR F 406 20.76 -34.60 27.23
N ALA F 407 19.67 -34.10 26.68
CA ALA F 407 19.68 -32.83 25.93
C ALA F 407 20.07 -31.65 26.85
N VAL F 408 19.50 -31.62 28.04
CA VAL F 408 19.83 -30.60 29.03
C VAL F 408 20.00 -31.23 30.39
N LEU F 409 21.17 -31.02 30.99
CA LEU F 409 21.47 -31.41 32.36
C LEU F 409 21.65 -30.14 33.19
N VAL F 410 20.79 -29.97 34.19
CA VAL F 410 20.88 -28.85 35.10
C VAL F 410 21.42 -29.38 36.41
N ASP F 411 22.67 -29.08 36.72
CA ASP F 411 23.26 -29.48 38.00
C ASP F 411 22.51 -28.81 39.16
N PRO F 412 22.48 -29.45 40.36
CA PRO F 412 21.82 -28.81 41.50
C PRO F 412 22.37 -27.42 41.84
N GLY F 413 23.63 -27.16 41.51
CA GLY F 413 24.23 -25.83 41.69
C GLY F 413 23.75 -24.71 40.75
N SER F 414 22.87 -25.04 39.81
CA SER F 414 22.24 -24.06 38.94
C SER F 414 20.74 -24.18 39.07
N ALA F 415 20.05 -23.09 39.40
CA ALA F 415 18.60 -23.13 39.67
C ALA F 415 17.88 -21.93 39.05
N ARG F 416 16.56 -21.95 39.10
CA ARG F 416 15.71 -20.89 38.55
C ARG F 416 16.02 -20.64 37.07
N ASN F 417 16.25 -21.72 36.33
CA ASN F 417 16.41 -21.65 34.87
C ASN F 417 15.08 -21.95 34.23
N THR F 418 15.01 -21.65 32.94
CA THR F 418 13.81 -21.89 32.13
C THR F 418 14.27 -22.70 30.91
N ILE F 419 13.75 -23.91 30.77
CA ILE F 419 14.15 -24.86 29.73
C ILE F 419 12.88 -25.23 28.96
N LEU F 420 12.80 -24.81 27.71
CA LEU F 420 11.61 -24.96 26.88
C LEU F 420 11.92 -25.64 25.57
N ASP F 421 11.16 -26.67 25.21
CA ASP F 421 11.26 -27.28 23.89
C ASP F 421 12.72 -27.56 23.48
N SER F 422 13.47 -28.12 24.41
CA SER F 422 14.87 -28.47 24.19
C SER F 422 15.10 -29.92 24.60
N GLY F 423 14.03 -30.72 24.59
CA GLY F 423 14.11 -32.13 24.92
C GLY F 423 12.84 -32.65 25.57
N SER F 424 12.59 -33.93 25.39
CA SER F 424 11.54 -34.63 26.17
C SER F 424 11.87 -34.60 27.66
N ASP F 425 10.92 -35.01 28.49
CA ASP F 425 11.20 -35.09 29.92
C ASP F 425 12.37 -35.98 30.26
N THR F 426 12.47 -37.15 29.60
CA THR F 426 13.60 -38.06 29.79
C THR F 426 14.95 -37.43 29.37
N GLN F 427 14.91 -36.57 28.35
CA GLN F 427 16.12 -35.87 27.86
C GLN F 427 16.56 -34.69 28.72
N VAL F 428 15.70 -34.21 29.61
CA VAL F 428 15.99 -33.04 30.47
C VAL F 428 16.08 -33.50 31.92
N VAL F 429 17.30 -33.54 32.43
CA VAL F 429 17.59 -33.95 33.80
C VAL F 429 17.74 -32.66 34.59
N ALA F 430 16.79 -32.42 35.48
CA ALA F 430 16.67 -31.14 36.18
C ALA F 430 15.61 -31.25 37.25
N ASP F 431 15.82 -30.49 38.32
CA ASP F 431 14.85 -30.39 39.40
C ASP F 431 13.68 -29.49 38.98
N ARG F 432 12.53 -30.11 38.72
CA ARG F 432 11.31 -29.39 38.34
C ARG F 432 10.78 -28.41 39.39
N ALA F 433 11.10 -28.63 40.66
CA ALA F 433 10.60 -27.76 41.71
C ALA F 433 11.24 -26.38 41.69
N VAL F 434 12.44 -26.26 41.12
CA VAL F 434 13.20 -25.01 41.17
C VAL F 434 13.68 -24.51 39.78
N ASN F 435 13.12 -25.10 38.72
CA ASN F 435 13.31 -24.63 37.36
C ASN F 435 11.95 -24.66 36.67
N ALA F 436 11.80 -23.90 35.58
CA ALA F 436 10.62 -23.95 34.73
C ALA F 436 10.94 -24.79 33.52
N ILE F 437 10.31 -25.96 33.43
CA ILE F 437 10.59 -26.93 32.40
C ILE F 437 9.34 -27.17 31.55
N ARG F 438 9.46 -27.02 30.23
CA ARG F 438 8.44 -27.50 29.33
C ARG F 438 9.08 -28.47 28.39
N ALA F 439 8.69 -29.73 28.49
CA ALA F 439 9.15 -30.76 27.58
C ALA F 439 8.72 -30.49 26.16
N THR F 440 9.59 -30.79 25.21
CA THR F 440 9.19 -30.83 23.82
C THR F 440 8.06 -31.84 23.70
N PRO F 441 6.93 -31.46 23.06
CA PRO F 441 5.86 -32.44 22.81
C PRO F 441 6.39 -33.69 22.08
N THR F 442 5.87 -34.87 22.41
CA THR F 442 6.34 -36.11 21.79
C THR F 442 5.23 -36.75 20.96
N VAL F 443 5.61 -37.64 20.03
CA VAL F 443 4.67 -38.46 19.24
C VAL F 443 3.40 -37.71 18.83
C1 GOL G . -45.55 0.32 -28.45
O1 GOL G . -45.33 0.23 -29.86
C2 GOL G . -47.03 0.53 -28.14
O2 GOL G . -47.78 -0.59 -28.66
C3 GOL G . -47.22 0.65 -26.62
O3 GOL G . -48.48 1.25 -26.29
C1 GOL H . 38.81 -3.59 35.55
O1 GOL H . 40.13 -3.93 36.01
C2 GOL H . 38.66 -3.76 34.03
O2 GOL H . 39.34 -2.68 33.35
C3 GOL H . 39.16 -5.12 33.54
O3 GOL H . 38.48 -6.26 34.07
C1 GOL I . -38.19 34.38 6.55
O1 GOL I . -38.59 35.75 6.41
C2 GOL I . -37.82 34.14 8.01
O2 GOL I . -38.85 34.66 8.86
C3 GOL I . -37.67 32.65 8.30
O3 GOL I . -37.20 32.44 9.64
C1 GOL J . 9.29 5.04 -4.30
O1 GOL J . 8.48 4.49 -3.27
C2 GOL J . 8.93 4.61 -5.71
O2 GOL J . 7.59 4.99 -6.04
C3 GOL J . 9.86 5.28 -6.69
O3 GOL J . 9.76 4.60 -7.95
C1 GOL K . 34.82 -37.83 -0.96
O1 GOL K . 35.96 -38.55 -1.43
C2 GOL K . 33.55 -38.27 -1.68
O2 GOL K . 33.33 -39.68 -1.56
C3 GOL K . 32.37 -37.54 -1.07
O3 GOL K . 31.20 -37.69 -1.90
#